data_5K8N
#
_entry.id   5K8N
#
_cell.length_a   186.463
_cell.length_b   248.875
_cell.length_c   249.284
_cell.angle_alpha   90.00
_cell.angle_beta   90.00
_cell.angle_gamma   90.00
#
_symmetry.space_group_name_H-M   'C 2 2 21'
#
loop_
_entity.id
_entity.type
_entity.pdbx_description
1 polymer '5-nitroanthranilic acid aminohydrolase'
2 non-polymer '5-nitroanthranilic acid'
#
_entity_poly.entity_id   1
_entity_poly.type   'polypeptide(L)'
_entity_poly.pdbx_seq_one_letter_code
;MAGSNDVAKVMKTLDGMREGLIQTAVELGSIEAPTGREGAAGDYVYEWMARNGFGPERVGVFDDRFNVVGRLRGTGGGAS
LSFNSHLDTIMAREDTARFADANDRIYHEAWHEEGRIYGYSVVNCKGPMACWLIAAKALKEAGAALKGDVVLTAVCGEID
CEPVDEFQGHDYLAEDIGARYAISHGAISDYALVAEATNFKPAWVEAGKVFLKVTVFAGPSRYTPYVPRPVAALDSPNAI
VRMAKLVEALEEWADNYEKRYTREYGGGTVVPKVAIGAIRGGVPYKIYRFPELCSIYMDIRLNPDTNPLVVQREVEAVVS
KLGLKAEVKPFLFRRGYEAQGIEPLQNALEVAHREVVGRPTERPGSPECSMWRDTNPYNELGIPSLTYGCGGGAGGGNTY
FLVDDMLKAAKVYAMTAMDLCNRTP
;
_entity_poly.pdbx_strand_id   A,B,C,D,E,F,G,H
#
loop_
_chem_comp.id
_chem_comp.type
_chem_comp.name
_chem_comp.formula
6R6 non-polymer '5-nitroanthranilic acid' 'C7 H6 N2 O4'
#
# COMPACT_ATOMS: atom_id res chain seq x y z
N ASP A 6 0.93 44.31 46.31
CA ASP A 6 0.98 43.28 45.26
C ASP A 6 -0.30 42.49 45.10
N VAL A 7 -0.85 42.03 46.21
CA VAL A 7 -1.91 41.07 46.13
C VAL A 7 -3.08 41.74 45.43
N ALA A 8 -3.27 43.03 45.71
CA ALA A 8 -4.35 43.80 45.10
C ALA A 8 -4.14 44.00 43.59
N LYS A 9 -2.89 43.99 43.15
CA LYS A 9 -2.63 44.19 41.73
C LYS A 9 -3.17 43.00 40.97
N VAL A 10 -2.85 41.81 41.46
CA VAL A 10 -3.24 40.57 40.79
C VAL A 10 -4.74 40.32 40.84
N MET A 11 -5.37 40.64 41.96
CA MET A 11 -6.81 40.41 42.11
C MET A 11 -7.55 41.20 41.06
N LYS A 12 -7.19 42.47 40.94
CA LYS A 12 -7.85 43.32 39.96
C LYS A 12 -7.56 42.77 38.58
N THR A 13 -6.37 42.19 38.41
CA THR A 13 -6.00 41.59 37.14
C THR A 13 -6.90 40.43 36.76
N LEU A 14 -7.21 39.59 37.73
CA LEU A 14 -7.99 38.39 37.48
C LEU A 14 -9.38 38.75 36.99
N ASP A 15 -9.95 39.82 37.51
CA ASP A 15 -11.26 40.28 37.02
C ASP A 15 -11.22 40.70 35.55
N GLY A 16 -10.02 41.06 35.09
CA GLY A 16 -9.85 41.41 33.70
C GLY A 16 -10.08 40.22 32.79
N MET A 17 -9.88 39.03 33.35
CA MET A 17 -9.92 37.81 32.55
C MET A 17 -11.05 36.89 32.97
N ARG A 18 -12.12 37.45 33.52
CA ARG A 18 -13.26 36.66 33.90
C ARG A 18 -13.79 35.97 32.65
N GLU A 19 -13.88 36.69 31.53
CA GLU A 19 -14.31 36.06 30.31
C GLU A 19 -13.29 35.00 29.87
N GLY A 20 -12.01 35.33 29.98
CA GLY A 20 -10.97 34.40 29.62
C GLY A 20 -11.02 33.14 30.46
N LEU A 21 -11.44 33.31 31.71
CA LEU A 21 -11.58 32.18 32.61
C LEU A 21 -12.62 31.24 32.10
N ILE A 22 -13.76 31.80 31.71
CA ILE A 22 -14.85 31.01 31.19
C ILE A 22 -14.50 30.35 29.87
N GLN A 23 -13.87 31.11 28.98
CA GLN A 23 -13.61 30.60 27.66
C GLN A 23 -12.70 29.39 27.68
N THR A 24 -11.61 29.49 28.43
CA THR A 24 -10.64 28.41 28.49
C THR A 24 -11.27 27.17 29.08
N ALA A 25 -12.17 27.38 30.02
CA ALA A 25 -12.84 26.28 30.67
C ALA A 25 -13.72 25.55 29.67
N VAL A 26 -14.54 26.31 28.95
CA VAL A 26 -15.44 25.71 27.99
C VAL A 26 -14.70 25.15 26.81
N GLU A 27 -13.73 25.91 26.31
CA GLU A 27 -12.96 25.49 25.15
C GLU A 27 -12.32 24.15 25.47
N LEU A 28 -11.86 24.05 26.71
CA LEU A 28 -11.23 22.85 27.23
C LEU A 28 -12.26 21.75 27.51
N GLY A 29 -13.39 22.15 28.12
CA GLY A 29 -14.44 21.22 28.47
C GLY A 29 -15.03 20.56 27.24
N SER A 30 -15.01 21.29 26.14
CA SER A 30 -15.58 20.82 24.90
C SER A 30 -14.81 19.72 24.24
N ILE A 31 -13.50 19.69 24.42
CA ILE A 31 -12.67 18.68 23.77
C ILE A 31 -12.98 17.30 24.33
N GLU A 32 -13.12 16.33 23.43
CA GLU A 32 -13.45 14.98 23.86
C GLU A 32 -12.16 14.38 24.38
N ALA A 33 -12.12 14.07 25.67
CA ALA A 33 -10.89 13.62 26.30
C ALA A 33 -11.08 12.51 27.35
N PRO A 34 -11.75 11.44 26.99
CA PRO A 34 -11.84 10.32 27.93
C PRO A 34 -10.46 9.77 28.18
N THR A 35 -10.27 9.07 29.28
CA THR A 35 -8.99 8.44 29.54
C THR A 35 -8.69 7.51 28.40
N GLY A 36 -7.50 7.62 27.83
CA GLY A 36 -7.13 6.84 26.66
C GLY A 36 -7.07 7.69 25.42
N ARG A 37 -7.64 8.88 25.50
CA ARG A 37 -7.66 9.81 24.39
C ARG A 37 -7.39 11.25 24.85
N GLU A 38 -6.61 11.42 25.91
CA GLU A 38 -6.35 12.73 26.48
C GLU A 38 -5.51 13.58 25.53
N GLY A 39 -5.02 12.97 24.46
CA GLY A 39 -4.04 13.61 23.61
C GLY A 39 -4.52 14.91 23.00
N ALA A 40 -5.73 14.92 22.49
CA ALA A 40 -6.23 16.10 21.82
C ALA A 40 -6.29 17.24 22.81
N ALA A 41 -6.67 16.94 24.04
CA ALA A 41 -6.76 17.95 25.08
C ALA A 41 -5.41 18.37 25.56
N GLY A 42 -4.47 17.43 25.58
CA GLY A 42 -3.13 17.72 26.05
C GLY A 42 -2.49 18.75 25.14
N ASP A 43 -2.72 18.57 23.84
CA ASP A 43 -2.23 19.46 22.80
C ASP A 43 -2.79 20.87 22.98
N TYR A 44 -4.03 20.99 23.42
CA TYR A 44 -4.62 22.32 23.60
C TYR A 44 -3.89 23.10 24.66
N VAL A 45 -3.64 22.45 25.80
CA VAL A 45 -2.99 23.10 26.95
C VAL A 45 -1.54 23.42 26.66
N TYR A 46 -0.91 22.58 25.86
CA TYR A 46 0.46 22.83 25.49
C TYR A 46 0.51 24.14 24.76
N GLU A 47 -0.39 24.35 23.83
CA GLU A 47 -0.35 25.59 23.07
C GLU A 47 -0.74 26.77 23.94
N TRP A 48 -1.76 26.59 24.75
CA TRP A 48 -2.19 27.64 25.65
C TRP A 48 -1.03 28.01 26.53
N MET A 49 -0.31 27.00 26.98
CA MET A 49 0.85 27.24 27.83
C MET A 49 1.95 27.93 27.05
N ALA A 50 2.15 27.50 25.81
CA ALA A 50 3.16 28.10 24.95
C ALA A 50 2.78 29.53 24.54
N ARG A 51 1.52 29.70 24.17
CA ARG A 51 0.96 30.98 23.76
C ARG A 51 1.20 32.04 24.84
N ASN A 52 1.24 31.61 26.09
CA ASN A 52 1.41 32.52 27.22
C ASN A 52 2.83 32.55 27.78
N GLY A 53 3.78 31.92 27.12
CA GLY A 53 5.16 32.09 27.51
C GLY A 53 5.55 31.25 28.70
N PHE A 54 4.79 30.19 28.96
CA PHE A 54 5.13 29.29 30.04
C PHE A 54 5.99 28.15 29.50
N GLY A 55 6.21 28.16 28.19
CA GLY A 55 7.19 27.29 27.58
C GLY A 55 7.13 25.85 28.01
N PRO A 56 6.05 25.16 27.65
CA PRO A 56 5.73 23.80 28.05
C PRO A 56 6.56 22.73 27.35
N GLU A 57 6.49 21.52 27.88
CA GLU A 57 7.19 20.37 27.38
C GLU A 57 6.23 19.22 27.41
N ARG A 58 6.39 18.25 26.52
CA ARG A 58 5.51 17.10 26.58
C ARG A 58 6.29 15.94 27.16
N VAL A 59 5.81 15.50 28.31
CA VAL A 59 6.37 14.36 29.02
C VAL A 59 5.33 13.25 28.97
N GLY A 60 5.63 12.16 28.28
CA GLY A 60 4.71 11.04 28.21
C GLY A 60 5.36 9.78 27.70
N VAL A 61 4.73 8.63 27.98
CA VAL A 61 5.19 7.35 27.47
C VAL A 61 4.76 7.17 26.04
N PHE A 62 3.64 7.80 25.71
CA PHE A 62 3.06 7.70 24.38
C PHE A 62 2.95 9.09 23.80
N ASP A 63 3.08 9.23 22.49
CA ASP A 63 3.10 10.56 21.88
C ASP A 63 1.72 11.19 21.74
N ASP A 64 0.67 10.40 21.98
CA ASP A 64 -0.71 10.90 21.98
C ASP A 64 -1.32 10.85 23.35
N ARG A 65 -0.54 10.41 24.33
CA ARG A 65 -0.96 10.45 25.73
C ARG A 65 0.22 10.89 26.56
N PHE A 66 0.19 12.13 27.01
CA PHE A 66 1.35 12.75 27.59
C PHE A 66 0.96 13.82 28.59
N ASN A 67 1.90 14.27 29.39
CA ASN A 67 1.63 15.35 30.33
C ASN A 67 2.26 16.63 29.81
N VAL A 68 1.71 17.77 30.22
CA VAL A 68 2.24 19.06 29.79
C VAL A 68 2.78 19.79 30.98
N VAL A 69 4.07 20.12 30.93
CA VAL A 69 4.69 20.78 32.06
C VAL A 69 5.25 22.08 31.59
N GLY A 70 4.91 23.16 32.28
CA GLY A 70 5.45 24.45 31.92
C GLY A 70 5.69 25.15 33.23
N ARG A 71 6.41 26.26 33.23
CA ARG A 71 6.63 26.91 34.51
C ARG A 71 6.83 28.43 34.44
N LEU A 72 6.37 29.12 35.48
CA LEU A 72 6.56 30.54 35.55
C LEU A 72 7.75 30.84 36.43
N ARG A 73 8.91 31.03 35.80
CA ARG A 73 10.17 31.21 36.50
C ARG A 73 10.15 32.39 37.46
N GLY A 74 10.89 32.27 38.54
CA GLY A 74 10.94 33.28 39.58
C GLY A 74 12.34 33.82 39.74
N THR A 75 12.47 34.94 40.45
CA THR A 75 13.75 35.64 40.57
C THR A 75 14.85 34.78 41.19
N GLY A 76 14.49 33.96 42.18
CA GLY A 76 15.44 33.03 42.76
C GLY A 76 15.40 32.88 44.26
N GLY A 77 15.83 31.70 44.72
CA GLY A 77 15.95 31.42 46.14
C GLY A 77 14.70 31.48 47.00
N GLY A 78 13.60 30.98 46.46
CA GLY A 78 12.33 30.97 47.16
C GLY A 78 11.76 29.59 46.94
N ALA A 79 10.69 29.24 47.67
CA ALA A 79 10.05 27.94 47.49
C ALA A 79 9.35 27.83 46.14
N SER A 80 9.30 26.62 45.59
CA SER A 80 8.64 26.39 44.32
C SER A 80 7.35 25.63 44.54
N LEU A 81 6.30 26.07 43.84
CA LEU A 81 4.97 25.50 44.01
C LEU A 81 4.44 24.92 42.72
N SER A 82 3.87 23.74 42.81
CA SER A 82 3.43 23.02 41.62
C SER A 82 1.92 23.07 41.61
N PHE A 83 1.34 23.36 40.45
CA PHE A 83 -0.10 23.35 40.30
C PHE A 83 -0.47 22.19 39.40
N ASN A 84 -1.42 21.37 39.82
CA ASN A 84 -1.67 20.17 39.07
C ASN A 84 -3.16 19.89 38.84
N SER A 85 -3.45 19.37 37.64
CA SER A 85 -4.79 18.96 37.24
C SER A 85 -4.65 17.96 36.10
N HIS A 86 -5.71 17.21 35.82
CA HIS A 86 -5.61 16.19 34.78
C HIS A 86 -6.38 16.53 33.52
N LEU A 87 -5.86 16.06 32.39
CA LEU A 87 -6.46 16.31 31.09
C LEU A 87 -7.67 15.44 30.78
N ASP A 88 -7.60 14.16 31.16
CA ASP A 88 -8.67 13.22 30.83
C ASP A 88 -9.97 13.47 31.59
N THR A 89 -11.05 12.90 31.08
CA THR A 89 -12.38 13.00 31.67
C THR A 89 -12.94 11.63 31.85
N ILE A 90 -14.01 11.53 32.64
CA ILE A 90 -14.53 10.23 33.02
C ILE A 90 -15.18 9.44 31.88
N MET A 91 -16.12 10.05 31.18
CA MET A 91 -16.94 9.31 30.23
C MET A 91 -16.49 9.48 28.81
N ALA A 92 -16.34 8.36 28.12
CA ALA A 92 -16.06 8.38 26.71
C ALA A 92 -17.36 8.73 26.01
N ARG A 93 -17.33 9.00 24.71
CA ARG A 93 -18.55 9.36 23.99
C ARG A 93 -19.55 8.23 23.95
N GLU A 94 -19.06 7.01 23.80
CA GLU A 94 -19.96 5.88 23.85
C GLU A 94 -19.53 4.93 24.97
N ASP A 95 -20.14 5.15 26.13
CA ASP A 95 -19.92 4.31 27.30
C ASP A 95 -21.26 3.76 27.72
N THR A 96 -21.88 3.05 26.80
CA THR A 96 -23.21 2.54 26.98
C THR A 96 -23.25 1.41 28.02
N ALA A 97 -22.06 0.93 28.37
CA ALA A 97 -21.87 -0.14 29.34
C ALA A 97 -22.13 0.27 30.77
N ARG A 98 -21.91 1.54 31.08
CA ARG A 98 -21.97 2.00 32.46
C ARG A 98 -23.07 2.99 32.74
N PHE A 99 -23.55 3.65 31.71
CA PHE A 99 -24.57 4.67 31.89
C PHE A 99 -25.86 4.30 31.19
N ALA A 100 -26.98 4.54 31.86
CA ALA A 100 -28.27 4.21 31.28
C ALA A 100 -28.51 5.07 30.06
N ASP A 101 -28.24 6.36 30.17
CA ASP A 101 -28.33 7.24 29.03
C ASP A 101 -26.95 7.78 28.76
N ALA A 102 -26.23 7.15 27.86
CA ALA A 102 -24.83 7.51 27.69
C ALA A 102 -24.73 8.69 26.75
N ASN A 103 -25.89 9.24 26.37
CA ASN A 103 -25.91 10.30 25.40
C ASN A 103 -26.27 11.67 25.95
N ASP A 104 -26.39 11.79 27.26
CA ASP A 104 -26.73 13.07 27.86
C ASP A 104 -25.70 14.12 27.45
N ARG A 105 -26.17 15.34 27.22
CA ARG A 105 -25.28 16.42 26.79
C ARG A 105 -24.23 16.65 27.85
N ILE A 106 -24.60 16.40 29.11
CA ILE A 106 -23.75 16.71 30.24
C ILE A 106 -22.45 15.89 30.22
N TYR A 107 -22.55 14.63 29.81
CA TYR A 107 -21.40 13.74 29.80
C TYR A 107 -20.28 14.15 28.84
N HIS A 108 -20.62 14.77 27.71
CA HIS A 108 -19.58 15.04 26.72
C HIS A 108 -19.37 16.48 26.27
N GLU A 109 -20.03 17.45 26.89
CA GLU A 109 -19.79 18.85 26.49
C GLU A 109 -19.82 19.81 27.67
N ALA A 110 -19.54 21.06 27.37
CA ALA A 110 -19.54 22.11 28.37
C ALA A 110 -20.13 23.40 27.81
N TRP A 111 -20.81 24.16 28.64
CA TRP A 111 -21.43 25.38 28.17
C TRP A 111 -21.68 26.40 29.29
N HIS A 112 -21.70 27.68 28.93
CA HIS A 112 -22.00 28.76 29.87
C HIS A 112 -23.46 29.19 29.73
N GLU A 113 -24.33 28.61 30.56
CA GLU A 113 -25.78 28.82 30.44
C GLU A 113 -26.32 29.87 31.37
N GLU A 114 -25.47 30.37 32.23
CA GLU A 114 -25.88 31.24 33.29
C GLU A 114 -24.64 31.31 34.14
N GLY A 115 -24.62 32.15 35.17
CA GLY A 115 -23.44 32.26 36.04
C GLY A 115 -22.79 30.94 36.46
N ARG A 116 -23.20 29.83 35.86
CA ARG A 116 -22.57 28.54 36.10
C ARG A 116 -22.14 27.88 34.81
N ILE A 117 -21.13 27.03 34.90
CA ILE A 117 -20.63 26.31 33.75
C ILE A 117 -20.96 24.83 33.87
N TYR A 118 -21.51 24.25 32.82
CA TYR A 118 -22.01 22.90 32.87
C TYR A 118 -21.10 21.95 32.14
N GLY A 119 -20.98 20.74 32.66
CA GLY A 119 -20.27 19.68 31.97
C GLY A 119 -19.43 18.85 32.91
N TYR A 120 -19.64 17.55 32.87
CA TYR A 120 -18.88 16.64 33.71
C TYR A 120 -17.40 16.78 33.39
N SER A 121 -17.11 17.18 32.15
CA SER A 121 -15.73 17.32 31.74
C SER A 121 -15.17 18.62 32.29
N VAL A 122 -16.04 19.46 32.85
CA VAL A 122 -15.57 20.69 33.46
C VAL A 122 -15.30 20.49 34.94
N VAL A 123 -16.23 19.82 35.62
CA VAL A 123 -16.05 19.48 37.04
C VAL A 123 -14.89 18.54 37.20
N ASN A 124 -14.70 17.69 36.22
CA ASN A 124 -13.63 16.74 36.25
C ASN A 124 -13.02 16.63 34.85
N CYS A 125 -11.97 17.39 34.56
CA CYS A 125 -11.44 18.36 35.52
C CYS A 125 -10.81 19.56 34.80
N LYS A 126 -11.58 20.25 33.98
CA LYS A 126 -11.00 21.35 33.26
C LYS A 126 -11.36 22.61 33.99
N GLY A 127 -12.30 22.49 34.92
CA GLY A 127 -12.74 23.64 35.65
C GLY A 127 -11.62 24.15 36.53
N PRO A 128 -11.03 23.26 37.33
CA PRO A 128 -9.91 23.68 38.15
C PRO A 128 -8.69 24.03 37.30
N MET A 129 -8.37 23.22 36.30
CA MET A 129 -7.20 23.49 35.49
C MET A 129 -7.35 24.85 34.86
N ALA A 130 -8.56 25.17 34.49
CA ALA A 130 -8.81 26.46 33.89
C ALA A 130 -8.53 27.51 34.93
N CYS A 131 -8.85 27.21 36.18
CA CYS A 131 -8.70 28.17 37.26
C CYS A 131 -7.26 28.56 37.48
N TRP A 132 -6.39 27.57 37.67
CA TRP A 132 -5.00 27.92 37.92
C TRP A 132 -4.22 28.24 36.67
N LEU A 133 -4.64 27.71 35.53
CA LEU A 133 -4.00 28.07 34.28
C LEU A 133 -4.11 29.56 34.18
N ILE A 134 -5.30 30.07 34.43
CA ILE A 134 -5.57 31.50 34.43
C ILE A 134 -4.82 32.21 35.54
N ALA A 135 -4.74 31.62 36.71
CA ALA A 135 -4.04 32.26 37.82
C ALA A 135 -2.58 32.52 37.46
N ALA A 136 -1.97 31.60 36.75
CA ALA A 136 -0.60 31.78 36.33
C ALA A 136 -0.55 32.95 35.39
N LYS A 137 -1.58 33.10 34.59
CA LYS A 137 -1.64 34.19 33.63
C LYS A 137 -1.70 35.54 34.33
N ALA A 138 -2.50 35.63 35.37
CA ALA A 138 -2.63 36.89 36.07
C ALA A 138 -1.31 37.32 36.67
N LEU A 139 -0.61 36.39 37.31
CA LEU A 139 0.66 36.73 37.94
C LEU A 139 1.64 37.23 36.90
N LYS A 140 1.80 36.49 35.82
CA LYS A 140 2.78 36.85 34.80
C LYS A 140 2.44 38.20 34.20
N GLU A 141 1.20 38.37 33.77
CA GLU A 141 0.81 39.62 33.15
C GLU A 141 0.88 40.76 34.17
N ALA A 142 0.77 40.43 35.45
CA ALA A 142 0.82 41.45 36.48
C ALA A 142 2.23 41.59 37.04
N GLY A 143 3.18 40.88 36.44
CA GLY A 143 4.58 40.94 36.84
C GLY A 143 4.79 40.77 38.33
N ALA A 144 4.09 39.82 38.95
CA ALA A 144 4.21 39.61 40.38
C ALA A 144 5.62 39.21 40.72
N ALA A 145 6.03 39.50 41.95
CA ALA A 145 7.38 39.20 42.33
C ALA A 145 7.42 37.86 43.01
N LEU A 146 8.13 36.93 42.41
CA LEU A 146 8.27 35.62 43.01
C LEU A 146 9.71 35.24 43.02
N LYS A 147 10.15 34.68 44.13
CA LYS A 147 11.51 34.25 44.20
C LYS A 147 11.53 32.82 43.71
N GLY A 148 10.38 32.16 43.71
CA GLY A 148 10.37 30.75 43.37
C GLY A 148 9.53 30.46 42.15
N ASP A 149 9.83 29.34 41.51
CA ASP A 149 9.13 28.94 40.31
C ASP A 149 7.75 28.41 40.62
N VAL A 150 6.86 28.57 39.66
CA VAL A 150 5.57 27.95 39.71
C VAL A 150 5.55 26.91 38.62
N VAL A 151 5.26 25.67 38.97
CA VAL A 151 5.26 24.60 37.99
C VAL A 151 3.85 24.28 37.59
N LEU A 152 3.62 24.24 36.29
CA LEU A 152 2.30 23.98 35.78
C LEU A 152 2.30 22.60 35.20
N THR A 153 1.72 21.67 35.94
CA THR A 153 1.64 20.30 35.51
C THR A 153 0.22 19.97 35.13
N ALA A 154 0.00 19.69 33.85
CA ALA A 154 -1.27 19.19 33.39
C ALA A 154 -1.02 17.78 32.98
N VAL A 155 -1.67 16.83 33.63
CA VAL A 155 -1.32 15.43 33.46
C VAL A 155 -2.40 14.59 32.82
N CYS A 156 -2.02 13.40 32.42
CA CYS A 156 -2.97 12.50 31.81
C CYS A 156 -3.16 11.28 32.68
N GLY A 157 -4.16 10.47 32.35
CA GLY A 157 -4.34 9.22 33.02
C GLY A 157 -4.52 9.38 34.51
N GLU A 158 -5.23 10.43 34.91
CA GLU A 158 -5.48 10.64 36.32
C GLU A 158 -6.48 9.64 36.88
N ILE A 159 -7.55 9.43 36.12
CA ILE A 159 -8.71 8.61 36.49
C ILE A 159 -8.38 7.12 36.57
N ASP A 160 -9.09 6.36 37.41
CA ASP A 160 -8.67 4.98 37.73
C ASP A 160 -9.01 3.88 36.74
N CYS A 161 -8.57 4.01 35.50
CA CYS A 161 -8.75 2.95 34.52
C CYS A 161 -7.51 2.09 34.59
N GLU A 162 -7.64 0.79 34.70
CA GLU A 162 -6.42 0.00 34.76
C GLU A 162 -6.47 -1.19 33.85
N PRO A 163 -5.37 -1.48 33.17
CA PRO A 163 -5.43 -2.64 32.30
C PRO A 163 -5.61 -3.92 33.09
N VAL A 164 -6.39 -4.84 32.54
CA VAL A 164 -6.58 -6.13 33.15
C VAL A 164 -6.89 -7.21 32.11
N ASP A 165 -6.50 -8.44 32.42
CA ASP A 165 -6.79 -9.58 31.56
C ASP A 165 -6.27 -9.35 30.16
N GLU A 166 -7.16 -9.26 29.20
CA GLU A 166 -6.80 -9.13 27.81
C GLU A 166 -6.71 -7.67 27.43
N PHE A 167 -6.93 -6.78 28.37
CA PHE A 167 -6.85 -5.36 28.09
C PHE A 167 -5.56 -4.78 28.62
N GLN A 168 -4.55 -4.63 27.76
CA GLN A 168 -3.25 -4.18 28.20
C GLN A 168 -2.75 -3.07 27.31
N GLY A 169 -1.77 -2.31 27.75
CA GLY A 169 -1.14 -1.46 26.78
C GLY A 169 -1.69 -0.06 26.69
N HIS A 170 -1.38 0.57 25.58
CA HIS A 170 -1.61 1.99 25.35
C HIS A 170 -3.02 2.45 25.72
N ASP A 171 -4.05 1.72 25.28
CA ASP A 171 -5.43 2.17 25.48
C ASP A 171 -5.95 2.11 26.91
N TYR A 172 -5.46 1.17 27.72
CA TYR A 172 -6.00 0.97 29.06
C TYR A 172 -5.13 1.53 30.24
N LEU A 173 -3.87 1.85 30.00
CA LEU A 173 -3.02 2.42 31.03
C LEU A 173 -3.60 3.76 31.48
N ALA A 174 -3.33 4.17 32.73
CA ALA A 174 -3.84 5.45 33.22
C ALA A 174 -2.88 6.18 34.13
N GLU A 175 -2.84 5.79 35.39
CA GLU A 175 -2.12 6.59 36.36
C GLU A 175 -0.66 6.20 36.38
N ASP A 176 -0.31 5.11 35.74
CA ASP A 176 1.07 4.69 35.72
C ASP A 176 1.87 5.65 34.84
N ILE A 177 1.25 6.12 33.78
CA ILE A 177 1.83 7.08 32.84
C ILE A 177 1.35 8.50 33.13
N GLY A 178 0.68 8.67 34.27
CA GLY A 178 0.08 9.94 34.63
C GLY A 178 1.04 10.88 35.33
N ALA A 179 0.56 11.51 36.40
CA ALA A 179 1.36 12.50 37.12
C ALA A 179 2.63 11.88 37.68
N ARG A 180 2.55 10.66 38.18
CA ARG A 180 3.73 10.08 38.79
C ARG A 180 4.86 10.01 37.79
N TYR A 181 4.51 9.93 36.52
CA TYR A 181 5.52 9.93 35.47
C TYR A 181 6.10 11.32 35.33
N ALA A 182 5.24 12.33 35.35
CA ALA A 182 5.69 13.70 35.16
C ALA A 182 6.64 14.04 36.26
N ILE A 183 6.28 13.62 37.45
CA ILE A 183 7.09 13.97 38.58
C ILE A 183 8.43 13.31 38.42
N SER A 184 8.45 12.00 38.25
CA SER A 184 9.70 11.26 38.22
C SER A 184 10.59 11.72 37.09
N HIS A 185 10.06 12.57 36.23
CA HIS A 185 10.83 12.99 35.08
C HIS A 185 10.91 14.51 35.02
N GLY A 186 11.12 15.12 36.18
CA GLY A 186 11.44 16.53 36.28
C GLY A 186 10.41 17.51 36.82
N ALA A 187 9.16 17.08 36.93
CA ALA A 187 8.17 18.02 37.44
C ALA A 187 8.20 18.04 38.97
N ILE A 188 9.33 18.44 39.55
CA ILE A 188 9.47 18.50 40.99
C ILE A 188 9.43 19.93 41.49
N SER A 189 8.85 20.12 42.67
CA SER A 189 8.80 21.41 43.31
C SER A 189 8.87 21.17 44.79
N ASP A 190 8.85 22.22 45.60
CA ASP A 190 8.92 22.04 47.04
C ASP A 190 7.62 21.56 47.60
N TYR A 191 6.52 22.13 47.11
CA TYR A 191 5.16 21.75 47.49
C TYR A 191 4.31 21.62 46.24
N ALA A 192 3.16 20.98 46.34
CA ALA A 192 2.27 20.90 45.18
C ALA A 192 0.82 21.01 45.58
N LEU A 193 0.07 21.82 44.86
CA LEU A 193 -1.35 21.96 45.15
C LEU A 193 -2.15 21.39 44.01
N VAL A 194 -2.82 20.28 44.27
CA VAL A 194 -3.57 19.59 43.23
C VAL A 194 -4.97 20.13 43.21
N ALA A 195 -5.35 20.79 42.12
CA ALA A 195 -6.62 21.49 42.05
C ALA A 195 -7.77 20.64 41.51
N GLU A 196 -8.69 20.29 42.39
CA GLU A 196 -9.86 19.49 42.06
C GLU A 196 -10.99 19.98 42.97
N ALA A 197 -12.20 19.52 42.74
CA ALA A 197 -13.33 20.06 43.50
C ALA A 197 -13.41 19.46 44.90
N THR A 198 -13.17 20.30 45.91
CA THR A 198 -13.30 19.89 47.29
C THR A 198 -14.31 20.75 48.03
N ASN A 199 -14.88 21.70 47.30
CA ASN A 199 -15.87 22.61 47.86
C ASN A 199 -15.18 23.63 48.75
N PHE A 200 -13.99 24.04 48.35
CA PHE A 200 -13.23 25.03 49.08
C PHE A 200 -12.82 24.52 50.46
N LYS A 201 -12.56 23.22 50.55
CA LYS A 201 -12.10 22.62 51.78
C LYS A 201 -10.83 21.88 51.41
N PRO A 202 -9.75 22.10 52.16
CA PRO A 202 -8.50 21.49 51.70
C PRO A 202 -8.29 20.17 52.36
N ALA A 203 -7.69 19.22 51.66
CA ALA A 203 -7.40 17.91 52.22
C ALA A 203 -6.00 17.49 51.84
N TRP A 204 -5.24 16.93 52.77
CA TRP A 204 -3.94 16.38 52.41
C TRP A 204 -3.84 14.91 52.70
N VAL A 205 -4.97 14.21 52.71
CA VAL A 205 -4.88 12.77 52.75
C VAL A 205 -5.83 12.16 51.74
N GLU A 206 -5.40 11.08 51.10
CA GLU A 206 -6.20 10.34 50.14
C GLU A 206 -5.90 8.88 50.33
N ALA A 207 -6.69 8.02 49.72
CA ALA A 207 -6.57 6.60 49.97
C ALA A 207 -5.90 5.87 48.85
N GLY A 208 -5.35 4.72 49.19
CA GLY A 208 -4.77 3.84 48.21
C GLY A 208 -5.92 3.04 47.65
N LYS A 209 -5.64 1.93 46.99
CA LYS A 209 -6.72 1.08 46.49
C LYS A 209 -6.15 -0.26 46.10
N VAL A 210 -7.00 -1.28 46.05
CA VAL A 210 -6.61 -2.57 45.49
C VAL A 210 -7.78 -3.12 44.69
N PHE A 211 -7.51 -3.68 43.52
CA PHE A 211 -8.57 -4.21 42.67
C PHE A 211 -8.48 -5.72 42.66
N LEU A 212 -9.59 -6.39 42.93
CA LEU A 212 -9.55 -7.84 42.97
C LEU A 212 -10.42 -8.42 41.88
N LYS A 213 -9.89 -9.46 41.25
CA LYS A 213 -10.62 -10.20 40.26
C LYS A 213 -11.03 -11.51 40.91
N VAL A 214 -12.28 -11.54 41.32
CA VAL A 214 -12.84 -12.70 41.98
C VAL A 214 -13.51 -13.57 40.94
N THR A 215 -12.90 -14.72 40.69
CA THR A 215 -13.37 -15.66 39.70
C THR A 215 -13.85 -16.93 40.39
N VAL A 216 -15.09 -17.32 40.18
CA VAL A 216 -15.58 -18.51 40.88
C VAL A 216 -15.82 -19.63 39.90
N PHE A 217 -15.45 -20.83 40.29
CA PHE A 217 -15.48 -22.02 39.45
C PHE A 217 -16.65 -22.96 39.80
N ALA A 218 -17.28 -23.50 38.77
CA ALA A 218 -18.40 -24.43 38.92
C ALA A 218 -18.29 -25.46 37.82
N GLY A 219 -19.38 -26.13 37.51
CA GLY A 219 -19.35 -27.01 36.37
C GLY A 219 -20.00 -28.31 36.72
N PRO A 220 -19.92 -29.29 35.82
CA PRO A 220 -19.32 -29.11 34.50
C PRO A 220 -20.31 -28.54 33.48
N SER A 221 -19.79 -27.93 32.42
CA SER A 221 -20.63 -27.31 31.40
C SER A 221 -21.52 -28.36 30.77
N ARG A 222 -22.74 -27.96 30.45
CA ARG A 222 -23.68 -28.86 29.80
C ARG A 222 -24.51 -28.06 28.80
N TYR A 223 -24.88 -28.70 27.69
CA TYR A 223 -25.75 -28.11 26.69
C TYR A 223 -27.12 -27.94 27.35
N THR A 224 -27.79 -26.82 27.09
CA THR A 224 -29.00 -26.46 27.83
C THR A 224 -30.05 -27.58 27.96
N PRO A 225 -30.21 -28.38 26.91
CA PRO A 225 -31.17 -29.47 27.06
C PRO A 225 -30.77 -30.47 28.12
N TYR A 226 -29.54 -30.40 28.63
CA TYR A 226 -29.07 -31.38 29.59
C TYR A 226 -28.86 -30.83 30.98
N VAL A 227 -29.22 -29.56 31.20
CA VAL A 227 -28.94 -28.94 32.50
C VAL A 227 -29.78 -29.57 33.58
N PRO A 228 -29.16 -29.86 34.73
CA PRO A 228 -29.84 -30.54 35.83
C PRO A 228 -30.51 -29.58 36.76
N ARG A 229 -31.80 -29.76 36.94
CA ARG A 229 -32.53 -28.99 37.91
C ARG A 229 -33.51 -29.94 38.59
N PRO A 230 -33.95 -29.57 39.79
CA PRO A 230 -33.53 -28.33 40.45
C PRO A 230 -32.25 -28.55 41.24
N VAL A 231 -31.46 -27.49 41.41
CA VAL A 231 -30.24 -27.58 42.18
C VAL A 231 -30.09 -26.34 43.07
N ALA A 232 -29.43 -26.50 44.20
CA ALA A 232 -29.20 -25.40 45.11
C ALA A 232 -28.31 -24.38 44.44
N ALA A 233 -28.48 -23.12 44.81
CA ALA A 233 -27.74 -22.06 44.13
C ALA A 233 -26.26 -22.31 44.30
N LEU A 234 -25.85 -22.44 45.54
CA LEU A 234 -24.45 -22.58 45.88
C LEU A 234 -23.87 -23.87 45.32
N ASP A 235 -24.73 -24.77 44.87
CA ASP A 235 -24.27 -26.02 44.27
C ASP A 235 -24.45 -26.01 42.77
N SER A 236 -24.82 -24.87 42.21
CA SER A 236 -25.15 -24.77 40.78
C SER A 236 -24.00 -25.18 39.89
N PRO A 237 -24.29 -25.62 38.67
CA PRO A 237 -23.20 -25.94 37.76
C PRO A 237 -22.82 -24.68 37.05
N ASN A 238 -23.81 -23.81 36.89
CA ASN A 238 -23.64 -22.55 36.22
C ASN A 238 -22.94 -21.58 37.16
N ALA A 239 -21.76 -21.13 36.78
CA ALA A 239 -20.99 -20.29 37.66
C ALA A 239 -21.65 -18.95 37.82
N ILE A 240 -22.57 -18.58 36.94
CA ILE A 240 -23.22 -17.29 37.12
C ILE A 240 -24.10 -17.35 38.33
N VAL A 241 -24.63 -18.52 38.61
CA VAL A 241 -25.54 -18.68 39.72
C VAL A 241 -24.81 -18.63 41.07
N ARG A 242 -23.69 -19.32 41.18
CA ARG A 242 -22.90 -19.23 42.40
C ARG A 242 -22.42 -17.82 42.57
N MET A 243 -22.05 -17.19 41.47
CA MET A 243 -21.56 -15.85 41.57
C MET A 243 -22.61 -14.94 42.16
N ALA A 244 -23.86 -15.21 41.87
CA ALA A 244 -24.91 -14.36 42.37
C ALA A 244 -24.93 -14.38 43.89
N LYS A 245 -24.72 -15.56 44.46
CA LYS A 245 -24.68 -15.72 45.90
C LYS A 245 -23.45 -15.03 46.49
N LEU A 246 -22.30 -15.21 45.85
CA LEU A 246 -21.07 -14.61 46.35
C LEU A 246 -21.16 -13.12 46.25
N VAL A 247 -21.91 -12.62 45.31
CA VAL A 247 -22.04 -11.18 45.21
C VAL A 247 -22.78 -10.65 46.42
N GLU A 248 -23.80 -11.34 46.89
CA GLU A 248 -24.56 -10.85 48.03
C GLU A 248 -23.77 -10.97 49.32
N ALA A 249 -22.96 -12.01 49.47
CA ALA A 249 -22.13 -12.13 50.65
C ALA A 249 -21.19 -10.95 50.72
N LEU A 250 -20.55 -10.65 49.60
CA LEU A 250 -19.57 -9.57 49.50
C LEU A 250 -20.18 -8.19 49.69
N GLU A 251 -21.42 -8.01 49.31
CA GLU A 251 -22.06 -6.72 49.51
C GLU A 251 -22.24 -6.43 50.99
N GLU A 252 -22.51 -7.46 51.79
CA GLU A 252 -22.66 -7.25 53.22
C GLU A 252 -21.30 -7.03 53.85
N TRP A 253 -20.30 -7.78 53.38
CA TRP A 253 -18.93 -7.62 53.82
C TRP A 253 -18.49 -6.20 53.52
N ALA A 254 -18.95 -5.71 52.40
CA ALA A 254 -18.64 -4.36 51.95
C ALA A 254 -19.19 -3.27 52.87
N ASP A 255 -20.40 -3.48 53.37
CA ASP A 255 -21.04 -2.47 54.19
C ASP A 255 -20.21 -2.24 55.44
N ASN A 256 -19.73 -3.34 56.01
CA ASN A 256 -18.90 -3.27 57.21
C ASN A 256 -17.48 -2.80 56.99
N TYR A 257 -16.92 -3.10 55.83
CA TYR A 257 -15.54 -2.78 55.58
C TYR A 257 -15.27 -1.31 55.86
N GLU A 258 -16.14 -0.44 55.38
CA GLU A 258 -15.90 0.98 55.53
C GLU A 258 -15.94 1.38 56.99
N LYS A 259 -16.87 0.80 57.73
CA LYS A 259 -16.97 1.15 59.14
C LYS A 259 -15.72 0.70 59.86
N ARG A 260 -15.29 -0.52 59.61
CA ARG A 260 -14.14 -1.04 60.34
C ARG A 260 -12.87 -0.29 60.04
N TYR A 261 -12.70 0.13 58.80
CA TYR A 261 -11.45 0.75 58.40
C TYR A 261 -11.51 2.25 58.33
N THR A 262 -12.59 2.86 58.77
CA THR A 262 -12.60 4.31 58.83
C THR A 262 -11.50 4.74 59.78
N ARG A 263 -10.69 5.69 59.37
CA ARG A 263 -9.60 6.15 60.18
C ARG A 263 -9.54 7.64 60.11
N GLU A 264 -9.24 8.30 61.22
CA GLU A 264 -9.16 9.74 61.20
C GLU A 264 -7.72 10.18 61.09
N TYR A 265 -7.46 11.13 60.19
CA TYR A 265 -6.12 11.64 59.91
C TYR A 265 -6.09 13.15 60.01
N GLY A 266 -4.89 13.72 60.04
CA GLY A 266 -4.75 15.16 60.10
C GLY A 266 -5.33 15.78 58.84
N GLY A 267 -4.98 15.20 57.71
CA GLY A 267 -5.44 15.65 56.40
C GLY A 267 -6.92 15.51 56.14
N GLY A 268 -7.53 14.50 56.74
CA GLY A 268 -8.97 14.30 56.65
C GLY A 268 -9.36 13.01 57.31
N THR A 269 -10.62 12.62 57.12
CA THR A 269 -11.11 11.36 57.66
C THR A 269 -11.38 10.40 56.52
N VAL A 270 -10.72 9.26 56.54
CA VAL A 270 -10.81 8.37 55.40
C VAL A 270 -11.84 7.30 55.59
N VAL A 271 -12.90 7.37 54.80
CA VAL A 271 -13.88 6.32 54.79
C VAL A 271 -13.68 5.52 53.52
N PRO A 272 -13.05 4.34 53.64
CA PRO A 272 -12.68 3.58 52.45
C PRO A 272 -13.80 2.68 51.98
N LYS A 273 -14.36 2.93 50.80
CA LYS A 273 -15.47 2.12 50.33
C LYS A 273 -15.10 0.98 49.37
N VAL A 274 -16.06 0.10 49.13
CA VAL A 274 -15.92 -1.03 48.22
C VAL A 274 -17.04 -1.05 47.18
N ALA A 275 -16.75 -1.53 45.97
CA ALA A 275 -17.74 -1.61 44.90
C ALA A 275 -17.43 -2.75 43.96
N ILE A 276 -18.46 -3.38 43.38
CA ILE A 276 -18.22 -4.37 42.34
C ILE A 276 -18.40 -3.68 41.00
N GLY A 277 -17.30 -3.23 40.41
CA GLY A 277 -17.32 -2.38 39.23
C GLY A 277 -17.74 -2.99 37.92
N ALA A 278 -17.54 -4.30 37.81
CA ALA A 278 -17.88 -5.02 36.61
C ALA A 278 -18.04 -6.51 36.85
N ILE A 279 -18.81 -7.19 36.01
CA ILE A 279 -19.00 -8.63 36.11
C ILE A 279 -19.04 -9.20 34.70
N ARG A 280 -18.63 -10.45 34.55
CA ARG A 280 -18.73 -11.08 33.25
C ARG A 280 -18.49 -12.56 33.31
N GLY A 281 -19.37 -13.34 32.70
CA GLY A 281 -19.20 -14.77 32.61
C GLY A 281 -19.75 -15.25 31.29
N GLY A 282 -19.05 -16.17 30.63
CA GLY A 282 -19.48 -16.63 29.32
C GLY A 282 -19.50 -15.51 28.30
N VAL A 283 -19.85 -15.79 27.05
CA VAL A 283 -19.90 -14.73 26.04
C VAL A 283 -21.29 -14.63 25.44
N PRO A 284 -21.78 -13.41 25.24
CA PRO A 284 -23.13 -13.16 24.80
C PRO A 284 -23.46 -13.74 23.43
N TYR A 285 -22.47 -14.23 22.71
CA TYR A 285 -22.70 -14.73 21.36
C TYR A 285 -22.56 -16.25 21.24
N LYS A 286 -22.42 -16.95 22.36
CA LYS A 286 -22.51 -18.41 22.42
C LYS A 286 -23.04 -18.84 23.77
N ILE A 287 -24.35 -18.75 23.92
CA ILE A 287 -24.98 -18.98 25.21
C ILE A 287 -25.63 -20.35 25.37
N TYR A 288 -25.55 -21.21 24.38
CA TYR A 288 -26.19 -22.51 24.52
C TYR A 288 -25.61 -23.35 25.64
N ARG A 289 -24.38 -23.05 26.04
CA ARG A 289 -23.75 -23.73 27.16
C ARG A 289 -23.44 -22.73 28.24
N PHE A 290 -23.96 -22.94 29.45
CA PHE A 290 -23.65 -22.02 30.53
C PHE A 290 -22.18 -22.20 30.84
N PRO A 291 -21.59 -21.23 31.54
CA PRO A 291 -20.15 -21.17 31.71
C PRO A 291 -19.71 -21.82 32.99
N GLU A 292 -18.53 -22.41 33.01
CA GLU A 292 -17.97 -23.05 34.19
C GLU A 292 -17.26 -22.07 35.10
N LEU A 293 -17.23 -20.81 34.70
CA LEU A 293 -16.59 -19.79 35.50
C LEU A 293 -17.11 -18.40 35.16
N CYS A 294 -17.25 -17.58 36.19
CA CYS A 294 -17.77 -16.24 36.09
C CYS A 294 -16.88 -15.35 36.90
N SER A 295 -16.71 -14.09 36.50
CA SER A 295 -15.80 -13.20 37.22
C SER A 295 -16.39 -11.86 37.58
N ILE A 296 -15.91 -11.30 38.68
CA ILE A 296 -16.27 -9.93 39.03
C ILE A 296 -15.02 -9.15 39.36
N TYR A 297 -15.08 -7.84 39.15
CA TYR A 297 -13.95 -6.99 39.39
C TYR A 297 -14.32 -5.99 40.45
N MET A 298 -13.59 -5.98 41.55
CA MET A 298 -13.98 -5.16 42.70
C MET A 298 -13.02 -4.06 42.95
N ASP A 299 -13.55 -2.92 43.37
CA ASP A 299 -12.70 -1.79 43.67
C ASP A 299 -12.73 -1.57 45.17
N ILE A 300 -11.64 -1.89 45.84
CA ILE A 300 -11.58 -1.72 47.28
C ILE A 300 -10.60 -0.65 47.66
N ARG A 301 -11.09 0.39 48.31
CA ARG A 301 -10.21 1.46 48.72
C ARG A 301 -9.48 1.10 50.00
N LEU A 302 -8.31 1.69 50.20
CA LEU A 302 -7.48 1.40 51.35
C LEU A 302 -7.17 2.70 52.07
N ASN A 303 -7.20 2.70 53.41
CA ASN A 303 -6.70 3.87 54.11
C ASN A 303 -5.20 3.73 54.00
N PRO A 304 -4.45 4.81 54.29
CA PRO A 304 -3.01 4.81 54.05
C PRO A 304 -2.27 3.75 54.82
N ASP A 305 -2.90 3.17 55.85
CA ASP A 305 -2.23 2.18 56.68
C ASP A 305 -2.66 0.75 56.45
N THR A 306 -3.46 0.45 55.43
CA THR A 306 -3.86 -0.94 55.25
C THR A 306 -3.07 -1.66 54.20
N ASN A 307 -2.69 -2.89 54.51
CA ASN A 307 -1.92 -3.74 53.62
C ASN A 307 -2.88 -4.51 52.74
N PRO A 308 -2.68 -4.44 51.43
CA PRO A 308 -3.64 -5.02 50.51
C PRO A 308 -3.74 -6.52 50.67
N LEU A 309 -2.65 -7.13 51.12
CA LEU A 309 -2.64 -8.57 51.26
C LEU A 309 -3.66 -9.01 52.29
N VAL A 310 -3.89 -8.16 53.28
CA VAL A 310 -4.89 -8.45 54.27
C VAL A 310 -6.26 -8.50 53.63
N VAL A 311 -6.61 -7.43 52.93
CA VAL A 311 -7.93 -7.28 52.35
C VAL A 311 -8.18 -8.45 51.47
N GLN A 312 -7.15 -8.93 50.78
CA GLN A 312 -7.35 -10.08 49.92
C GLN A 312 -7.80 -11.26 50.74
N ARG A 313 -7.12 -11.46 51.86
CA ARG A 313 -7.41 -12.57 52.74
C ARG A 313 -8.83 -12.45 53.33
N GLU A 314 -9.29 -11.23 53.52
CA GLU A 314 -10.62 -11.01 54.01
C GLU A 314 -11.61 -11.53 53.00
N VAL A 315 -11.45 -11.10 51.76
CA VAL A 315 -12.35 -11.50 50.69
C VAL A 315 -12.20 -12.95 50.38
N GLU A 316 -10.99 -13.47 50.51
CA GLU A 316 -10.78 -14.88 50.31
C GLU A 316 -11.61 -15.62 51.34
N ALA A 317 -11.70 -15.04 52.52
CA ALA A 317 -12.48 -15.63 53.59
C ALA A 317 -13.96 -15.59 53.28
N VAL A 318 -14.44 -14.45 52.78
CA VAL A 318 -15.85 -14.33 52.48
C VAL A 318 -16.24 -15.42 51.52
N VAL A 319 -15.33 -15.75 50.61
CA VAL A 319 -15.54 -16.84 49.68
C VAL A 319 -15.54 -18.18 50.37
N SER A 320 -14.64 -18.39 51.31
CA SER A 320 -14.54 -19.68 52.00
C SER A 320 -15.73 -19.99 52.91
N LYS A 321 -16.31 -18.96 53.51
CA LYS A 321 -17.47 -19.12 54.36
C LYS A 321 -18.63 -19.71 53.56
N LEU A 322 -18.59 -19.55 52.23
CA LEU A 322 -19.67 -20.02 51.39
C LEU A 322 -19.42 -21.40 50.83
N GLY A 323 -18.24 -21.94 51.08
CA GLY A 323 -17.98 -23.27 50.57
C GLY A 323 -17.81 -23.23 49.07
N LEU A 324 -17.51 -22.03 48.57
CA LEU A 324 -17.26 -21.82 47.15
C LEU A 324 -15.78 -22.04 46.91
N LYS A 325 -15.45 -22.36 45.67
CA LYS A 325 -14.07 -22.42 45.23
C LYS A 325 -13.92 -21.26 44.27
N ALA A 326 -12.93 -20.40 44.49
CA ALA A 326 -12.75 -19.22 43.66
C ALA A 326 -11.30 -18.85 43.63
N GLU A 327 -10.95 -17.94 42.73
CA GLU A 327 -9.59 -17.42 42.64
C GLU A 327 -9.68 -15.94 42.92
N VAL A 328 -9.15 -15.52 44.05
CA VAL A 328 -9.13 -14.11 44.37
C VAL A 328 -7.78 -13.57 44.05
N LYS A 329 -7.68 -12.78 43.00
CA LYS A 329 -6.38 -12.28 42.60
C LYS A 329 -6.47 -10.79 42.33
N PRO A 330 -5.51 -10.05 42.88
CA PRO A 330 -5.40 -8.60 42.82
C PRO A 330 -4.68 -8.22 41.55
N PHE A 331 -5.21 -7.24 40.83
CA PHE A 331 -4.59 -6.82 39.59
C PHE A 331 -4.30 -5.34 39.65
N LEU A 332 -4.49 -4.74 40.81
CA LEU A 332 -4.08 -3.35 41.03
C LEU A 332 -3.80 -2.99 42.50
N PHE A 333 -2.71 -2.27 42.74
CA PHE A 333 -2.36 -1.85 44.09
C PHE A 333 -1.67 -0.51 44.06
N ARG A 334 -2.20 0.42 44.82
CA ARG A 334 -1.64 1.76 44.94
C ARG A 334 -1.73 2.13 46.39
N ARG A 335 -0.90 3.08 46.82
CA ARG A 335 -0.87 3.45 48.22
C ARG A 335 -1.42 4.84 48.41
N GLY A 336 -2.06 5.07 49.55
CA GLY A 336 -2.57 6.39 49.89
C GLY A 336 -1.65 6.98 50.94
N TYR A 337 -1.53 8.29 50.96
CA TYR A 337 -0.59 8.95 51.85
C TYR A 337 -1.21 10.12 52.61
N GLU A 338 -0.63 10.45 53.76
CA GLU A 338 -0.97 11.70 54.41
C GLU A 338 0.22 12.60 54.22
N ALA A 339 -0.04 13.87 53.99
CA ALA A 339 1.05 14.79 53.71
C ALA A 339 1.91 14.97 54.95
N GLN A 340 3.23 15.01 54.75
CA GLN A 340 4.14 15.34 55.83
C GLN A 340 4.85 16.61 55.47
N GLY A 341 4.95 17.51 56.43
CA GLY A 341 5.65 18.75 56.19
C GLY A 341 4.71 19.66 55.43
N ILE A 342 3.44 19.41 55.61
CA ILE A 342 2.43 20.13 54.85
C ILE A 342 2.22 21.57 55.30
N GLU A 343 2.74 21.95 56.46
CA GLU A 343 2.28 23.19 57.07
C GLU A 343 2.39 24.47 56.22
N PRO A 344 3.55 24.70 55.62
CA PRO A 344 3.74 25.96 54.89
C PRO A 344 2.69 26.18 53.82
N LEU A 345 2.38 25.15 53.04
CA LEU A 345 1.36 25.24 52.00
C LEU A 345 -0.03 25.39 52.62
N GLN A 346 -0.25 24.69 53.71
CA GLN A 346 -1.52 24.76 54.39
C GLN A 346 -1.75 26.15 54.87
N ASN A 347 -0.72 26.71 55.50
CA ASN A 347 -0.78 28.04 56.04
C ASN A 347 -0.94 29.07 54.94
N ALA A 348 -0.19 28.90 53.87
CA ALA A 348 -0.24 29.82 52.74
C ALA A 348 -1.63 29.83 52.18
N LEU A 349 -2.16 28.63 52.05
CA LEU A 349 -3.50 28.42 51.52
C LEU A 349 -4.57 29.00 52.44
N GLU A 350 -4.43 28.78 53.73
CA GLU A 350 -5.45 29.21 54.66
C GLU A 350 -5.59 30.72 54.64
N VAL A 351 -4.46 31.41 54.61
CA VAL A 351 -4.50 32.86 54.60
C VAL A 351 -5.23 33.39 53.39
N ALA A 352 -4.90 32.83 52.22
CA ALA A 352 -5.50 33.28 50.99
C ALA A 352 -6.99 33.02 51.02
N HIS A 353 -7.36 31.85 51.53
CA HIS A 353 -8.74 31.43 51.62
C HIS A 353 -9.57 32.37 52.50
N ARG A 354 -9.04 32.71 53.67
CA ARG A 354 -9.74 33.58 54.59
C ARG A 354 -9.93 34.94 53.97
N GLU A 355 -8.96 35.35 53.17
CA GLU A 355 -9.04 36.65 52.54
C GLU A 355 -10.08 36.71 51.43
N VAL A 356 -10.22 35.64 50.66
CA VAL A 356 -11.14 35.64 49.51
C VAL A 356 -12.53 35.09 49.80
N VAL A 357 -12.58 33.87 50.32
CA VAL A 357 -13.84 33.22 50.66
C VAL A 357 -14.52 33.84 51.87
N GLY A 358 -13.73 34.26 52.85
CA GLY A 358 -14.27 34.97 53.98
C GLY A 358 -14.45 34.26 55.32
N ARG A 359 -14.07 32.99 55.43
CA ARG A 359 -14.20 32.29 56.71
C ARG A 359 -13.12 31.21 56.79
N PRO A 360 -12.87 30.65 57.97
CA PRO A 360 -11.80 29.64 58.04
C PRO A 360 -12.13 28.39 57.23
N THR A 361 -11.10 27.62 56.89
CA THR A 361 -11.31 26.37 56.18
C THR A 361 -11.81 25.32 57.14
N GLU A 362 -12.67 24.43 56.63
CA GLU A 362 -13.23 23.35 57.42
C GLU A 362 -12.77 21.98 56.92
N ARG A 363 -12.92 20.96 57.76
CA ARG A 363 -12.53 19.62 57.39
C ARG A 363 -13.30 19.22 56.15
N PRO A 364 -12.61 18.59 55.20
CA PRO A 364 -13.24 18.20 53.94
C PRO A 364 -14.21 17.06 54.16
N GLY A 365 -15.04 16.74 53.18
CA GLY A 365 -15.94 15.62 53.35
C GLY A 365 -15.13 14.36 53.24
N SER A 366 -15.57 13.30 53.90
CA SER A 366 -14.80 12.07 53.90
C SER A 366 -14.62 11.48 52.51
N PRO A 367 -15.62 11.64 51.63
CA PRO A 367 -15.41 11.03 50.31
C PRO A 367 -14.19 11.65 49.64
N GLU A 368 -14.04 12.96 49.78
CA GLU A 368 -12.93 13.67 49.15
C GLU A 368 -11.56 13.28 49.74
N CYS A 369 -11.52 12.64 50.89
CA CYS A 369 -10.25 12.18 51.43
C CYS A 369 -10.07 10.69 51.24
N SER A 370 -11.02 10.05 50.59
CA SER A 370 -11.02 8.59 50.53
C SER A 370 -10.96 8.10 49.10
N MET A 371 -10.35 8.87 48.23
CA MET A 371 -10.34 8.53 46.83
C MET A 371 -8.92 8.49 46.29
N TRP A 372 -8.77 8.55 44.97
CA TRP A 372 -7.46 8.73 44.40
C TRP A 372 -7.41 10.10 43.81
N ARG A 373 -6.39 10.87 44.20
CA ARG A 373 -6.10 12.17 43.62
C ARG A 373 -4.62 12.19 43.45
N ASP A 374 -4.12 13.03 42.56
CA ASP A 374 -2.69 12.99 42.25
C ASP A 374 -1.86 13.63 43.34
N THR A 375 -2.41 13.76 44.54
CA THR A 375 -1.56 14.17 45.64
C THR A 375 -0.75 12.97 46.05
N ASN A 376 -1.32 11.78 45.96
CA ASN A 376 -0.59 10.59 46.39
C ASN A 376 0.74 10.41 45.66
N PRO A 377 0.77 10.70 44.36
CA PRO A 377 2.06 10.60 43.69
C PRO A 377 3.10 11.56 44.23
N TYR A 378 2.76 12.83 44.49
CA TYR A 378 3.72 13.80 45.00
C TYR A 378 4.18 13.40 46.39
N ASN A 379 3.22 13.05 47.23
CA ASN A 379 3.52 12.70 48.59
C ASN A 379 4.38 11.47 48.60
N GLU A 380 4.12 10.57 47.70
CA GLU A 380 4.91 9.36 47.67
C GLU A 380 6.36 9.74 47.52
N LEU A 381 6.59 10.83 46.78
CA LEU A 381 7.92 11.29 46.45
C LEU A 381 8.38 12.51 47.23
N GLY A 382 7.76 12.78 48.37
CA GLY A 382 8.29 13.80 49.23
C GLY A 382 8.01 15.23 48.84
N ILE A 383 6.98 15.45 48.04
CA ILE A 383 6.54 16.82 47.82
C ILE A 383 5.22 16.96 48.55
N PRO A 384 5.23 17.69 49.67
CA PRO A 384 4.02 17.83 50.48
C PRO A 384 2.93 18.34 49.58
N SER A 385 1.80 17.66 49.54
CA SER A 385 0.77 18.05 48.61
C SER A 385 -0.61 17.92 49.18
N LEU A 386 -1.50 18.84 48.81
CA LEU A 386 -2.89 18.83 49.23
C LEU A 386 -3.75 19.25 48.07
N THR A 387 -5.04 19.02 48.20
CA THR A 387 -5.96 19.32 47.13
C THR A 387 -7.02 20.32 47.57
N TYR A 388 -7.26 21.33 46.75
CA TYR A 388 -8.19 22.39 47.07
C TYR A 388 -8.72 22.99 45.78
N GLY A 389 -10.04 23.15 45.70
CA GLY A 389 -10.66 23.70 44.52
C GLY A 389 -12.10 24.04 44.77
N CYS A 390 -12.77 24.68 43.80
CA CYS A 390 -14.18 25.03 43.98
C CYS A 390 -15.09 23.89 43.62
N GLY A 391 -16.37 24.03 43.94
CA GLY A 391 -17.36 23.08 43.49
C GLY A 391 -17.43 21.80 44.28
N GLY A 392 -18.33 20.91 43.88
CA GLY A 392 -18.50 19.64 44.54
C GLY A 392 -18.06 18.52 43.62
N GLY A 393 -17.57 17.44 44.21
CA GLY A 393 -16.94 16.36 43.47
C GLY A 393 -17.81 15.75 42.40
N ALA A 394 -17.22 15.44 41.25
CA ALA A 394 -17.97 14.83 40.14
C ALA A 394 -18.53 13.47 40.51
N GLY A 395 -17.83 12.74 41.35
CA GLY A 395 -18.32 11.44 41.79
C GLY A 395 -19.61 11.56 42.56
N GLY A 396 -19.96 12.78 42.96
CA GLY A 396 -21.12 13.05 43.78
C GLY A 396 -22.54 12.76 43.32
N GLY A 397 -22.94 13.25 42.15
CA GLY A 397 -22.06 14.01 41.28
C GLY A 397 -22.61 15.35 40.87
N ASN A 398 -21.79 16.39 41.04
CA ASN A 398 -22.10 17.75 40.62
C ASN A 398 -21.97 17.82 39.11
N THR A 399 -22.64 18.77 38.46
CA THR A 399 -22.60 18.82 37.01
C THR A 399 -22.21 20.20 36.51
N TYR A 400 -21.91 21.10 37.43
CA TYR A 400 -21.60 22.47 37.07
C TYR A 400 -20.75 23.18 38.11
N PHE A 401 -20.24 24.33 37.73
CA PHE A 401 -19.43 25.17 38.59
C PHE A 401 -20.04 26.55 38.56
N LEU A 402 -19.82 27.32 39.62
CA LEU A 402 -20.31 28.69 39.64
C LEU A 402 -19.13 29.56 39.28
N VAL A 403 -19.27 30.36 38.23
CA VAL A 403 -18.15 31.12 37.72
C VAL A 403 -17.54 32.03 38.79
N ASP A 404 -18.35 32.46 39.75
CA ASP A 404 -17.85 33.26 40.85
C ASP A 404 -16.90 32.42 41.67
N ASP A 405 -17.33 31.20 41.99
CA ASP A 405 -16.52 30.26 42.74
C ASP A 405 -15.26 29.93 41.98
N MET A 406 -15.39 29.73 40.68
CA MET A 406 -14.23 29.44 39.86
C MET A 406 -13.27 30.59 39.89
N LEU A 407 -13.81 31.80 39.86
CA LEU A 407 -12.96 32.98 39.91
C LEU A 407 -12.30 33.13 41.26
N LYS A 408 -13.02 32.81 42.33
CA LYS A 408 -12.42 32.92 43.66
C LYS A 408 -11.26 31.97 43.75
N ALA A 409 -11.48 30.72 43.34
CA ALA A 409 -10.46 29.71 43.44
C ALA A 409 -9.19 30.16 42.72
N ALA A 410 -9.35 30.88 41.62
CA ALA A 410 -8.20 31.41 40.88
C ALA A 410 -7.50 32.46 41.73
N LYS A 411 -8.27 33.17 42.53
CA LYS A 411 -7.69 34.15 43.41
C LYS A 411 -6.91 33.43 44.50
N VAL A 412 -7.51 32.38 45.08
CA VAL A 412 -6.84 31.66 46.14
C VAL A 412 -5.57 30.99 45.64
N TYR A 413 -5.60 30.42 44.44
CA TYR A 413 -4.41 29.81 43.88
C TYR A 413 -3.30 30.85 43.76
N ALA A 414 -3.65 32.00 43.21
CA ALA A 414 -2.70 33.08 42.98
C ALA A 414 -2.08 33.62 44.27
N MET A 415 -2.93 33.96 45.23
CA MET A 415 -2.47 34.54 46.49
C MET A 415 -1.59 33.55 47.23
N THR A 416 -1.94 32.28 47.13
CA THR A 416 -1.13 31.24 47.75
C THR A 416 0.25 31.22 47.14
N ALA A 417 0.31 31.34 45.82
CA ALA A 417 1.57 31.32 45.11
C ALA A 417 2.47 32.49 45.53
N MET A 418 1.87 33.67 45.63
CA MET A 418 2.62 34.87 46.01
C MET A 418 3.16 34.75 47.42
N ASP A 419 2.38 34.16 48.31
CA ASP A 419 2.82 33.95 49.67
C ASP A 419 3.94 32.93 49.71
N LEU A 420 3.63 31.70 49.31
CA LEU A 420 4.54 30.59 49.46
C LEU A 420 5.81 30.73 48.61
N CYS A 421 5.69 31.24 47.41
CA CYS A 421 6.87 31.34 46.56
C CYS A 421 7.85 32.37 47.08
N ASN A 422 7.41 33.17 48.05
CA ASN A 422 8.26 34.20 48.59
C ASN A 422 8.73 33.83 50.00
N ARG A 423 8.70 32.54 50.28
CA ARG A 423 9.20 31.99 51.52
C ARG A 423 10.41 31.13 51.19
N THR A 424 11.42 31.09 52.06
CA THR A 424 12.62 30.30 51.78
C THR A 424 12.61 28.95 52.49
N PRO A 425 12.87 27.87 51.74
CA PRO A 425 12.76 26.50 52.27
C PRO A 425 13.97 26.06 53.10
N ASP B 6 65.38 -4.84 5.43
CA ASP B 6 63.91 -4.84 5.44
C ASP B 6 63.30 -5.36 4.15
N VAL B 7 63.79 -4.89 3.02
CA VAL B 7 63.06 -5.03 1.76
C VAL B 7 62.84 -6.50 1.42
N ALA B 8 63.81 -7.33 1.75
CA ALA B 8 63.74 -8.76 1.45
C ALA B 8 62.65 -9.51 2.20
N LYS B 9 62.30 -9.06 3.40
CA LYS B 9 61.27 -9.76 4.17
C LYS B 9 59.95 -9.62 3.46
N VAL B 10 59.64 -8.38 3.10
CA VAL B 10 58.39 -8.06 2.47
C VAL B 10 58.36 -8.72 1.10
N MET B 11 59.50 -8.78 0.44
CA MET B 11 59.54 -9.43 -0.86
C MET B 11 59.20 -10.92 -0.79
N LYS B 12 59.79 -11.65 0.15
CA LYS B 12 59.46 -13.09 0.28
C LYS B 12 58.01 -13.28 0.67
N THR B 13 57.51 -12.37 1.51
CA THR B 13 56.14 -12.41 1.95
C THR B 13 55.18 -12.30 0.78
N LEU B 14 55.48 -11.41 -0.16
CA LEU B 14 54.60 -11.21 -1.29
C LEU B 14 54.49 -12.49 -2.11
N ASP B 15 55.59 -13.24 -2.21
CA ASP B 15 55.51 -14.54 -2.87
C ASP B 15 54.59 -15.46 -2.08
N GLY B 16 54.45 -15.17 -0.79
CA GLY B 16 53.54 -15.89 0.09
C GLY B 16 52.10 -15.72 -0.33
N MET B 17 51.80 -14.61 -0.99
CA MET B 17 50.42 -14.30 -1.34
C MET B 17 50.15 -14.19 -2.84
N ARG B 18 50.89 -14.90 -3.67
CA ARG B 18 50.60 -14.85 -5.10
C ARG B 18 49.19 -15.31 -5.45
N GLU B 19 48.73 -16.39 -4.83
CA GLU B 19 47.38 -16.87 -5.09
C GLU B 19 46.35 -15.86 -4.56
N GLY B 20 46.60 -15.37 -3.35
CA GLY B 20 45.72 -14.41 -2.70
C GLY B 20 45.63 -13.22 -3.63
N LEU B 21 46.74 -12.93 -4.30
CA LEU B 21 46.74 -11.86 -5.28
C LEU B 21 45.78 -12.23 -6.41
N ILE B 22 45.88 -13.46 -6.93
CA ILE B 22 45.03 -13.87 -8.04
C ILE B 22 43.60 -13.97 -7.58
N GLN B 23 43.40 -14.52 -6.39
CA GLN B 23 42.05 -14.73 -5.92
C GLN B 23 41.36 -13.38 -5.81
N THR B 24 42.03 -12.45 -5.15
CA THR B 24 41.48 -11.14 -4.88
C THR B 24 41.12 -10.45 -6.17
N ALA B 25 41.92 -10.71 -7.20
CA ALA B 25 41.69 -10.14 -8.52
C ALA B 25 40.44 -10.67 -9.21
N VAL B 26 40.29 -11.99 -9.27
CA VAL B 26 39.15 -12.57 -9.98
C VAL B 26 37.88 -12.28 -9.21
N GLU B 27 37.98 -12.43 -7.89
CA GLU B 27 36.85 -12.23 -7.00
C GLU B 27 36.28 -10.86 -7.24
N LEU B 28 37.20 -9.91 -7.36
CA LEU B 28 36.85 -8.54 -7.63
C LEU B 28 36.41 -8.41 -9.08
N GLY B 29 37.13 -9.08 -9.98
CA GLY B 29 36.83 -9.03 -11.39
C GLY B 29 35.45 -9.59 -11.67
N SER B 30 35.05 -10.54 -10.85
CA SER B 30 33.79 -11.22 -11.07
C SER B 30 32.57 -10.34 -10.87
N ILE B 31 32.67 -9.41 -9.94
CA ILE B 31 31.55 -8.55 -9.61
C ILE B 31 31.16 -7.61 -10.72
N GLU B 32 29.87 -7.53 -10.99
CA GLU B 32 29.40 -6.66 -12.06
C GLU B 32 29.45 -5.28 -11.48
N ALA B 33 30.25 -4.41 -12.06
CA ALA B 33 30.41 -3.11 -11.48
C ALA B 33 30.52 -1.99 -12.50
N PRO B 34 29.59 -1.94 -13.46
CA PRO B 34 29.64 -0.82 -14.38
C PRO B 34 29.44 0.49 -13.64
N THR B 35 29.87 1.61 -14.19
CA THR B 35 29.67 2.87 -13.50
C THR B 35 28.19 3.04 -13.28
N GLY B 36 27.82 3.34 -12.05
CA GLY B 36 26.43 3.43 -11.63
C GLY B 36 26.02 2.30 -10.72
N ARG B 37 26.81 1.24 -10.65
CA ARG B 37 26.49 0.09 -9.82
C ARG B 37 27.71 -0.42 -9.06
N GLU B 38 28.63 0.49 -8.74
CA GLU B 38 29.91 0.16 -8.13
C GLU B 38 29.75 -0.38 -6.71
N GLY B 39 28.53 -0.29 -6.20
CA GLY B 39 28.24 -0.60 -4.81
C GLY B 39 28.61 -2.01 -4.40
N ALA B 40 28.32 -2.96 -5.29
CA ALA B 40 28.57 -4.35 -4.95
C ALA B 40 30.05 -4.57 -4.75
N ALA B 41 30.86 -3.92 -5.58
CA ALA B 41 32.29 -4.08 -5.46
C ALA B 41 32.88 -3.34 -4.26
N GLY B 42 32.36 -2.17 -3.94
CA GLY B 42 32.86 -1.38 -2.82
C GLY B 42 32.63 -2.14 -1.54
N ASP B 43 31.46 -2.76 -1.45
CA ASP B 43 31.13 -3.59 -0.32
C ASP B 43 32.17 -4.70 -0.24
N TYR B 44 32.62 -5.18 -1.38
CA TYR B 44 33.57 -6.25 -1.33
C TYR B 44 34.85 -5.79 -0.69
N VAL B 45 35.34 -4.66 -1.15
CA VAL B 45 36.61 -4.12 -0.68
C VAL B 45 36.54 -3.68 0.75
N TYR B 46 35.38 -3.18 1.15
CA TYR B 46 35.21 -2.71 2.51
C TYR B 46 35.45 -3.87 3.43
N GLU B 47 34.88 -5.00 3.11
CA GLU B 47 35.05 -6.15 3.99
C GLU B 47 36.48 -6.62 3.95
N TRP B 48 37.06 -6.61 2.75
CA TRP B 48 38.43 -7.06 2.61
C TRP B 48 39.36 -6.23 3.48
N MET B 49 39.19 -4.92 3.41
CA MET B 49 40.04 -4.00 4.14
C MET B 49 39.82 -4.15 5.64
N ALA B 50 38.57 -4.32 6.04
CA ALA B 50 38.24 -4.48 7.45
C ALA B 50 38.76 -5.82 7.93
N ARG B 51 38.59 -6.82 7.10
CA ARG B 51 39.03 -8.16 7.43
C ARG B 51 40.52 -8.15 7.78
N ASN B 52 41.28 -7.27 7.16
CA ASN B 52 42.73 -7.20 7.34
C ASN B 52 43.21 -6.09 8.26
N GLY B 53 42.30 -5.42 8.94
CA GLY B 53 42.68 -4.47 9.95
C GLY B 53 43.03 -3.09 9.44
N PHE B 54 42.60 -2.76 8.23
CA PHE B 54 42.86 -1.43 7.73
C PHE B 54 41.72 -0.52 8.10
N GLY B 55 40.70 -1.06 8.76
CA GLY B 55 39.63 -0.24 9.32
C GLY B 55 39.05 0.78 8.38
N PRO B 56 38.37 0.30 7.34
CA PRO B 56 37.85 1.16 6.28
C PRO B 56 36.67 2.02 6.69
N GLU B 57 36.35 2.97 5.81
CA GLU B 57 35.22 3.85 5.99
C GLU B 57 34.56 4.01 4.64
N ARG B 58 33.26 4.26 4.61
CA ARG B 58 32.62 4.46 3.32
C ARG B 58 32.38 5.92 3.16
N VAL B 59 33.04 6.48 2.17
CA VAL B 59 32.90 7.87 1.88
C VAL B 59 32.21 7.96 0.56
N GLY B 60 30.99 8.47 0.57
CA GLY B 60 30.24 8.57 -0.66
C GLY B 60 29.05 9.48 -0.56
N VAL B 61 28.59 9.93 -1.73
CA VAL B 61 27.40 10.75 -1.85
C VAL B 61 26.12 9.92 -1.77
N PHE B 62 26.23 8.68 -2.20
CA PHE B 62 25.10 7.75 -2.24
C PHE B 62 25.43 6.51 -1.43
N ASP B 63 24.42 5.82 -0.93
CA ASP B 63 24.69 4.67 -0.07
C ASP B 63 25.03 3.42 -0.83
N ASP B 64 24.80 3.40 -2.13
CA ASP B 64 25.19 2.25 -2.95
C ASP B 64 26.30 2.59 -3.92
N ARG B 65 26.74 3.83 -3.91
CA ARG B 65 27.86 4.25 -4.73
C ARG B 65 28.75 5.10 -3.87
N PHE B 66 29.85 4.53 -3.43
CA PHE B 66 30.64 5.16 -2.40
C PHE B 66 32.08 4.75 -2.58
N ASN B 67 32.98 5.47 -1.92
CA ASN B 67 34.39 5.13 -1.96
C ASN B 67 34.78 4.49 -0.63
N VAL B 68 35.81 3.68 -0.65
CA VAL B 68 36.28 3.04 0.56
C VAL B 68 37.69 3.49 0.87
N VAL B 69 37.88 4.01 2.07
CA VAL B 69 39.15 4.52 2.49
C VAL B 69 39.58 3.77 3.71
N GLY B 70 40.77 3.22 3.67
CA GLY B 70 41.31 2.54 4.82
C GLY B 70 42.76 2.93 4.83
N ARG B 71 43.43 2.71 5.94
CA ARG B 71 44.80 3.12 6.03
C ARG B 71 45.64 2.32 7.01
N LEU B 72 46.90 2.16 6.65
CA LEU B 72 47.88 1.46 7.45
C LEU B 72 48.72 2.47 8.22
N ARG B 73 48.35 2.69 9.47
CA ARG B 73 48.94 3.72 10.31
C ARG B 73 50.43 3.54 10.46
N GLY B 74 51.13 4.67 10.64
CA GLY B 74 52.57 4.65 10.75
C GLY B 74 52.99 5.21 12.09
N THR B 75 54.24 4.96 12.47
CA THR B 75 54.74 5.29 13.78
C THR B 75 54.72 6.80 14.08
N GLY B 76 54.98 7.62 13.08
CA GLY B 76 54.92 9.06 13.28
C GLY B 76 56.03 9.86 12.63
N GLY B 77 55.75 11.13 12.34
CA GLY B 77 56.70 12.05 11.75
C GLY B 77 57.26 11.69 10.38
N GLY B 78 56.39 11.17 9.51
CA GLY B 78 56.79 10.78 8.17
C GLY B 78 55.79 11.17 7.11
N ALA B 79 56.20 11.11 5.85
CA ALA B 79 55.34 11.42 4.73
C ALA B 79 54.32 10.35 4.53
N SER B 80 53.13 10.74 4.08
CA SER B 80 52.10 9.77 3.86
C SER B 80 51.82 9.59 2.39
N LEU B 81 51.67 8.34 1.98
CA LEU B 81 51.46 7.98 0.60
C LEU B 81 50.11 7.32 0.45
N SER B 82 49.40 7.70 -0.60
CA SER B 82 48.05 7.25 -0.84
C SER B 82 48.12 6.31 -2.03
N PHE B 83 47.40 5.19 -1.98
CA PHE B 83 47.33 4.24 -3.07
C PHE B 83 45.93 4.29 -3.62
N ASN B 84 45.74 4.37 -4.93
CA ASN B 84 44.40 4.62 -5.45
C ASN B 84 44.03 3.76 -6.64
N SER B 85 42.76 3.38 -6.75
CA SER B 85 42.26 2.62 -7.88
C SER B 85 40.77 2.81 -7.95
N HIS B 86 40.12 2.51 -9.07
CA HIS B 86 38.68 2.73 -9.14
C HIS B 86 37.92 1.42 -9.18
N LEU B 87 36.73 1.47 -8.59
CA LEU B 87 35.80 0.35 -8.47
C LEU B 87 35.01 0.00 -9.74
N ASP B 88 34.56 1.02 -10.45
CA ASP B 88 33.71 0.80 -11.61
C ASP B 88 34.46 0.21 -12.80
N THR B 89 33.70 -0.36 -13.74
CA THR B 89 34.24 -0.97 -14.96
C THR B 89 33.50 -0.38 -16.15
N ILE B 90 34.06 -0.53 -17.35
CA ILE B 90 33.51 0.18 -18.52
C ILE B 90 32.15 -0.30 -19.02
N MET B 91 31.98 -1.61 -19.19
CA MET B 91 30.80 -2.10 -19.88
C MET B 91 29.71 -2.52 -18.92
N ALA B 92 28.51 -2.01 -19.16
CA ALA B 92 27.36 -2.45 -18.40
C ALA B 92 27.04 -3.81 -18.95
N ARG B 93 26.17 -4.58 -18.29
CA ARG B 93 25.88 -5.90 -18.79
C ARG B 93 25.17 -5.80 -20.12
N GLU B 94 24.29 -4.82 -20.26
CA GLU B 94 23.64 -4.61 -21.53
C GLU B 94 23.91 -3.21 -22.04
N ASP B 95 24.95 -3.10 -22.87
CA ASP B 95 25.34 -1.84 -23.50
C ASP B 95 25.36 -2.03 -25.00
N THR B 96 24.23 -2.42 -25.55
CA THR B 96 24.08 -2.76 -26.96
C THR B 96 24.19 -1.55 -27.89
N ALA B 97 24.09 -0.36 -27.30
CA ALA B 97 24.18 0.90 -28.04
C ALA B 97 25.57 1.23 -28.54
N ARG B 98 26.60 0.78 -27.83
CA ARG B 98 27.96 1.18 -28.15
C ARG B 98 28.81 0.03 -28.65
N PHE B 99 28.43 -1.19 -28.30
CA PHE B 99 29.23 -2.34 -28.70
C PHE B 99 28.43 -3.24 -29.63
N ALA B 100 29.07 -3.71 -30.70
CA ALA B 100 28.42 -4.57 -31.67
C ALA B 100 28.06 -5.87 -30.98
N ASP B 101 28.98 -6.41 -30.20
CA ASP B 101 28.71 -7.59 -29.40
C ASP B 101 28.81 -7.20 -27.94
N ALA B 102 27.67 -6.95 -27.34
CA ALA B 102 27.65 -6.45 -25.97
C ALA B 102 27.71 -7.61 -25.01
N ASN B 103 27.83 -8.82 -25.56
CA ASN B 103 27.78 -10.04 -24.76
C ASN B 103 29.08 -10.85 -24.67
N ASP B 104 30.18 -10.34 -25.22
CA ASP B 104 31.44 -11.11 -25.16
C ASP B 104 31.80 -11.43 -23.69
N ARG B 105 32.31 -12.63 -23.42
CA ARG B 105 32.58 -13.05 -22.04
C ARG B 105 33.56 -12.09 -21.37
N ILE B 106 34.40 -11.49 -22.21
CA ILE B 106 35.46 -10.62 -21.74
C ILE B 106 34.96 -9.34 -21.04
N TYR B 107 33.90 -8.73 -21.56
CA TYR B 107 33.41 -7.46 -21.02
C TYR B 107 32.93 -7.58 -19.56
N HIS B 108 32.36 -8.72 -19.17
CA HIS B 108 31.72 -8.81 -17.85
C HIS B 108 32.23 -9.88 -16.88
N GLU B 109 33.33 -10.57 -17.17
CA GLU B 109 33.84 -11.51 -16.17
C GLU B 109 35.36 -11.59 -16.11
N ALA B 110 35.85 -12.36 -15.13
CA ALA B 110 37.27 -12.54 -14.94
C ALA B 110 37.60 -13.97 -14.59
N TRP B 111 38.72 -14.46 -15.11
CA TRP B 111 39.10 -15.86 -14.96
C TRP B 111 40.60 -16.06 -15.12
N HIS B 112 41.09 -17.11 -14.48
CA HIS B 112 42.49 -17.48 -14.56
C HIS B 112 42.72 -18.62 -15.57
N GLU B 113 43.03 -18.27 -16.82
CA GLU B 113 43.13 -19.28 -17.89
C GLU B 113 44.52 -19.79 -18.19
N GLU B 114 45.51 -19.24 -17.50
CA GLU B 114 46.91 -19.51 -17.79
C GLU B 114 47.62 -18.49 -16.91
N GLY B 115 48.94 -18.52 -16.80
CA GLY B 115 49.62 -17.53 -15.97
C GLY B 115 49.16 -16.09 -16.15
N ARG B 116 48.09 -15.86 -16.93
CA ARG B 116 47.49 -14.53 -17.10
C ARG B 116 46.00 -14.54 -16.72
N ILE B 117 45.55 -13.37 -16.27
CA ILE B 117 44.19 -13.16 -15.80
C ILE B 117 43.46 -12.30 -16.81
N TYR B 118 42.23 -12.67 -17.14
CA TYR B 118 41.50 -11.96 -18.18
C TYR B 118 40.36 -11.12 -17.64
N GLY B 119 40.03 -10.05 -18.36
CA GLY B 119 38.82 -9.31 -18.11
C GLY B 119 39.00 -7.82 -18.19
N TYR B 120 38.20 -7.14 -19.01
CA TYR B 120 38.28 -5.69 -19.10
C TYR B 120 38.11 -5.09 -17.72
N SER B 121 37.44 -5.85 -16.86
CA SER B 121 37.22 -5.45 -15.49
C SER B 121 38.44 -5.73 -14.62
N VAL B 122 39.42 -6.49 -15.11
CA VAL B 122 40.64 -6.71 -14.32
C VAL B 122 41.71 -5.71 -14.77
N VAL B 123 41.76 -5.47 -16.07
CA VAL B 123 42.62 -4.46 -16.63
C VAL B 123 42.17 -3.09 -16.19
N ASN B 124 40.87 -2.90 -16.13
CA ASN B 124 40.29 -1.63 -15.76
C ASN B 124 39.09 -1.90 -14.88
N CYS B 125 39.31 -1.92 -13.57
CA CYS B 125 40.66 -1.76 -13.05
C CYS B 125 40.83 -2.49 -11.73
N LYS B 126 40.59 -3.78 -11.71
CA LYS B 126 40.69 -4.47 -10.43
C LYS B 126 42.01 -5.17 -10.30
N GLY B 127 42.72 -5.27 -11.41
CA GLY B 127 43.99 -5.94 -11.36
C GLY B 127 44.98 -5.15 -10.54
N PRO B 128 45.14 -3.85 -10.85
CA PRO B 128 46.05 -3.05 -10.06
C PRO B 128 45.58 -2.94 -8.62
N MET B 129 44.28 -2.74 -8.43
CA MET B 129 43.74 -2.56 -7.10
C MET B 129 44.08 -3.75 -6.26
N ALA B 130 44.12 -4.91 -6.92
CA ALA B 130 44.45 -6.14 -6.24
C ALA B 130 45.85 -6.05 -5.72
N CYS B 131 46.68 -5.40 -6.51
CA CYS B 131 48.10 -5.30 -6.22
C CYS B 131 48.46 -4.52 -4.97
N TRP B 132 47.98 -3.27 -4.90
CA TRP B 132 48.34 -2.44 -3.77
C TRP B 132 47.54 -2.82 -2.55
N LEU B 133 46.39 -3.44 -2.79
CA LEU B 133 45.65 -4.01 -1.70
C LEU B 133 46.51 -5.10 -1.07
N ILE B 134 47.04 -5.98 -1.91
CA ILE B 134 47.87 -7.05 -1.41
C ILE B 134 49.15 -6.52 -0.81
N ALA B 135 49.71 -5.51 -1.49
CA ALA B 135 50.97 -4.92 -1.07
C ALA B 135 50.88 -4.38 0.33
N ALA B 136 49.75 -3.76 0.64
CA ALA B 136 49.51 -3.24 1.96
C ALA B 136 49.45 -4.39 2.95
N LYS B 137 48.89 -5.52 2.53
CA LYS B 137 48.74 -6.67 3.39
C LYS B 137 50.10 -7.17 3.80
N ALA B 138 51.02 -7.16 2.85
CA ALA B 138 52.39 -7.62 3.08
C ALA B 138 53.11 -6.75 4.11
N LEU B 139 52.98 -5.45 4.00
CA LEU B 139 53.68 -4.57 4.94
C LEU B 139 53.22 -4.82 6.34
N LYS B 140 51.92 -4.83 6.53
CA LYS B 140 51.38 -5.02 7.86
C LYS B 140 51.78 -6.40 8.34
N GLU B 141 51.52 -7.41 7.52
CA GLU B 141 51.82 -8.79 7.91
C GLU B 141 53.33 -8.99 8.07
N ALA B 142 54.13 -8.21 7.37
CA ALA B 142 55.58 -8.35 7.45
C ALA B 142 56.17 -7.39 8.45
N GLY B 143 55.29 -6.68 9.16
CA GLY B 143 55.67 -5.75 10.20
C GLY B 143 56.73 -4.74 9.84
N ALA B 144 56.67 -4.23 8.61
CA ALA B 144 57.63 -3.23 8.17
C ALA B 144 57.43 -1.96 8.98
N ALA B 145 58.48 -1.17 9.12
CA ALA B 145 58.38 0.05 9.88
C ALA B 145 58.21 1.22 8.94
N LEU B 146 57.16 2.00 9.14
CA LEU B 146 56.95 3.22 8.35
C LEU B 146 56.64 4.36 9.31
N LYS B 147 57.16 5.55 9.03
CA LYS B 147 56.89 6.70 9.87
C LYS B 147 55.63 7.41 9.41
N GLY B 148 55.17 7.13 8.20
CA GLY B 148 54.01 7.80 7.65
C GLY B 148 52.86 6.85 7.32
N ASP B 149 51.65 7.38 7.26
CA ASP B 149 50.50 6.54 7.00
C ASP B 149 50.42 6.12 5.54
N VAL B 150 49.86 4.94 5.30
CA VAL B 150 49.58 4.54 3.94
C VAL B 150 48.07 4.62 3.83
N VAL B 151 47.58 5.34 2.85
CA VAL B 151 46.16 5.52 2.67
C VAL B 151 45.71 4.64 1.53
N LEU B 152 44.68 3.85 1.78
CA LEU B 152 44.16 2.95 0.76
C LEU B 152 42.84 3.52 0.33
N THR B 153 42.82 4.13 -0.84
CA THR B 153 41.62 4.71 -1.36
C THR B 153 41.13 3.99 -2.58
N ALA B 154 39.94 3.41 -2.49
CA ALA B 154 39.27 2.81 -3.64
C ALA B 154 38.02 3.62 -3.99
N VAL B 155 37.97 4.14 -5.20
CA VAL B 155 36.94 5.11 -5.49
C VAL B 155 35.98 4.61 -6.55
N CYS B 156 34.88 5.31 -6.69
CA CYS B 156 33.88 4.96 -7.66
C CYS B 156 33.79 6.09 -8.66
N GLY B 157 33.05 5.90 -9.73
CA GLY B 157 32.80 6.97 -10.67
C GLY B 157 34.06 7.54 -11.29
N GLU B 158 35.04 6.68 -11.59
CA GLU B 158 36.25 7.12 -12.25
C GLU B 158 36.06 7.41 -13.75
N ILE B 159 35.30 6.54 -14.40
CA ILE B 159 35.10 6.56 -15.83
C ILE B 159 34.29 7.77 -16.28
N ASP B 160 34.47 8.24 -17.50
CA ASP B 160 33.85 9.52 -17.90
C ASP B 160 32.39 9.39 -18.30
N CYS B 161 31.54 8.88 -17.43
CA CYS B 161 30.12 8.84 -17.70
C CYS B 161 29.59 10.12 -17.13
N GLU B 162 28.83 10.91 -17.88
CA GLU B 162 28.39 12.16 -17.29
C GLU B 162 26.92 12.43 -17.49
N PRO B 163 26.27 12.99 -16.47
CA PRO B 163 24.87 13.32 -16.67
C PRO B 163 24.75 14.40 -17.70
N VAL B 164 23.69 14.32 -18.50
CA VAL B 164 23.40 15.31 -19.51
C VAL B 164 21.91 15.34 -19.86
N ASP B 165 21.41 16.52 -20.20
CA ASP B 165 20.05 16.64 -20.68
C ASP B 165 19.06 16.01 -19.71
N GLU B 166 18.38 14.96 -20.15
CA GLU B 166 17.35 14.33 -19.35
C GLU B 166 17.93 13.23 -18.48
N PHE B 167 19.25 13.05 -18.56
CA PHE B 167 19.88 12.04 -17.76
C PHE B 167 20.65 12.68 -16.59
N GLN B 168 20.01 12.75 -15.44
CA GLN B 168 20.60 13.44 -14.31
C GLN B 168 20.53 12.59 -13.06
N GLY B 169 21.34 12.92 -12.07
CA GLY B 169 21.10 12.34 -10.78
C GLY B 169 21.91 11.10 -10.56
N HIS B 170 21.49 10.35 -9.56
CA HIS B 170 22.21 9.21 -9.04
C HIS B 170 22.73 8.27 -10.12
N ASP B 171 21.95 7.98 -11.14
CA ASP B 171 22.39 6.94 -12.08
C ASP B 171 23.53 7.28 -13.02
N TYR B 172 23.69 8.56 -13.36
CA TYR B 172 24.70 8.99 -14.35
C TYR B 172 25.95 9.71 -13.80
N LEU B 173 25.91 10.19 -12.58
CA LEU B 173 27.03 10.88 -11.98
C LEU B 173 28.24 9.96 -12.00
N ALA B 174 29.45 10.52 -12.05
CA ALA B 174 30.64 9.68 -12.06
C ALA B 174 31.78 10.23 -11.23
N GLU B 175 32.52 11.18 -11.77
CA GLU B 175 33.75 11.61 -11.12
C GLU B 175 33.48 12.68 -10.08
N ASP B 176 32.29 13.25 -10.14
CA ASP B 176 31.96 14.28 -9.21
C ASP B 176 31.83 13.62 -7.85
N ILE B 177 31.33 12.38 -7.84
CA ILE B 177 31.15 11.62 -6.62
C ILE B 177 32.29 10.64 -6.38
N GLY B 178 33.31 10.76 -7.22
CA GLY B 178 34.45 9.86 -7.21
C GLY B 178 35.59 10.20 -6.27
N ALA B 179 36.83 10.13 -6.75
CA ALA B 179 38.00 10.37 -5.91
C ALA B 179 38.03 11.77 -5.34
N ARG B 180 37.66 12.78 -6.12
CA ARG B 180 37.72 14.12 -5.59
C ARG B 180 36.81 14.26 -4.39
N TYR B 181 35.76 13.45 -4.31
CA TYR B 181 34.91 13.49 -3.14
C TYR B 181 35.66 12.89 -1.97
N ALA B 182 36.27 11.73 -2.20
CA ALA B 182 36.93 11.02 -1.13
C ALA B 182 38.05 11.86 -0.56
N ILE B 183 38.82 12.52 -1.43
CA ILE B 183 39.92 13.34 -0.94
C ILE B 183 39.38 14.51 -0.17
N SER B 184 38.45 15.28 -0.73
CA SER B 184 37.99 16.47 -0.06
C SER B 184 37.32 16.11 1.27
N HIS B 185 37.12 14.82 1.50
CA HIS B 185 36.45 14.39 2.71
C HIS B 185 37.33 13.43 3.48
N GLY B 186 38.61 13.77 3.52
CA GLY B 186 39.57 13.13 4.39
C GLY B 186 40.60 12.19 3.81
N ALA B 187 40.44 11.76 2.57
CA ALA B 187 41.41 10.85 2.02
C ALA B 187 42.62 11.58 1.54
N ILE B 188 43.25 12.33 2.43
CA ILE B 188 44.40 13.13 2.05
C ILE B 188 45.69 12.54 2.55
N SER B 189 46.71 12.70 1.72
CA SER B 189 48.06 12.24 2.01
C SER B 189 49.06 13.23 1.42
N ASP B 190 50.33 12.97 1.66
CA ASP B 190 51.35 13.84 1.15
C ASP B 190 51.54 13.59 -0.33
N TYR B 191 51.61 12.33 -0.74
CA TYR B 191 51.71 11.98 -2.15
C TYR B 191 50.72 10.88 -2.48
N ALA B 192 50.40 10.72 -3.75
CA ALA B 192 49.46 9.68 -4.11
C ALA B 192 49.85 9.01 -5.40
N LEU B 193 49.78 7.69 -5.38
CA LEU B 193 50.12 6.88 -6.53
C LEU B 193 48.87 6.19 -7.05
N VAL B 194 48.44 6.55 -8.24
CA VAL B 194 47.25 5.97 -8.84
C VAL B 194 47.62 4.73 -9.63
N ALA B 195 47.09 3.57 -9.20
CA ALA B 195 47.48 2.30 -9.79
C ALA B 195 46.56 1.92 -10.95
N GLU B 196 47.10 1.99 -12.16
CA GLU B 196 46.37 1.65 -13.37
C GLU B 196 47.36 1.03 -14.34
N ALA B 197 46.86 0.46 -15.43
CA ALA B 197 47.78 -0.20 -16.36
C ALA B 197 48.43 0.84 -17.28
N THR B 198 49.71 1.09 -17.02
CA THR B 198 50.50 2.04 -17.78
C THR B 198 51.67 1.38 -18.44
N ASN B 199 51.78 0.06 -18.27
CA ASN B 199 52.88 -0.70 -18.85
C ASN B 199 54.18 -0.50 -18.08
N PHE B 200 54.09 -0.35 -16.76
CA PHE B 200 55.28 -0.15 -15.96
C PHE B 200 56.00 1.13 -16.35
N LYS B 201 55.24 2.10 -16.84
CA LYS B 201 55.80 3.36 -17.23
C LYS B 201 55.04 4.39 -16.46
N PRO B 202 55.75 5.26 -15.76
CA PRO B 202 54.96 6.19 -14.97
C PRO B 202 54.77 7.51 -15.68
N ALA B 203 53.63 8.13 -15.45
CA ALA B 203 53.31 9.43 -16.00
C ALA B 203 52.72 10.33 -14.94
N TRP B 204 53.15 11.57 -14.88
CA TRP B 204 52.57 12.53 -13.95
C TRP B 204 51.91 13.71 -14.66
N VAL B 205 51.39 13.47 -15.85
CA VAL B 205 50.52 14.45 -16.48
C VAL B 205 49.34 13.76 -17.10
N GLU B 206 48.18 14.42 -17.13
CA GLU B 206 46.98 13.87 -17.77
C GLU B 206 46.19 15.01 -18.41
N ALA B 207 45.19 14.69 -19.21
CA ALA B 207 44.52 15.74 -19.94
C ALA B 207 43.19 16.04 -19.29
N GLY B 208 42.71 17.26 -19.47
CA GLY B 208 41.41 17.66 -18.98
C GLY B 208 40.42 17.28 -20.05
N LYS B 209 39.22 17.83 -20.04
CA LYS B 209 38.29 17.55 -21.13
C LYS B 209 37.16 18.55 -21.13
N VAL B 210 36.54 18.73 -22.28
CA VAL B 210 35.33 19.52 -22.34
C VAL B 210 34.41 18.78 -23.30
N PHE B 211 33.14 18.71 -22.92
CA PHE B 211 32.15 18.03 -23.69
C PHE B 211 31.24 19.05 -24.28
N LEU B 212 31.03 18.96 -25.57
CA LEU B 212 30.16 19.92 -26.20
C LEU B 212 28.99 19.19 -26.80
N LYS B 213 27.83 19.79 -26.66
CA LYS B 213 26.61 19.34 -27.31
C LYS B 213 26.33 20.28 -28.45
N VAL B 214 26.63 19.87 -29.67
CA VAL B 214 26.42 20.77 -30.80
C VAL B 214 25.06 20.50 -31.39
N THR B 215 24.16 21.46 -31.29
CA THR B 215 22.82 21.28 -31.81
C THR B 215 22.61 22.15 -33.02
N VAL B 216 22.27 21.58 -34.15
CA VAL B 216 22.11 22.38 -35.36
C VAL B 216 20.65 22.48 -35.78
N PHE B 217 20.26 23.68 -36.20
CA PHE B 217 18.87 24.01 -36.50
C PHE B 217 18.67 24.04 -37.99
N ALA B 218 17.51 23.56 -38.40
CA ALA B 218 17.12 23.56 -39.79
C ALA B 218 15.63 23.77 -39.80
N GLY B 219 14.98 23.46 -40.89
CA GLY B 219 13.54 23.48 -40.90
C GLY B 219 13.01 24.16 -42.12
N PRO B 220 11.70 24.34 -42.21
CA PRO B 220 10.70 23.86 -41.25
C PRO B 220 10.30 22.40 -41.45
N SER B 221 9.77 21.79 -40.39
CA SER B 221 9.36 20.40 -40.44
C SER B 221 8.28 20.29 -41.48
N ARG B 222 8.23 19.14 -42.16
CA ARG B 222 7.17 18.87 -43.12
C ARG B 222 6.77 17.41 -43.08
N TYR B 223 5.49 17.15 -43.32
CA TYR B 223 5.01 15.78 -43.36
C TYR B 223 5.76 15.21 -44.55
N THR B 224 6.21 13.97 -44.47
CA THR B 224 7.07 13.43 -45.50
C THR B 224 6.57 13.63 -46.90
N PRO B 225 5.25 13.55 -47.11
CA PRO B 225 4.74 13.78 -48.46
C PRO B 225 4.93 15.18 -48.99
N TYR B 226 5.31 16.13 -48.14
CA TYR B 226 5.46 17.49 -48.62
C TYR B 226 6.91 17.95 -48.58
N VAL B 227 7.83 17.02 -48.31
CA VAL B 227 9.23 17.41 -48.20
C VAL B 227 9.69 17.85 -49.56
N PRO B 228 10.42 18.96 -49.60
CA PRO B 228 10.87 19.53 -50.86
C PRO B 228 12.19 18.95 -51.26
N ARG B 229 12.26 18.38 -52.46
CA ARG B 229 13.53 17.94 -53.03
C ARG B 229 13.48 18.28 -54.51
N PRO B 230 14.64 18.42 -55.15
CA PRO B 230 15.97 18.21 -54.58
C PRO B 230 16.45 19.47 -53.90
N VAL B 231 17.25 19.32 -52.87
CA VAL B 231 17.83 20.44 -52.17
C VAL B 231 19.24 20.07 -51.79
N ALA B 232 20.11 21.08 -51.70
CA ALA B 232 21.48 20.87 -51.30
C ALA B 232 21.52 20.40 -49.86
N ALA B 233 22.52 19.61 -49.52
CA ALA B 233 22.57 19.04 -48.19
C ALA B 233 22.61 20.16 -47.18
N LEU B 234 23.54 21.09 -47.37
CA LEU B 234 23.75 22.16 -46.44
C LEU B 234 22.54 23.03 -46.27
N ASP B 235 21.59 22.91 -47.20
CA ASP B 235 20.37 23.68 -47.08
C ASP B 235 19.16 22.84 -46.73
N SER B 236 19.36 21.56 -46.40
CA SER B 236 18.22 20.68 -46.13
C SER B 236 17.43 21.24 -44.99
N PRO B 237 16.15 20.96 -44.97
CA PRO B 237 15.30 21.36 -43.85
C PRO B 237 15.46 20.32 -42.76
N ASN B 238 15.85 19.12 -43.17
CA ASN B 238 16.06 18.03 -42.25
C ASN B 238 17.37 18.30 -41.56
N ALA B 239 17.32 18.49 -40.27
CA ALA B 239 18.52 18.83 -39.58
C ALA B 239 19.48 17.65 -39.55
N ILE B 240 18.99 16.44 -39.77
CA ILE B 240 19.90 15.29 -39.77
C ILE B 240 20.82 15.42 -40.93
N VAL B 241 20.33 16.01 -42.00
CA VAL B 241 21.13 16.11 -43.22
C VAL B 241 22.23 17.13 -43.03
N ARG B 242 21.90 18.30 -42.52
CA ARG B 242 22.94 19.27 -42.26
C ARG B 242 23.93 18.72 -41.26
N MET B 243 23.45 17.95 -40.29
CA MET B 243 24.33 17.39 -39.29
C MET B 243 25.32 16.46 -39.97
N ALA B 244 24.89 15.80 -41.03
CA ALA B 244 25.78 14.88 -41.75
C ALA B 244 26.95 15.63 -42.30
N LYS B 245 26.69 16.82 -42.82
CA LYS B 245 27.76 17.66 -43.33
C LYS B 245 28.64 18.20 -42.23
N LEU B 246 28.02 18.69 -41.16
CA LEU B 246 28.75 19.30 -40.07
C LEU B 246 29.58 18.29 -39.35
N VAL B 247 29.12 17.04 -39.36
CA VAL B 247 29.89 15.99 -38.73
C VAL B 247 31.17 15.76 -39.51
N GLU B 248 31.10 15.81 -40.83
CA GLU B 248 32.30 15.59 -41.60
C GLU B 248 33.27 16.77 -41.47
N ALA B 249 32.74 17.98 -41.35
CA ALA B 249 33.60 19.13 -41.13
C ALA B 249 34.37 18.97 -39.83
N LEU B 250 33.67 18.59 -38.78
CA LEU B 250 34.27 18.50 -37.46
C LEU B 250 35.32 17.43 -37.39
N GLU B 251 35.17 16.41 -38.23
CA GLU B 251 36.11 15.31 -38.26
C GLU B 251 37.49 15.73 -38.76
N GLU B 252 37.53 16.67 -39.68
CA GLU B 252 38.79 17.19 -40.17
C GLU B 252 39.41 18.16 -39.16
N TRP B 253 38.57 18.97 -38.54
CA TRP B 253 39.02 19.85 -37.49
C TRP B 253 39.63 19.05 -36.34
N ALA B 254 39.02 17.91 -36.06
CA ALA B 254 39.50 17.01 -35.04
C ALA B 254 40.86 16.44 -35.40
N ASP B 255 41.10 16.18 -36.68
CA ASP B 255 42.37 15.60 -37.11
C ASP B 255 43.49 16.57 -36.79
N ASN B 256 43.24 17.85 -37.06
CA ASN B 256 44.21 18.89 -36.76
C ASN B 256 44.29 19.27 -35.30
N TYR B 257 43.18 19.20 -34.60
CA TYR B 257 43.18 19.61 -33.21
C TYR B 257 44.25 18.86 -32.44
N GLU B 258 44.38 17.56 -32.63
CA GLU B 258 45.36 16.85 -31.81
C GLU B 258 46.76 17.29 -32.17
N LYS B 259 47.02 17.52 -33.46
CA LYS B 259 48.34 17.96 -33.87
C LYS B 259 48.65 19.35 -33.35
N ARG B 260 47.73 20.28 -33.49
CA ARG B 260 47.97 21.62 -33.02
C ARG B 260 48.12 21.72 -31.51
N TYR B 261 47.39 20.92 -30.75
CA TYR B 261 47.41 21.06 -29.29
C TYR B 261 48.30 20.05 -28.58
N THR B 262 49.08 19.28 -29.33
CA THR B 262 50.05 18.44 -28.68
C THR B 262 51.06 19.29 -27.93
N ARG B 263 51.32 18.93 -26.67
CA ARG B 263 52.23 19.66 -25.81
C ARG B 263 53.12 18.69 -25.07
N GLU B 264 54.39 19.05 -24.90
CA GLU B 264 55.30 18.19 -24.17
C GLU B 264 55.42 18.70 -22.75
N TYR B 265 55.32 17.80 -21.76
CA TYR B 265 55.41 18.17 -20.35
C TYR B 265 56.44 17.27 -19.68
N GLY B 266 56.84 17.62 -18.47
CA GLY B 266 57.82 16.80 -17.79
C GLY B 266 57.27 15.41 -17.59
N GLY B 267 56.01 15.35 -17.16
CA GLY B 267 55.32 14.10 -16.90
C GLY B 267 55.06 13.22 -18.10
N GLY B 268 54.88 13.82 -19.27
CA GLY B 268 54.71 13.04 -20.48
C GLY B 268 54.38 13.97 -21.62
N THR B 269 54.00 13.43 -22.77
CA THR B 269 53.58 14.28 -23.87
C THR B 269 52.10 14.10 -24.15
N VAL B 270 51.36 15.20 -24.10
CA VAL B 270 49.91 15.19 -24.17
C VAL B 270 49.44 15.37 -25.58
N VAL B 271 48.80 14.33 -26.09
CA VAL B 271 48.14 14.41 -27.39
C VAL B 271 46.64 14.40 -27.19
N PRO B 272 46.01 15.57 -27.23
CA PRO B 272 44.61 15.59 -26.89
C PRO B 272 43.73 15.32 -28.09
N LYS B 273 43.02 14.19 -28.09
CA LYS B 273 42.17 13.82 -29.21
C LYS B 273 40.70 14.22 -29.07
N VAL B 274 39.95 14.07 -30.16
CA VAL B 274 38.51 14.34 -30.21
C VAL B 274 37.69 13.16 -30.74
N ALA B 275 36.44 13.05 -30.33
CA ALA B 275 35.56 12.01 -30.82
C ALA B 275 34.11 12.45 -30.75
N ILE B 276 33.28 11.98 -31.66
CA ILE B 276 31.87 12.29 -31.56
C ILE B 276 31.18 11.08 -30.96
N GLY B 277 30.95 11.10 -29.65
CA GLY B 277 30.43 9.97 -28.92
C GLY B 277 28.98 9.56 -29.12
N ALA B 278 28.15 10.52 -29.49
CA ALA B 278 26.75 10.24 -29.65
C ALA B 278 26.04 11.20 -30.58
N ILE B 279 24.96 10.72 -31.17
CA ILE B 279 24.13 11.53 -32.05
C ILE B 279 22.70 11.16 -31.80
N ARG B 280 21.82 12.13 -32.01
CA ARG B 280 20.42 11.84 -31.92
C ARG B 280 19.60 13.03 -32.41
N GLY B 281 18.68 12.78 -33.33
CA GLY B 281 17.81 13.82 -33.84
C GLY B 281 16.48 13.20 -34.11
N GLY B 282 15.40 13.88 -33.76
CA GLY B 282 14.08 13.30 -33.92
C GLY B 282 13.94 12.10 -33.02
N VAL B 283 12.76 11.50 -33.02
CA VAL B 283 12.53 10.33 -32.19
C VAL B 283 12.07 9.15 -33.01
N PRO B 284 12.63 7.97 -32.72
CA PRO B 284 12.44 6.79 -33.55
C PRO B 284 10.99 6.34 -33.68
N TYR B 285 10.09 6.89 -32.87
CA TYR B 285 8.72 6.41 -32.85
C TYR B 285 7.74 7.41 -33.43
N LYS B 286 8.24 8.51 -33.99
CA LYS B 286 7.43 9.43 -34.78
C LYS B 286 8.28 10.09 -35.86
N ILE B 287 8.51 9.33 -36.93
CA ILE B 287 9.45 9.71 -37.95
C ILE B 287 8.77 10.31 -39.16
N TYR B 288 7.45 10.43 -39.11
CA TYR B 288 6.72 10.96 -40.25
C TYR B 288 7.09 12.40 -40.52
N ARG B 289 7.65 13.06 -39.52
CA ARG B 289 8.15 14.41 -39.70
C ARG B 289 9.63 14.53 -39.37
N PHE B 290 10.45 14.96 -40.33
CA PHE B 290 11.87 15.05 -40.02
C PHE B 290 12.08 16.17 -39.01
N PRO B 291 13.23 16.16 -38.33
CA PRO B 291 13.39 17.05 -37.20
C PRO B 291 14.01 18.36 -37.60
N GLU B 292 13.64 19.42 -36.92
CA GLU B 292 14.18 20.75 -37.15
C GLU B 292 15.46 20.94 -36.40
N LEU B 293 15.92 19.92 -35.70
CA LEU B 293 17.15 20.02 -34.97
C LEU B 293 17.70 18.64 -34.67
N CYS B 294 19.02 18.52 -34.76
CA CYS B 294 19.71 17.28 -34.48
C CYS B 294 20.90 17.65 -33.65
N SER B 295 21.30 16.79 -32.71
CA SER B 295 22.36 17.14 -31.80
C SER B 295 23.44 16.11 -31.74
N ILE B 296 24.67 16.53 -31.53
CA ILE B 296 25.75 15.56 -31.34
C ILE B 296 26.50 15.90 -30.08
N TYR B 297 27.07 14.88 -29.47
CA TYR B 297 27.78 15.05 -28.23
C TYR B 297 29.22 14.71 -28.47
N MET B 298 30.11 15.69 -28.24
CA MET B 298 31.52 15.53 -28.58
C MET B 298 32.37 15.45 -27.37
N ASP B 299 33.39 14.63 -27.44
CA ASP B 299 34.33 14.50 -26.34
C ASP B 299 35.62 15.11 -26.78
N ILE B 300 35.95 16.29 -26.25
CA ILE B 300 37.18 16.96 -26.60
C ILE B 300 38.15 17.03 -25.44
N ARG B 301 39.30 16.40 -25.58
CA ARG B 301 40.29 16.43 -24.53
C ARG B 301 41.09 17.71 -24.56
N LEU B 302 41.61 18.12 -23.41
CA LEU B 302 42.37 19.36 -23.31
C LEU B 302 43.73 19.08 -22.70
N ASN B 303 44.77 19.74 -23.17
CA ASN B 303 46.03 19.62 -22.46
C ASN B 303 45.89 20.51 -21.25
N PRO B 304 46.79 20.38 -20.28
CA PRO B 304 46.59 21.14 -19.07
C PRO B 304 46.53 22.62 -19.29
N ASP B 305 47.02 23.11 -20.41
CA ASP B 305 47.04 24.55 -20.60
C ASP B 305 46.02 25.09 -21.58
N THR B 306 45.04 24.31 -21.99
CA THR B 306 44.02 24.85 -22.89
C THR B 306 42.76 25.24 -22.11
N ASN B 307 42.20 26.38 -22.44
CA ASN B 307 40.96 26.85 -21.87
C ASN B 307 39.77 26.40 -22.67
N PRO B 308 38.79 25.77 -22.03
CA PRO B 308 37.69 25.17 -22.79
C PRO B 308 36.89 26.17 -23.63
N LEU B 309 36.88 27.44 -23.24
CA LEU B 309 36.17 28.44 -24.00
C LEU B 309 36.75 28.64 -25.40
N VAL B 310 38.05 28.44 -25.51
CA VAL B 310 38.69 28.54 -26.81
C VAL B 310 38.16 27.46 -27.73
N VAL B 311 38.25 26.24 -27.24
CA VAL B 311 37.84 25.10 -28.03
C VAL B 311 36.40 25.24 -28.41
N GLN B 312 35.57 25.77 -27.52
CA GLN B 312 34.17 26.01 -27.87
C GLN B 312 34.09 27.01 -29.01
N ARG B 313 34.87 28.08 -28.88
CA ARG B 313 34.86 29.13 -29.87
C ARG B 313 35.40 28.60 -31.18
N GLU B 314 36.30 27.63 -31.11
CA GLU B 314 36.84 26.97 -32.29
C GLU B 314 35.75 26.22 -33.02
N VAL B 315 35.02 25.38 -32.30
CA VAL B 315 33.95 24.59 -32.89
C VAL B 315 32.81 25.48 -33.34
N GLU B 316 32.58 26.57 -32.62
CA GLU B 316 31.57 27.53 -33.01
C GLU B 316 31.93 28.03 -34.39
N ALA B 317 33.24 28.14 -34.62
CA ALA B 317 33.82 28.60 -35.89
C ALA B 317 33.63 27.63 -37.03
N VAL B 318 33.83 26.36 -36.74
CA VAL B 318 33.69 25.31 -37.74
C VAL B 318 32.27 25.35 -38.26
N VAL B 319 31.35 25.67 -37.38
CA VAL B 319 29.95 25.81 -37.72
C VAL B 319 29.69 27.03 -38.58
N SER B 320 30.30 28.13 -38.21
CA SER B 320 30.08 29.38 -38.91
C SER B 320 30.61 29.33 -40.33
N LYS B 321 31.71 28.60 -40.53
CA LYS B 321 32.33 28.47 -41.83
C LYS B 321 31.44 27.75 -42.87
N LEU B 322 30.49 26.93 -42.44
CA LEU B 322 29.60 26.17 -43.34
C LEU B 322 28.32 26.96 -43.52
N GLY B 323 28.25 28.09 -42.83
CA GLY B 323 27.10 28.96 -42.90
C GLY B 323 25.91 28.40 -42.15
N LEU B 324 26.19 27.48 -41.24
CA LEU B 324 25.17 26.79 -40.46
C LEU B 324 24.81 27.58 -39.20
N LYS B 325 23.59 27.38 -38.73
CA LYS B 325 23.19 27.96 -37.47
C LYS B 325 23.09 26.85 -36.46
N ALA B 326 23.80 26.99 -35.34
CA ALA B 326 23.82 25.94 -34.33
C ALA B 326 24.08 26.48 -32.95
N GLU B 327 23.86 25.63 -31.96
CA GLU B 327 24.10 26.00 -30.59
C GLU B 327 25.19 25.11 -30.06
N VAL B 328 26.34 25.70 -29.78
CA VAL B 328 27.43 24.93 -29.20
C VAL B 328 27.42 25.19 -27.72
N LYS B 329 27.04 24.19 -26.93
CA LYS B 329 26.98 24.38 -25.50
C LYS B 329 27.67 23.24 -24.80
N PRO B 330 28.56 23.57 -23.89
CA PRO B 330 29.41 22.67 -23.15
C PRO B 330 28.69 22.21 -21.92
N PHE B 331 28.72 20.93 -21.67
CA PHE B 331 28.05 20.39 -20.53
C PHE B 331 29.01 19.65 -19.65
N LEU B 332 30.30 19.74 -19.95
CA LEU B 332 31.30 19.19 -19.05
C LEU B 332 32.68 19.84 -19.19
N PHE B 333 33.31 20.11 -18.07
CA PHE B 333 34.63 20.70 -18.07
C PHE B 333 35.42 20.22 -16.89
N ARG B 334 36.59 19.68 -17.16
CA ARG B 334 37.46 19.21 -16.12
C ARG B 334 38.84 19.67 -16.52
N ARG B 335 39.76 19.83 -15.56
CA ARG B 335 41.06 20.37 -15.89
C ARG B 335 42.09 19.28 -15.79
N GLY B 336 43.12 19.40 -16.61
CA GLY B 336 44.19 18.44 -16.62
C GLY B 336 45.39 19.03 -15.93
N TYR B 337 46.16 18.20 -15.27
CA TYR B 337 47.25 18.70 -14.49
C TYR B 337 48.58 18.00 -14.73
N GLU B 338 49.66 18.73 -14.51
CA GLU B 338 50.96 18.11 -14.38
C GLU B 338 51.38 18.17 -12.95
N ALA B 339 51.99 17.10 -12.46
CA ALA B 339 52.36 17.04 -11.07
C ALA B 339 53.42 18.09 -10.75
N GLN B 340 53.34 18.71 -9.58
CA GLN B 340 54.38 19.61 -9.15
C GLN B 340 54.96 19.12 -7.85
N GLY B 341 56.27 19.09 -7.73
CA GLY B 341 56.82 18.63 -6.48
C GLY B 341 56.78 17.13 -6.42
N ILE B 342 56.78 16.53 -7.60
CA ILE B 342 56.65 15.09 -7.76
C ILE B 342 57.91 14.31 -7.41
N GLU B 343 59.04 15.01 -7.26
CA GLU B 343 60.35 14.38 -7.29
C GLU B 343 60.51 13.27 -6.26
N PRO B 344 60.07 13.49 -5.03
CA PRO B 344 60.22 12.46 -4.01
C PRO B 344 59.55 11.15 -4.39
N LEU B 345 58.34 11.19 -4.95
CA LEU B 345 57.61 10.00 -5.37
C LEU B 345 58.23 9.35 -6.60
N GLN B 346 58.64 10.17 -7.54
CA GLN B 346 59.26 9.69 -8.76
C GLN B 346 60.52 8.96 -8.42
N ASN B 347 61.30 9.56 -7.53
CA ASN B 347 62.55 8.95 -7.13
C ASN B 347 62.32 7.66 -6.37
N ALA B 348 61.40 7.68 -5.42
CA ALA B 348 61.13 6.46 -4.67
C ALA B 348 60.64 5.42 -5.65
N LEU B 349 59.79 5.85 -6.56
CA LEU B 349 59.25 4.93 -7.54
C LEU B 349 60.33 4.32 -8.38
N GLU B 350 61.27 5.15 -8.80
CA GLU B 350 62.31 4.70 -9.69
C GLU B 350 63.27 3.69 -9.09
N VAL B 351 63.65 3.91 -7.83
CA VAL B 351 64.57 3.00 -7.17
C VAL B 351 64.00 1.59 -7.09
N ALA B 352 62.73 1.52 -6.72
CA ALA B 352 62.00 0.27 -6.60
C ALA B 352 61.80 -0.39 -7.94
N HIS B 353 61.44 0.39 -8.94
CA HIS B 353 61.23 -0.18 -10.24
C HIS B 353 62.50 -0.84 -10.73
N ARG B 354 63.63 -0.14 -10.61
CA ARG B 354 64.91 -0.65 -11.10
C ARG B 354 65.28 -1.91 -10.35
N GLU B 355 64.93 -1.98 -9.08
CA GLU B 355 65.26 -3.17 -8.32
C GLU B 355 64.45 -4.38 -8.75
N VAL B 356 63.18 -4.16 -9.07
CA VAL B 356 62.27 -5.24 -9.39
C VAL B 356 62.16 -5.55 -10.87
N VAL B 357 61.85 -4.54 -11.68
CA VAL B 357 61.76 -4.75 -13.12
C VAL B 357 63.13 -4.99 -13.76
N GLY B 358 64.15 -4.30 -13.25
CA GLY B 358 65.53 -4.49 -13.67
C GLY B 358 66.11 -3.48 -14.67
N ARG B 359 65.34 -2.47 -15.07
CA ARG B 359 65.80 -1.48 -16.04
C ARG B 359 65.19 -0.11 -15.77
N PRO B 360 65.70 0.95 -16.40
CA PRO B 360 65.13 2.28 -16.12
C PRO B 360 63.68 2.40 -16.53
N THR B 361 62.96 3.34 -15.92
CA THR B 361 61.60 3.59 -16.33
C THR B 361 61.65 4.42 -17.60
N GLU B 362 60.70 4.20 -18.51
CA GLU B 362 60.64 4.98 -19.75
C GLU B 362 59.40 5.86 -19.91
N ARG B 363 59.50 6.85 -20.77
CA ARG B 363 58.38 7.77 -20.97
C ARG B 363 57.15 6.99 -21.41
N PRO B 364 55.99 7.30 -20.84
CA PRO B 364 54.80 6.53 -21.20
C PRO B 364 54.30 6.92 -22.57
N GLY B 365 53.41 6.13 -23.15
CA GLY B 365 52.85 6.46 -24.45
C GLY B 365 51.90 7.63 -24.31
N SER B 366 51.71 8.38 -25.38
CA SER B 366 50.92 9.59 -25.26
C SER B 366 49.50 9.37 -24.79
N PRO B 367 48.87 8.25 -25.16
CA PRO B 367 47.48 8.13 -24.73
C PRO B 367 47.37 8.12 -23.21
N GLU B 368 48.29 7.43 -22.56
CA GLU B 368 48.26 7.29 -21.13
C GLU B 368 48.49 8.64 -20.46
N CYS B 369 48.99 9.61 -21.21
CA CYS B 369 49.11 10.96 -20.69
C CYS B 369 48.07 11.91 -21.23
N SER B 370 47.13 11.39 -22.02
CA SER B 370 46.16 12.25 -22.65
C SER B 370 44.74 11.82 -22.34
N MET B 371 44.56 11.22 -21.16
CA MET B 371 43.27 10.70 -20.74
C MET B 371 42.90 11.27 -19.39
N TRP B 372 41.94 10.63 -18.74
CA TRP B 372 41.59 10.98 -17.37
C TRP B 372 42.03 9.89 -16.42
N ARG B 373 42.77 10.27 -15.39
CA ARG B 373 43.15 9.34 -14.35
C ARG B 373 42.94 10.05 -13.04
N ASP B 374 42.77 9.34 -11.94
CA ASP B 374 42.38 10.06 -10.75
C ASP B 374 43.56 10.81 -10.17
N THR B 375 44.60 10.97 -10.96
CA THR B 375 45.70 11.79 -10.50
C THR B 375 45.28 13.23 -10.62
N ASN B 376 44.43 13.55 -11.59
CA ASN B 376 44.04 14.95 -11.74
C ASN B 376 43.41 15.57 -10.49
N PRO B 377 42.53 14.83 -9.80
CA PRO B 377 41.97 15.34 -8.54
C PRO B 377 43.05 15.55 -7.46
N TYR B 378 43.97 14.62 -7.33
CA TYR B 378 44.99 14.76 -6.33
C TYR B 378 45.79 15.99 -6.62
N ASN B 379 46.23 16.11 -7.86
CA ASN B 379 47.07 17.22 -8.22
C ASN B 379 46.29 18.50 -8.05
N GLU B 380 45.02 18.44 -8.40
CA GLU B 380 44.17 19.61 -8.30
C GLU B 380 44.21 20.11 -6.89
N LEU B 381 44.33 19.19 -5.94
CA LEU B 381 44.34 19.56 -4.53
C LEU B 381 45.74 19.53 -3.88
N GLY B 382 46.79 19.56 -4.70
CA GLY B 382 48.13 19.67 -4.17
C GLY B 382 48.70 18.40 -3.58
N ILE B 383 48.16 17.27 -3.96
CA ILE B 383 48.82 16.06 -3.55
C ILE B 383 49.48 15.53 -4.80
N PRO B 384 50.80 15.65 -4.88
CA PRO B 384 51.56 15.24 -6.05
C PRO B 384 51.19 13.82 -6.41
N SER B 385 50.81 13.58 -7.65
CA SER B 385 50.44 12.23 -8.00
C SER B 385 50.85 11.81 -9.39
N LEU B 386 51.20 10.55 -9.52
CA LEU B 386 51.56 9.98 -10.80
C LEU B 386 50.87 8.62 -10.87
N THR B 387 50.77 8.07 -12.08
CA THR B 387 50.07 6.82 -12.29
C THR B 387 51.03 5.77 -12.79
N TYR B 388 50.98 4.59 -12.19
CA TYR B 388 51.88 3.52 -12.57
C TYR B 388 51.35 2.16 -12.17
N GLY B 389 51.35 1.24 -13.12
CA GLY B 389 50.90 -0.11 -12.86
C GLY B 389 51.27 -0.96 -14.05
N CYS B 390 51.11 -2.27 -13.92
CA CYS B 390 51.47 -3.19 -15.00
C CYS B 390 50.39 -3.41 -16.06
N GLY B 391 50.78 -4.06 -17.15
CA GLY B 391 49.87 -4.42 -18.24
C GLY B 391 49.63 -3.26 -19.19
N GLY B 392 48.82 -3.46 -20.22
CA GLY B 392 48.56 -2.42 -21.20
C GLY B 392 47.15 -1.85 -21.14
N GLY B 393 47.00 -0.58 -21.49
CA GLY B 393 45.75 0.15 -21.24
C GLY B 393 44.48 -0.45 -21.79
N ALA B 394 43.41 -0.38 -20.99
CA ALA B 394 42.10 -0.93 -21.34
C ALA B 394 41.45 -0.21 -22.53
N GLY B 395 41.68 1.08 -22.67
CA GLY B 395 41.18 1.84 -23.80
C GLY B 395 41.80 1.44 -25.15
N GLY B 396 42.92 0.72 -25.10
CA GLY B 396 43.67 0.36 -26.28
C GLY B 396 42.95 -0.54 -27.28
N GLY B 397 42.39 -1.68 -26.85
CA GLY B 397 42.40 -2.09 -25.46
C GLY B 397 42.90 -3.51 -25.15
N ASN B 398 43.78 -3.62 -24.16
CA ASN B 398 44.30 -4.90 -23.74
C ASN B 398 43.18 -5.64 -23.00
N THR B 399 43.32 -6.95 -22.92
CA THR B 399 42.28 -7.80 -22.35
C THR B 399 42.78 -8.75 -21.25
N TYR B 400 44.02 -8.60 -20.84
CA TYR B 400 44.57 -9.47 -19.79
C TYR B 400 45.81 -8.94 -19.05
N PHE B 401 46.16 -9.57 -17.95
CA PHE B 401 47.33 -9.22 -17.15
C PHE B 401 48.16 -10.47 -16.92
N LEU B 402 49.45 -10.32 -16.69
CA LEU B 402 50.31 -11.47 -16.41
C LEU B 402 50.57 -11.58 -14.92
N VAL B 403 50.31 -12.73 -14.35
CA VAL B 403 50.42 -12.86 -12.89
C VAL B 403 51.77 -12.45 -12.34
N ASP B 404 52.81 -12.63 -13.14
CA ASP B 404 54.16 -12.24 -12.74
C ASP B 404 54.31 -10.72 -12.63
N ASP B 405 53.80 -10.01 -13.64
CA ASP B 405 53.86 -8.55 -13.68
C ASP B 405 53.14 -7.94 -12.48
N MET B 406 51.95 -8.45 -12.25
CA MET B 406 51.11 -8.02 -11.17
C MET B 406 51.81 -8.29 -9.86
N LEU B 407 52.48 -9.43 -9.77
CA LEU B 407 53.24 -9.72 -8.59
C LEU B 407 54.41 -8.75 -8.44
N LYS B 408 55.02 -8.37 -9.56
CA LYS B 408 56.11 -7.42 -9.50
C LYS B 408 55.55 -6.09 -8.99
N ALA B 409 54.44 -5.67 -9.59
CA ALA B 409 53.81 -4.39 -9.30
C ALA B 409 53.51 -4.26 -7.82
N ALA B 410 53.16 -5.37 -7.18
CA ALA B 410 52.96 -5.36 -5.74
C ALA B 410 54.27 -5.12 -5.01
N LYS B 411 55.36 -5.60 -5.58
CA LYS B 411 56.67 -5.43 -4.96
C LYS B 411 57.09 -3.98 -5.02
N VAL B 412 56.89 -3.38 -6.20
CA VAL B 412 57.24 -1.99 -6.44
C VAL B 412 56.43 -1.04 -5.57
N TYR B 413 55.13 -1.27 -5.47
CA TYR B 413 54.27 -0.44 -4.63
C TYR B 413 54.77 -0.53 -3.21
N ALA B 414 55.01 -1.75 -2.78
CA ALA B 414 55.43 -2.01 -1.41
C ALA B 414 56.73 -1.31 -1.12
N MET B 415 57.69 -1.48 -2.03
CA MET B 415 58.99 -0.89 -1.81
C MET B 415 58.90 0.63 -1.82
N THR B 416 58.10 1.17 -2.72
CA THR B 416 57.92 2.61 -2.80
C THR B 416 57.43 3.20 -1.52
N ALA B 417 56.47 2.51 -0.92
CA ALA B 417 55.91 2.93 0.33
C ALA B 417 56.96 2.95 1.45
N MET B 418 57.80 1.93 1.51
CA MET B 418 58.82 1.82 2.56
C MET B 418 59.86 2.94 2.51
N ASP B 419 60.22 3.35 1.30
CA ASP B 419 61.17 4.44 1.10
C ASP B 419 60.54 5.76 1.52
N LEU B 420 59.50 6.12 0.77
CA LEU B 420 58.84 7.40 0.85
C LEU B 420 58.22 7.69 2.19
N CYS B 421 57.58 6.70 2.79
CA CYS B 421 56.90 6.89 4.04
C CYS B 421 57.85 7.13 5.17
N ASN B 422 59.13 6.91 4.89
CA ASN B 422 60.14 7.13 5.91
C ASN B 422 60.94 8.38 5.63
N ARG B 423 60.37 9.26 4.83
CA ARG B 423 60.98 10.54 4.54
C ARG B 423 60.16 11.54 5.29
N THR B 424 60.77 12.56 5.85
CA THR B 424 60.01 13.50 6.64
C THR B 424 59.63 14.64 5.74
N PRO B 425 58.38 15.06 5.83
CA PRO B 425 57.84 16.09 4.95
C PRO B 425 58.26 17.48 5.38
N ASP C 6 13.08 -31.89 56.33
CA ASP C 6 12.70 -31.36 55.02
C ASP C 6 13.87 -30.82 54.20
N VAL C 7 14.72 -30.02 54.83
CA VAL C 7 15.65 -29.20 54.08
C VAL C 7 16.59 -30.09 53.27
N ALA C 8 16.89 -31.25 53.81
CA ALA C 8 17.81 -32.18 53.16
C ALA C 8 17.30 -32.75 51.83
N LYS C 9 15.98 -32.90 51.68
CA LYS C 9 15.41 -33.43 50.43
C LYS C 9 15.65 -32.44 49.31
N VAL C 10 15.33 -31.19 49.61
CA VAL C 10 15.42 -30.12 48.66
C VAL C 10 16.88 -29.90 48.29
N MET C 11 17.76 -30.01 49.28
CA MET C 11 19.18 -29.81 49.02
C MET C 11 19.72 -30.85 48.03
N LYS C 12 19.40 -32.12 48.24
CA LYS C 12 19.84 -33.18 47.32
C LYS C 12 19.21 -32.99 45.95
N THR C 13 17.97 -32.54 45.95
CA THR C 13 17.26 -32.27 44.71
C THR C 13 17.96 -31.22 43.89
N LEU C 14 18.44 -30.19 44.55
CA LEU C 14 19.12 -29.10 43.87
C LEU C 14 20.39 -29.62 43.21
N ASP C 15 21.05 -30.58 43.84
CA ASP C 15 22.19 -31.25 43.22
C ASP C 15 21.72 -32.02 41.98
N GLY C 16 20.44 -32.37 41.98
CA GLY C 16 19.81 -33.02 40.86
C GLY C 16 19.73 -32.13 39.63
N MET C 17 19.74 -30.81 39.83
CA MET C 17 19.55 -29.89 38.73
C MET C 17 20.74 -28.97 38.44
N ARG C 18 21.96 -29.40 38.75
CA ARG C 18 23.11 -28.53 38.53
C ARG C 18 23.23 -28.19 37.04
N GLU C 19 23.06 -29.19 36.17
CA GLU C 19 23.12 -28.90 34.75
C GLU C 19 21.96 -28.01 34.33
N GLY C 20 20.78 -28.33 34.84
CA GLY C 20 19.59 -27.58 34.53
C GLY C 20 19.81 -26.16 34.98
N LEU C 21 20.56 -26.02 36.08
CA LEU C 21 20.94 -24.72 36.54
C LEU C 21 21.88 -24.06 35.52
N ILE C 22 22.89 -24.80 35.06
CA ILE C 22 23.85 -24.24 34.11
C ILE C 22 23.20 -23.94 32.79
N GLN C 23 22.37 -24.87 32.34
CA GLN C 23 21.75 -24.74 31.05
C GLN C 23 20.93 -23.48 31.01
N THR C 24 20.07 -23.35 32.01
CA THR C 24 19.14 -22.24 32.05
C THR C 24 19.87 -20.93 32.06
N ALA C 25 21.03 -20.90 32.71
CA ALA C 25 21.79 -19.68 32.74
C ALA C 25 22.34 -19.30 31.36
N VAL C 26 22.99 -20.24 30.67
CA VAL C 26 23.62 -19.93 29.38
C VAL C 26 22.56 -19.66 28.34
N GLU C 27 21.52 -20.47 28.38
CA GLU C 27 20.40 -20.34 27.47
C GLU C 27 19.85 -18.94 27.58
N LEU C 28 19.75 -18.50 28.83
CA LEU C 28 19.29 -17.17 29.15
C LEU C 28 20.36 -16.15 28.81
N GLY C 29 21.61 -16.50 29.09
CA GLY C 29 22.72 -15.62 28.83
C GLY C 29 22.86 -15.35 27.35
N SER C 30 22.48 -16.33 26.54
CA SER C 30 22.63 -16.23 25.11
C SER C 30 21.73 -15.19 24.45
N ILE C 31 20.53 -14.99 25.00
CA ILE C 31 19.60 -14.06 24.42
C ILE C 31 20.06 -12.61 24.49
N GLU C 32 19.98 -11.93 23.36
CA GLU C 32 20.43 -10.55 23.29
C GLU C 32 19.31 -9.76 23.91
N ALA C 33 19.58 -9.11 25.03
CA ALA C 33 18.51 -8.44 25.73
C ALA C 33 18.88 -7.12 26.37
N PRO C 34 19.47 -6.21 25.62
CA PRO C 34 19.73 -4.90 26.21
C PRO C 34 18.43 -4.19 26.56
N THR C 35 18.49 -3.21 27.45
CA THR C 35 17.30 -2.46 27.83
C THR C 35 16.72 -1.88 26.58
N GLY C 36 15.43 -2.14 26.36
CA GLY C 36 14.77 -1.75 25.13
C GLY C 36 14.42 -2.93 24.23
N ARG C 37 15.05 -4.07 24.47
CA ARG C 37 14.81 -5.27 23.68
C ARG C 37 14.67 -6.53 24.53
N GLU C 38 14.19 -6.36 25.77
CA GLU C 38 14.12 -7.44 26.77
C GLU C 38 13.10 -8.50 26.38
N GLY C 39 12.33 -8.23 25.34
CA GLY C 39 11.21 -9.06 24.99
C GLY C 39 11.54 -10.50 24.70
N ALA C 40 12.62 -10.69 23.97
CA ALA C 40 13.00 -12.02 23.53
C ALA C 40 13.26 -12.90 24.73
N ALA C 41 13.90 -12.31 25.73
CA ALA C 41 14.24 -13.03 26.95
C ALA C 41 13.01 -13.24 27.82
N GLY C 42 12.08 -12.31 27.81
CA GLY C 42 10.89 -12.43 28.63
C GLY C 42 10.09 -13.64 28.17
N ASP C 43 10.00 -13.78 26.86
CA ASP C 43 9.31 -14.90 26.26
C ASP C 43 9.97 -16.18 26.71
N TYR C 44 11.28 -16.16 26.83
CA TYR C 44 11.99 -17.37 27.22
C TYR C 44 11.60 -17.78 28.61
N VAL C 45 11.56 -16.83 29.52
CA VAL C 45 11.24 -17.10 30.91
C VAL C 45 9.78 -17.49 31.09
N TYR C 46 8.91 -16.89 30.29
CA TYR C 46 7.49 -17.22 30.35
C TYR C 46 7.27 -18.68 30.01
N GLU C 47 7.89 -19.13 28.95
CA GLU C 47 7.70 -20.51 28.56
C GLU C 47 8.34 -21.43 29.56
N TRP C 48 9.48 -21.02 30.10
CA TRP C 48 10.12 -21.82 31.13
C TRP C 48 9.21 -21.94 32.33
N MET C 49 8.61 -20.82 32.71
CA MET C 49 7.77 -20.80 33.89
C MET C 49 6.50 -21.61 33.66
N ALA C 50 5.92 -21.51 32.47
CA ALA C 50 4.70 -22.25 32.14
C ALA C 50 5.00 -23.74 32.06
N ARG C 51 6.13 -24.06 31.44
CA ARG C 51 6.58 -25.42 31.26
C ARG C 51 6.63 -26.14 32.60
N ASN C 52 6.91 -25.39 33.66
CA ASN C 52 7.02 -25.94 35.02
C ASN C 52 5.80 -25.70 35.91
N GLY C 53 4.73 -25.16 35.35
CA GLY C 53 3.50 -25.08 36.10
C GLY C 53 3.38 -23.94 37.08
N PHE C 54 4.21 -22.91 36.90
CA PHE C 54 4.11 -21.74 37.76
C PHE C 54 3.13 -20.75 37.17
N GLY C 55 2.53 -21.14 36.04
CA GLY C 55 1.43 -20.39 35.46
C GLY C 55 1.65 -18.91 35.38
N PRO C 56 2.60 -18.48 34.54
CA PRO C 56 3.02 -17.10 34.46
C PRO C 56 2.02 -16.19 33.79
N GLU C 57 2.26 -14.90 33.90
CA GLU C 57 1.44 -13.87 33.31
C GLU C 57 2.39 -12.81 32.78
N ARG C 58 2.01 -12.09 31.73
CA ARG C 58 2.89 -11.04 31.27
C ARG C 58 2.33 -9.70 31.66
N VAL C 59 3.07 -9.00 32.50
CA VAL C 59 2.64 -7.69 32.94
C VAL C 59 3.61 -6.70 32.34
N GLY C 60 3.11 -5.86 31.44
CA GLY C 60 3.97 -4.87 30.82
C GLY C 60 3.21 -3.80 30.12
N VAL C 61 3.88 -2.68 29.90
CA VAL C 61 3.30 -1.55 29.18
C VAL C 61 3.23 -1.80 27.69
N PHE C 62 4.18 -2.58 27.20
CA PHE C 62 4.31 -2.86 25.78
C PHE C 62 4.24 -4.35 25.58
N ASP C 63 3.90 -4.78 24.38
CA ASP C 63 3.78 -6.20 24.12
C ASP C 63 5.14 -6.86 23.88
N ASP C 64 6.18 -6.08 23.69
CA ASP C 64 7.53 -6.63 23.53
C ASP C 64 8.47 -6.26 24.67
N ARG C 65 7.98 -5.51 25.64
CA ARG C 65 8.78 -5.20 26.81
C ARG C 65 7.89 -5.37 28.01
N PHE C 66 8.09 -6.47 28.72
CA PHE C 66 7.13 -6.83 29.72
C PHE C 66 7.77 -7.63 30.83
N ASN C 67 7.05 -7.76 31.94
CA ASN C 67 7.55 -8.52 33.05
C ASN C 67 6.83 -9.85 33.03
N VAL C 68 7.44 -10.86 33.63
CA VAL C 68 6.78 -12.15 33.72
C VAL C 68 6.58 -12.46 35.20
N VAL C 69 5.34 -12.70 35.60
CA VAL C 69 5.07 -12.99 36.98
C VAL C 69 4.40 -14.32 37.11
N GLY C 70 4.96 -15.18 37.92
CA GLY C 70 4.39 -16.49 38.12
C GLY C 70 4.51 -16.78 39.61
N ARG C 71 3.85 -17.84 40.08
CA ARG C 71 3.92 -18.14 41.49
C ARG C 71 3.70 -19.59 41.84
N LEU C 72 4.39 -20.02 42.89
CA LEU C 72 4.31 -21.35 43.47
C LEU C 72 3.39 -21.32 44.67
N ARG C 73 2.15 -21.69 44.46
CA ARG C 73 1.15 -21.57 45.51
C ARG C 73 1.47 -22.37 46.76
N GLY C 74 1.02 -21.84 47.89
CA GLY C 74 1.24 -22.47 49.18
C GLY C 74 -0.10 -22.79 49.81
N THR C 75 -0.10 -23.66 50.82
CA THR C 75 -1.31 -24.22 51.44
C THR C 75 -2.27 -23.23 52.08
N GLY C 76 -1.74 -22.21 52.72
CA GLY C 76 -2.57 -21.17 53.31
C GLY C 76 -2.05 -20.71 54.66
N GLY C 77 -2.37 -19.46 55.00
CA GLY C 77 -1.97 -18.89 56.27
C GLY C 77 -0.47 -18.76 56.48
N GLY C 78 0.25 -18.36 55.43
CA GLY C 78 1.68 -18.16 55.55
C GLY C 78 2.12 -16.86 54.90
N ALA C 79 3.31 -16.39 55.24
CA ALA C 79 3.85 -15.18 54.65
C ALA C 79 4.29 -15.44 53.23
N SER C 80 4.16 -14.45 52.34
CA SER C 80 4.56 -14.67 50.97
C SER C 80 5.81 -13.90 50.58
N LEU C 81 6.70 -14.59 49.91
CA LEU C 81 7.99 -14.06 49.56
C LEU C 81 8.11 -13.97 48.06
N SER C 82 8.65 -12.87 47.59
CA SER C 82 8.71 -12.63 46.18
C SER C 82 10.20 -12.77 45.85
N PHE C 83 10.51 -13.45 44.76
CA PHE C 83 11.87 -13.62 44.28
C PHE C 83 11.98 -12.81 43.01
N ASN C 84 12.98 -11.97 42.89
CA ASN C 84 13.00 -11.03 41.77
C ASN C 84 14.35 -10.86 41.06
N SER C 85 14.29 -10.67 39.74
CA SER C 85 15.47 -10.42 38.92
C SER C 85 15.05 -9.73 37.63
N HIS C 86 15.99 -9.09 36.93
CA HIS C 86 15.62 -8.35 35.75
C HIS C 86 16.12 -8.99 34.47
N LEU C 87 15.33 -8.82 33.43
CA LEU C 87 15.59 -9.39 32.11
C LEU C 87 16.68 -8.68 31.30
N ASP C 88 16.69 -7.36 31.33
CA ASP C 88 17.60 -6.61 30.48
C ASP C 88 19.05 -6.75 30.90
N THR C 89 19.93 -6.43 29.96
CA THR C 89 21.38 -6.46 30.12
C THR C 89 21.92 -5.09 29.71
N ILE C 90 23.16 -4.80 30.09
CA ILE C 90 23.72 -3.45 29.96
C ILE C 90 24.05 -2.96 28.55
N MET C 91 24.77 -3.77 27.78
CA MET C 91 25.30 -3.30 26.51
C MET C 91 24.46 -3.74 25.34
N ALA C 92 24.10 -2.79 24.50
CA ALA C 92 23.38 -3.09 23.28
C ALA C 92 24.40 -3.73 22.36
N ARG C 93 23.96 -4.34 21.26
CA ARG C 93 24.92 -5.01 20.39
C ARG C 93 25.87 -3.98 19.80
N GLU C 94 25.33 -2.81 19.47
CA GLU C 94 26.15 -1.71 19.01
C GLU C 94 25.98 -0.50 19.91
N ASP C 95 26.87 -0.39 20.89
CA ASP C 95 26.91 0.75 21.80
C ASP C 95 28.31 1.36 21.78
N THR C 96 28.76 1.76 20.58
CA THR C 96 30.11 2.28 20.36
C THR C 96 30.35 3.69 20.92
N ALA C 97 29.27 4.37 21.31
CA ALA C 97 29.34 5.72 21.88
C ALA C 97 29.98 5.76 23.27
N ARG C 98 29.85 4.68 24.03
CA ARG C 98 30.27 4.65 25.43
C ARG C 98 31.45 3.71 25.69
N PHE C 99 31.61 2.71 24.83
CA PHE C 99 32.66 1.72 25.01
C PHE C 99 33.66 1.80 23.85
N ALA C 100 34.95 1.76 24.18
CA ALA C 100 36.01 1.82 23.17
C ALA C 100 35.97 0.58 22.27
N ASP C 101 35.78 -0.58 22.87
CA ASP C 101 35.61 -1.81 22.11
C ASP C 101 34.22 -2.35 22.36
N ALA C 102 33.30 -2.07 21.44
CA ALA C 102 31.91 -2.43 21.65
C ALA C 102 31.64 -3.86 21.19
N ASN C 103 32.69 -4.54 20.74
CA ASN C 103 32.55 -5.87 20.14
C ASN C 103 33.11 -7.06 20.94
N ASP C 104 33.55 -6.84 22.17
CA ASP C 104 34.09 -7.93 22.99
C ASP C 104 33.05 -9.06 23.15
N ARG C 105 33.50 -10.32 23.13
CA ARG C 105 32.57 -11.45 23.23
C ARG C 105 31.78 -11.47 24.52
N ILE C 106 32.40 -10.96 25.57
CA ILE C 106 31.81 -10.96 26.89
C ILE C 106 30.53 -10.13 26.95
N TYR C 107 30.50 -8.99 26.25
CA TYR C 107 29.37 -8.06 26.33
C TYR C 107 28.02 -8.64 25.83
N HIS C 108 28.05 -9.55 24.85
CA HIS C 108 26.80 -10.01 24.25
C HIS C 108 26.53 -11.52 24.29
N GLU C 109 27.34 -12.30 25.01
CA GLU C 109 27.06 -13.74 25.07
C GLU C 109 27.32 -14.47 26.40
N ALA C 110 26.98 -15.76 26.42
CA ALA C 110 27.15 -16.60 27.59
C ALA C 110 27.64 -18.00 27.22
N TRP C 111 28.55 -18.53 28.03
CA TRP C 111 29.19 -19.82 27.75
C TRP C 111 29.78 -20.47 29.00
N HIS C 112 29.87 -21.80 28.96
CA HIS C 112 30.48 -22.57 30.05
C HIS C 112 31.92 -23.04 29.77
N GLU C 113 32.92 -22.23 30.14
CA GLU C 113 34.34 -22.50 29.79
C GLU C 113 35.19 -23.23 30.83
N GLU C 114 34.60 -23.54 31.98
CA GLU C 114 35.35 -24.04 33.14
C GLU C 114 34.28 -24.04 34.23
N GLY C 115 34.52 -24.59 35.41
CA GLY C 115 33.50 -24.57 36.44
C GLY C 115 32.86 -23.21 36.71
N ARG C 116 33.13 -22.20 35.87
CA ARG C 116 32.52 -20.88 35.98
C ARG C 116 31.80 -20.53 34.67
N ILE C 117 30.79 -19.67 34.77
CA ILE C 117 30.00 -19.26 33.61
C ILE C 117 30.34 -17.81 33.26
N TYR C 118 30.48 -17.53 31.97
CA TYR C 118 30.91 -16.20 31.56
C TYR C 118 29.81 -15.34 30.93
N GLY C 119 29.87 -14.03 31.17
CA GLY C 119 29.03 -13.10 30.45
C GLY C 119 28.46 -12.00 31.31
N TYR C 120 28.67 -10.74 30.91
CA TYR C 120 28.10 -9.61 31.63
C TYR C 120 26.62 -9.85 31.72
N SER C 121 26.13 -10.61 30.75
CA SER C 121 24.72 -10.94 30.66
C SER C 121 24.36 -12.02 31.67
N VAL C 122 25.35 -12.65 32.27
CA VAL C 122 25.07 -13.62 33.32
C VAL C 122 25.18 -12.96 34.71
N VAL C 123 26.21 -12.14 34.89
CA VAL C 123 26.38 -11.41 36.13
C VAL C 123 25.25 -10.44 36.33
N ASN C 124 24.81 -9.84 35.24
CA ASN C 124 23.77 -8.85 35.26
C ASN C 124 22.87 -9.09 34.05
N CYS C 125 21.82 -9.89 34.24
CA CYS C 125 21.64 -10.55 35.53
C CYS C 125 20.88 -11.84 35.41
N LYS C 126 21.34 -12.77 34.60
CA LYS C 126 20.55 -13.97 34.41
C LYS C 126 21.07 -15.09 35.27
N GLY C 127 22.26 -14.88 35.83
CA GLY C 127 22.87 -15.89 36.66
C GLY C 127 22.09 -16.07 37.92
N PRO C 128 21.81 -14.98 38.61
CA PRO C 128 21.01 -15.07 39.83
C PRO C 128 19.60 -15.54 39.51
N MET C 129 19.03 -15.02 38.43
CA MET C 129 17.68 -15.38 38.05
C MET C 129 17.57 -16.86 37.81
N ALA C 130 18.64 -17.45 37.30
CA ALA C 130 18.62 -18.87 37.03
C ALA C 130 18.49 -19.59 38.35
N CYS C 131 19.14 -19.02 39.36
CA CYS C 131 19.23 -19.64 40.67
C CYS C 131 17.88 -19.77 41.34
N TRP C 132 17.15 -18.68 41.47
CA TRP C 132 15.87 -18.76 42.16
C TRP C 132 14.77 -19.36 41.30
N LEU C 133 14.93 -19.28 39.99
CA LEU C 133 14.04 -19.98 39.09
C LEU C 133 14.16 -21.46 39.38
N ILE C 134 15.40 -21.92 39.49
CA ILE C 134 15.67 -23.32 39.78
C ILE C 134 15.21 -23.69 41.17
N ALA C 135 15.43 -22.77 42.11
CA ALA C 135 15.10 -23.01 43.50
C ALA C 135 13.62 -23.27 43.71
N ALA C 136 12.78 -22.53 43.00
CA ALA C 136 11.34 -22.75 43.01
C ALA C 136 10.98 -24.10 42.37
N LYS C 137 11.73 -24.50 41.34
CA LYS C 137 11.50 -25.78 40.71
C LYS C 137 11.77 -26.87 41.73
N ALA C 138 12.86 -26.70 42.48
CA ALA C 138 13.29 -27.66 43.48
C ALA C 138 12.23 -27.83 44.55
N LEU C 139 11.69 -26.71 45.03
CA LEU C 139 10.69 -26.80 46.08
C LEU C 139 9.48 -27.56 45.61
N LYS C 140 8.96 -27.19 44.45
CA LYS C 140 7.76 -27.78 43.88
C LYS C 140 7.94 -29.26 43.57
N GLU C 141 9.03 -29.58 42.88
CA GLU C 141 9.34 -30.95 42.49
C GLU C 141 9.61 -31.81 43.71
N ALA C 142 10.10 -31.17 44.78
CA ALA C 142 10.44 -31.90 45.99
C ALA C 142 9.29 -31.83 46.95
N GLY C 143 8.19 -31.25 46.50
CA GLY C 143 6.98 -31.16 47.27
C GLY C 143 7.13 -30.63 48.67
N ALA C 144 7.96 -29.62 48.84
CA ALA C 144 8.13 -29.01 50.15
C ALA C 144 6.82 -28.39 50.57
N ALA C 145 6.60 -28.29 51.87
CA ALA C 145 5.36 -27.71 52.34
C ALA C 145 5.58 -26.27 52.75
N LEU C 146 4.84 -25.36 52.12
CA LEU C 146 4.90 -23.95 52.48
C LEU C 146 3.50 -23.45 52.69
N LYS C 147 3.29 -22.61 53.70
CA LYS C 147 1.96 -22.07 53.97
C LYS C 147 1.73 -20.82 53.14
N GLY C 148 2.80 -20.26 52.59
CA GLY C 148 2.69 -19.02 51.84
C GLY C 148 3.12 -19.11 50.39
N ASP C 149 2.65 -18.16 49.59
CA ASP C 149 3.00 -18.16 48.19
C ASP C 149 4.43 -17.71 47.99
N VAL C 150 5.05 -18.26 46.97
CA VAL C 150 6.36 -17.82 46.57
C VAL C 150 6.11 -17.15 45.25
N VAL C 151 6.48 -15.88 45.13
CA VAL C 151 6.17 -15.19 43.90
C VAL C 151 7.43 -15.01 43.07
N LEU C 152 7.32 -15.37 41.79
CA LEU C 152 8.44 -15.31 40.87
C LEU C 152 8.23 -14.15 39.96
N THR C 153 8.99 -13.08 40.19
CA THR C 153 8.91 -11.91 39.35
C THR C 153 10.16 -11.68 38.54
N ALA C 154 10.07 -11.72 37.22
CA ALA C 154 11.19 -11.35 36.36
C ALA C 154 10.83 -10.09 35.61
N VAL C 155 11.61 -9.03 35.79
CA VAL C 155 11.17 -7.74 35.27
C VAL C 155 12.07 -7.18 34.19
N CYS C 156 11.58 -6.15 33.54
CA CYS C 156 12.31 -5.49 32.49
C CYS C 156 12.65 -4.08 32.94
N GLY C 157 13.47 -3.40 32.15
CA GLY C 157 13.77 -2.00 32.38
C GLY C 157 14.38 -1.70 33.73
N GLU C 158 15.22 -2.59 34.20
CA GLU C 158 15.92 -2.40 35.48
C GLU C 158 16.98 -1.32 35.39
N ILE C 159 17.72 -1.32 34.29
CA ILE C 159 18.87 -0.44 34.12
C ILE C 159 18.54 1.04 33.98
N ASP C 160 19.47 1.89 34.38
CA ASP C 160 19.16 3.30 34.52
C ASP C 160 19.19 4.03 33.19
N CYS C 161 18.43 3.52 32.22
CA CYS C 161 18.30 4.18 30.94
C CYS C 161 17.10 5.06 31.10
N GLU C 162 17.15 6.33 30.76
CA GLU C 162 15.95 7.13 30.92
C GLU C 162 15.70 7.97 29.69
N PRO C 163 14.45 8.12 29.31
CA PRO C 163 14.17 8.99 28.19
C PRO C 163 14.45 10.42 28.55
N VAL C 164 14.96 11.18 27.60
CA VAL C 164 15.19 12.60 27.76
C VAL C 164 15.17 13.34 26.43
N ASP C 165 14.73 14.59 26.44
CA ASP C 165 14.79 15.39 25.22
C ASP C 165 14.04 14.75 24.06
N GLU C 166 14.74 14.42 22.99
CA GLU C 166 14.10 13.88 21.80
C GLU C 166 14.02 12.37 21.90
N PHE C 167 14.45 11.84 23.01
CA PHE C 167 14.38 10.40 23.18
C PHE C 167 13.24 10.07 24.15
N GLN C 168 12.08 9.75 23.59
CA GLN C 168 10.93 9.48 24.42
C GLN C 168 10.30 8.20 23.95
N GLY C 169 9.49 7.59 24.79
CA GLY C 169 8.68 6.51 24.28
C GLY C 169 9.28 5.16 24.51
N HIS C 170 8.76 4.21 23.76
CA HIS C 170 9.01 2.79 23.90
C HIS C 170 10.47 2.40 24.00
N ASP C 171 11.32 2.96 23.16
CA ASP C 171 12.70 2.52 23.12
C ASP C 171 13.59 2.89 24.32
N TYR C 172 13.30 4.02 24.97
CA TYR C 172 14.18 4.52 26.02
C TYR C 172 13.69 4.34 27.45
N LEU C 173 12.40 4.11 27.64
CA LEU C 173 11.85 3.92 28.95
C LEU C 173 12.55 2.75 29.61
N ALA C 174 12.61 2.76 30.94
CA ALA C 174 13.24 1.66 31.65
C ALA C 174 12.53 1.28 32.93
N GLU C 175 12.76 2.00 34.01
CA GLU C 175 12.30 1.51 35.29
C GLU C 175 10.86 1.89 35.54
N ASP C 176 10.34 2.79 34.73
CA ASP C 176 8.96 3.19 34.89
C ASP C 176 8.06 2.01 34.52
N ILE C 177 8.49 1.23 33.53
CA ILE C 177 7.75 0.06 33.05
C ILE C 177 8.30 -1.21 33.65
N GLY C 178 9.21 -1.05 34.59
CA GLY C 178 9.93 -2.18 35.16
C GLY C 178 9.24 -2.91 36.27
N ALA C 179 9.96 -3.18 37.35
CA ALA C 179 9.39 -3.91 38.47
C ALA C 179 8.27 -3.14 39.07
N ARG C 180 8.43 -1.84 39.22
CA ARG C 180 7.37 -1.11 39.91
C ARG C 180 6.03 -1.26 39.21
N TYR C 181 6.03 -1.49 37.90
CA TYR C 181 4.78 -1.73 37.19
C TYR C 181 4.24 -3.08 37.59
N ALA C 182 5.10 -4.07 37.61
CA ALA C 182 4.68 -5.42 37.88
C ALA C 182 4.08 -5.50 39.26
N ILE C 183 4.66 -4.80 40.21
CA ILE C 183 4.14 -4.84 41.56
C ILE C 183 2.77 -4.18 41.59
N SER C 184 2.66 -2.96 41.09
CA SER C 184 1.40 -2.25 41.18
C SER C 184 0.29 -2.98 40.47
N HIS C 185 0.63 -4.04 39.75
CA HIS C 185 -0.40 -4.75 39.01
C HIS C 185 -0.40 -6.21 39.39
N GLY C 186 -0.23 -6.46 40.68
CA GLY C 186 -0.43 -7.78 41.24
C GLY C 186 0.75 -8.61 41.71
N ALA C 187 1.96 -8.19 41.39
CA ALA C 187 3.09 -8.96 41.85
C ALA C 187 3.42 -8.57 43.27
N ILE C 188 2.44 -8.73 44.18
CA ILE C 188 2.66 -8.32 45.57
C ILE C 188 2.81 -9.50 46.53
N SER C 189 3.69 -9.31 47.49
CA SER C 189 3.97 -10.28 48.53
C SER C 189 4.30 -9.56 49.82
N ASP C 190 4.50 -10.33 50.89
CA ASP C 190 4.76 -9.75 52.20
C ASP C 190 6.17 -9.22 52.23
N TYR C 191 7.09 -10.01 51.68
CA TYR C 191 8.50 -9.67 51.60
C TYR C 191 9.02 -9.96 50.21
N ALA C 192 10.16 -9.38 49.85
CA ALA C 192 10.75 -9.61 48.55
C ALA C 192 12.25 -9.68 48.61
N LEU C 193 12.81 -10.66 47.92
CA LEU C 193 14.25 -10.83 47.85
C LEU C 193 14.76 -10.63 46.42
N VAL C 194 15.51 -9.55 46.19
CA VAL C 194 16.04 -9.23 44.88
C VAL C 194 17.39 -9.88 44.67
N ALA C 195 17.47 -10.79 43.70
CA ALA C 195 18.67 -11.59 43.48
C ALA C 195 19.57 -10.97 42.44
N GLU C 196 20.74 -10.52 42.89
CA GLU C 196 21.70 -9.91 42.02
C GLU C 196 23.03 -10.32 42.60
N ALA C 197 24.13 -10.03 41.90
CA ALA C 197 25.43 -10.42 42.43
C ALA C 197 25.85 -9.40 43.48
N THR C 198 25.84 -9.84 44.74
CA THR C 198 26.23 -9.01 45.88
C THR C 198 27.39 -9.59 46.64
N ASN C 199 27.87 -10.74 46.18
CA ASN C 199 28.97 -11.45 46.84
C ASN C 199 28.54 -12.17 48.11
N PHE C 200 27.32 -12.70 48.12
CA PHE C 200 26.81 -13.39 49.29
C PHE C 200 26.72 -12.45 50.48
N LYS C 201 26.50 -11.19 50.18
CA LYS C 201 26.36 -10.17 51.19
C LYS C 201 25.05 -9.45 50.96
N PRO C 202 24.23 -9.31 51.99
CA PRO C 202 22.93 -8.71 51.72
C PRO C 202 22.94 -7.22 52.01
N ALA C 203 22.16 -6.46 51.27
CA ALA C 203 22.02 -5.05 51.55
C ALA C 203 20.57 -4.69 51.52
N TRP C 204 20.09 -3.96 52.51
CA TRP C 204 18.71 -3.51 52.44
C TRP C 204 18.64 -2.01 52.43
N VAL C 205 19.65 -1.36 51.87
CA VAL C 205 19.53 0.05 51.57
C VAL C 205 20.06 0.28 50.18
N GLU C 206 19.51 1.26 49.48
CA GLU C 206 19.98 1.62 48.16
C GLU C 206 19.78 3.11 47.98
N ALA C 207 20.35 3.67 46.92
CA ALA C 207 20.31 5.10 46.75
C ALA C 207 19.30 5.54 45.71
N GLY C 208 18.79 6.76 45.85
CA GLY C 208 17.90 7.32 44.86
C GLY C 208 18.80 7.88 43.79
N LYS C 209 18.29 8.78 42.96
CA LYS C 209 19.12 9.44 41.95
C LYS C 209 18.41 10.66 41.43
N VAL C 210 19.16 11.59 40.87
CA VAL C 210 18.56 12.69 40.16
C VAL C 210 19.44 12.92 38.96
N PHE C 211 18.83 13.15 37.82
CA PHE C 211 19.56 13.41 36.61
C PHE C 211 19.38 14.86 36.23
N LEU C 212 20.49 15.55 35.98
CA LEU C 212 20.38 16.95 35.66
C LEU C 212 20.90 17.24 34.27
N LYS C 213 20.20 18.11 33.56
CA LYS C 213 20.68 18.59 32.28
C LYS C 213 21.13 20.01 32.46
N VAL C 214 22.44 20.18 32.56
CA VAL C 214 23.04 21.49 32.75
C VAL C 214 23.36 22.06 31.39
N THR C 215 22.64 23.10 31.00
CA THR C 215 22.84 23.75 29.72
C THR C 215 23.36 25.13 29.96
N VAL C 216 24.51 25.47 29.42
CA VAL C 216 25.09 26.78 29.70
C VAL C 216 25.07 27.66 28.48
N PHE C 217 24.76 28.93 28.69
CA PHE C 217 24.55 29.90 27.63
C PHE C 217 25.72 30.85 27.44
N ALA C 218 26.00 31.13 26.19
CA ALA C 218 27.04 32.02 25.77
C ALA C 218 26.53 32.68 24.54
N GLY C 219 27.41 33.25 23.73
CA GLY C 219 27.04 33.72 22.42
C GLY C 219 27.64 35.07 22.20
N PRO C 220 27.33 35.71 21.06
CA PRO C 220 26.55 35.25 19.92
C PRO C 220 27.32 34.43 18.88
N SER C 221 26.61 33.62 18.12
CA SER C 221 27.20 32.73 17.14
C SER C 221 27.89 33.57 16.07
N ARG C 222 29.00 33.06 15.54
CA ARG C 222 29.72 33.76 14.48
C ARG C 222 30.28 32.80 13.46
N TYR C 223 30.33 33.24 12.20
CA TYR C 223 30.92 32.41 11.18
C TYR C 223 32.37 32.35 11.62
N THR C 224 33.01 31.21 11.50
CA THR C 224 34.33 31.00 12.08
C THR C 224 35.31 32.09 11.72
N PRO C 225 35.22 32.64 10.51
CA PRO C 225 36.12 33.71 10.11
C PRO C 225 35.97 34.97 10.92
N TYR C 226 34.94 35.05 11.74
CA TYR C 226 34.69 36.25 12.51
C TYR C 226 34.85 36.02 14.00
N VAL C 227 35.28 34.83 14.41
CA VAL C 227 35.32 34.57 15.84
C VAL C 227 36.38 35.44 16.49
N PRO C 228 36.05 36.05 17.64
CA PRO C 228 36.98 36.95 18.30
C PRO C 228 37.90 36.25 19.26
N ARG C 229 39.20 36.43 19.06
CA ARG C 229 40.22 35.94 19.99
C ARG C 229 41.27 37.01 20.12
N PRO C 230 42.02 36.99 21.22
CA PRO C 230 41.94 36.00 22.30
C PRO C 230 40.91 36.40 23.31
N VAL C 231 40.26 35.45 23.96
CA VAL C 231 39.29 35.78 25.01
C VAL C 231 39.34 34.79 26.16
N ALA C 232 39.01 35.27 27.35
CA ALA C 232 39.06 34.42 28.53
C ALA C 232 38.10 33.28 28.35
N ALA C 233 38.44 32.12 28.89
CA ALA C 233 37.66 30.94 28.61
C ALA C 233 36.25 31.19 29.06
N LEU C 234 36.11 31.61 30.30
CA LEU C 234 34.80 31.82 30.89
C LEU C 234 34.05 32.90 30.15
N ASP C 235 34.75 33.64 29.29
CA ASP C 235 34.04 34.66 28.56
C ASP C 235 33.83 34.33 27.10
N SER C 236 34.18 33.10 26.71
CA SER C 236 34.12 32.67 25.32
C SER C 236 32.70 32.76 24.85
N PRO C 237 32.53 32.99 23.55
CA PRO C 237 31.17 33.00 23.02
C PRO C 237 30.83 31.59 22.72
N ASN C 238 31.83 30.78 22.50
CA ASN C 238 31.59 29.39 22.21
C ASN C 238 31.19 28.72 23.50
N ALA C 239 29.96 28.23 23.55
CA ALA C 239 29.44 27.67 24.77
C ALA C 239 30.16 26.39 25.10
N ILE C 240 30.82 25.78 24.12
CA ILE C 240 31.54 24.57 24.42
C ILE C 240 32.70 24.94 25.33
N VAL C 241 33.21 26.15 25.16
CA VAL C 241 34.36 26.54 25.94
C VAL C 241 33.97 26.81 27.38
N ARG C 242 32.91 27.55 27.61
CA ARG C 242 32.49 27.76 28.99
C ARG C 242 32.17 26.46 29.68
N MET C 243 31.56 25.55 28.95
CA MET C 243 31.21 24.26 29.53
C MET C 243 32.47 23.57 29.97
N ALA C 244 33.58 23.83 29.28
CA ALA C 244 34.86 23.23 29.62
C ALA C 244 35.30 23.63 30.99
N LYS C 245 35.12 24.91 31.32
CA LYS C 245 35.46 25.39 32.64
C LYS C 245 34.51 24.82 33.66
N LEU C 246 33.23 24.87 33.34
CA LEU C 246 32.23 24.42 34.27
C LEU C 246 32.34 22.95 34.55
N VAL C 247 32.89 22.19 33.62
CA VAL C 247 33.02 20.77 33.89
C VAL C 247 34.00 20.55 35.01
N GLU C 248 35.10 21.28 35.01
CA GLU C 248 36.11 21.07 36.03
C GLU C 248 35.63 21.56 37.40
N ALA C 249 34.84 22.62 37.42
CA ALA C 249 34.24 23.04 38.69
C ALA C 249 33.34 21.95 39.25
N LEU C 250 32.48 21.40 38.41
CA LEU C 250 31.53 20.38 38.85
C LEU C 250 32.23 19.09 39.24
N GLU C 251 33.35 18.80 38.61
CA GLU C 251 34.10 17.60 38.93
C GLU C 251 34.67 17.69 40.33
N GLU C 252 35.04 18.88 40.74
CA GLU C 252 35.55 19.03 42.09
C GLU C 252 34.39 18.97 43.09
N TRP C 253 33.29 19.62 42.74
CA TRP C 253 32.10 19.59 43.58
C TRP C 253 31.63 18.19 43.81
N ALA C 254 31.79 17.36 42.80
CA ALA C 254 31.45 15.96 42.87
C ALA C 254 32.31 15.22 43.86
N ASP C 255 33.59 15.60 43.93
CA ASP C 255 34.57 14.93 44.78
C ASP C 255 34.17 15.06 46.22
N ASN C 256 33.71 16.24 46.58
CA ASN C 256 33.22 16.49 47.93
C ASN C 256 31.83 15.95 48.17
N TYR C 257 31.01 15.90 47.12
CA TYR C 257 29.62 15.48 47.31
C TYR C 257 29.51 14.12 47.97
N GLU C 258 30.29 13.13 47.53
CA GLU C 258 30.18 11.81 48.12
C GLU C 258 30.66 11.82 49.56
N LYS C 259 31.70 12.60 49.84
CA LYS C 259 32.20 12.69 51.18
C LYS C 259 31.18 13.36 52.08
N ARG C 260 30.61 14.48 51.65
CA ARG C 260 29.64 15.15 52.51
C ARG C 260 28.36 14.36 52.75
N TYR C 261 27.90 13.63 51.75
CA TYR C 261 26.61 12.96 51.84
C TYR C 261 26.69 11.49 52.18
N THR C 262 27.85 11.00 52.57
CA THR C 262 27.93 9.62 53.03
C THR C 262 27.07 9.44 54.29
N ARG C 263 26.26 8.39 54.31
CA ARG C 263 25.37 8.15 55.43
C ARG C 263 25.39 6.67 55.76
N GLU C 264 25.38 6.33 57.03
CA GLU C 264 25.38 4.93 57.45
C GLU C 264 23.95 4.52 57.81
N TYR C 265 23.51 3.37 57.29
CA TYR C 265 22.15 2.87 57.51
C TYR C 265 22.25 1.44 58.01
N GLY C 266 21.16 0.90 58.51
CA GLY C 266 21.21 -0.46 59.00
C GLY C 266 21.57 -1.40 57.86
N GLY C 267 20.92 -1.19 56.73
CA GLY C 267 21.13 -2.01 55.54
C GLY C 267 22.51 -1.92 54.89
N GLY C 268 23.14 -0.76 55.01
CA GLY C 268 24.48 -0.58 54.51
C GLY C 268 24.92 0.85 54.71
N THR C 269 26.06 1.22 54.12
CA THR C 269 26.55 2.59 54.17
C THR C 269 26.49 3.20 52.81
N VAL C 270 25.79 4.32 52.71
CA VAL C 270 25.53 4.92 51.41
C VAL C 270 26.56 5.98 51.06
N VAL C 271 27.35 5.68 50.04
CA VAL C 271 28.26 6.67 49.47
C VAL C 271 27.77 7.08 48.08
N PRO C 272 27.09 8.22 47.98
CA PRO C 272 26.46 8.58 46.72
C PRO C 272 27.38 9.33 45.78
N LYS C 273 27.75 8.72 44.65
CA LYS C 273 28.69 9.35 43.74
C LYS C 273 28.04 10.15 42.62
N VAL C 274 28.85 10.90 41.90
CA VAL C 274 28.42 11.72 40.77
C VAL C 274 29.20 11.45 39.50
N ALA C 275 28.58 11.64 38.36
CA ALA C 275 29.26 11.45 37.10
C ALA C 275 28.63 12.26 35.99
N ILE C 276 29.45 12.68 35.03
CA ILE C 276 28.94 13.34 33.84
C ILE C 276 28.86 12.30 32.74
N GLY C 277 27.68 11.73 32.54
CA GLY C 277 27.49 10.65 31.61
C GLY C 277 27.54 11.04 30.15
N ALA C 278 27.17 12.27 29.86
CA ALA C 278 27.15 12.70 28.47
C ALA C 278 27.25 14.19 28.25
N ILE C 279 27.73 14.56 27.08
CA ILE C 279 27.83 15.94 26.69
C ILE C 279 27.46 16.06 25.23
N ARG C 280 26.92 17.19 24.86
CA ARG C 280 26.65 17.40 23.47
C ARG C 280 26.30 18.85 23.31
N GLY C 281 26.97 19.50 22.39
CA GLY C 281 26.69 20.90 22.11
C GLY C 281 26.89 21.07 20.64
N GLY C 282 26.04 21.83 19.98
CA GLY C 282 26.15 21.97 18.55
C GLY C 282 25.98 20.64 17.88
N VAL C 283 26.00 20.64 16.55
CA VAL C 283 25.84 19.41 15.79
C VAL C 283 26.99 19.14 14.84
N PRO C 284 27.41 17.89 14.76
CA PRO C 284 28.59 17.51 14.00
C PRO C 284 28.52 17.82 12.50
N TYR C 285 27.36 18.18 11.99
CA TYR C 285 27.21 18.33 10.55
C TYR C 285 26.98 19.77 10.11
N LYS C 286 27.10 20.71 11.04
CA LYS C 286 27.12 22.13 10.69
C LYS C 286 27.97 22.83 11.72
N ILE C 287 29.28 22.69 11.57
CA ILE C 287 30.21 23.14 12.58
C ILE C 287 30.77 24.49 12.24
N TYR C 288 30.34 25.06 11.12
CA TYR C 288 30.91 26.33 10.75
C TYR C 288 30.60 27.41 11.76
N ARG C 289 29.56 27.21 12.56
CA ARG C 289 29.24 28.16 13.60
C ARG C 289 29.25 27.53 14.96
N PHE C 290 30.06 28.04 15.87
CA PHE C 290 30.10 27.46 17.19
C PHE C 290 28.75 27.76 17.82
N PRO C 291 28.36 26.98 18.84
CA PRO C 291 27.00 26.99 19.37
C PRO C 291 26.88 27.95 20.50
N GLU C 292 25.71 28.57 20.65
CA GLU C 292 25.47 29.50 21.74
C GLU C 292 25.08 28.79 23.02
N LEU C 293 25.02 27.47 22.98
CA LEU C 293 24.67 26.70 24.15
C LEU C 293 25.20 25.30 24.06
N CYS C 294 25.65 24.79 25.19
CA CYS C 294 26.22 23.47 25.25
C CYS C 294 25.63 22.81 26.47
N SER C 295 25.43 21.49 26.44
CA SER C 295 24.77 20.83 27.55
C SER C 295 25.46 19.60 28.07
N ILE C 296 25.33 19.35 29.36
CA ILE C 296 25.85 18.11 29.91
C ILE C 296 24.80 17.44 30.76
N TYR C 297 24.90 16.13 30.81
CA TYR C 297 23.95 15.30 31.50
C TYR C 297 24.63 14.59 32.61
N MET C 298 24.16 14.85 33.83
CA MET C 298 24.81 14.36 35.04
C MET C 298 23.97 13.35 35.76
N ASP C 299 24.65 12.37 36.32
CA ASP C 299 24.01 11.35 37.09
C ASP C 299 24.43 11.57 38.53
N ILE C 300 23.53 12.06 39.35
CA ILE C 300 23.85 12.29 40.74
C ILE C 300 23.07 11.36 41.60
N ARG C 301 23.76 10.49 42.33
CA ARG C 301 23.07 9.55 43.17
C ARG C 301 22.67 10.19 44.48
N LEU C 302 21.60 9.70 45.07
CA LEU C 302 21.07 10.29 46.29
C LEU C 302 20.94 9.25 47.38
N ASN C 303 21.34 9.58 48.61
CA ASN C 303 21.05 8.66 49.69
C ASN C 303 19.59 8.86 50.03
N PRO C 304 19.02 7.94 50.81
CA PRO C 304 17.59 7.94 51.04
C PRO C 304 17.04 9.20 51.67
N ASP C 305 17.88 10.04 52.25
CA ASP C 305 17.36 11.22 52.92
C ASP C 305 17.63 12.53 52.21
N THR C 306 18.18 12.50 51.00
CA THR C 306 18.49 13.76 50.36
C THR C 306 17.37 14.16 49.42
N ASN C 307 17.02 15.43 49.46
CA ASN C 307 16.01 15.96 48.58
C ASN C 307 16.63 16.43 47.30
N PRO C 308 16.10 15.98 46.17
CA PRO C 308 16.74 16.30 44.91
C PRO C 308 16.79 17.81 44.66
N LEU C 309 15.86 18.55 45.21
CA LEU C 309 15.85 19.99 45.02
C LEU C 309 17.10 20.63 45.64
N VAL C 310 17.62 20.01 46.68
CA VAL C 310 18.83 20.49 47.32
C VAL C 310 19.99 20.42 46.36
N VAL C 311 20.18 19.24 45.80
CA VAL C 311 21.27 18.99 44.90
C VAL C 311 21.16 19.89 43.70
N GLN C 312 19.96 20.17 43.24
CA GLN C 312 19.83 21.03 42.09
C GLN C 312 20.39 22.39 42.43
N ARG C 313 20.01 22.88 43.60
CA ARG C 313 20.42 24.19 44.06
C ARG C 313 21.93 24.25 44.34
N GLU C 314 22.53 23.13 44.72
CA GLU C 314 23.98 23.08 44.91
C GLU C 314 24.66 23.31 43.60
N VAL C 315 24.27 22.56 42.57
CA VAL C 315 24.87 22.67 41.25
C VAL C 315 24.58 24.02 40.66
N GLU C 316 23.39 24.55 40.94
CA GLU C 316 23.02 25.89 40.50
C GLU C 316 24.03 26.88 41.05
N ALA C 317 24.50 26.61 42.27
CA ALA C 317 25.49 27.45 42.95
C ALA C 317 26.85 27.40 42.29
N VAL C 318 27.27 26.19 41.91
CA VAL C 318 28.57 25.99 41.29
C VAL C 318 28.64 26.78 40.00
N VAL C 319 27.52 26.84 39.28
CA VAL C 319 27.44 27.62 38.06
C VAL C 319 27.53 29.08 38.37
N SER C 320 26.85 29.48 39.43
CA SER C 320 26.80 30.87 39.82
C SER C 320 28.14 31.38 40.32
N LYS C 321 28.91 30.51 40.98
CA LYS C 321 30.22 30.89 41.47
C LYS C 321 31.20 31.22 40.34
N LEU C 322 30.93 30.72 39.13
CA LEU C 322 31.79 30.97 37.96
C LEU C 322 31.25 32.15 37.19
N GLY C 323 30.12 32.68 37.66
CA GLY C 323 29.52 33.83 37.03
C GLY C 323 28.87 33.49 35.72
N LEU C 324 28.58 32.21 35.54
CA LEU C 324 27.98 31.68 34.33
C LEU C 324 26.46 31.74 34.37
N LYS C 325 25.85 31.80 33.20
CA LYS C 325 24.42 31.74 33.12
C LYS C 325 24.05 30.40 32.55
N ALA C 326 23.22 29.65 33.26
CA ALA C 326 22.88 28.31 32.81
C ALA C 326 21.51 27.90 33.29
N GLU C 327 21.04 26.79 32.74
CA GLU C 327 19.78 26.21 33.10
C GLU C 327 20.06 24.84 33.66
N VAL C 328 19.86 24.67 34.96
CA VAL C 328 20.02 23.38 35.58
C VAL C 328 18.63 22.82 35.69
N LYS C 329 18.33 21.79 34.91
CA LYS C 329 17.00 21.23 34.96
C LYS C 329 17.08 19.72 35.05
N PRO C 330 16.33 19.16 35.99
CA PRO C 330 16.26 17.72 36.27
C PRO C 330 15.23 17.00 35.41
N PHE C 331 15.63 15.87 34.85
CA PHE C 331 14.77 15.10 33.99
C PHE C 331 14.57 13.68 34.49
N LEU C 332 15.08 13.41 35.69
CA LEU C 332 14.83 12.15 36.39
C LEU C 332 14.95 12.27 37.90
N PHE C 333 14.03 11.65 38.62
CA PHE C 333 14.08 11.65 40.06
C PHE C 333 13.54 10.34 40.58
N ARG C 334 14.33 9.66 41.37
CA ARG C 334 13.91 8.40 41.96
C ARG C 334 14.34 8.40 43.39
N ARG C 335 13.68 7.64 44.24
CA ARG C 335 14.01 7.67 45.65
C ARG C 335 14.64 6.35 46.05
N GLY C 336 15.56 6.44 47.01
CA GLY C 336 16.24 5.27 47.54
C GLY C 336 15.65 5.00 48.89
N TYR C 337 15.61 3.74 49.29
CA TYR C 337 14.94 3.38 50.52
C TYR C 337 15.77 2.48 51.41
N GLU C 338 15.48 2.51 52.70
CA GLU C 338 15.98 1.48 53.59
C GLU C 338 14.85 0.58 53.99
N ALA C 339 15.12 -0.72 54.08
CA ALA C 339 14.06 -1.65 54.39
C ALA C 339 13.58 -1.39 55.81
N GLN C 340 12.29 -1.49 56.01
CA GLN C 340 11.74 -1.43 57.34
C GLN C 340 10.97 -2.70 57.66
N GLY C 341 11.18 -3.28 58.83
CA GLY C 341 10.46 -4.49 59.15
C GLY C 341 11.13 -5.63 58.42
N ILE C 342 12.39 -5.42 58.09
CA ILE C 342 13.12 -6.37 57.30
C ILE C 342 13.49 -7.63 58.08
N GLU C 343 13.38 -7.57 59.41
CA GLU C 343 14.03 -8.58 60.26
C GLU C 343 13.66 -10.03 59.94
N PRO C 344 12.38 -10.33 59.70
CA PRO C 344 12.07 -11.73 59.39
C PRO C 344 12.83 -12.27 58.17
N LEU C 345 12.88 -11.49 57.10
CA LEU C 345 13.59 -11.89 55.90
C LEU C 345 15.09 -11.93 56.15
N GLN C 346 15.58 -10.96 56.90
CA GLN C 346 16.98 -10.87 57.24
C GLN C 346 17.38 -12.09 58.06
N ASN C 347 16.56 -12.41 59.04
CA ASN C 347 16.81 -13.56 59.90
C ASN C 347 16.69 -14.86 59.14
N ALA C 348 15.63 -15.00 58.35
CA ALA C 348 15.40 -16.22 57.59
C ALA C 348 16.55 -16.41 56.66
N LEU C 349 16.97 -15.33 56.03
CA LEU C 349 18.07 -15.39 55.12
C LEU C 349 19.34 -15.81 55.82
N GLU C 350 19.60 -15.21 56.96
CA GLU C 350 20.84 -15.45 57.66
C GLU C 350 20.98 -16.89 58.11
N VAL C 351 19.92 -17.49 58.63
CA VAL C 351 20.03 -18.87 59.08
C VAL C 351 20.43 -19.80 57.94
N ALA C 352 19.77 -19.62 56.80
CA ALA C 352 20.02 -20.42 55.61
C ALA C 352 21.42 -20.17 55.12
N HIS C 353 21.84 -18.91 55.11
CA HIS C 353 23.16 -18.59 54.65
C HIS C 353 24.14 -19.36 55.51
N ARG C 354 23.93 -19.33 56.83
CA ARG C 354 24.85 -19.95 57.76
C ARG C 354 24.97 -21.45 57.53
N GLU C 355 23.86 -22.07 57.17
CA GLU C 355 23.87 -23.50 56.94
C GLU C 355 24.62 -23.92 55.69
N VAL C 356 24.50 -23.11 54.65
CA VAL C 356 25.09 -23.42 53.35
C VAL C 356 26.46 -22.81 53.12
N VAL C 357 26.58 -21.49 53.22
CA VAL C 357 27.87 -20.87 53.02
C VAL C 357 28.78 -21.25 54.20
N GLY C 358 28.19 -21.33 55.40
CA GLY C 358 28.90 -21.78 56.58
C GLY C 358 29.44 -20.74 57.55
N ARG C 359 29.16 -19.46 57.31
CA ARG C 359 29.70 -18.39 58.15
C ARG C 359 28.72 -17.21 58.22
N PRO C 360 28.97 -16.25 59.12
CA PRO C 360 28.04 -15.13 59.15
C PRO C 360 28.06 -14.33 57.86
N THR C 361 26.97 -13.64 57.58
CA THR C 361 26.91 -12.74 56.43
C THR C 361 27.66 -11.48 56.79
N GLU C 362 28.36 -10.86 55.83
CA GLU C 362 29.02 -9.59 56.14
C GLU C 362 28.48 -8.40 55.39
N ARG C 363 28.68 -7.22 55.95
CA ARG C 363 28.13 -5.99 55.40
C ARG C 363 28.66 -5.85 53.99
N PRO C 364 27.79 -5.47 53.07
CA PRO C 364 28.19 -5.35 51.67
C PRO C 364 29.02 -4.09 51.47
N GLY C 365 29.70 -3.98 50.33
CA GLY C 365 30.50 -2.81 50.03
C GLY C 365 29.64 -1.60 49.71
N SER C 366 30.15 -0.39 49.94
CA SER C 366 29.31 0.78 49.80
C SER C 366 28.70 0.89 48.43
N PRO C 367 29.42 0.47 47.40
CA PRO C 367 28.76 0.69 46.11
C PRO C 367 27.44 -0.07 45.99
N GLU C 368 27.41 -1.30 46.46
CA GLU C 368 26.23 -2.15 46.34
C GLU C 368 25.07 -1.57 47.13
N CYS C 369 25.38 -0.64 48.02
CA CYS C 369 24.34 0.06 48.76
C CYS C 369 24.14 1.47 48.24
N SER C 370 24.83 1.84 47.16
CA SER C 370 24.72 3.21 46.71
C SER C 370 24.31 3.31 45.25
N MET C 371 23.55 2.33 44.79
CA MET C 371 23.15 2.23 43.40
C MET C 371 21.65 2.10 43.31
N TRP C 372 21.14 1.68 42.17
CA TRP C 372 19.72 1.39 42.04
C TRP C 372 19.55 -0.11 41.93
N ARG C 373 18.68 -0.67 42.76
CA ARG C 373 18.33 -2.06 42.67
C ARG C 373 16.83 -2.11 42.79
N ASP C 374 16.20 -3.17 42.31
CA ASP C 374 14.74 -3.12 42.28
C ASP C 374 14.15 -3.35 43.68
N THR C 375 14.95 -3.19 44.71
CA THR C 375 14.41 -3.26 46.05
C THR C 375 13.68 -1.97 46.33
N ASN C 376 14.17 -0.88 45.75
CA ASN C 376 13.53 0.39 46.07
C ASN C 376 12.02 0.41 45.78
N PRO C 377 11.59 -0.18 44.67
CA PRO C 377 10.16 -0.27 44.34
C PRO C 377 9.38 -1.05 45.37
N TYR C 378 9.93 -2.16 45.84
CA TYR C 378 9.26 -2.96 46.86
C TYR C 378 9.13 -2.18 48.14
N ASN C 379 10.23 -1.60 48.57
CA ASN C 379 10.24 -0.87 49.79
C ASN C 379 9.32 0.33 49.66
N GLU C 380 9.31 0.95 48.49
CA GLU C 380 8.51 2.13 48.29
C GLU C 380 7.06 1.78 48.58
N LEU C 381 6.69 0.54 48.23
CA LEU C 381 5.32 0.05 48.35
C LEU C 381 5.07 -0.89 49.54
N GLY C 382 5.92 -0.82 50.54
CA GLY C 382 5.66 -1.55 51.76
C GLY C 382 5.94 -3.04 51.73
N ILE C 383 6.73 -3.51 50.77
CA ILE C 383 7.21 -4.88 50.88
C ILE C 383 8.69 -4.86 51.25
N PRO C 384 9.02 -5.18 52.51
CA PRO C 384 10.40 -5.12 52.97
C PRO C 384 11.27 -5.92 52.05
N SER C 385 12.34 -5.33 51.53
CA SER C 385 13.13 -6.07 50.59
C SER C 385 14.63 -5.82 50.69
N LEU C 386 15.41 -6.86 50.46
CA LEU C 386 16.86 -6.76 50.49
C LEU C 386 17.43 -7.51 49.29
N THR C 387 18.71 -7.25 49.01
CA THR C 387 19.34 -7.80 47.85
C THR C 387 20.47 -8.73 48.23
N TYR C 388 20.48 -9.94 47.66
CA TYR C 388 21.49 -10.93 47.98
C TYR C 388 21.62 -11.99 46.90
N GLY C 389 22.85 -12.26 46.44
CA GLY C 389 23.08 -13.25 45.43
C GLY C 389 24.57 -13.49 45.34
N CYS C 390 25.00 -14.46 44.55
CA CYS C 390 26.44 -14.75 44.43
C CYS C 390 27.21 -13.94 43.41
N GLY C 391 28.54 -14.02 43.45
CA GLY C 391 29.44 -13.37 42.50
C GLY C 391 29.72 -11.91 42.80
N GLY C 392 30.54 -11.25 41.99
CA GLY C 392 30.91 -9.86 42.25
C GLY C 392 30.29 -8.87 41.28
N GLY C 393 30.00 -7.65 41.75
CA GLY C 393 29.15 -6.74 41.01
C GLY C 393 29.52 -6.42 39.56
N ALA C 394 28.52 -6.39 38.70
CA ALA C 394 28.72 -6.15 37.26
C ALA C 394 29.25 -4.76 36.94
N GLY C 395 28.83 -3.76 37.72
CA GLY C 395 29.33 -2.40 37.59
C GLY C 395 30.79 -2.28 38.00
N GLY C 396 31.28 -3.32 38.68
CA GLY C 396 32.62 -3.32 39.25
C GLY C 396 33.78 -3.19 38.28
N GLY C 397 33.85 -4.04 37.26
CA GLY C 397 32.87 -5.09 37.02
C GLY C 397 33.40 -6.51 36.81
N ASN C 398 32.78 -7.47 37.51
CA ASN C 398 33.10 -8.89 37.37
C ASN C 398 32.56 -9.43 36.04
N THR C 399 33.10 -10.56 35.59
CA THR C 399 32.74 -11.09 34.29
C THR C 399 32.32 -12.57 34.25
N TYR C 400 32.21 -13.21 35.41
CA TYR C 400 31.86 -14.63 35.45
C TYR C 400 31.25 -15.07 36.80
N PHE C 401 30.64 -16.25 36.82
CA PHE C 401 30.07 -16.80 38.05
C PHE C 401 30.66 -18.17 38.22
N LEU C 402 30.74 -18.65 39.45
CA LEU C 402 31.27 -19.98 39.74
C LEU C 402 30.12 -20.93 39.97
N VAL C 403 30.06 -22.01 39.22
CA VAL C 403 28.89 -22.89 39.26
C VAL C 403 28.53 -23.35 40.65
N ASP C 404 29.52 -23.46 41.50
CA ASP C 404 29.31 -23.87 42.89
C ASP C 404 28.53 -22.82 43.70
N ASP C 405 28.97 -21.57 43.60
CA ASP C 405 28.32 -20.48 44.33
C ASP C 405 26.87 -20.37 43.91
N MET C 406 26.66 -20.42 42.60
CA MET C 406 25.34 -20.32 42.03
C MET C 406 24.49 -21.48 42.57
N LEU C 407 25.10 -22.65 42.72
CA LEU C 407 24.36 -23.75 43.29
C LEU C 407 24.04 -23.48 44.76
N LYS C 408 24.96 -22.85 45.47
CA LYS C 408 24.70 -22.56 46.87
C LYS C 408 23.51 -21.61 46.97
N ALA C 409 23.58 -20.51 46.22
CA ALA C 409 22.57 -19.47 46.29
C ALA C 409 21.21 -20.06 46.01
N ALA C 410 21.16 -21.08 45.15
CA ALA C 410 19.89 -21.74 44.93
C ALA C 410 19.44 -22.41 46.22
N LYS C 411 20.39 -22.94 46.99
CA LYS C 411 20.01 -23.61 48.22
C LYS C 411 19.51 -22.58 49.22
N VAL C 412 20.23 -21.46 49.34
CA VAL C 412 19.87 -20.41 50.27
C VAL C 412 18.51 -19.80 50.02
N TYR C 413 18.22 -19.51 48.75
CA TYR C 413 16.92 -18.99 48.35
C TYR C 413 15.88 -20.02 48.75
N ALA C 414 16.17 -21.28 48.44
CA ALA C 414 15.23 -22.36 48.70
C ALA C 414 14.95 -22.49 50.18
N MET C 415 16.02 -22.51 50.97
CA MET C 415 15.88 -22.67 52.41
C MET C 415 15.20 -21.46 53.03
N THR C 416 15.54 -20.28 52.55
CA THR C 416 14.90 -19.06 53.03
C THR C 416 13.42 -19.11 52.85
N ALA C 417 13.00 -19.58 51.70
CA ALA C 417 11.59 -19.69 51.42
C ALA C 417 10.88 -20.65 52.38
N MET C 418 11.48 -21.80 52.65
CA MET C 418 10.87 -22.79 53.53
C MET C 418 10.72 -22.23 54.94
N ASP C 419 11.66 -21.40 55.35
CA ASP C 419 11.60 -20.78 56.66
C ASP C 419 10.48 -19.74 56.69
N LEU C 420 10.68 -18.69 55.92
CA LEU C 420 9.83 -17.52 55.96
C LEU C 420 8.40 -17.78 55.54
N CYS C 421 8.21 -18.57 54.50
CA CYS C 421 6.88 -18.80 53.97
C CYS C 421 6.02 -19.60 54.90
N ASN C 422 6.65 -20.15 55.93
CA ASN C 422 5.93 -20.92 56.92
C ASN C 422 5.80 -20.14 58.20
N ARG C 423 5.95 -18.83 58.11
CA ARG C 423 5.76 -17.97 59.25
C ARG C 423 4.45 -17.25 58.98
N THR C 424 3.64 -16.99 59.99
CA THR C 424 2.37 -16.37 59.69
C THR C 424 2.54 -14.90 59.87
N PRO C 425 2.00 -14.12 58.93
CA PRO C 425 2.20 -12.68 58.91
C PRO C 425 1.30 -11.97 59.91
N ASP D 6 -36.38 19.33 -50.39
CA ASP D 6 -35.62 19.03 -49.16
C ASP D 6 -34.37 19.86 -48.98
N VAL D 7 -33.57 19.97 -50.03
CA VAL D 7 -32.21 20.47 -49.87
C VAL D 7 -32.24 21.88 -49.32
N ALA D 8 -33.24 22.66 -49.72
CA ALA D 8 -33.35 24.03 -49.25
C ALA D 8 -33.66 24.13 -47.77
N LYS D 9 -34.33 23.12 -47.21
CA LYS D 9 -34.66 23.14 -45.78
C LYS D 9 -33.38 22.99 -44.98
N VAL D 10 -32.60 22.00 -45.36
CA VAL D 10 -31.38 21.69 -44.63
C VAL D 10 -30.39 22.83 -44.74
N MET D 11 -30.29 23.45 -45.91
CA MET D 11 -29.36 24.55 -46.09
C MET D 11 -29.65 25.69 -45.14
N LYS D 12 -30.92 26.08 -45.07
CA LYS D 12 -31.31 27.16 -44.19
C LYS D 12 -31.03 26.75 -42.75
N THR D 13 -31.25 25.48 -42.47
CA THR D 13 -31.01 24.97 -41.13
C THR D 13 -29.56 25.14 -40.74
N LEU D 14 -28.65 24.86 -41.67
CA LEU D 14 -27.24 24.92 -41.37
C LEU D 14 -26.82 26.34 -41.02
N ASP D 15 -27.39 27.33 -41.69
CA ASP D 15 -27.09 28.71 -41.33
C ASP D 15 -27.54 28.99 -39.91
N GLY D 16 -28.49 28.19 -39.43
CA GLY D 16 -28.96 28.28 -38.06
C GLY D 16 -27.89 27.92 -37.04
N MET D 17 -26.94 27.09 -37.47
CA MET D 17 -25.96 26.55 -36.56
C MET D 17 -24.53 26.97 -36.87
N ARG D 18 -24.38 28.14 -37.46
CA ARG D 18 -23.07 28.69 -37.76
C ARG D 18 -22.29 28.85 -36.45
N GLU D 19 -22.97 29.31 -35.41
CA GLU D 19 -22.33 29.42 -34.10
C GLU D 19 -21.97 28.04 -33.55
N GLY D 20 -22.92 27.11 -33.66
CA GLY D 20 -22.71 25.77 -33.18
C GLY D 20 -21.55 25.11 -33.90
N LEU D 21 -21.41 25.44 -35.16
CA LEU D 21 -20.32 24.94 -35.97
C LEU D 21 -18.99 25.42 -35.44
N ILE D 22 -18.89 26.71 -35.15
CA ILE D 22 -17.63 27.26 -34.65
C ILE D 22 -17.33 26.75 -33.26
N GLN D 23 -18.33 26.72 -32.41
CA GLN D 23 -18.12 26.33 -31.04
C GLN D 23 -17.59 24.93 -30.97
N THR D 24 -18.23 24.03 -31.69
CA THR D 24 -17.85 22.64 -31.65
C THR D 24 -16.42 22.48 -32.10
N ALA D 25 -16.03 23.33 -33.04
CA ALA D 25 -14.66 23.32 -33.56
C ALA D 25 -13.65 23.73 -32.50
N VAL D 26 -13.89 24.85 -31.83
CA VAL D 26 -12.95 25.32 -30.84
C VAL D 26 -12.93 24.42 -29.63
N GLU D 27 -14.11 24.03 -29.17
CA GLU D 27 -14.22 23.18 -28.01
C GLU D 27 -13.43 21.92 -28.24
N LEU D 28 -13.58 21.38 -29.44
CA LEU D 28 -12.87 20.18 -29.84
C LEU D 28 -11.40 20.50 -30.07
N GLY D 29 -11.16 21.64 -30.69
CA GLY D 29 -9.81 22.07 -30.97
C GLY D 29 -9.00 22.33 -29.73
N SER D 30 -9.66 22.80 -28.67
CA SER D 30 -8.99 23.14 -27.42
C SER D 30 -8.45 21.94 -26.67
N ILE D 31 -9.10 20.80 -26.81
CA ILE D 31 -8.68 19.60 -26.11
C ILE D 31 -7.31 19.09 -26.55
N GLU D 32 -6.43 18.84 -25.59
CA GLU D 32 -5.09 18.42 -25.91
C GLU D 32 -5.21 16.96 -26.26
N ALA D 33 -4.93 16.63 -27.52
CA ALA D 33 -5.14 15.26 -27.97
C ALA D 33 -4.10 14.73 -28.92
N PRO D 34 -2.81 14.82 -28.55
CA PRO D 34 -1.79 14.25 -29.40
C PRO D 34 -1.98 12.75 -29.54
N THR D 35 -1.42 12.14 -30.56
CA THR D 35 -1.57 10.71 -30.72
C THR D 35 -1.01 10.04 -29.48
N GLY D 36 -1.82 9.19 -28.86
CA GLY D 36 -1.45 8.59 -27.59
C GLY D 36 -2.26 9.10 -26.44
N ARG D 37 -2.96 10.20 -26.64
CA ARG D 37 -3.81 10.78 -25.60
C ARG D 37 -5.17 11.24 -26.17
N GLU D 38 -5.64 10.54 -27.21
CA GLU D 38 -6.87 10.88 -27.92
C GLU D 38 -8.12 10.67 -27.08
N GLY D 39 -7.94 10.06 -25.92
CA GLY D 39 -9.07 9.65 -25.11
C GLY D 39 -9.95 10.82 -24.72
N ALA D 40 -9.32 11.91 -24.33
CA ALA D 40 -10.07 13.03 -23.84
C ALA D 40 -11.01 13.56 -24.91
N ALA D 41 -10.55 13.58 -26.15
CA ALA D 41 -11.36 14.10 -27.24
C ALA D 41 -12.45 13.12 -27.61
N GLY D 42 -12.14 11.84 -27.50
CA GLY D 42 -13.12 10.83 -27.84
C GLY D 42 -14.29 10.97 -26.92
N ASP D 43 -14.02 11.20 -25.63
CA ASP D 43 -15.07 11.40 -24.65
C ASP D 43 -15.93 12.60 -25.03
N TYR D 44 -15.31 13.66 -25.52
CA TYR D 44 -16.09 14.85 -25.89
C TYR D 44 -17.03 14.56 -27.03
N VAL D 45 -16.55 13.86 -28.05
CA VAL D 45 -17.37 13.56 -29.21
C VAL D 45 -18.47 12.58 -28.91
N TYR D 46 -18.17 11.62 -28.04
CA TYR D 46 -19.14 10.65 -27.63
C TYR D 46 -20.29 11.37 -26.97
N GLU D 47 -19.97 12.28 -26.08
CA GLU D 47 -21.01 12.99 -25.37
C GLU D 47 -21.77 13.87 -26.33
N TRP D 48 -21.05 14.52 -27.22
CA TRP D 48 -21.69 15.36 -28.22
C TRP D 48 -22.60 14.53 -29.07
N MET D 49 -22.14 13.36 -29.44
CA MET D 49 -22.95 12.50 -30.27
C MET D 49 -24.13 11.98 -29.48
N ALA D 50 -23.91 11.65 -28.22
CA ALA D 50 -24.96 11.08 -27.39
C ALA D 50 -26.05 12.11 -27.16
N ARG D 51 -25.61 13.32 -26.85
CA ARG D 51 -26.47 14.46 -26.64
C ARG D 51 -27.36 14.71 -27.83
N ASN D 52 -26.91 14.34 -29.04
CA ASN D 52 -27.72 14.59 -30.23
C ASN D 52 -28.47 13.38 -30.77
N GLY D 53 -28.48 12.28 -30.03
CA GLY D 53 -29.33 11.19 -30.43
C GLY D 53 -28.76 10.34 -31.52
N PHE D 54 -27.45 10.42 -31.71
CA PHE D 54 -26.80 9.60 -32.70
C PHE D 54 -26.34 8.28 -32.08
N GLY D 55 -26.65 8.12 -30.80
CA GLY D 55 -26.45 6.85 -30.11
C GLY D 55 -25.10 6.24 -30.29
N PRO D 56 -24.07 6.86 -29.70
CA PRO D 56 -22.69 6.44 -29.92
C PRO D 56 -22.26 5.17 -29.20
N GLU D 57 -21.16 4.60 -29.66
CA GLU D 57 -20.58 3.41 -29.08
C GLU D 57 -19.09 3.63 -29.06
N ARG D 58 -18.36 3.05 -28.11
CA ARG D 58 -16.91 3.22 -28.11
C ARG D 58 -16.28 1.93 -28.57
N VAL D 59 -15.55 2.00 -29.66
CA VAL D 59 -14.87 0.85 -30.21
C VAL D 59 -13.40 1.07 -30.04
N GLY D 60 -12.74 0.23 -29.25
CA GLY D 60 -11.32 0.41 -29.06
C GLY D 60 -10.58 -0.76 -28.48
N VAL D 61 -9.26 -0.74 -28.66
CA VAL D 61 -8.41 -1.73 -28.06
C VAL D 61 -8.15 -1.38 -26.60
N PHE D 62 -8.14 -0.09 -26.32
CA PHE D 62 -7.80 0.43 -25.01
C PHE D 62 -8.95 1.28 -24.48
N ASP D 63 -9.07 1.38 -23.17
CA ASP D 63 -10.20 2.11 -22.60
C ASP D 63 -10.00 3.61 -22.58
N ASP D 64 -8.78 4.08 -22.86
CA ASP D 64 -8.54 5.52 -22.99
C ASP D 64 -8.13 5.92 -24.40
N ARG D 65 -8.09 4.96 -25.31
CA ARG D 65 -7.84 5.25 -26.71
C ARG D 65 -8.77 4.46 -27.55
N PHE D 66 -9.76 5.15 -28.08
CA PHE D 66 -10.86 4.47 -28.69
C PHE D 66 -11.49 5.31 -29.77
N ASN D 67 -12.32 4.66 -30.58
CA ASN D 67 -13.07 5.32 -31.62
C ASN D 67 -14.51 5.43 -31.20
N VAL D 68 -15.19 6.40 -31.76
CA VAL D 68 -16.58 6.61 -31.46
C VAL D 68 -17.38 6.38 -32.72
N VAL D 69 -18.35 5.49 -32.68
CA VAL D 69 -19.15 5.25 -33.87
C VAL D 69 -20.56 5.56 -33.54
N GLY D 70 -21.18 6.38 -34.35
CA GLY D 70 -22.57 6.69 -34.11
C GLY D 70 -23.24 6.74 -35.46
N ARG D 71 -24.55 6.74 -35.48
CA ARG D 71 -25.20 6.76 -36.78
C ARG D 71 -26.59 7.37 -36.77
N LEU D 72 -26.93 7.97 -37.90
CA LEU D 72 -28.24 8.54 -38.13
C LEU D 72 -29.06 7.58 -38.99
N ARG D 73 -29.88 6.77 -38.34
CA ARG D 73 -30.65 5.73 -39.03
C ARG D 73 -31.59 6.26 -40.12
N GLY D 74 -31.78 5.48 -41.17
CA GLY D 74 -32.58 5.91 -42.30
C GLY D 74 -33.77 5.00 -42.50
N THR D 75 -34.74 5.43 -43.29
CA THR D 75 -36.01 4.73 -43.45
C THR D 75 -35.88 3.28 -43.94
N GLY D 76 -34.92 3.01 -44.81
CA GLY D 76 -34.68 1.65 -45.24
C GLY D 76 -34.42 1.47 -46.72
N GLY D 77 -33.67 0.43 -47.05
CA GLY D 77 -33.35 0.09 -48.42
C GLY D 77 -32.57 1.11 -49.23
N GLY D 78 -31.59 1.75 -48.59
CA GLY D 78 -30.79 2.73 -49.30
C GLY D 78 -29.31 2.53 -49.01
N ALA D 79 -28.47 3.16 -49.82
CA ALA D 79 -27.03 3.05 -49.58
C ALA D 79 -26.68 3.80 -48.32
N SER D 80 -25.69 3.29 -47.59
CA SER D 80 -25.28 3.92 -46.34
C SER D 80 -23.91 4.54 -46.55
N LEU D 81 -23.75 5.74 -46.02
CA LEU D 81 -22.54 6.51 -46.17
C LEU D 81 -21.87 6.82 -44.84
N SER D 82 -20.56 6.67 -44.82
CA SER D 82 -19.79 6.82 -43.61
C SER D 82 -19.09 8.15 -43.71
N PHE D 83 -19.07 8.89 -42.62
CA PHE D 83 -18.35 10.16 -42.56
C PHE D 83 -17.21 9.98 -41.59
N ASN D 84 -16.00 10.34 -41.97
CA ASN D 84 -14.89 10.00 -41.11
C ASN D 84 -13.88 11.12 -40.87
N SER D 85 -13.34 11.15 -39.66
CA SER D 85 -12.30 12.07 -39.27
C SER D 85 -11.57 11.50 -38.05
N HIS D 86 -10.39 12.01 -37.73
CA HIS D 86 -9.64 11.45 -36.61
C HIS D 86 -9.58 12.37 -35.41
N LEU D 87 -9.54 11.76 -34.23
CA LEU D 87 -9.50 12.42 -32.93
C LEU D 87 -8.15 13.05 -32.56
N ASP D 88 -7.06 12.35 -32.85
CA ASP D 88 -5.74 12.80 -32.47
C ASP D 88 -5.24 14.00 -33.27
N THR D 89 -4.21 14.66 -32.72
CA THR D 89 -3.56 15.83 -33.32
C THR D 89 -2.07 15.57 -33.41
N ILE D 90 -1.38 16.37 -34.22
CA ILE D 90 0.04 16.13 -34.53
C ILE D 90 1.02 16.38 -33.42
N MET D 91 0.92 17.54 -32.78
CA MET D 91 1.94 17.95 -31.82
C MET D 91 1.51 17.68 -30.40
N ALA D 92 2.39 17.01 -29.65
CA ALA D 92 2.18 16.81 -28.24
C ALA D 92 2.52 18.13 -27.57
N ARG D 93 2.19 18.28 -26.30
CA ARG D 93 2.46 19.56 -25.64
C ARG D 93 3.96 19.82 -25.57
N GLU D 94 4.73 18.76 -25.33
CA GLU D 94 6.18 18.91 -25.37
C GLU D 94 6.79 17.95 -26.38
N ASP D 95 7.00 18.46 -27.58
CA ASP D 95 7.64 17.72 -28.66
C ASP D 95 8.87 18.50 -29.11
N THR D 96 9.76 18.74 -28.17
CA THR D 96 10.94 19.57 -28.37
C THR D 96 11.95 18.90 -29.26
N ALA D 97 11.76 17.61 -29.48
CA ALA D 97 12.67 16.83 -30.32
C ALA D 97 12.58 17.19 -31.81
N ARG D 98 11.39 17.60 -32.25
CA ARG D 98 11.08 17.78 -33.67
C ARG D 98 10.80 19.21 -34.10
N PHE D 99 10.43 20.06 -33.15
CA PHE D 99 10.12 21.43 -33.46
C PHE D 99 11.08 22.38 -32.75
N ALA D 100 11.56 23.39 -33.47
CA ALA D 100 12.46 24.36 -32.89
C ALA D 100 11.73 25.12 -31.80
N ASP D 101 10.50 25.52 -32.09
CA ASP D 101 9.68 26.15 -31.07
C ASP D 101 8.48 25.29 -30.79
N ALA D 102 8.57 24.50 -29.74
CA ALA D 102 7.52 23.53 -29.44
C ALA D 102 6.43 24.21 -28.63
N ASN D 103 6.57 25.51 -28.43
CA ASN D 103 5.64 26.20 -27.57
C ASN D 103 4.71 27.19 -28.27
N ASP D 104 4.75 27.26 -29.60
CA ASP D 104 3.88 28.19 -30.33
C ASP D 104 2.40 27.89 -30.01
N ARG D 105 1.59 28.93 -29.83
CA ARG D 105 0.20 28.79 -29.42
C ARG D 105 -0.58 27.97 -30.45
N ILE D 106 -0.15 28.06 -31.69
CA ILE D 106 -0.85 27.42 -32.79
C ILE D 106 -0.87 25.91 -32.58
N TYR D 107 0.25 25.35 -32.12
CA TYR D 107 0.38 23.91 -32.00
C TYR D 107 -0.61 23.25 -31.02
N HIS D 108 -0.98 23.95 -29.95
CA HIS D 108 -1.79 23.30 -28.94
C HIS D 108 -3.11 23.96 -28.58
N GLU D 109 -3.56 24.96 -29.32
CA GLU D 109 -4.87 25.52 -28.99
C GLU D 109 -5.68 25.88 -30.22
N ALA D 110 -6.92 26.31 -29.98
CA ALA D 110 -7.82 26.70 -31.05
C ALA D 110 -8.64 27.91 -30.63
N TRP D 111 -8.88 28.83 -31.55
CA TRP D 111 -9.56 30.09 -31.22
C TRP D 111 -10.15 30.77 -32.46
N HIS D 112 -11.18 31.60 -32.24
CA HIS D 112 -11.80 32.40 -33.29
C HIS D 112 -11.34 33.87 -33.33
N GLU D 113 -10.31 34.19 -34.11
CA GLU D 113 -9.68 35.54 -34.12
C GLU D 113 -10.23 36.48 -35.18
N GLU D 114 -11.12 35.97 -36.01
CA GLU D 114 -11.65 36.68 -37.16
C GLU D 114 -12.42 35.60 -37.89
N GLY D 115 -13.19 35.93 -38.92
CA GLY D 115 -13.93 34.92 -39.66
C GLY D 115 -13.19 33.63 -39.99
N ARG D 116 -12.02 33.42 -39.37
CA ARG D 116 -11.29 32.17 -39.51
C ARG D 116 -11.00 31.53 -38.16
N ILE D 117 -10.79 30.23 -38.19
CA ILE D 117 -10.46 29.47 -37.02
C ILE D 117 -9.02 29.01 -37.09
N TYR D 118 -8.33 29.19 -35.98
CA TYR D 118 -6.90 28.92 -35.88
C TYR D 118 -6.60 27.68 -35.06
N GLY D 119 -5.57 26.95 -35.47
CA GLY D 119 -5.06 25.87 -34.65
C GLY D 119 -4.74 24.65 -35.46
N TYR D 120 -3.52 24.13 -35.36
CA TYR D 120 -3.15 22.93 -36.10
C TYR D 120 -4.10 21.81 -35.73
N SER D 121 -4.63 21.89 -34.52
CA SER D 121 -5.56 20.87 -34.04
C SER D 121 -6.93 21.07 -34.66
N VAL D 122 -7.15 22.20 -35.32
CA VAL D 122 -8.42 22.43 -35.99
C VAL D 122 -8.33 21.99 -37.44
N VAL D 123 -7.22 22.30 -38.10
CA VAL D 123 -6.97 21.83 -39.46
C VAL D 123 -6.82 20.34 -39.50
N ASN D 124 -6.19 19.80 -38.46
CA ASN D 124 -5.93 18.37 -38.41
C ASN D 124 -6.16 17.89 -37.00
N CYS D 125 -7.37 17.41 -36.74
CA CYS D 125 -8.43 17.41 -37.75
C CYS D 125 -9.80 17.57 -37.12
N LYS D 126 -10.01 18.63 -36.37
CA LYS D 126 -11.29 18.76 -35.71
C LYS D 126 -12.20 19.70 -36.46
N GLY D 127 -11.64 20.43 -37.40
CA GLY D 127 -12.41 21.37 -38.18
C GLY D 127 -13.35 20.63 -39.09
N PRO D 128 -12.79 19.68 -39.85
CA PRO D 128 -13.60 18.87 -40.73
C PRO D 128 -14.58 18.03 -39.93
N MET D 129 -14.12 17.44 -38.84
CA MET D 129 -15.00 16.64 -38.00
C MET D 129 -16.14 17.47 -37.46
N ALA D 130 -15.87 18.73 -37.19
CA ALA D 130 -16.91 19.59 -36.68
C ALA D 130 -17.95 19.74 -37.75
N CYS D 131 -17.50 19.79 -38.99
CA CYS D 131 -18.38 20.03 -40.13
C CYS D 131 -19.39 18.95 -40.35
N TRP D 132 -18.95 17.70 -40.43
CA TRP D 132 -19.89 16.63 -40.70
C TRP D 132 -20.69 16.25 -39.49
N LEU D 133 -20.13 16.52 -38.32
CA LEU D 133 -20.85 16.34 -37.08
C LEU D 133 -22.06 17.27 -37.13
N ILE D 134 -21.82 18.52 -37.51
CA ILE D 134 -22.90 19.48 -37.66
C ILE D 134 -23.82 19.15 -38.80
N ALA D 135 -23.27 18.69 -39.91
CA ALA D 135 -24.09 18.34 -41.07
C ALA D 135 -25.09 17.24 -40.72
N ALA D 136 -24.65 16.25 -39.95
CA ALA D 136 -25.55 15.20 -39.50
C ALA D 136 -26.61 15.77 -38.58
N LYS D 137 -26.23 16.74 -37.78
CA LYS D 137 -27.20 17.36 -36.88
C LYS D 137 -28.29 18.06 -37.67
N ALA D 138 -27.89 18.73 -38.75
CA ALA D 138 -28.84 19.47 -39.56
C ALA D 138 -29.87 18.55 -40.17
N LEU D 139 -29.43 17.43 -40.72
CA LEU D 139 -30.33 16.48 -41.35
C LEU D 139 -31.34 15.96 -40.37
N LYS D 140 -30.87 15.55 -39.20
CA LYS D 140 -31.75 15.00 -38.19
C LYS D 140 -32.75 16.06 -37.73
N GLU D 141 -32.24 17.22 -37.36
CA GLU D 141 -33.07 18.29 -36.87
C GLU D 141 -33.99 18.84 -37.95
N ALA D 142 -33.61 18.68 -39.21
CA ALA D 142 -34.45 19.16 -40.29
C ALA D 142 -35.29 18.00 -40.79
N GLY D 143 -35.19 16.88 -40.09
CA GLY D 143 -35.96 15.67 -40.38
C GLY D 143 -35.94 15.26 -41.84
N ALA D 144 -34.77 15.38 -42.47
CA ALA D 144 -34.59 15.02 -43.87
C ALA D 144 -34.83 13.55 -44.10
N ALA D 145 -35.20 13.20 -45.32
CA ALA D 145 -35.50 11.82 -45.63
C ALA D 145 -34.32 11.10 -46.27
N LEU D 146 -33.87 10.04 -45.62
CA LEU D 146 -32.82 9.22 -46.19
C LEU D 146 -33.24 7.76 -46.07
N LYS D 147 -32.99 6.97 -47.09
CA LYS D 147 -33.34 5.56 -47.04
C LYS D 147 -32.20 4.78 -46.43
N GLY D 148 -31.04 5.40 -46.37
CA GLY D 148 -29.87 4.69 -45.89
C GLY D 148 -29.29 5.32 -44.65
N ASP D 149 -28.53 4.53 -43.92
CA ASP D 149 -27.92 5.01 -42.72
C ASP D 149 -26.74 5.91 -43.04
N VAL D 150 -26.48 6.84 -42.14
CA VAL D 150 -25.30 7.67 -42.18
C VAL D 150 -24.50 7.29 -40.96
N VAL D 151 -23.27 6.86 -41.14
CA VAL D 151 -22.49 6.40 -39.99
C VAL D 151 -21.48 7.48 -39.62
N LEU D 152 -21.43 7.81 -38.34
CA LEU D 152 -20.52 8.85 -37.92
C LEU D 152 -19.35 8.20 -37.21
N THR D 153 -18.22 8.18 -37.90
CA THR D 153 -17.04 7.56 -37.36
C THR D 153 -15.96 8.55 -37.02
N ALA D 154 -15.64 8.65 -35.73
CA ALA D 154 -14.50 9.43 -35.25
C ALA D 154 -13.48 8.46 -34.70
N VAL D 155 -12.28 8.47 -35.27
CA VAL D 155 -11.31 7.45 -34.96
C VAL D 155 -10.06 7.99 -34.27
N CYS D 156 -9.27 7.08 -33.76
CA CYS D 156 -8.06 7.47 -33.09
C CYS D 156 -6.88 6.96 -33.88
N GLY D 157 -5.67 7.37 -33.48
CA GLY D 157 -4.48 6.81 -34.05
C GLY D 157 -4.42 6.95 -35.54
N GLU D 158 -4.87 8.07 -36.07
CA GLU D 158 -4.82 8.30 -37.52
C GLU D 158 -3.41 8.58 -37.99
N ILE D 159 -2.72 9.41 -37.21
CA ILE D 159 -1.41 9.90 -37.55
C ILE D 159 -0.33 8.82 -37.51
N ASP D 160 0.75 9.01 -38.27
CA ASP D 160 1.73 7.93 -38.49
C ASP D 160 2.77 7.72 -37.38
N CYS D 161 2.31 7.46 -36.16
CA CYS D 161 3.20 7.11 -35.08
C CYS D 161 3.27 5.63 -35.09
N GLU D 162 4.45 5.05 -34.99
CA GLU D 162 4.54 3.62 -34.97
C GLU D 162 5.50 3.14 -33.91
N PRO D 163 5.15 2.06 -33.22
CA PRO D 163 6.11 1.53 -32.28
C PRO D 163 7.33 1.00 -32.99
N VAL D 164 8.47 1.16 -32.37
CA VAL D 164 9.72 0.62 -32.86
C VAL D 164 10.66 0.36 -31.71
N ASP D 165 11.48 -0.67 -31.82
CA ASP D 165 12.50 -0.94 -30.83
C ASP D 165 11.92 -1.07 -29.43
N GLU D 166 12.30 -0.15 -28.57
CA GLU D 166 11.90 -0.19 -27.19
C GLU D 166 10.63 0.56 -26.95
N PHE D 167 10.02 1.08 -28.01
CA PHE D 167 8.77 1.78 -27.84
C PHE D 167 7.65 0.89 -28.34
N GLN D 168 7.00 0.17 -27.45
CA GLN D 168 6.00 -0.75 -27.91
C GLN D 168 4.74 -0.53 -27.10
N GLY D 169 3.59 -0.92 -27.62
CA GLY D 169 2.45 -0.96 -26.75
C GLY D 169 1.62 0.30 -26.75
N HIS D 170 0.79 0.40 -25.72
CA HIS D 170 -0.28 1.39 -25.61
C HIS D 170 0.11 2.80 -25.99
N ASP D 171 1.26 3.27 -25.54
CA ASP D 171 1.60 4.67 -25.80
C ASP D 171 1.97 5.03 -27.23
N TYR D 172 2.54 4.08 -27.97
CA TYR D 172 3.05 4.40 -29.30
C TYR D 172 2.19 3.93 -30.46
N LEU D 173 1.24 3.03 -30.21
CA LEU D 173 0.36 2.54 -31.26
C LEU D 173 -0.47 3.67 -31.88
N ALA D 174 -0.84 3.51 -33.16
CA ALA D 174 -1.68 4.51 -33.81
C ALA D 174 -2.72 3.90 -34.76
N GLU D 175 -2.32 3.54 -35.96
CA GLU D 175 -3.33 3.24 -36.95
C GLU D 175 -3.76 1.80 -36.88
N ASP D 176 -3.05 0.96 -36.14
CA ASP D 176 -3.48 -0.43 -36.03
C ASP D 176 -4.76 -0.52 -35.18
N ILE D 177 -4.86 0.37 -34.19
CA ILE D 177 -6.00 0.48 -33.28
C ILE D 177 -6.95 1.60 -33.69
N GLY D 178 -6.74 2.11 -34.89
CA GLY D 178 -7.50 3.23 -35.43
C GLY D 178 -8.78 2.90 -36.21
N ALA D 179 -8.92 3.55 -37.36
CA ALA D 179 -10.10 3.36 -38.19
C ALA D 179 -10.27 1.93 -38.68
N ARG D 180 -9.19 1.26 -39.05
CA ARG D 180 -9.34 -0.11 -39.52
C ARG D 180 -9.92 -1.02 -38.47
N TYR D 181 -9.70 -0.68 -37.20
CA TYR D 181 -10.29 -1.45 -36.12
C TYR D 181 -11.77 -1.18 -36.07
N ALA D 182 -12.14 0.09 -36.15
CA ALA D 182 -13.53 0.44 -36.02
C ALA D 182 -14.29 -0.23 -37.13
N ILE D 183 -13.73 -0.23 -38.34
CA ILE D 183 -14.43 -0.85 -39.44
C ILE D 183 -14.54 -2.34 -39.24
N SER D 184 -13.42 -3.00 -38.97
CA SER D 184 -13.48 -4.44 -38.88
C SER D 184 -14.38 -4.84 -37.73
N HIS D 185 -14.81 -3.86 -36.93
CA HIS D 185 -15.65 -4.19 -35.79
C HIS D 185 -16.93 -3.41 -35.85
N GLY D 186 -17.49 -3.31 -37.05
CA GLY D 186 -18.84 -2.84 -37.25
C GLY D 186 -19.14 -1.49 -37.85
N ALA D 187 -18.15 -0.61 -37.96
CA ALA D 187 -18.41 0.69 -38.55
C ALA D 187 -18.33 0.56 -40.06
N ILE D 188 -19.19 -0.27 -40.63
CA ILE D 188 -19.19 -0.51 -42.07
C ILE D 188 -20.36 0.16 -42.73
N SER D 189 -20.14 0.64 -43.94
CA SER D 189 -21.16 1.26 -44.74
C SER D 189 -20.89 0.95 -46.20
N ASP D 190 -21.74 1.43 -47.07
CA ASP D 190 -21.56 1.16 -48.48
C ASP D 190 -20.43 1.99 -49.07
N TYR D 191 -20.40 3.26 -48.73
CA TYR D 191 -19.37 4.17 -49.18
C TYR D 191 -18.89 4.96 -47.98
N ALA D 192 -17.74 5.59 -48.09
CA ALA D 192 -17.25 6.36 -46.97
C ALA D 192 -16.57 7.62 -47.42
N LEU D 193 -16.88 8.72 -46.76
CA LEU D 193 -16.26 9.96 -47.10
C LEU D 193 -15.34 10.43 -45.96
N VAL D 194 -14.04 10.42 -46.20
CA VAL D 194 -13.10 10.80 -45.18
C VAL D 194 -12.89 12.30 -45.28
N ALA D 195 -13.26 13.00 -44.22
CA ALA D 195 -13.27 14.45 -44.22
C ALA D 195 -11.98 15.03 -43.70
N GLU D 196 -11.20 15.61 -44.59
CA GLU D 196 -9.94 16.24 -44.20
C GLU D 196 -9.71 17.43 -45.12
N ALA D 197 -8.72 18.25 -44.81
CA ALA D 197 -8.55 19.43 -45.63
C ALA D 197 -7.90 19.05 -46.93
N THR D 198 -8.67 19.13 -48.01
CA THR D 198 -8.17 18.88 -49.35
C THR D 198 -8.32 20.12 -50.22
N ASN D 199 -8.85 21.19 -49.65
CA ASN D 199 -9.02 22.43 -50.38
C ASN D 199 -10.16 22.32 -51.36
N PHE D 200 -11.17 21.57 -50.97
CA PHE D 200 -12.35 21.35 -51.80
C PHE D 200 -11.99 20.60 -53.09
N LYS D 201 -11.02 19.70 -53.00
CA LYS D 201 -10.67 18.88 -54.13
C LYS D 201 -10.67 17.43 -53.67
N PRO D 202 -11.38 16.57 -54.38
CA PRO D 202 -11.54 15.21 -53.86
C PRO D 202 -10.52 14.27 -54.45
N ALA D 203 -10.06 13.31 -53.65
CA ALA D 203 -9.09 12.32 -54.10
C ALA D 203 -9.48 10.91 -53.72
N TRP D 204 -9.37 9.97 -54.63
CA TRP D 204 -9.61 8.59 -54.28
C TRP D 204 -8.39 7.74 -54.47
N VAL D 205 -7.23 8.33 -54.26
CA VAL D 205 -6.01 7.55 -54.13
C VAL D 205 -5.16 8.13 -53.01
N GLU D 206 -4.45 7.25 -52.29
CA GLU D 206 -3.50 7.63 -51.25
C GLU D 206 -2.36 6.63 -51.28
N ALA D 207 -1.27 6.90 -50.60
CA ALA D 207 -0.11 6.02 -50.69
C ALA D 207 0.11 5.16 -49.47
N GLY D 208 0.75 4.03 -49.67
CA GLY D 208 1.10 3.16 -48.58
C GLY D 208 2.39 3.72 -48.02
N LYS D 209 3.14 2.93 -47.28
CA LYS D 209 4.43 3.36 -46.75
C LYS D 209 5.20 2.17 -46.26
N VAL D 210 6.51 2.32 -46.15
CA VAL D 210 7.32 1.32 -45.51
C VAL D 210 8.37 2.08 -44.72
N PHE D 211 8.63 1.63 -43.49
CA PHE D 211 9.60 2.28 -42.62
C PHE D 211 10.81 1.40 -42.43
N LEU D 212 11.99 1.94 -42.68
CA LEU D 212 13.19 1.14 -42.58
C LEU D 212 14.07 1.70 -41.49
N LYS D 213 14.65 0.81 -40.72
CA LYS D 213 15.62 1.18 -39.72
C LYS D 213 16.94 0.76 -40.25
N VAL D 214 17.72 1.72 -40.76
CA VAL D 214 19.00 1.42 -41.34
C VAL D 214 20.08 1.60 -40.31
N THR D 215 20.71 0.49 -39.95
CA THR D 215 21.76 0.49 -38.97
C THR D 215 23.09 0.20 -39.62
N VAL D 216 24.07 1.07 -39.45
CA VAL D 216 25.34 0.83 -40.13
C VAL D 216 26.44 0.44 -39.14
N PHE D 217 27.23 -0.55 -39.52
CA PHE D 217 28.21 -1.09 -38.62
C PHE D 217 29.60 -0.64 -38.97
N ALA D 218 30.35 -0.34 -37.91
CA ALA D 218 31.74 0.07 -38.01
C ALA D 218 32.41 -0.45 -36.76
N GLY D 219 33.56 0.10 -36.44
CA GLY D 219 34.22 -0.19 -35.18
C GLY D 219 35.67 -0.41 -35.48
N PRO D 220 36.45 -0.83 -34.48
CA PRO D 220 36.05 -1.02 -33.09
C PRO D 220 36.09 0.24 -32.20
N SER D 221 35.29 0.22 -31.14
CA SER D 221 35.20 1.34 -30.21
C SER D 221 36.54 1.54 -29.53
N ARG D 222 36.89 2.78 -29.26
CA ARG D 222 38.13 3.08 -28.60
C ARG D 222 37.93 4.22 -27.63
N TYR D 223 38.68 4.22 -26.54
CA TYR D 223 38.60 5.31 -25.61
C TYR D 223 39.17 6.49 -26.37
N THR D 224 38.57 7.66 -26.21
CA THR D 224 38.93 8.80 -27.02
C THR D 224 40.42 9.10 -27.09
N PRO D 225 41.14 8.91 -25.99
CA PRO D 225 42.57 9.21 -26.12
C PRO D 225 43.28 8.29 -27.11
N TYR D 226 42.61 7.23 -27.54
CA TYR D 226 43.24 6.28 -28.44
C TYR D 226 42.62 6.30 -29.83
N VAL D 227 41.71 7.23 -30.12
CA VAL D 227 41.05 7.19 -31.41
C VAL D 227 42.04 7.49 -32.50
N PRO D 228 42.00 6.69 -33.58
CA PRO D 228 42.98 6.85 -34.65
C PRO D 228 42.56 7.82 -35.73
N ARG D 229 43.39 8.82 -35.96
CA ARG D 229 43.16 9.73 -37.06
C ARG D 229 44.51 10.04 -37.70
N PRO D 230 44.50 10.47 -38.96
CA PRO D 230 43.30 10.71 -39.75
C PRO D 230 42.80 9.49 -40.49
N VAL D 231 41.50 9.39 -40.68
CA VAL D 231 40.94 8.30 -41.44
C VAL D 231 39.80 8.80 -42.32
N ALA D 232 39.60 8.15 -43.45
CA ALA D 232 38.55 8.54 -44.40
C ALA D 232 37.21 8.39 -43.77
N ALA D 233 36.24 9.18 -44.18
CA ALA D 233 34.95 9.12 -43.53
C ALA D 233 34.41 7.72 -43.67
N LEU D 234 34.35 7.21 -44.89
CA LEU D 234 33.75 5.91 -45.13
C LEU D 234 34.45 4.74 -44.47
N ASP D 235 35.68 4.94 -44.01
CA ASP D 235 36.39 3.90 -43.30
C ASP D 235 36.46 4.16 -41.82
N SER D 236 35.72 5.17 -41.35
CA SER D 236 35.79 5.57 -39.96
C SER D 236 35.37 4.42 -39.07
N PRO D 237 35.94 4.36 -37.87
CA PRO D 237 35.61 3.33 -36.90
C PRO D 237 34.36 3.75 -36.18
N ASN D 238 34.14 5.05 -36.15
CA ASN D 238 32.96 5.63 -35.56
C ASN D 238 31.83 5.50 -36.52
N ALA D 239 30.80 4.78 -36.12
CA ALA D 239 29.70 4.53 -37.02
C ALA D 239 28.89 5.80 -37.30
N ILE D 240 29.03 6.83 -36.48
CA ILE D 240 28.27 8.04 -36.77
C ILE D 240 28.82 8.67 -38.02
N VAL D 241 30.11 8.48 -38.25
CA VAL D 241 30.76 9.11 -39.41
C VAL D 241 30.36 8.44 -40.72
N ARG D 242 30.39 7.11 -40.75
CA ARG D 242 29.91 6.42 -41.93
C ARG D 242 28.44 6.73 -42.14
N MET D 243 27.68 6.85 -41.07
CA MET D 243 26.28 7.16 -41.24
C MET D 243 26.13 8.49 -41.91
N ALA D 244 27.09 9.38 -41.64
CA ALA D 244 27.07 10.71 -42.22
C ALA D 244 27.14 10.60 -43.73
N LYS D 245 28.02 9.73 -44.20
CA LYS D 245 28.15 9.49 -45.62
C LYS D 245 26.92 8.79 -46.16
N LEU D 246 26.44 7.78 -45.45
CA LEU D 246 25.28 7.06 -45.91
C LEU D 246 24.08 7.96 -45.95
N VAL D 247 24.01 8.94 -45.07
CA VAL D 247 22.86 9.80 -45.13
C VAL D 247 22.89 10.59 -46.40
N GLU D 248 24.06 11.06 -46.81
CA GLU D 248 24.10 11.89 -48.02
C GLU D 248 23.85 11.09 -49.29
N ALA D 249 24.31 9.84 -49.34
CA ALA D 249 23.98 9.00 -50.47
C ALA D 249 22.48 8.78 -50.57
N LEU D 250 21.85 8.47 -49.44
CA LEU D 250 20.42 8.18 -49.39
C LEU D 250 19.60 9.40 -49.73
N GLU D 251 20.14 10.58 -49.45
CA GLU D 251 19.42 11.79 -49.75
C GLU D 251 19.29 11.97 -51.25
N GLU D 252 20.32 11.57 -52.01
CA GLU D 252 20.26 11.67 -53.45
C GLU D 252 19.35 10.60 -54.01
N TRP D 253 19.40 9.41 -53.42
CA TRP D 253 18.50 8.33 -53.81
C TRP D 253 17.07 8.75 -53.63
N ALA D 254 16.82 9.46 -52.55
CA ALA D 254 15.49 9.96 -52.25
C ALA D 254 15.04 10.92 -53.32
N ASP D 255 15.96 11.74 -53.81
CA ASP D 255 15.62 12.76 -54.80
C ASP D 255 15.07 12.09 -56.04
N ASN D 256 15.71 11.00 -56.44
CA ASN D 256 15.26 10.23 -57.60
C ASN D 256 14.07 9.32 -57.35
N TYR D 257 13.96 8.78 -56.16
CA TYR D 257 12.90 7.84 -55.88
C TYR D 257 11.54 8.41 -56.23
N GLU D 258 11.29 9.65 -55.87
CA GLU D 258 9.97 10.23 -56.13
C GLU D 258 9.67 10.38 -57.60
N LYS D 259 10.67 10.76 -58.38
CA LYS D 259 10.47 10.94 -59.81
C LYS D 259 10.15 9.61 -60.48
N ARG D 260 10.92 8.58 -60.14
CA ARG D 260 10.74 7.29 -60.79
C ARG D 260 9.40 6.65 -60.47
N TYR D 261 8.93 6.82 -59.25
CA TYR D 261 7.75 6.11 -58.82
C TYR D 261 6.50 6.94 -58.86
N THR D 262 6.59 8.13 -59.43
CA THR D 262 5.38 8.91 -59.65
C THR D 262 4.44 8.10 -60.51
N ARG D 263 3.18 8.02 -60.13
CA ARG D 263 2.24 7.27 -60.92
C ARG D 263 0.93 8.04 -61.00
N GLU D 264 0.33 8.16 -62.18
CA GLU D 264 -0.94 8.89 -62.28
C GLU D 264 -2.08 7.89 -62.31
N TYR D 265 -3.09 8.19 -61.51
CA TYR D 265 -4.22 7.31 -61.32
C TYR D 265 -5.47 8.11 -61.61
N GLY D 266 -6.60 7.42 -61.71
CA GLY D 266 -7.83 8.14 -61.95
C GLY D 266 -8.05 9.04 -60.77
N GLY D 267 -7.84 8.48 -59.58
CA GLY D 267 -8.02 9.19 -58.32
C GLY D 267 -7.08 10.35 -58.01
N GLY D 268 -5.86 10.28 -58.50
CA GLY D 268 -4.96 11.39 -58.34
C GLY D 268 -3.62 11.03 -58.88
N THR D 269 -2.63 11.88 -58.65
CA THR D 269 -1.30 11.55 -59.09
C THR D 269 -0.46 11.35 -57.85
N VAL D 270 0.10 10.15 -57.72
CA VAL D 270 0.80 9.78 -56.50
C VAL D 270 2.28 10.04 -56.64
N VAL D 271 2.77 11.03 -55.91
CA VAL D 271 4.20 11.28 -55.88
C VAL D 271 4.75 10.90 -54.52
N PRO D 272 5.39 9.74 -54.42
CA PRO D 272 5.78 9.22 -53.13
C PRO D 272 7.12 9.74 -52.67
N LYS D 273 7.16 10.47 -51.56
CA LYS D 273 8.44 10.98 -51.08
C LYS D 273 9.15 10.13 -50.02
N VAL D 274 10.40 10.50 -49.72
CA VAL D 274 11.21 9.88 -48.68
C VAL D 274 11.74 10.90 -47.68
N ALA D 275 11.90 10.49 -46.42
CA ALA D 275 12.46 11.39 -45.41
C ALA D 275 13.14 10.59 -44.31
N ILE D 276 14.21 11.14 -43.74
CA ILE D 276 14.86 10.49 -42.61
C ILE D 276 14.34 11.13 -41.34
N GLY D 277 13.40 10.46 -40.70
CA GLY D 277 12.69 10.99 -39.55
C GLY D 277 13.44 11.03 -38.25
N ALA D 278 14.42 10.15 -38.12
CA ALA D 278 15.15 10.07 -36.89
C ALA D 278 16.53 9.47 -37.06
N ILE D 279 17.44 9.82 -36.16
CA ILE D 279 18.75 9.23 -36.18
C ILE D 279 19.16 9.08 -34.75
N ARG D 280 19.94 8.07 -34.47
CA ARG D 280 20.47 7.93 -33.14
C ARG D 280 21.55 6.88 -33.10
N GLY D 281 22.68 7.26 -32.53
CA GLY D 281 23.82 6.37 -32.38
C GLY D 281 24.44 6.71 -31.05
N GLY D 282 24.83 5.70 -30.30
CA GLY D 282 25.41 5.95 -29.00
C GLY D 282 24.41 6.61 -28.07
N VAL D 283 24.83 6.85 -26.83
CA VAL D 283 23.99 7.51 -25.84
C VAL D 283 24.63 8.73 -25.24
N PRO D 284 23.86 9.80 -25.07
CA PRO D 284 24.38 11.10 -24.64
C PRO D 284 25.05 11.08 -23.28
N TYR D 285 24.89 10.01 -22.52
CA TYR D 285 25.40 10.04 -21.16
C TYR D 285 26.60 9.13 -20.97
N LYS D 286 27.12 8.59 -22.07
CA LYS D 286 28.41 7.92 -22.07
C LYS D 286 29.07 8.04 -23.42
N ILE D 287 29.65 9.21 -23.65
CA ILE D 287 30.20 9.55 -24.94
C ILE D 287 31.70 9.38 -24.99
N TYR D 288 32.32 8.92 -23.90
CA TYR D 288 33.76 8.79 -23.87
C TYR D 288 34.23 7.77 -24.89
N ARG D 289 33.33 6.90 -25.30
CA ARG D 289 33.62 5.92 -26.34
C ARG D 289 32.66 6.07 -27.53
N PHE D 290 33.16 6.31 -28.73
CA PHE D 290 32.23 6.47 -29.86
C PHE D 290 31.60 5.13 -30.15
N PRO D 291 30.49 5.13 -30.87
CA PRO D 291 29.68 3.93 -30.98
C PRO D 291 30.03 3.12 -32.18
N GLU D 292 29.94 1.80 -32.08
CA GLU D 292 30.26 0.92 -33.19
C GLU D 292 29.08 0.81 -34.13
N LEU D 293 27.98 1.46 -33.79
CA LEU D 293 26.82 1.43 -34.65
C LEU D 293 25.91 2.60 -34.42
N CYS D 294 25.35 3.07 -35.52
CA CYS D 294 24.48 4.22 -35.54
C CYS D 294 23.28 3.87 -36.42
N SER D 295 22.11 4.40 -36.11
CA SER D 295 20.90 4.02 -36.81
C SER D 295 20.14 5.21 -37.34
N ILE D 296 19.44 5.05 -38.44
CA ILE D 296 18.53 6.09 -38.89
C ILE D 296 17.19 5.48 -39.20
N TYR D 297 16.13 6.27 -39.08
CA TYR D 297 14.81 5.79 -39.33
C TYR D 297 14.17 6.52 -40.50
N MET D 298 13.83 5.76 -41.54
CA MET D 298 13.40 6.36 -42.79
C MET D 298 11.96 6.10 -43.07
N ASP D 299 11.31 7.11 -43.62
CA ASP D 299 9.91 7.03 -43.95
C ASP D 299 9.83 7.08 -45.45
N ILE D 300 9.51 5.95 -46.05
CA ILE D 300 9.42 5.83 -47.49
C ILE D 300 8.01 5.58 -47.94
N ARG D 301 7.43 6.49 -48.71
CA ARG D 301 6.07 6.29 -49.21
C ARG D 301 6.02 5.39 -50.43
N LEU D 302 4.91 4.70 -50.59
CA LEU D 302 4.76 3.74 -51.69
C LEU D 302 3.53 4.10 -52.50
N ASN D 303 3.61 3.98 -53.81
CA ASN D 303 2.39 4.13 -54.57
C ASN D 303 1.66 2.82 -54.37
N PRO D 304 0.39 2.77 -54.75
CA PRO D 304 -0.40 1.58 -54.46
C PRO D 304 0.17 0.33 -55.09
N ASP D 305 1.05 0.50 -56.06
CA ASP D 305 1.59 -0.64 -56.80
C ASP D 305 3.00 -1.03 -56.51
N THR D 306 3.63 -0.45 -55.50
CA THR D 306 5.00 -0.84 -55.21
C THR D 306 5.09 -1.83 -54.07
N ASN D 307 5.89 -2.87 -54.28
CA ASN D 307 6.09 -3.88 -53.26
C ASN D 307 7.23 -3.42 -52.39
N PRO D 308 6.99 -3.35 -51.09
CA PRO D 308 8.00 -2.75 -50.22
C PRO D 308 9.30 -3.51 -50.25
N LEU D 309 9.27 -4.80 -50.52
CA LEU D 309 10.50 -5.56 -50.51
C LEU D 309 11.44 -5.01 -51.54
N VAL D 310 10.88 -4.46 -52.61
CA VAL D 310 11.72 -3.84 -53.62
C VAL D 310 12.46 -2.65 -53.03
N VAL D 311 11.71 -1.75 -52.41
CA VAL D 311 12.28 -0.54 -51.89
C VAL D 311 13.37 -0.87 -50.88
N GLN D 312 13.17 -1.91 -50.07
CA GLN D 312 14.19 -2.31 -49.13
C GLN D 312 15.42 -2.71 -49.88
N ARG D 313 15.24 -3.46 -50.95
CA ARG D 313 16.37 -3.91 -51.72
C ARG D 313 17.11 -2.73 -52.38
N GLU D 314 16.36 -1.70 -52.74
CA GLU D 314 16.96 -0.51 -53.29
C GLU D 314 17.85 0.13 -52.25
N VAL D 315 17.30 0.33 -51.07
CA VAL D 315 18.05 0.98 -50.02
C VAL D 315 19.19 0.07 -49.63
N GLU D 316 18.97 -1.23 -49.72
CA GLU D 316 20.02 -2.18 -49.43
C GLU D 316 21.16 -1.94 -50.41
N ALA D 317 20.78 -1.64 -51.65
CA ALA D 317 21.76 -1.42 -52.72
C ALA D 317 22.54 -0.17 -52.53
N VAL D 318 21.88 0.89 -52.13
CA VAL D 318 22.53 2.17 -51.96
C VAL D 318 23.65 2.00 -50.96
N VAL D 319 23.42 1.17 -49.96
CA VAL D 319 24.42 0.87 -48.94
C VAL D 319 25.59 0.11 -49.49
N SER D 320 25.32 -0.84 -50.37
CA SER D 320 26.36 -1.67 -50.97
C SER D 320 27.27 -0.89 -51.91
N LYS D 321 26.73 0.14 -52.55
CA LYS D 321 27.52 0.95 -53.46
C LYS D 321 28.63 1.70 -52.71
N LEU D 322 28.45 1.89 -51.41
CA LEU D 322 29.38 2.64 -50.58
C LEU D 322 30.34 1.69 -49.88
N GLY D 323 30.13 0.39 -50.06
CA GLY D 323 31.00 -0.60 -49.45
C GLY D 323 30.79 -0.69 -47.95
N LEU D 324 29.64 -0.22 -47.49
CA LEU D 324 29.30 -0.22 -46.08
C LEU D 324 28.67 -1.54 -45.71
N LYS D 325 28.72 -1.88 -44.43
CA LYS D 325 27.99 -3.04 -43.96
C LYS D 325 26.86 -2.51 -43.11
N ALA D 326 25.64 -2.87 -43.45
CA ALA D 326 24.51 -2.33 -42.71
C ALA D 326 23.42 -3.33 -42.67
N GLU D 327 22.45 -3.08 -41.80
CA GLU D 327 21.30 -3.92 -41.68
C GLU D 327 20.13 -3.03 -42.01
N VAL D 328 19.45 -3.34 -43.09
CA VAL D 328 18.25 -2.60 -43.46
C VAL D 328 17.08 -3.44 -43.02
N LYS D 329 16.31 -2.96 -42.06
CA LYS D 329 15.18 -3.75 -41.62
C LYS D 329 13.95 -2.87 -41.55
N PRO D 330 12.84 -3.37 -42.10
CA PRO D 330 11.56 -2.68 -42.14
C PRO D 330 10.76 -2.97 -40.89
N PHE D 331 10.21 -1.92 -40.28
CA PHE D 331 9.41 -2.10 -39.09
C PHE D 331 8.00 -1.55 -39.25
N LEU D 332 7.66 -1.15 -40.46
CA LEU D 332 6.30 -0.78 -40.81
C LEU D 332 6.02 -0.95 -42.29
N PHE D 333 4.84 -1.49 -42.61
CA PHE D 333 4.41 -1.64 -43.98
C PHE D 333 2.91 -1.46 -44.03
N ARG D 334 2.48 -0.53 -44.86
CA ARG D 334 1.05 -0.30 -45.05
C ARG D 334 0.84 -0.12 -46.53
N ARG D 335 -0.38 -0.35 -46.99
CA ARG D 335 -0.66 -0.29 -48.41
C ARG D 335 -1.55 0.89 -48.73
N GLY D 336 -1.34 1.48 -49.89
CA GLY D 336 -2.17 2.58 -50.35
C GLY D 336 -3.09 2.02 -51.40
N TYR D 337 -4.28 2.57 -51.54
CA TYR D 337 -5.26 2.03 -52.47
C TYR D 337 -5.91 3.09 -53.37
N GLU D 338 -6.38 2.67 -54.53
CA GLU D 338 -7.25 3.53 -55.30
C GLU D 338 -8.67 2.99 -55.19
N ALA D 339 -9.64 3.88 -55.07
CA ALA D 339 -10.99 3.44 -54.85
C ALA D 339 -11.52 2.74 -56.07
N GLN D 340 -12.24 1.65 -55.88
CA GLN D 340 -12.91 1.01 -56.98
C GLN D 340 -14.38 1.03 -56.70
N GLY D 341 -15.18 1.43 -57.68
CA GLY D 341 -16.61 1.53 -57.51
C GLY D 341 -16.92 2.83 -56.80
N ILE D 342 -16.00 3.76 -56.92
CA ILE D 342 -16.08 5.03 -56.24
C ILE D 342 -17.11 5.97 -56.86
N GLU D 343 -17.58 5.63 -58.05
CA GLU D 343 -18.30 6.60 -58.86
C GLU D 343 -19.52 7.22 -58.19
N PRO D 344 -20.39 6.40 -57.59
CA PRO D 344 -21.64 6.92 -57.01
C PRO D 344 -21.38 8.03 -56.01
N LEU D 345 -20.39 7.83 -55.17
CA LEU D 345 -19.99 8.80 -54.18
C LEU D 345 -19.33 10.01 -54.84
N GLN D 346 -18.54 9.75 -55.87
CA GLN D 346 -17.87 10.80 -56.62
C GLN D 346 -18.90 11.69 -57.25
N ASN D 347 -19.90 11.07 -57.84
CA ASN D 347 -20.92 11.80 -58.52
C ASN D 347 -21.76 12.58 -57.52
N ALA D 348 -22.16 11.92 -56.44
CA ALA D 348 -23.00 12.55 -55.43
C ALA D 348 -22.28 13.76 -54.86
N LEU D 349 -20.99 13.58 -54.60
CA LEU D 349 -20.18 14.65 -54.07
C LEU D 349 -20.12 15.81 -55.03
N GLU D 350 -19.95 15.49 -56.31
CA GLU D 350 -19.77 16.52 -57.32
C GLU D 350 -20.98 17.44 -57.48
N VAL D 351 -22.17 16.86 -57.49
CA VAL D 351 -23.36 17.65 -57.64
C VAL D 351 -23.50 18.62 -56.49
N ALA D 352 -23.23 18.14 -55.29
CA ALA D 352 -23.33 18.95 -54.11
C ALA D 352 -22.31 20.06 -54.18
N HIS D 353 -21.10 19.72 -54.59
CA HIS D 353 -20.04 20.67 -54.65
C HIS D 353 -20.38 21.79 -55.61
N ARG D 354 -20.83 21.43 -56.81
CA ARG D 354 -21.15 22.41 -57.82
C ARG D 354 -22.27 23.29 -57.35
N GLU D 355 -23.20 22.71 -56.62
CA GLU D 355 -24.32 23.50 -56.16
C GLU D 355 -23.91 24.53 -55.13
N VAL D 356 -22.98 24.15 -54.26
CA VAL D 356 -22.56 25.04 -53.18
C VAL D 356 -21.34 25.90 -53.50
N VAL D 357 -20.26 25.26 -53.90
CA VAL D 357 -19.06 26.02 -54.21
C VAL D 357 -19.26 26.86 -55.46
N GLY D 358 -19.97 26.30 -56.44
CA GLY D 358 -20.31 26.99 -57.67
C GLY D 358 -19.48 26.67 -58.91
N ARG D 359 -18.55 25.73 -58.80
CA ARG D 359 -17.69 25.38 -59.93
C ARG D 359 -17.33 23.91 -59.84
N PRO D 360 -16.80 23.32 -60.92
CA PRO D 360 -16.46 21.90 -60.84
C PRO D 360 -15.30 21.61 -59.90
N THR D 361 -15.21 20.36 -59.48
CA THR D 361 -14.11 19.93 -58.64
C THR D 361 -12.88 19.76 -59.53
N GLU D 362 -11.70 20.11 -59.03
CA GLU D 362 -10.44 19.99 -59.78
C GLU D 362 -9.49 18.96 -59.20
N ARG D 363 -8.53 18.53 -60.00
CA ARG D 363 -7.62 17.48 -59.55
C ARG D 363 -6.91 17.89 -58.29
N PRO D 364 -6.81 16.96 -57.34
CA PRO D 364 -6.14 17.31 -56.10
C PRO D 364 -4.65 17.42 -56.34
N GLY D 365 -3.93 18.05 -55.42
CA GLY D 365 -2.49 18.19 -55.55
C GLY D 365 -1.86 16.86 -55.29
N SER D 366 -0.68 16.63 -55.83
CA SER D 366 -0.06 15.33 -55.69
C SER D 366 0.19 14.96 -54.22
N PRO D 367 0.53 15.95 -53.37
CA PRO D 367 0.78 15.60 -51.97
C PRO D 367 -0.43 15.00 -51.30
N GLU D 368 -1.61 15.55 -51.56
CA GLU D 368 -2.83 15.06 -50.96
C GLU D 368 -3.19 13.65 -51.42
N CYS D 369 -2.60 13.20 -52.52
CA CYS D 369 -2.83 11.82 -52.95
C CYS D 369 -1.65 10.94 -52.65
N SER D 370 -0.66 11.43 -51.93
CA SER D 370 0.53 10.62 -51.72
C SER D 370 0.86 10.43 -50.25
N MET D 371 -0.17 10.46 -49.43
CA MET D 371 0.04 10.41 -48.00
C MET D 371 -0.75 9.26 -47.40
N TRP D 372 -0.93 9.28 -46.09
CA TRP D 372 -1.79 8.32 -45.47
C TRP D 372 -3.03 9.01 -44.98
N ARG D 373 -4.18 8.52 -45.42
CA ARG D 373 -5.47 8.99 -44.97
C ARG D 373 -6.29 7.77 -44.69
N ASP D 374 -7.35 7.91 -43.91
CA ASP D 374 -8.06 6.71 -43.53
C ASP D 374 -8.92 6.19 -44.64
N THR D 375 -8.68 6.64 -45.87
CA THR D 375 -9.41 6.07 -46.97
C THR D 375 -8.82 4.72 -47.24
N ASN D 376 -7.54 4.53 -46.98
CA ASN D 376 -6.95 3.25 -47.30
C ASN D 376 -7.58 2.06 -46.58
N PRO D 377 -7.94 2.20 -45.30
CA PRO D 377 -8.61 1.08 -44.63
C PRO D 377 -9.96 0.72 -45.24
N TYR D 378 -10.76 1.74 -45.56
CA TYR D 378 -12.06 1.52 -46.16
C TYR D 378 -11.94 0.84 -47.49
N ASN D 379 -11.07 1.35 -48.33
CA ASN D 379 -10.90 0.79 -49.63
C ASN D 379 -10.35 -0.62 -49.46
N GLU D 380 -9.50 -0.81 -48.46
CA GLU D 380 -8.89 -2.11 -48.19
C GLU D 380 -9.98 -3.13 -47.95
N LEU D 381 -11.07 -2.69 -47.32
CA LEU D 381 -12.13 -3.61 -46.97
C LEU D 381 -13.34 -3.46 -47.88
N GLY D 382 -13.15 -2.87 -49.04
CA GLY D 382 -14.19 -2.83 -50.03
C GLY D 382 -15.25 -1.81 -49.74
N ILE D 383 -14.96 -0.82 -48.94
CA ILE D 383 -15.90 0.27 -48.82
C ILE D 383 -15.27 1.40 -49.58
N PRO D 384 -15.84 1.71 -50.76
CA PRO D 384 -15.31 2.73 -51.66
C PRO D 384 -15.15 4.03 -50.93
N SER D 385 -13.98 4.64 -50.98
CA SER D 385 -13.74 5.86 -50.24
C SER D 385 -12.92 6.93 -50.91
N LEU D 386 -13.27 8.18 -50.63
CA LEU D 386 -12.53 9.33 -51.12
C LEU D 386 -12.44 10.36 -50.02
N THR D 387 -11.55 11.33 -50.17
CA THR D 387 -11.35 12.32 -49.14
C THR D 387 -11.65 13.70 -49.65
N TYR D 388 -12.39 14.49 -48.89
CA TYR D 388 -12.76 15.83 -49.34
C TYR D 388 -13.11 16.74 -48.16
N GLY D 389 -12.55 17.95 -48.14
CA GLY D 389 -12.81 18.90 -47.07
C GLY D 389 -12.30 20.29 -47.38
N CYS D 390 -12.61 21.27 -46.53
CA CYS D 390 -12.14 22.63 -46.79
C CYS D 390 -10.72 22.88 -46.27
N GLY D 391 -10.14 24.00 -46.67
CA GLY D 391 -8.83 24.42 -46.20
C GLY D 391 -7.69 23.72 -46.92
N GLY D 392 -6.45 24.04 -46.56
CA GLY D 392 -5.30 23.45 -47.21
C GLY D 392 -4.57 22.56 -46.24
N GLY D 393 -3.89 21.53 -46.74
CA GLY D 393 -3.34 20.48 -45.90
C GLY D 393 -2.45 20.93 -44.75
N ALA D 394 -2.60 20.27 -43.61
CA ALA D 394 -1.85 20.64 -42.42
C ALA D 394 -0.35 20.44 -42.60
N GLY D 395 0.02 19.39 -43.33
CA GLY D 395 1.41 19.10 -43.63
C GLY D 395 2.03 20.18 -44.48
N GLY D 396 1.19 21.05 -45.02
CA GLY D 396 1.64 22.07 -45.95
C GLY D 396 2.64 23.09 -45.43
N GLY D 397 2.36 23.74 -44.29
CA GLY D 397 1.15 23.50 -43.52
C GLY D 397 0.31 24.72 -43.19
N ASN D 398 -0.98 24.61 -43.44
CA ASN D 398 -1.96 25.65 -43.18
C ASN D 398 -2.17 25.72 -41.66
N THR D 399 -2.65 26.86 -41.15
CA THR D 399 -2.87 27.02 -39.72
C THR D 399 -4.27 27.50 -39.36
N TYR D 400 -5.14 27.62 -40.35
CA TYR D 400 -6.47 28.14 -40.08
C TYR D 400 -7.50 27.69 -41.10
N PHE D 401 -8.75 27.91 -40.77
CA PHE D 401 -9.86 27.56 -41.63
C PHE D 401 -10.70 28.80 -41.79
N LEU D 402 -11.40 28.93 -42.90
CA LEU D 402 -12.28 30.07 -43.06
C LEU D 402 -13.68 29.59 -42.73
N VAL D 403 -14.34 30.22 -41.77
CA VAL D 403 -15.62 29.69 -41.29
C VAL D 403 -16.66 29.51 -42.39
N ASP D 404 -16.61 30.36 -43.40
CA ASP D 404 -17.52 30.26 -44.54
C ASP D 404 -17.23 28.97 -45.27
N ASP D 405 -15.94 28.71 -45.49
CA ASP D 405 -15.53 27.48 -46.15
C ASP D 405 -15.99 26.29 -45.32
N MET D 406 -15.80 26.39 -44.02
CA MET D 406 -16.21 25.33 -43.13
C MET D 406 -17.71 25.13 -43.24
N LEU D 407 -18.45 26.23 -43.33
CA LEU D 407 -19.89 26.15 -43.50
C LEU D 407 -20.27 25.55 -44.84
N LYS D 408 -19.52 25.85 -45.89
CA LYS D 408 -19.84 25.27 -47.16
C LYS D 408 -19.66 23.77 -47.09
N ALA D 409 -18.52 23.32 -46.56
CA ALA D 409 -18.23 21.89 -46.50
C ALA D 409 -19.35 21.14 -45.81
N ALA D 410 -19.95 21.76 -44.80
CA ALA D 410 -21.03 21.09 -44.11
C ALA D 410 -22.23 20.91 -45.00
N LYS D 411 -22.48 21.86 -45.88
CA LYS D 411 -23.62 21.74 -46.77
C LYS D 411 -23.36 20.62 -47.75
N VAL D 412 -22.15 20.58 -48.30
CA VAL D 412 -21.81 19.55 -49.26
C VAL D 412 -21.94 18.16 -48.67
N TYR D 413 -21.46 17.98 -47.45
CA TYR D 413 -21.54 16.70 -46.77
C TYR D 413 -22.98 16.31 -46.69
N ALA D 414 -23.79 17.28 -46.29
CA ALA D 414 -25.21 17.04 -46.10
C ALA D 414 -25.87 16.66 -47.43
N MET D 415 -25.62 17.46 -48.47
CA MET D 415 -26.23 17.24 -49.76
C MET D 415 -25.78 15.93 -50.39
N THR D 416 -24.50 15.61 -50.21
CA THR D 416 -23.97 14.35 -50.68
C THR D 416 -24.74 13.22 -50.03
N ALA D 417 -25.00 13.35 -48.74
CA ALA D 417 -25.74 12.33 -48.03
C ALA D 417 -27.16 12.19 -48.57
N MET D 418 -27.82 13.32 -48.77
CA MET D 418 -29.21 13.29 -49.23
C MET D 418 -29.29 12.67 -50.59
N ASP D 419 -28.28 12.94 -51.40
CA ASP D 419 -28.21 12.36 -52.74
C ASP D 419 -27.94 10.87 -52.62
N LEU D 420 -26.76 10.54 -52.14
CA LEU D 420 -26.28 9.16 -52.16
C LEU D 420 -27.14 8.23 -51.34
N CYS D 421 -27.55 8.67 -50.17
CA CYS D 421 -28.33 7.81 -49.29
C CYS D 421 -29.72 7.48 -49.79
N ASN D 422 -30.17 8.15 -50.84
CA ASN D 422 -31.49 7.86 -51.41
C ASN D 422 -31.40 7.12 -52.72
N ARG D 423 -30.25 6.51 -52.95
CA ARG D 423 -30.02 5.69 -54.12
C ARG D 423 -29.92 4.26 -53.59
N THR D 424 -30.37 3.29 -54.36
CA THR D 424 -30.36 1.93 -53.88
C THR D 424 -29.14 1.20 -54.41
N PRO D 425 -28.41 0.51 -53.52
CA PRO D 425 -27.15 -0.13 -53.89
C PRO D 425 -27.35 -1.45 -54.61
N ASP E 6 -60.81 8.99 21.08
CA ASP E 6 -59.45 8.86 20.58
C ASP E 6 -59.27 8.91 19.08
N VAL E 7 -60.09 8.15 18.36
CA VAL E 7 -59.80 7.90 16.96
C VAL E 7 -59.81 9.23 16.22
N ALA E 8 -60.69 10.11 16.65
CA ALA E 8 -60.78 11.42 16.02
C ALA E 8 -59.54 12.28 16.24
N LYS E 9 -58.83 12.07 17.35
CA LYS E 9 -57.63 12.85 17.63
C LYS E 9 -56.55 12.49 16.61
N VAL E 10 -56.35 11.20 16.41
CA VAL E 10 -55.34 10.73 15.49
C VAL E 10 -55.66 11.08 14.04
N MET E 11 -56.92 11.02 13.64
CA MET E 11 -57.30 11.36 12.28
C MET E 11 -56.94 12.79 11.93
N LYS E 12 -57.31 13.73 12.80
CA LYS E 12 -56.99 15.13 12.58
C LYS E 12 -55.47 15.32 12.57
N THR E 13 -54.79 14.54 13.39
CA THR E 13 -53.34 14.59 13.45
C THR E 13 -52.70 14.26 12.12
N LEU E 14 -53.23 13.23 11.46
CA LEU E 14 -52.66 12.78 10.20
C LEU E 14 -52.77 13.85 9.13
N ASP E 15 -53.86 14.60 9.12
CA ASP E 15 -53.96 15.69 8.16
C ASP E 15 -52.89 16.74 8.39
N GLY E 16 -52.42 16.81 9.62
CA GLY E 16 -51.35 17.71 9.98
C GLY E 16 -50.08 17.31 9.26
N MET E 17 -49.98 16.04 8.91
CA MET E 17 -48.75 15.51 8.34
C MET E 17 -48.88 15.02 6.90
N ARG E 18 -49.78 15.63 6.17
CA ARG E 18 -49.99 15.33 4.78
C ARG E 18 -48.66 15.64 4.04
N GLU E 19 -48.06 16.79 4.33
CA GLU E 19 -46.81 17.14 3.69
C GLU E 19 -45.65 16.22 4.07
N GLY E 20 -45.55 15.91 5.35
CA GLY E 20 -44.51 15.01 5.82
C GLY E 20 -44.66 13.65 5.18
N LEU E 21 -45.91 13.29 4.93
CA LEU E 21 -46.21 12.04 4.28
C LEU E 21 -45.64 12.05 2.90
N ILE E 22 -45.89 13.14 2.17
CA ILE E 22 -45.40 13.25 0.81
C ILE E 22 -43.90 13.34 0.79
N GLN E 23 -43.35 14.17 1.67
CA GLN E 23 -41.93 14.44 1.68
C GLN E 23 -41.14 13.16 1.95
N THR E 24 -41.55 12.41 2.95
CA THR E 24 -40.84 11.20 3.32
C THR E 24 -40.81 10.21 2.17
N ALA E 25 -41.91 10.18 1.43
CA ALA E 25 -42.09 9.29 0.30
C ALA E 25 -41.13 9.59 -0.83
N VAL E 26 -41.04 10.86 -1.21
CA VAL E 26 -40.16 11.25 -2.30
C VAL E 26 -38.71 11.12 -1.86
N GLU E 27 -38.43 11.57 -0.63
CA GLU E 27 -37.09 11.52 -0.07
C GLU E 27 -36.59 10.10 -0.05
N LEU E 28 -37.47 9.20 0.36
CA LEU E 28 -37.19 7.77 0.38
C LEU E 28 -37.22 7.19 -1.02
N GLY E 29 -38.21 7.61 -1.80
CA GLY E 29 -38.37 7.13 -3.16
C GLY E 29 -37.20 7.47 -4.05
N SER E 30 -36.58 8.62 -3.78
CA SER E 30 -35.44 9.06 -4.56
C SER E 30 -34.15 8.28 -4.31
N ILE E 31 -33.97 7.73 -3.11
CA ILE E 31 -32.74 6.98 -2.82
C ILE E 31 -32.60 5.73 -3.66
N GLU E 32 -31.42 5.53 -4.22
CA GLU E 32 -31.22 4.41 -5.12
C GLU E 32 -31.07 3.18 -4.25
N ALA E 33 -32.00 2.24 -4.38
CA ALA E 33 -32.00 1.08 -3.50
C ALA E 33 -32.39 -0.20 -4.18
N PRO E 34 -31.75 -0.53 -5.30
CA PRO E 34 -32.01 -1.81 -5.92
C PRO E 34 -31.61 -2.93 -5.00
N THR E 35 -32.14 -4.13 -5.17
CA THR E 35 -31.74 -5.22 -4.30
C THR E 35 -30.26 -5.43 -4.41
N GLY E 36 -29.58 -5.43 -3.28
CA GLY E 36 -28.13 -5.49 -3.25
C GLY E 36 -27.48 -4.20 -2.81
N ARG E 37 -28.22 -3.10 -2.80
CA ARG E 37 -27.69 -1.82 -2.36
C ARG E 37 -28.68 -1.07 -1.45
N GLU E 38 -29.49 -1.82 -0.72
CA GLU E 38 -30.55 -1.26 0.12
C GLU E 38 -29.98 -0.47 1.27
N GLY E 39 -28.65 -0.49 1.43
CA GLY E 39 -28.04 0.09 2.60
C GLY E 39 -28.35 1.56 2.80
N ALA E 40 -28.26 2.33 1.73
CA ALA E 40 -28.45 3.77 1.83
C ALA E 40 -29.85 4.10 2.28
N ALA E 41 -30.81 3.34 1.78
CA ALA E 41 -32.21 3.57 2.12
C ALA E 41 -32.46 3.13 3.54
N GLY E 42 -31.75 2.08 3.97
CA GLY E 42 -31.90 1.59 5.32
C GLY E 42 -31.42 2.63 6.31
N ASP E 43 -30.30 3.25 5.98
CA ASP E 43 -29.72 4.31 6.78
C ASP E 43 -30.68 5.48 6.94
N TYR E 44 -31.41 5.81 5.89
CA TYR E 44 -32.36 6.90 5.97
C TYR E 44 -33.45 6.62 6.96
N VAL E 45 -34.01 5.42 6.89
CA VAL E 45 -35.13 5.09 7.75
C VAL E 45 -34.73 4.99 9.20
N TYR E 46 -33.54 4.48 9.41
CA TYR E 46 -33.03 4.34 10.76
C TYR E 46 -33.01 5.70 11.39
N GLU E 47 -32.49 6.66 10.64
CA GLU E 47 -32.40 7.99 11.16
C GLU E 47 -33.78 8.57 11.31
N TRP E 48 -34.65 8.29 10.34
CA TRP E 48 -36.00 8.78 10.46
C TRP E 48 -36.58 8.24 11.73
N MET E 49 -36.37 6.96 11.96
CA MET E 49 -36.95 6.30 13.13
C MET E 49 -36.37 6.81 14.43
N ALA E 50 -35.06 7.00 14.47
CA ALA E 50 -34.41 7.50 15.67
C ALA E 50 -34.84 8.95 15.91
N ARG E 51 -34.87 9.73 14.84
CA ARG E 51 -35.24 11.14 14.89
C ARG E 51 -36.58 11.27 15.56
N ASN E 52 -37.44 10.27 15.40
CA ASN E 52 -38.75 10.29 16.02
C ASN E 52 -38.87 9.44 17.25
N GLY E 53 -37.78 8.92 17.76
CA GLY E 53 -37.90 8.31 19.08
C GLY E 53 -38.48 6.92 19.08
N PHE E 54 -38.39 6.24 17.96
CA PHE E 54 -38.85 4.86 17.89
C PHE E 54 -37.69 3.95 18.23
N GLY E 55 -36.53 4.54 18.50
CA GLY E 55 -35.42 3.78 19.02
C GLY E 55 -35.13 2.53 18.23
N PRO E 56 -34.65 2.70 17.00
CA PRO E 56 -34.39 1.67 16.00
C PRO E 56 -33.15 0.84 16.20
N GLU E 57 -33.07 -0.27 15.50
CA GLU E 57 -31.93 -1.16 15.58
C GLU E 57 -31.60 -1.71 14.19
N ARG E 58 -30.34 -2.05 13.94
CA ARG E 58 -30.01 -2.63 12.64
C ARG E 58 -29.79 -4.10 12.80
N VAL E 59 -30.65 -4.87 12.17
CA VAL E 59 -30.57 -6.32 12.19
C VAL E 59 -30.19 -6.71 10.79
N GLY E 60 -29.02 -7.29 10.63
CA GLY E 60 -28.59 -7.72 9.31
C GLY E 60 -27.43 -8.68 9.33
N VAL E 61 -27.29 -9.39 8.22
CA VAL E 61 -26.17 -10.27 7.98
C VAL E 61 -24.92 -9.49 7.54
N PHE E 62 -25.17 -8.38 6.85
CA PHE E 62 -24.14 -7.52 6.27
C PHE E 62 -24.28 -6.12 6.82
N ASP E 63 -23.19 -5.36 6.89
CA ASP E 63 -23.26 -4.04 7.49
C ASP E 63 -23.82 -2.96 6.56
N ASP E 64 -23.92 -3.29 5.27
CA ASP E 64 -24.51 -2.39 4.28
C ASP E 64 -25.81 -2.93 3.71
N ARG E 65 -26.23 -4.09 4.16
CA ARG E 65 -27.53 -4.63 3.77
C ARG E 65 -28.17 -5.17 5.00
N PHE E 66 -29.13 -4.44 5.52
CA PHE E 66 -29.66 -4.72 6.83
C PHE E 66 -31.10 -4.31 6.97
N ASN E 67 -31.76 -4.80 8.02
CA ASN E 67 -33.13 -4.44 8.29
C ASN E 67 -33.19 -3.45 9.41
N VAL E 68 -34.24 -2.66 9.44
CA VAL E 68 -34.37 -1.69 10.50
C VAL E 68 -35.60 -2.01 11.33
N VAL E 69 -35.42 -2.22 12.63
CA VAL E 69 -36.54 -2.52 13.50
C VAL E 69 -36.66 -1.53 14.60
N GLY E 70 -37.82 -0.93 14.76
CA GLY E 70 -38.03 0.03 15.82
C GLY E 70 -39.42 -0.20 16.36
N ARG E 71 -39.75 0.38 17.50
CA ARG E 71 -41.07 0.12 18.05
C ARG E 71 -41.66 1.23 18.91
N LEU E 72 -42.97 1.35 18.84
CA LEU E 72 -43.72 2.29 19.65
C LEU E 72 -44.32 1.56 20.85
N ARG E 73 -43.61 1.65 21.98
CA ARG E 73 -43.95 0.88 23.17
C ARG E 73 -45.36 1.16 23.66
N GLY E 74 -45.99 0.16 24.26
CA GLY E 74 -47.35 0.32 24.74
C GLY E 74 -47.43 0.08 26.23
N THR E 75 -48.52 0.52 26.84
CA THR E 75 -48.69 0.53 28.29
C THR E 75 -48.55 -0.85 28.96
N GLY E 76 -48.99 -1.90 28.28
CA GLY E 76 -48.79 -3.23 28.79
C GLY E 76 -50.01 -4.12 28.64
N GLY E 77 -49.79 -5.42 28.54
CA GLY E 77 -50.88 -6.38 28.44
C GLY E 77 -51.80 -6.20 27.24
N GLY E 78 -51.26 -5.93 26.07
CA GLY E 78 -52.09 -5.79 24.90
C GLY E 78 -51.45 -6.54 23.76
N ALA E 79 -52.20 -6.78 22.69
CA ALA E 79 -51.66 -7.48 21.53
C ALA E 79 -50.63 -6.57 20.87
N SER E 80 -49.61 -7.16 20.27
CA SER E 80 -48.58 -6.38 19.62
C SER E 80 -48.68 -6.53 18.12
N LEU E 81 -48.59 -5.43 17.38
CA LEU E 81 -48.76 -5.49 15.94
C LEU E 81 -47.54 -4.99 15.21
N SER E 82 -47.17 -5.70 14.15
CA SER E 82 -45.97 -5.44 13.41
C SER E 82 -46.35 -4.77 12.12
N PHE E 83 -45.64 -3.73 11.73
CA PHE E 83 -45.89 -3.11 10.45
C PHE E 83 -44.67 -3.35 9.59
N ASN E 84 -44.87 -3.79 8.36
CA ASN E 84 -43.74 -4.19 7.55
C ASN E 84 -43.77 -3.63 6.13
N SER E 85 -42.58 -3.28 5.64
CA SER E 85 -42.34 -2.83 4.28
C SER E 85 -40.86 -3.05 3.98
N HIS E 86 -40.49 -3.08 2.71
CA HIS E 86 -39.11 -3.38 2.36
C HIS E 86 -38.37 -2.20 1.76
N LEU E 87 -37.08 -2.17 2.04
CA LEU E 87 -36.15 -1.14 1.60
C LEU E 87 -35.76 -1.20 0.14
N ASP E 88 -35.55 -2.39 -0.39
CA ASP E 88 -35.12 -2.52 -1.77
C ASP E 88 -36.22 -2.18 -2.80
N THR E 89 -35.78 -1.89 -4.01
CA THR E 89 -36.63 -1.54 -5.14
C THR E 89 -36.27 -2.46 -6.31
N ILE E 90 -37.12 -2.52 -7.31
CA ILE E 90 -36.91 -3.47 -8.39
C ILE E 90 -35.75 -3.17 -9.32
N MET E 91 -35.67 -1.94 -9.83
CA MET E 91 -34.73 -1.68 -10.91
C MET E 91 -33.44 -1.05 -10.48
N ALA E 92 -32.34 -1.65 -10.91
CA ALA E 92 -31.04 -1.07 -10.67
C ALA E 92 -30.91 0.08 -11.64
N ARG E 93 -29.91 0.93 -11.47
CA ARG E 93 -29.76 2.08 -12.37
C ARG E 93 -29.46 1.62 -13.79
N GLU E 94 -28.65 0.59 -13.90
CA GLU E 94 -28.40 0.02 -15.22
C GLU E 94 -28.81 -1.43 -15.24
N ASP E 95 -30.04 -1.66 -15.67
CA ASP E 95 -30.59 -3.00 -15.83
C ASP E 95 -31.00 -3.11 -17.27
N THR E 96 -30.01 -2.90 -18.13
CA THR E 96 -30.21 -2.86 -19.57
C THR E 96 -30.55 -4.24 -20.11
N ALA E 97 -30.30 -5.27 -19.32
CA ALA E 97 -30.57 -6.66 -19.68
C ALA E 97 -32.04 -7.02 -19.70
N ARG E 98 -32.84 -6.36 -18.87
CA ARG E 98 -34.24 -6.76 -18.67
C ARG E 98 -35.25 -5.76 -19.17
N PHE E 99 -34.83 -4.52 -19.33
CA PHE E 99 -35.73 -3.47 -19.79
C PHE E 99 -35.23 -2.89 -21.10
N ALA E 100 -36.15 -2.67 -22.04
CA ALA E 100 -35.80 -2.11 -23.34
C ALA E 100 -35.27 -0.69 -23.16
N ASP E 101 -35.97 0.08 -22.34
CA ASP E 101 -35.49 1.39 -21.97
C ASP E 101 -35.25 1.39 -20.47
N ALA E 102 -34.00 1.16 -20.07
CA ALA E 102 -33.67 1.01 -18.66
C ALA E 102 -33.41 2.36 -18.06
N ASN E 103 -33.64 3.41 -18.85
CA ASN E 103 -33.34 4.77 -18.43
C ASN E 103 -34.53 5.65 -18.15
N ASP E 104 -35.74 5.12 -18.23
CA ASP E 104 -36.92 5.94 -17.95
C ASP E 104 -36.87 6.55 -16.56
N ARG E 105 -37.30 7.80 -16.43
CA ARG E 105 -37.24 8.50 -15.16
C ARG E 105 -38.03 7.74 -14.11
N ILE E 106 -39.04 7.01 -14.57
CA ILE E 106 -39.93 6.30 -13.66
C ILE E 106 -39.17 5.22 -12.89
N TYR E 107 -38.24 4.56 -13.56
CA TYR E 107 -37.53 3.44 -12.93
C TYR E 107 -36.66 3.82 -11.73
N HIS E 108 -36.07 5.00 -11.71
CA HIS E 108 -35.15 5.30 -10.61
C HIS E 108 -35.43 6.56 -9.78
N GLU E 109 -36.56 7.22 -9.99
CA GLU E 109 -36.84 8.38 -9.14
C GLU E 109 -38.29 8.51 -8.73
N ALA E 110 -38.56 9.49 -7.87
CA ALA E 110 -39.90 9.76 -7.38
C ALA E 110 -40.18 11.25 -7.26
N TRP E 111 -41.42 11.66 -7.55
CA TRP E 111 -41.75 13.07 -7.56
C TRP E 111 -43.26 13.33 -7.41
N HIS E 112 -43.60 14.51 -6.88
CA HIS E 112 -44.99 14.96 -6.71
C HIS E 112 -45.45 15.90 -7.82
N GLU E 113 -46.03 15.35 -8.88
CA GLU E 113 -46.37 16.12 -10.10
C GLU E 113 -47.80 16.61 -10.15
N GLU E 114 -48.58 16.22 -9.16
CA GLU E 114 -50.01 16.48 -9.13
C GLU E 114 -50.44 15.65 -7.94
N GLY E 115 -51.69 15.75 -7.52
CA GLY E 115 -52.15 14.96 -6.39
C GLY E 115 -51.71 13.51 -6.33
N ARG E 116 -50.76 13.12 -7.18
CA ARG E 116 -50.18 11.79 -7.14
C ARG E 116 -48.66 11.80 -7.05
N ILE E 117 -48.12 10.73 -6.51
CA ILE E 117 -46.69 10.55 -6.37
C ILE E 117 -46.25 9.47 -7.35
N TYR E 118 -45.18 9.75 -8.09
CA TYR E 118 -44.70 8.89 -9.17
C TYR E 118 -43.43 8.17 -8.79
N GLY E 119 -43.26 6.95 -9.28
CA GLY E 119 -41.99 6.26 -9.14
C GLY E 119 -42.18 4.80 -8.82
N TYR E 120 -41.55 3.92 -9.59
CA TYR E 120 -41.63 2.49 -9.30
C TYR E 120 -41.07 2.25 -7.91
N SER E 121 -40.14 3.12 -7.53
CA SER E 121 -39.49 2.99 -6.26
C SER E 121 -40.42 3.48 -5.19
N VAL E 122 -41.51 4.11 -5.59
CA VAL E 122 -42.51 4.55 -4.63
C VAL E 122 -43.61 3.52 -4.50
N VAL E 123 -44.07 2.96 -5.60
CA VAL E 123 -45.07 1.91 -5.56
C VAL E 123 -44.54 0.64 -4.90
N ASN E 124 -43.28 0.36 -5.15
CA ASN E 124 -42.66 -0.80 -4.57
C ASN E 124 -41.27 -0.40 -4.16
N CYS E 125 -41.10 -0.04 -2.89
CA CYS E 125 -42.23 0.03 -1.95
C CYS E 125 -42.01 1.07 -0.84
N LYS E 126 -41.78 2.32 -1.17
CA LYS E 126 -41.54 3.29 -0.13
C LYS E 126 -42.80 4.07 0.14
N GLY E 127 -43.77 3.92 -0.74
CA GLY E 127 -45.04 4.60 -0.59
C GLY E 127 -45.81 4.04 0.58
N PRO E 128 -45.96 2.72 0.64
CA PRO E 128 -46.60 2.10 1.78
C PRO E 128 -45.80 2.31 3.04
N MET E 129 -44.48 2.18 2.97
CA MET E 129 -43.67 2.35 4.15
C MET E 129 -43.84 3.73 4.74
N ALA E 130 -43.96 4.72 3.89
CA ALA E 130 -44.13 6.08 4.36
C ALA E 130 -45.45 6.17 5.09
N CYS E 131 -46.45 5.42 4.63
CA CYS E 131 -47.78 5.50 5.21
C CYS E 131 -47.74 5.11 6.67
N TRP E 132 -47.19 3.94 6.96
CA TRP E 132 -47.20 3.49 8.34
C TRP E 132 -46.12 4.11 9.20
N LEU E 133 -45.04 4.55 8.58
CA LEU E 133 -44.01 5.27 9.31
C LEU E 133 -44.69 6.49 9.87
N ILE E 134 -45.46 7.15 9.02
CA ILE E 134 -46.20 8.34 9.41
C ILE E 134 -47.28 8.04 10.40
N ALA E 135 -47.96 6.91 10.22
CA ALA E 135 -49.02 6.54 11.14
C ALA E 135 -48.47 6.38 12.55
N ALA E 136 -47.29 5.79 12.67
CA ALA E 136 -46.65 5.61 13.96
C ALA E 136 -46.33 6.96 14.55
N LYS E 137 -45.93 7.88 13.70
CA LYS E 137 -45.63 9.22 14.13
C LYS E 137 -46.90 9.85 14.65
N ALA E 138 -47.99 9.65 13.94
CA ALA E 138 -49.27 10.22 14.31
C ALA E 138 -49.72 9.67 15.65
N LEU E 139 -49.63 8.37 15.83
CA LEU E 139 -50.08 7.79 17.07
C LEU E 139 -49.31 8.32 18.25
N LYS E 140 -47.99 8.30 18.17
CA LYS E 140 -47.12 8.73 19.27
C LYS E 140 -47.33 10.21 19.57
N GLU E 141 -47.32 11.04 18.53
CA GLU E 141 -47.47 12.47 18.73
C GLU E 141 -48.83 12.81 19.28
N ALA E 142 -49.82 11.98 19.00
CA ALA E 142 -51.16 12.26 19.46
C ALA E 142 -51.42 11.54 20.78
N GLY E 143 -50.36 10.92 21.30
CA GLY E 143 -50.41 10.22 22.56
C GLY E 143 -51.53 9.21 22.69
N ALA E 144 -51.77 8.44 21.64
CA ALA E 144 -52.84 7.45 21.66
C ALA E 144 -52.56 6.39 22.71
N ALA E 145 -53.62 5.78 23.22
CA ALA E 145 -53.44 4.78 24.26
C ALA E 145 -53.45 3.39 23.66
N LEU E 146 -52.35 2.67 23.83
CA LEU E 146 -52.25 1.30 23.35
C LEU E 146 -51.69 0.44 24.45
N LYS E 147 -52.23 -0.76 24.64
CA LYS E 147 -51.70 -1.65 25.65
C LYS E 147 -50.59 -2.50 25.07
N GLY E 148 -50.49 -2.54 23.75
CA GLY E 148 -49.51 -3.41 23.13
C GLY E 148 -48.51 -2.64 22.31
N ASP E 149 -47.35 -3.26 22.06
CA ASP E 149 -46.33 -2.61 21.28
C ASP E 149 -46.68 -2.61 19.80
N VAL E 150 -46.18 -1.61 19.10
CA VAL E 150 -46.26 -1.55 17.66
C VAL E 150 -44.86 -1.72 17.19
N VAL E 151 -44.60 -2.70 16.33
CA VAL E 151 -43.24 -2.95 15.88
C VAL E 151 -43.09 -2.42 14.47
N LEU E 152 -42.07 -1.63 14.24
CA LEU E 152 -41.86 -1.06 12.93
C LEU E 152 -40.70 -1.76 12.29
N THR E 153 -41.03 -2.63 11.33
CA THR E 153 -40.02 -3.37 10.62
C THR E 153 -39.85 -2.96 9.18
N ALA E 154 -38.69 -2.39 8.85
CA ALA E 154 -38.35 -2.11 7.46
C ALA E 154 -37.22 -3.03 7.08
N VAL E 155 -37.45 -3.87 6.08
CA VAL E 155 -36.53 -4.95 5.79
C VAL E 155 -35.88 -4.80 4.45
N CYS E 156 -34.89 -5.64 4.21
CA CYS E 156 -34.18 -5.62 2.97
C CYS E 156 -34.43 -6.92 2.24
N GLY E 157 -33.99 -6.98 0.99
CA GLY E 157 -34.02 -8.21 0.24
C GLY E 157 -35.38 -8.82 0.09
N GLU E 158 -36.39 -7.98 -0.08
CA GLU E 158 -37.75 -8.49 -0.27
C GLU E 158 -37.94 -9.14 -1.63
N ILE E 159 -37.40 -8.52 -2.67
CA ILE E 159 -37.57 -8.94 -4.04
C ILE E 159 -36.87 -10.27 -4.34
N ASP E 160 -37.38 -11.01 -5.31
CA ASP E 160 -36.93 -12.39 -5.53
C ASP E 160 -35.63 -12.49 -6.32
N CYS E 161 -34.56 -11.90 -5.81
CA CYS E 161 -33.26 -12.07 -6.45
C CYS E 161 -32.61 -13.25 -5.79
N GLU E 162 -32.06 -14.18 -6.53
CA GLU E 162 -31.45 -15.28 -5.83
C GLU E 162 -30.10 -15.64 -6.41
N PRO E 163 -29.15 -15.97 -5.55
CA PRO E 163 -27.86 -16.37 -6.06
C PRO E 163 -28.00 -17.67 -6.79
N VAL E 164 -27.25 -17.83 -7.87
CA VAL E 164 -27.21 -19.08 -8.62
C VAL E 164 -25.90 -19.21 -9.37
N ASP E 165 -25.42 -20.44 -9.53
CA ASP E 165 -24.21 -20.67 -10.32
C ASP E 165 -23.03 -19.88 -9.78
N GLU E 166 -22.54 -18.96 -10.59
CA GLU E 166 -21.39 -18.19 -10.19
C GLU E 166 -21.79 -16.93 -9.46
N PHE E 167 -23.07 -16.75 -9.21
CA PHE E 167 -23.49 -15.56 -8.50
C PHE E 167 -23.87 -15.90 -7.08
N GLN E 168 -22.92 -15.75 -6.16
CA GLN E 168 -23.15 -16.15 -4.81
C GLN E 168 -22.77 -15.02 -3.89
N GLY E 169 -23.26 -15.02 -2.66
CA GLY E 169 -22.67 -14.08 -1.73
C GLY E 169 -23.42 -12.79 -1.58
N HIS E 170 -22.73 -11.81 -1.03
CA HIS E 170 -23.30 -10.55 -0.60
C HIS E 170 -24.19 -9.88 -1.62
N ASP E 171 -23.76 -9.82 -2.88
CA ASP E 171 -24.51 -9.05 -3.89
C ASP E 171 -25.83 -9.64 -4.35
N TYR E 172 -25.92 -10.95 -4.33
CA TYR E 172 -27.08 -11.63 -4.91
C TYR E 172 -28.10 -12.14 -3.90
N LEU E 173 -27.73 -12.23 -2.63
CA LEU E 173 -28.65 -12.69 -1.62
C LEU E 173 -29.84 -11.73 -1.55
N ALA E 174 -31.01 -12.22 -1.16
CA ALA E 174 -32.18 -11.34 -1.08
C ALA E 174 -33.05 -11.65 0.09
N GLU E 175 -33.88 -12.64 0.00
CA GLU E 175 -34.86 -12.78 1.06
C GLU E 175 -34.33 -13.60 2.23
N ASP E 176 -33.19 -14.26 2.06
CA ASP E 176 -32.63 -15.08 3.12
C ASP E 176 -32.13 -14.20 4.26
N ILE E 177 -31.64 -13.02 3.90
CA ILE E 177 -31.15 -12.02 4.82
C ILE E 177 -32.20 -10.95 5.09
N GLY E 178 -33.41 -11.19 4.57
CA GLY E 178 -34.48 -10.21 4.62
C GLY E 178 -35.34 -10.22 5.87
N ALA E 179 -36.65 -10.16 5.67
CA ALA E 179 -37.59 -10.12 6.77
C ALA E 179 -37.49 -11.38 7.60
N ARG E 180 -37.31 -12.54 6.98
CA ARG E 180 -37.25 -13.76 7.78
C ARG E 180 -36.12 -13.76 8.80
N TYR E 181 -35.03 -13.07 8.48
CA TYR E 181 -33.93 -12.88 9.41
C TYR E 181 -34.34 -11.93 10.50
N ALA E 182 -35.03 -10.87 10.11
CA ALA E 182 -35.40 -9.82 11.04
C ALA E 182 -36.26 -10.41 12.11
N ILE E 183 -37.19 -11.25 11.71
CA ILE E 183 -38.09 -11.86 12.66
C ILE E 183 -37.32 -12.82 13.54
N SER E 184 -36.59 -13.75 12.93
CA SER E 184 -35.95 -14.78 13.70
C SER E 184 -34.97 -14.21 14.70
N HIS E 185 -34.75 -12.91 14.62
CA HIS E 185 -33.80 -12.26 15.52
C HIS E 185 -34.42 -11.12 16.26
N GLY E 186 -35.66 -11.32 16.71
CA GLY E 186 -36.33 -10.43 17.63
C GLY E 186 -37.47 -9.53 17.19
N ALA E 187 -37.67 -9.37 15.89
CA ALA E 187 -38.78 -8.53 15.44
C ALA E 187 -40.06 -9.34 15.39
N ILE E 188 -40.46 -9.86 16.55
CA ILE E 188 -41.64 -10.71 16.65
C ILE E 188 -42.79 -9.97 17.32
N SER E 189 -44.00 -10.24 16.85
CA SER E 189 -45.19 -9.67 17.43
C SER E 189 -46.37 -10.64 17.39
N ASP E 190 -47.50 -10.23 17.94
CA ASP E 190 -48.64 -11.11 17.93
C ASP E 190 -49.21 -11.23 16.54
N TYR E 191 -49.36 -10.11 15.84
CA TYR E 191 -49.85 -10.09 14.47
C TYR E 191 -48.98 -9.18 13.62
N ALA E 192 -49.06 -9.31 12.31
CA ALA E 192 -48.28 -8.43 11.45
C ALA E 192 -49.03 -8.04 10.21
N LEU E 193 -48.99 -6.76 9.89
CA LEU E 193 -49.64 -6.28 8.70
C LEU E 193 -48.56 -5.81 7.73
N VAL E 194 -48.40 -6.53 6.63
CA VAL E 194 -47.36 -6.26 5.64
C VAL E 194 -47.91 -5.25 4.65
N ALA E 195 -47.32 -4.06 4.58
CA ALA E 195 -47.90 -2.98 3.79
C ALA E 195 -47.36 -2.89 2.36
N GLU E 196 -48.21 -3.23 1.40
CA GLU E 196 -47.85 -3.15 -0.01
C GLU E 196 -49.13 -2.80 -0.76
N ALA E 197 -49.04 -2.52 -2.07
CA ALA E 197 -50.20 -2.08 -2.83
C ALA E 197 -51.09 -3.27 -3.17
N THR E 198 -52.28 -3.28 -2.58
CA THR E 198 -53.27 -4.33 -2.83
C THR E 198 -54.56 -3.76 -3.40
N ASN E 199 -54.58 -2.44 -3.57
CA ASN E 199 -55.77 -1.75 -4.07
C ASN E 199 -56.82 -1.74 -2.99
N PHE E 200 -56.37 -1.59 -1.74
CA PHE E 200 -57.25 -1.53 -0.60
C PHE E 200 -58.03 -2.81 -0.41
N LYS E 201 -57.44 -3.94 -0.80
CA LYS E 201 -58.07 -5.22 -0.63
C LYS E 201 -57.13 -6.13 0.10
N PRO E 202 -57.55 -6.75 1.20
CA PRO E 202 -56.55 -7.51 1.91
C PRO E 202 -56.49 -8.98 1.53
N ALA E 203 -55.30 -9.56 1.56
CA ALA E 203 -55.12 -10.98 1.27
C ALA E 203 -54.25 -11.64 2.32
N TRP E 204 -54.64 -12.82 2.79
CA TRP E 204 -53.83 -13.55 3.72
C TRP E 204 -53.36 -14.90 3.18
N VAL E 205 -53.16 -14.98 1.89
CA VAL E 205 -52.42 -16.12 1.34
C VAL E 205 -51.51 -15.60 0.26
N GLU E 206 -50.34 -16.25 0.10
CA GLU E 206 -49.38 -15.94 -0.97
C GLU E 206 -48.77 -17.24 -1.46
N ALA E 207 -48.05 -17.20 -2.55
CA ALA E 207 -47.59 -18.43 -3.13
C ALA E 207 -46.13 -18.70 -2.86
N GLY E 208 -45.77 -19.97 -2.93
CA GLY E 208 -44.40 -20.37 -2.77
C GLY E 208 -43.73 -20.20 -4.12
N LYS E 209 -42.57 -20.80 -4.33
CA LYS E 209 -41.92 -20.78 -5.63
C LYS E 209 -40.85 -21.82 -5.67
N VAL E 210 -40.47 -22.22 -6.87
CA VAL E 210 -39.32 -23.09 -7.05
C VAL E 210 -38.65 -22.60 -8.31
N PHE E 211 -37.32 -22.53 -8.28
CA PHE E 211 -36.58 -22.08 -9.44
C PHE E 211 -35.85 -23.25 -10.03
N LEU E 212 -36.02 -23.46 -11.31
CA LEU E 212 -35.38 -24.59 -11.92
C LEU E 212 -34.40 -24.10 -12.96
N LYS E 213 -33.25 -24.74 -12.99
CA LYS E 213 -32.26 -24.49 -14.00
C LYS E 213 -32.26 -25.66 -14.93
N VAL E 214 -32.90 -25.49 -16.08
CA VAL E 214 -33.02 -26.54 -17.04
C VAL E 214 -31.89 -26.37 -18.02
N THR E 215 -30.96 -27.32 -18.01
CA THR E 215 -29.83 -27.29 -18.92
C THR E 215 -29.97 -28.41 -19.89
N VAL E 216 -29.89 -28.12 -21.18
CA VAL E 216 -30.05 -29.19 -22.17
C VAL E 216 -28.75 -29.48 -22.91
N PHE E 217 -28.48 -30.76 -23.12
CA PHE E 217 -27.23 -31.22 -23.68
C PHE E 217 -27.34 -31.63 -25.12
N ALA E 218 -26.30 -31.30 -25.88
CA ALA E 218 -26.20 -31.67 -27.27
C ALA E 218 -24.73 -31.87 -27.58
N GLY E 219 -24.38 -31.81 -28.85
CA GLY E 219 -23.00 -31.85 -29.24
C GLY E 219 -22.90 -32.75 -30.42
N PRO E 220 -21.67 -33.04 -30.85
CA PRO E 220 -20.45 -32.46 -30.30
C PRO E 220 -20.12 -31.11 -30.91
N SER E 221 -19.29 -30.33 -30.20
CA SER E 221 -18.90 -28.98 -30.64
C SER E 221 -18.14 -29.06 -31.95
N ARG E 222 -18.35 -28.07 -32.82
CA ARG E 222 -17.66 -28.03 -34.09
C ARG E 222 -17.31 -26.60 -34.52
N TYR E 223 -16.18 -26.45 -35.19
CA TYR E 223 -15.78 -25.15 -35.70
C TYR E 223 -16.79 -24.81 -36.77
N THR E 224 -17.23 -23.57 -36.88
CA THR E 224 -18.32 -23.23 -37.79
C THR E 224 -18.21 -23.77 -39.21
N PRO E 225 -17.01 -23.79 -39.77
CA PRO E 225 -16.84 -24.34 -41.11
C PRO E 225 -17.14 -25.82 -41.20
N TYR E 226 -17.28 -26.50 -40.06
CA TYR E 226 -17.52 -27.93 -40.07
C TYR E 226 -18.91 -28.31 -39.59
N VAL E 227 -19.75 -27.32 -39.30
CA VAL E 227 -21.05 -27.61 -38.72
C VAL E 227 -21.85 -28.36 -39.76
N PRO E 228 -22.55 -29.41 -39.32
CA PRO E 228 -23.31 -30.26 -40.23
C PRO E 228 -24.73 -29.80 -40.44
N ARG E 229 -25.09 -29.56 -41.68
CA ARG E 229 -26.48 -29.23 -42.02
C ARG E 229 -26.84 -29.92 -43.32
N PRO E 230 -28.15 -30.15 -43.54
CA PRO E 230 -29.23 -29.73 -42.64
C PRO E 230 -29.51 -30.78 -41.58
N VAL E 231 -30.01 -30.37 -40.41
CA VAL E 231 -30.39 -31.31 -39.37
C VAL E 231 -31.66 -30.88 -38.64
N ALA E 232 -32.42 -31.86 -38.16
CA ALA E 232 -33.67 -31.59 -37.46
C ALA E 232 -33.37 -30.81 -36.21
N ALA E 233 -34.27 -29.95 -35.77
CA ALA E 233 -33.97 -29.08 -34.65
C ALA E 233 -33.66 -29.93 -33.45
N LEU E 234 -34.57 -30.86 -33.15
CA LEU E 234 -34.47 -31.68 -31.95
C LEU E 234 -33.22 -32.52 -31.96
N ASP E 235 -32.60 -32.64 -33.12
CA ASP E 235 -31.37 -33.40 -33.28
C ASP E 235 -30.13 -32.54 -33.46
N SER E 236 -30.29 -31.22 -33.29
CA SER E 236 -29.21 -30.30 -33.55
C SER E 236 -28.01 -30.61 -32.72
N PRO E 237 -26.83 -30.25 -33.21
CA PRO E 237 -25.69 -30.48 -32.37
C PRO E 237 -25.59 -29.30 -31.45
N ASN E 238 -26.11 -28.17 -31.92
CA ASN E 238 -26.11 -26.92 -31.18
C ASN E 238 -27.21 -26.92 -30.13
N ALA E 239 -26.80 -26.80 -28.87
CA ALA E 239 -27.72 -26.89 -27.76
C ALA E 239 -28.67 -25.71 -27.69
N ILE E 240 -28.32 -24.58 -28.31
CA ILE E 240 -29.23 -23.45 -28.29
C ILE E 240 -30.42 -23.84 -29.12
N VAL E 241 -30.19 -24.67 -30.13
CA VAL E 241 -31.26 -25.04 -31.03
C VAL E 241 -32.23 -25.99 -30.37
N ARG E 242 -31.71 -27.01 -29.68
CA ARG E 242 -32.61 -27.89 -28.96
C ARG E 242 -33.35 -27.09 -27.91
N MET E 243 -32.68 -26.14 -27.27
CA MET E 243 -33.34 -25.35 -26.23
C MET E 243 -34.53 -24.56 -26.77
N ALA E 244 -34.49 -24.13 -28.02
CA ALA E 244 -35.60 -23.38 -28.61
C ALA E 244 -36.87 -24.23 -28.66
N LYS E 245 -36.71 -25.49 -29.04
CA LYS E 245 -37.84 -26.38 -29.11
C LYS E 245 -38.37 -26.59 -27.72
N LEU E 246 -37.46 -26.80 -26.79
CA LEU E 246 -37.88 -27.07 -25.43
C LEU E 246 -38.56 -25.85 -24.85
N VAL E 247 -38.16 -24.66 -25.28
CA VAL E 247 -38.80 -23.49 -24.73
C VAL E 247 -40.24 -23.45 -25.16
N GLU E 248 -40.52 -23.79 -26.42
CA GLU E 248 -41.90 -23.71 -26.85
C GLU E 248 -42.69 -24.81 -26.15
N ALA E 249 -42.04 -25.94 -25.91
CA ALA E 249 -42.70 -27.02 -25.20
C ALA E 249 -43.09 -26.60 -23.81
N LEU E 250 -42.18 -25.95 -23.10
CA LEU E 250 -42.40 -25.53 -21.73
C LEU E 250 -43.44 -24.43 -21.63
N GLU E 251 -43.56 -23.62 -22.68
CA GLU E 251 -44.51 -22.54 -22.66
C GLU E 251 -45.92 -23.08 -22.66
N GLU E 252 -46.14 -24.18 -23.36
CA GLU E 252 -47.47 -24.75 -23.37
C GLU E 252 -47.78 -25.42 -22.04
N TRP E 253 -46.81 -26.10 -21.47
CA TRP E 253 -46.97 -26.68 -20.16
C TRP E 253 -47.27 -25.58 -19.16
N ALA E 254 -46.62 -24.45 -19.34
CA ALA E 254 -46.81 -23.31 -18.47
C ALA E 254 -48.22 -22.79 -18.52
N ASP E 255 -48.80 -22.80 -19.70
CA ASP E 255 -50.14 -22.29 -19.89
C ASP E 255 -51.13 -23.10 -19.10
N ASN E 256 -50.96 -24.42 -19.14
CA ASN E 256 -51.87 -25.29 -18.39
C ASN E 256 -51.60 -25.34 -16.92
N TYR E 257 -50.35 -25.17 -16.53
CA TYR E 257 -49.98 -25.27 -15.13
C TYR E 257 -50.79 -24.37 -14.26
N GLU E 258 -51.02 -23.13 -14.69
CA GLU E 258 -51.75 -22.22 -13.82
C GLU E 258 -53.16 -22.69 -13.64
N LYS E 259 -53.76 -23.20 -14.69
CA LYS E 259 -55.13 -23.67 -14.58
C LYS E 259 -55.20 -24.88 -13.66
N ARG E 260 -54.32 -25.84 -13.86
CA ARG E 260 -54.41 -27.08 -13.08
C ARG E 260 -54.18 -26.81 -11.63
N TYR E 261 -53.28 -25.89 -11.33
CA TYR E 261 -52.87 -25.67 -9.96
C TYR E 261 -53.51 -24.47 -9.31
N THR E 262 -54.48 -23.86 -9.97
CA THR E 262 -55.26 -22.81 -9.34
C THR E 262 -56.01 -23.38 -8.16
N ARG E 263 -55.96 -22.68 -7.05
CA ARG E 263 -56.61 -23.16 -5.85
C ARG E 263 -57.27 -22.00 -5.16
N GLU E 264 -58.48 -22.17 -4.65
CA GLU E 264 -59.10 -21.08 -3.91
C GLU E 264 -58.99 -21.29 -2.41
N TYR E 265 -58.59 -20.24 -1.70
CA TYR E 265 -58.34 -20.31 -0.28
C TYR E 265 -59.17 -19.27 0.43
N GLY E 266 -59.24 -19.35 1.75
CA GLY E 266 -60.02 -18.37 2.46
C GLY E 266 -59.45 -16.99 2.25
N GLY E 267 -58.14 -16.88 2.41
CA GLY E 267 -57.42 -15.62 2.22
C GLY E 267 -57.43 -15.08 0.79
N GLY E 268 -57.50 -15.99 -0.19
CA GLY E 268 -57.61 -15.59 -1.57
C GLY E 268 -57.58 -16.76 -2.54
N THR E 269 -57.49 -16.44 -3.82
CA THR E 269 -57.40 -17.43 -4.87
C THR E 269 -56.01 -17.39 -5.47
N VAL E 270 -55.28 -18.49 -5.39
CA VAL E 270 -53.89 -18.52 -5.78
C VAL E 270 -53.76 -19.03 -7.18
N VAL E 271 -53.39 -18.16 -8.12
CA VAL E 271 -53.14 -18.64 -9.47
C VAL E 271 -51.66 -18.59 -9.70
N PRO E 272 -51.00 -19.72 -9.61
CA PRO E 272 -49.54 -19.74 -9.67
C PRO E 272 -49.06 -19.81 -11.09
N LYS E 273 -48.32 -18.79 -11.54
CA LYS E 273 -47.81 -18.77 -12.92
C LYS E 273 -46.37 -19.27 -13.13
N VAL E 274 -46.01 -19.41 -14.39
CA VAL E 274 -44.65 -19.78 -14.77
C VAL E 274 -44.04 -18.77 -15.72
N ALA E 275 -42.73 -18.63 -15.68
CA ALA E 275 -42.05 -17.73 -16.59
C ALA E 275 -40.63 -18.21 -16.78
N ILE E 276 -40.05 -17.96 -17.95
CA ILE E 276 -38.65 -18.25 -18.18
C ILE E 276 -37.88 -16.96 -18.01
N GLY E 277 -37.31 -16.74 -16.83
CA GLY E 277 -36.69 -15.48 -16.48
C GLY E 277 -35.38 -15.16 -17.16
N ALA E 278 -34.66 -16.21 -17.53
CA ALA E 278 -33.36 -16.02 -18.15
C ALA E 278 -32.92 -17.20 -19.01
N ILE E 279 -32.06 -16.92 -19.96
CA ILE E 279 -31.49 -17.93 -20.83
C ILE E 279 -30.07 -17.57 -21.10
N ARG E 280 -29.25 -18.58 -21.30
CA ARG E 280 -27.88 -18.34 -21.67
C ARG E 280 -27.22 -19.61 -22.09
N GLY E 281 -26.59 -19.57 -23.25
CA GLY E 281 -25.84 -20.69 -23.75
C GLY E 281 -24.66 -20.13 -24.49
N GLY E 282 -23.48 -20.71 -24.27
CA GLY E 282 -22.27 -20.18 -24.88
C GLY E 282 -21.95 -18.80 -24.35
N VAL E 283 -20.84 -18.26 -24.82
CA VAL E 283 -20.41 -16.94 -24.42
C VAL E 283 -20.27 -16.04 -25.63
N PRO E 284 -20.71 -14.78 -25.50
CA PRO E 284 -20.74 -13.83 -26.62
C PRO E 284 -19.38 -13.49 -27.21
N TYR E 285 -18.31 -13.88 -26.53
CA TYR E 285 -17.00 -13.46 -26.96
C TYR E 285 -16.19 -14.62 -27.50
N LYS E 286 -16.82 -15.78 -27.68
CA LYS E 286 -16.21 -16.88 -28.42
C LYS E 286 -17.27 -17.72 -29.11
N ILE E 287 -17.77 -17.20 -30.22
CA ILE E 287 -18.91 -17.80 -30.89
C ILE E 287 -18.52 -18.68 -32.07
N TYR E 288 -17.23 -18.85 -32.32
CA TYR E 288 -16.82 -19.67 -33.44
C TYR E 288 -17.21 -21.13 -33.31
N ARG E 289 -17.41 -21.58 -32.08
CA ARG E 289 -17.86 -22.94 -31.83
C ARG E 289 -19.20 -22.89 -31.14
N PHE E 290 -20.22 -23.53 -31.70
CA PHE E 290 -21.51 -23.49 -31.02
C PHE E 290 -21.37 -24.31 -29.74
N PRO E 291 -22.30 -24.10 -28.79
CA PRO E 291 -22.09 -24.67 -27.48
C PRO E 291 -22.74 -26.02 -27.35
N GLU E 292 -22.16 -26.91 -26.56
CA GLU E 292 -22.71 -28.24 -26.35
C GLU E 292 -23.81 -28.24 -25.31
N LEU E 293 -24.10 -27.07 -24.75
CA LEU E 293 -25.12 -26.94 -23.73
C LEU E 293 -25.65 -25.53 -23.59
N CYS E 294 -26.94 -25.43 -23.33
CA CYS E 294 -27.60 -24.16 -23.17
C CYS E 294 -28.52 -24.24 -21.95
N SER E 295 -28.72 -23.15 -21.22
CA SER E 295 -29.50 -23.20 -19.99
C SER E 295 -30.60 -22.18 -19.90
N ILE E 296 -31.64 -22.54 -19.16
CA ILE E 296 -32.69 -21.58 -18.87
C ILE E 296 -33.04 -21.61 -17.40
N TYR E 297 -33.51 -20.49 -16.90
CA TYR E 297 -33.82 -20.39 -15.52
C TYR E 297 -35.29 -20.08 -15.37
N MET E 298 -36.03 -20.96 -14.71
CA MET E 298 -37.49 -20.81 -14.69
C MET E 298 -38.03 -20.42 -13.35
N ASP E 299 -39.03 -19.57 -13.39
CA ASP E 299 -39.66 -19.07 -12.19
C ASP E 299 -41.04 -19.72 -12.16
N ILE E 300 -41.19 -20.69 -11.27
CA ILE E 300 -42.44 -21.39 -11.12
C ILE E 300 -43.02 -21.16 -9.76
N ARG E 301 -44.18 -20.52 -9.71
CA ARG E 301 -44.84 -20.29 -8.47
C ARG E 301 -45.60 -21.51 -8.03
N LEU E 302 -45.77 -21.66 -6.72
CA LEU E 302 -46.42 -22.82 -6.15
C LEU E 302 -47.55 -22.37 -5.24
N ASN E 303 -48.68 -23.07 -5.26
CA ASN E 303 -49.70 -22.74 -4.27
C ASN E 303 -49.19 -23.34 -2.98
N PRO E 304 -49.77 -22.95 -1.86
CA PRO E 304 -49.22 -23.37 -0.58
C PRO E 304 -49.21 -24.89 -0.41
N ASP E 305 -49.95 -25.63 -1.23
CA ASP E 305 -50.06 -27.07 -1.05
C ASP E 305 -49.34 -27.91 -2.07
N THR E 306 -48.51 -27.30 -2.91
CA THR E 306 -47.79 -28.07 -3.91
C THR E 306 -46.40 -28.41 -3.44
N ASN E 307 -45.99 -29.63 -3.66
CA ASN E 307 -44.65 -30.05 -3.33
C ASN E 307 -43.76 -29.78 -4.52
N PRO E 308 -42.67 -29.06 -4.31
CA PRO E 308 -41.85 -28.64 -5.43
C PRO E 308 -41.26 -29.82 -6.16
N LEU E 309 -41.06 -30.92 -5.46
CA LEU E 309 -40.46 -32.07 -6.10
C LEU E 309 -41.35 -32.52 -7.23
N VAL E 310 -42.65 -32.31 -7.06
CA VAL E 310 -43.60 -32.64 -8.11
C VAL E 310 -43.34 -31.79 -9.33
N VAL E 311 -43.27 -30.48 -9.18
CA VAL E 311 -43.12 -29.60 -10.33
C VAL E 311 -41.87 -29.92 -11.09
N GLN E 312 -40.79 -30.25 -10.40
CA GLN E 312 -39.58 -30.63 -11.09
C GLN E 312 -39.83 -31.83 -11.96
N ARG E 313 -40.52 -32.80 -11.41
CA ARG E 313 -40.79 -34.01 -12.14
C ARG E 313 -41.69 -33.73 -13.32
N GLU E 314 -42.59 -32.74 -13.19
CA GLU E 314 -43.47 -32.38 -14.28
C GLU E 314 -42.66 -31.85 -15.43
N VAL E 315 -41.77 -30.93 -15.11
CA VAL E 315 -40.88 -30.34 -16.10
C VAL E 315 -39.89 -31.37 -16.61
N GLU E 316 -39.45 -32.25 -15.73
CA GLU E 316 -38.53 -33.30 -16.11
C GLU E 316 -39.17 -34.14 -17.21
N ALA E 317 -40.48 -34.31 -17.12
CA ALA E 317 -41.25 -35.06 -18.10
C ALA E 317 -41.37 -34.32 -19.42
N VAL E 318 -41.67 -33.03 -19.33
CA VAL E 318 -41.87 -32.25 -20.51
C VAL E 318 -40.63 -32.38 -21.34
N VAL E 319 -39.49 -32.47 -20.67
CA VAL E 319 -38.23 -32.68 -21.37
C VAL E 319 -38.16 -34.07 -21.98
N SER E 320 -38.62 -35.08 -21.26
CA SER E 320 -38.52 -36.45 -21.74
C SER E 320 -39.45 -36.74 -22.91
N LYS E 321 -40.58 -36.05 -22.97
CA LYS E 321 -41.51 -36.20 -24.08
C LYS E 321 -40.91 -35.72 -25.41
N LEU E 322 -39.88 -34.89 -25.35
CA LEU E 322 -39.21 -34.40 -26.56
C LEU E 322 -37.98 -35.25 -26.85
N GLY E 323 -37.71 -36.19 -25.97
CA GLY E 323 -36.59 -37.09 -26.20
C GLY E 323 -35.27 -36.42 -26.00
N LEU E 324 -35.30 -35.31 -25.27
CA LEU E 324 -34.11 -34.54 -25.01
C LEU E 324 -33.44 -35.14 -23.80
N LYS E 325 -32.15 -34.86 -23.66
CA LYS E 325 -31.42 -35.21 -22.47
C LYS E 325 -31.14 -33.88 -21.78
N ALA E 326 -31.54 -33.75 -20.53
CA ALA E 326 -31.39 -32.46 -19.86
C ALA E 326 -31.21 -32.66 -18.37
N GLU E 327 -30.80 -31.60 -17.71
CA GLU E 327 -30.65 -31.62 -16.27
C GLU E 327 -31.59 -30.61 -15.69
N VAL E 328 -32.57 -31.08 -14.95
CA VAL E 328 -33.51 -30.18 -14.30
C VAL E 328 -33.08 -30.05 -12.86
N LYS E 329 -32.61 -28.89 -12.44
CA LYS E 329 -32.20 -28.77 -11.06
C LYS E 329 -32.73 -27.51 -10.41
N PRO E 330 -33.28 -27.65 -9.21
CA PRO E 330 -33.83 -26.51 -8.50
C PRO E 330 -32.76 -25.81 -7.71
N PHE E 331 -32.72 -24.50 -7.79
CA PHE E 331 -31.74 -23.71 -7.07
C PHE E 331 -32.44 -22.72 -6.15
N LEU E 332 -33.76 -22.83 -6.06
CA LEU E 332 -34.57 -22.10 -5.08
C LEU E 332 -35.91 -22.77 -4.77
N PHE E 333 -36.25 -22.78 -3.48
CA PHE E 333 -37.52 -23.30 -2.99
C PHE E 333 -37.96 -22.50 -1.79
N ARG E 334 -39.15 -21.93 -1.88
CA ARG E 334 -39.72 -21.17 -0.78
C ARG E 334 -41.18 -21.58 -0.72
N ARG E 335 -41.81 -21.42 0.44
CA ARG E 335 -43.16 -21.89 0.64
C ARG E 335 -44.17 -20.77 0.79
N GLY E 336 -45.39 -21.01 0.33
CA GLY E 336 -46.45 -20.04 0.47
C GLY E 336 -47.41 -20.48 1.57
N TYR E 337 -48.01 -19.52 2.25
CA TYR E 337 -48.83 -19.83 3.40
C TYR E 337 -50.19 -19.17 3.38
N GLU E 338 -51.13 -19.77 4.09
CA GLU E 338 -52.37 -19.09 4.38
C GLU E 338 -52.35 -18.80 5.86
N ALA E 339 -52.80 -17.61 6.22
CA ALA E 339 -52.76 -17.20 7.62
C ALA E 339 -53.72 -18.03 8.45
N GLN E 340 -53.31 -18.38 9.65
CA GLN E 340 -54.22 -19.03 10.57
C GLN E 340 -54.34 -18.19 11.80
N GLY E 341 -55.56 -18.00 12.29
CA GLY E 341 -55.75 -17.21 13.47
C GLY E 341 -55.66 -15.79 13.03
N ILE E 342 -55.96 -15.57 11.76
CA ILE E 342 -55.83 -14.27 11.15
C ILE E 342 -56.92 -13.30 11.55
N GLU E 343 -57.97 -13.82 12.17
CA GLU E 343 -59.23 -13.11 12.29
C GLU E 343 -59.15 -11.75 12.98
N PRO E 344 -58.49 -11.69 14.14
CA PRO E 344 -58.41 -10.46 14.92
C PRO E 344 -57.84 -9.29 14.11
N LEU E 345 -56.78 -9.55 13.36
CA LEU E 345 -56.20 -8.52 12.53
C LEU E 345 -57.13 -8.18 11.41
N GLN E 346 -57.79 -9.20 10.88
CA GLN E 346 -58.75 -9.03 9.80
C GLN E 346 -59.91 -8.16 10.21
N ASN E 347 -60.45 -8.44 11.38
CA ASN E 347 -61.58 -7.68 11.84
C ASN E 347 -61.16 -6.25 12.07
N ALA E 348 -60.05 -6.07 12.76
CA ALA E 348 -59.55 -4.76 13.14
C ALA E 348 -59.32 -3.94 11.91
N LEU E 349 -58.75 -4.60 10.92
CA LEU E 349 -58.48 -4.00 9.63
C LEU E 349 -59.77 -3.60 8.98
N GLU E 350 -60.73 -4.50 9.03
CA GLU E 350 -61.98 -4.28 8.35
C GLU E 350 -62.76 -3.10 8.91
N VAL E 351 -62.82 -3.00 10.23
CA VAL E 351 -63.56 -1.92 10.87
C VAL E 351 -62.99 -0.58 10.47
N ALA E 352 -61.67 -0.51 10.46
CA ALA E 352 -60.94 0.70 10.10
C ALA E 352 -61.19 1.04 8.66
N HIS E 353 -61.15 0.02 7.82
CA HIS E 353 -61.32 0.24 6.41
C HIS E 353 -62.68 0.82 6.13
N ARG E 354 -63.73 0.21 6.70
CA ARG E 354 -65.08 0.64 6.42
C ARG E 354 -65.26 2.07 6.86
N GLU E 355 -64.61 2.43 7.95
CA GLU E 355 -64.74 3.76 8.51
C GLU E 355 -64.06 4.85 7.67
N VAL E 356 -62.92 4.51 7.07
CA VAL E 356 -62.15 5.49 6.29
C VAL E 356 -62.51 5.45 4.82
N VAL E 357 -62.38 4.27 4.22
CA VAL E 357 -62.70 4.10 2.81
C VAL E 357 -64.21 4.22 2.56
N GLY E 358 -65.01 3.69 3.48
CA GLY E 358 -66.45 3.84 3.41
C GLY E 358 -67.27 2.67 2.89
N ARG E 359 -66.63 1.55 2.58
CA ARG E 359 -67.35 0.39 2.05
C ARG E 359 -66.64 -0.88 2.48
N PRO E 360 -67.30 -2.05 2.37
CA PRO E 360 -66.63 -3.27 2.81
C PRO E 360 -65.41 -3.61 1.95
N THR E 361 -64.51 -4.41 2.49
CA THR E 361 -63.35 -4.87 1.75
C THR E 361 -63.77 -5.97 0.82
N GLU E 362 -63.17 -6.01 -0.37
CA GLU E 362 -63.48 -7.04 -1.38
C GLU E 362 -62.35 -8.00 -1.68
N ARG E 363 -62.68 -9.13 -2.29
CA ARG E 363 -61.65 -10.13 -2.54
C ARG E 363 -60.54 -9.57 -3.39
N PRO E 364 -59.30 -9.87 -3.00
CA PRO E 364 -58.20 -9.31 -3.77
C PRO E 364 -58.12 -10.01 -5.09
N GLY E 365 -57.42 -9.43 -6.06
CA GLY E 365 -57.26 -10.03 -7.35
C GLY E 365 -56.32 -11.18 -7.16
N SER E 366 -56.37 -12.17 -8.04
CA SER E 366 -55.56 -13.35 -7.88
C SER E 366 -54.06 -13.09 -7.88
N PRO E 367 -53.58 -12.08 -8.64
CA PRO E 367 -52.12 -11.85 -8.67
C PRO E 367 -51.54 -11.50 -7.30
N GLU E 368 -52.24 -10.67 -6.56
CA GLU E 368 -51.78 -10.24 -5.24
C GLU E 368 -51.77 -11.39 -4.26
N CYS E 369 -52.44 -12.49 -4.59
CA CYS E 369 -52.36 -13.68 -3.75
C CYS E 369 -51.47 -14.74 -4.34
N SER E 370 -50.79 -14.48 -5.44
CA SER E 370 -50.04 -15.55 -6.10
C SER E 370 -48.56 -15.21 -6.27
N MET E 371 -48.05 -14.37 -5.40
CA MET E 371 -46.69 -13.87 -5.53
C MET E 371 -45.88 -14.12 -4.27
N TRP E 372 -44.75 -13.44 -4.11
CA TRP E 372 -44.05 -13.51 -2.84
C TRP E 372 -44.18 -12.20 -2.12
N ARG E 373 -44.63 -12.27 -0.88
CA ARG E 373 -44.73 -11.13 -0.01
C ARG E 373 -44.19 -11.54 1.33
N ASP E 374 -43.81 -10.59 2.15
CA ASP E 374 -43.16 -10.97 3.39
C ASP E 374 -44.20 -11.42 4.40
N THR E 375 -45.40 -11.75 3.94
CA THR E 375 -46.34 -12.32 4.86
C THR E 375 -45.91 -13.75 5.07
N ASN E 376 -45.35 -14.37 4.05
CA ASN E 376 -44.94 -15.77 4.18
C ASN E 376 -43.93 -16.04 5.30
N PRO E 377 -42.98 -15.14 5.53
CA PRO E 377 -42.09 -15.36 6.66
C PRO E 377 -42.80 -15.34 8.01
N TYR E 378 -43.69 -14.39 8.21
CA TYR E 378 -44.40 -14.28 9.47
C TYR E 378 -45.25 -15.51 9.69
N ASN E 379 -46.01 -15.84 8.68
CA ASN E 379 -46.92 -16.95 8.77
C ASN E 379 -46.11 -18.21 8.98
N GLU E 380 -44.96 -18.32 8.34
CA GLU E 380 -44.14 -19.49 8.50
C GLU E 380 -43.80 -19.68 9.97
N LEU E 381 -43.64 -18.55 10.65
CA LEU E 381 -43.22 -18.56 12.03
C LEU E 381 -44.33 -18.27 13.02
N GLY E 382 -45.57 -18.42 12.60
CA GLY E 382 -46.65 -18.30 13.55
C GLY E 382 -47.08 -16.89 13.92
N ILE E 383 -46.76 -15.89 13.13
CA ILE E 383 -47.37 -14.59 13.38
C ILE E 383 -48.37 -14.35 12.25
N PRO E 384 -49.67 -14.45 12.56
CA PRO E 384 -50.68 -14.30 11.53
C PRO E 384 -50.47 -13.03 10.76
N SER E 385 -50.43 -13.11 9.45
CA SER E 385 -50.17 -11.93 8.65
C SER E 385 -51.00 -11.84 7.38
N LEU E 386 -51.33 -10.61 7.02
CA LEU E 386 -52.05 -10.32 5.80
C LEU E 386 -51.45 -9.09 5.23
N THR E 387 -51.73 -8.83 3.96
CA THR E 387 -51.15 -7.72 3.24
C THR E 387 -52.24 -6.77 2.81
N TYR E 388 -52.02 -5.47 3.01
CA TYR E 388 -53.01 -4.47 2.66
C TYR E 388 -52.37 -3.12 2.44
N GLY E 389 -52.71 -2.44 1.35
CA GLY E 389 -52.16 -1.13 1.07
C GLY E 389 -52.92 -0.49 -0.06
N CYS E 390 -52.62 0.77 -0.37
CA CYS E 390 -53.31 1.49 -1.45
C CYS E 390 -52.64 1.25 -2.79
N GLY E 391 -53.29 1.67 -3.87
CA GLY E 391 -52.68 1.64 -5.19
C GLY E 391 -52.73 0.29 -5.88
N GLY E 392 -52.16 0.22 -7.08
CA GLY E 392 -52.18 -1.03 -7.81
C GLY E 392 -50.79 -1.60 -7.88
N GLY E 393 -50.69 -2.91 -7.93
CA GLY E 393 -49.43 -3.61 -7.79
C GLY E 393 -48.35 -3.19 -8.78
N ALA E 394 -47.12 -3.11 -8.31
CA ALA E 394 -46.01 -2.71 -9.16
C ALA E 394 -45.80 -3.70 -10.28
N GLY E 395 -46.04 -4.98 -10.01
CA GLY E 395 -45.94 -6.01 -11.01
C GLY E 395 -46.96 -5.81 -12.12
N GLY E 396 -47.94 -4.96 -11.88
CA GLY E 396 -49.05 -4.76 -12.80
C GLY E 396 -48.76 -4.19 -14.18
N GLY E 397 -48.07 -3.07 -14.27
CA GLY E 397 -47.58 -2.38 -13.09
C GLY E 397 -47.97 -0.93 -13.01
N ASN E 398 -48.48 -0.55 -11.85
CA ASN E 398 -48.87 0.81 -11.58
C ASN E 398 -47.58 1.61 -11.46
N THR E 399 -47.66 2.92 -11.68
CA THR E 399 -46.47 3.76 -11.65
C THR E 399 -46.64 4.98 -10.75
N TYR E 400 -47.75 5.05 -10.03
CA TYR E 400 -48.03 6.19 -9.16
C TYR E 400 -49.02 5.88 -8.03
N PHE E 401 -49.06 6.79 -7.06
CA PHE E 401 -49.96 6.69 -5.92
C PHE E 401 -50.70 7.99 -5.79
N LEU E 402 -51.89 7.95 -5.24
CA LEU E 402 -52.64 9.17 -5.04
C LEU E 402 -52.45 9.61 -3.62
N VAL E 403 -51.98 10.83 -3.43
CA VAL E 403 -51.62 11.26 -2.10
C VAL E 403 -52.79 11.10 -1.13
N ASP E 404 -54.01 11.23 -1.63
CA ASP E 404 -55.21 11.03 -0.84
C ASP E 404 -55.29 9.58 -0.42
N ASP E 405 -55.03 8.68 -1.37
CA ASP E 405 -55.05 7.25 -1.11
C ASP E 405 -54.04 6.88 -0.07
N MET E 406 -52.86 7.44 -0.20
CA MET E 406 -51.81 7.18 0.74
C MET E 406 -52.26 7.65 2.09
N LEU E 407 -52.95 8.77 2.12
CA LEU E 407 -53.38 9.32 3.40
C LEU E 407 -54.36 8.41 4.08
N LYS E 408 -55.25 7.83 3.31
CA LYS E 408 -56.24 6.96 3.88
C LYS E 408 -55.53 5.76 4.49
N ALA E 409 -54.61 5.17 3.74
CA ALA E 409 -53.92 3.96 4.18
C ALA E 409 -53.27 4.18 5.51
N ALA E 410 -52.82 5.40 5.74
CA ALA E 410 -52.23 5.76 7.01
C ALA E 410 -53.26 5.75 8.14
N LYS E 411 -54.47 6.19 7.82
CA LYS E 411 -55.53 6.24 8.80
C LYS E 411 -55.94 4.81 9.15
N VAL E 412 -56.05 3.97 8.14
CA VAL E 412 -56.41 2.59 8.35
C VAL E 412 -55.37 1.87 9.19
N TYR E 413 -54.11 2.12 8.89
CA TYR E 413 -53.02 1.54 9.63
C TYR E 413 -53.11 1.96 11.09
N ALA E 414 -53.34 3.24 11.33
CA ALA E 414 -53.41 3.72 12.68
C ALA E 414 -54.56 3.10 13.45
N MET E 415 -55.74 3.19 12.84
CA MET E 415 -56.98 2.74 13.47
C MET E 415 -56.94 1.26 13.76
N THR E 416 -56.33 0.52 12.84
CA THR E 416 -56.12 -0.89 13.04
C THR E 416 -55.29 -1.07 14.28
N ALA E 417 -54.25 -0.26 14.42
CA ALA E 417 -53.40 -0.39 15.57
C ALA E 417 -54.15 -0.10 16.85
N MET E 418 -54.90 1.00 16.86
CA MET E 418 -55.61 1.42 18.06
C MET E 418 -56.62 0.39 18.47
N ASP E 419 -57.27 -0.22 17.48
CA ASP E 419 -58.22 -1.27 17.75
C ASP E 419 -57.52 -2.54 18.26
N LEU E 420 -56.68 -3.13 17.42
CA LEU E 420 -56.09 -4.44 17.71
C LEU E 420 -55.19 -4.44 18.93
N CYS E 421 -54.40 -3.41 19.12
CA CYS E 421 -53.45 -3.40 20.23
C CYS E 421 -54.08 -3.23 21.60
N ASN E 422 -55.38 -2.92 21.64
CA ASN E 422 -56.05 -2.75 22.90
C ASN E 422 -56.95 -3.93 23.20
N ARG E 423 -56.64 -5.03 22.52
CA ARG E 423 -57.31 -6.28 22.71
C ARG E 423 -56.29 -7.19 23.34
N THR E 424 -56.69 -8.07 24.24
CA THR E 424 -55.70 -8.91 24.89
C THR E 424 -55.65 -10.30 24.27
N PRO E 425 -54.44 -10.74 23.94
CA PRO E 425 -54.21 -11.99 23.21
C PRO E 425 -54.28 -13.22 24.11
N ASP F 6 22.14 -31.57 -52.09
CA ASP F 6 21.69 -30.89 -50.87
C ASP F 6 20.51 -31.55 -50.16
N VAL F 7 19.48 -31.91 -50.91
CA VAL F 7 18.19 -32.27 -50.32
C VAL F 7 18.34 -33.46 -49.39
N ALA F 8 19.18 -34.40 -49.80
CA ALA F 8 19.42 -35.59 -49.02
C ALA F 8 20.15 -35.28 -47.70
N LYS F 9 20.95 -34.22 -47.69
CA LYS F 9 21.69 -33.89 -46.47
C LYS F 9 20.70 -33.53 -45.39
N VAL F 10 19.77 -32.66 -45.74
CA VAL F 10 18.78 -32.18 -44.79
C VAL F 10 17.82 -33.28 -44.37
N MET F 11 17.45 -34.16 -45.29
CA MET F 11 16.53 -35.25 -44.97
C MET F 11 17.08 -36.18 -43.89
N LYS F 12 18.34 -36.58 -44.03
CA LYS F 12 18.95 -37.46 -43.04
C LYS F 12 19.03 -36.73 -41.70
N THR F 13 19.24 -35.42 -41.77
CA THR F 13 19.31 -34.60 -40.57
C THR F 13 18.02 -34.61 -39.79
N LEU F 14 16.90 -34.54 -40.50
CA LEU F 14 15.58 -34.51 -39.84
C LEU F 14 15.31 -35.80 -39.09
N ASP F 15 15.71 -36.94 -39.64
CA ASP F 15 15.57 -38.19 -38.91
C ASP F 15 16.43 -38.10 -37.66
N GLY F 16 17.44 -37.23 -37.71
CA GLY F 16 18.29 -36.97 -36.57
C GLY F 16 17.56 -36.32 -35.42
N MET F 17 16.50 -35.56 -35.74
CA MET F 17 15.80 -34.81 -34.71
C MET F 17 14.34 -35.21 -34.54
N ARG F 18 14.01 -36.47 -34.82
CA ARG F 18 12.63 -36.91 -34.64
C ARG F 18 12.17 -36.80 -33.18
N GLU F 19 13.02 -37.18 -32.22
CA GLU F 19 12.65 -37.07 -30.81
C GLU F 19 12.48 -35.60 -30.43
N GLY F 20 13.42 -34.77 -30.90
CA GLY F 20 13.35 -33.34 -30.65
C GLY F 20 12.06 -32.82 -31.24
N LEU F 21 11.65 -33.42 -32.36
CA LEU F 21 10.38 -33.07 -32.99
C LEU F 21 9.23 -33.37 -32.05
N ILE F 22 9.24 -34.55 -31.46
CA ILE F 22 8.20 -34.95 -30.51
C ILE F 22 8.28 -34.16 -29.21
N GLN F 23 9.50 -33.96 -28.69
CA GLN F 23 9.65 -33.29 -27.43
C GLN F 23 9.12 -31.89 -27.59
N THR F 24 9.50 -31.22 -28.67
CA THR F 24 9.09 -29.85 -28.90
C THR F 24 7.58 -29.70 -28.95
N ALA F 25 6.90 -30.68 -29.54
CA ALA F 25 5.44 -30.64 -29.62
C ALA F 25 4.77 -30.80 -28.26
N VAL F 26 5.19 -31.79 -27.50
CA VAL F 26 4.54 -32.03 -26.23
C VAL F 26 4.83 -30.90 -25.25
N GLU F 27 6.09 -30.47 -25.23
CA GLU F 27 6.52 -29.40 -24.33
C GLU F 27 5.68 -28.18 -24.64
N LEU F 28 5.49 -27.94 -25.93
CA LEU F 28 4.70 -26.83 -26.40
C LEU F 28 3.23 -27.10 -26.19
N GLY F 29 2.80 -28.32 -26.45
CA GLY F 29 1.39 -28.66 -26.28
C GLY F 29 0.92 -28.56 -24.84
N SER F 30 1.82 -28.87 -23.92
CA SER F 30 1.49 -28.89 -22.50
C SER F 30 1.24 -27.51 -21.93
N ILE F 31 1.86 -26.49 -22.50
CA ILE F 31 1.71 -25.14 -21.99
C ILE F 31 0.28 -24.68 -22.19
N GLU F 32 -0.33 -24.15 -21.13
CA GLU F 32 -1.72 -23.74 -21.22
C GLU F 32 -1.71 -22.41 -21.92
N ALA F 33 -2.28 -22.38 -23.11
CA ALA F 33 -2.21 -21.19 -23.93
C ALA F 33 -3.47 -20.89 -24.69
N PRO F 34 -4.62 -20.85 -24.01
CA PRO F 34 -5.85 -20.46 -24.69
C PRO F 34 -5.75 -19.04 -25.18
N THR F 35 -6.55 -18.65 -26.15
CA THR F 35 -6.49 -17.28 -26.63
C THR F 35 -6.74 -16.36 -25.45
N GLY F 36 -5.86 -15.38 -25.26
CA GLY F 36 -5.94 -14.50 -24.12
C GLY F 36 -4.83 -14.74 -23.14
N ARG F 37 -4.18 -15.88 -23.27
CA ARG F 37 -3.07 -16.24 -22.41
C ARG F 37 -1.93 -16.86 -23.19
N GLU F 38 -1.74 -16.44 -24.44
CA GLU F 38 -0.74 -17.01 -25.32
C GLU F 38 0.66 -16.69 -24.84
N GLY F 39 0.73 -15.83 -23.82
CA GLY F 39 2.00 -15.28 -23.38
C GLY F 39 3.03 -16.31 -22.97
N ALA F 40 2.60 -17.33 -22.25
CA ALA F 40 3.52 -18.33 -21.75
C ALA F 40 4.17 -19.09 -22.89
N ALA F 41 3.37 -19.39 -23.92
CA ALA F 41 3.84 -20.14 -25.07
C ALA F 41 4.74 -19.31 -25.96
N GLY F 42 4.45 -18.02 -26.09
CA GLY F 42 5.26 -17.16 -26.92
C GLY F 42 6.66 -17.09 -26.33
N ASP F 43 6.71 -16.96 -25.01
CA ASP F 43 7.96 -16.95 -24.28
C ASP F 43 8.70 -18.24 -24.51
N TYR F 44 7.98 -19.35 -24.59
CA TYR F 44 8.65 -20.62 -24.81
C TYR F 44 9.32 -20.64 -26.17
N VAL F 45 8.59 -20.19 -27.17
CA VAL F 45 9.10 -20.19 -28.54
C VAL F 45 10.19 -19.17 -28.68
N TYR F 46 10.06 -18.05 -28.00
CA TYR F 46 11.09 -17.04 -28.11
C TYR F 46 12.39 -17.62 -27.64
N GLU F 47 12.38 -18.28 -26.50
CA GLU F 47 13.62 -18.80 -25.98
C GLU F 47 14.11 -19.92 -26.88
N TRP F 48 13.20 -20.77 -27.35
CA TRP F 48 13.57 -21.85 -28.23
C TRP F 48 14.23 -21.29 -29.47
N MET F 49 13.64 -20.23 -30.01
CA MET F 49 14.17 -19.63 -31.21
C MET F 49 15.51 -19.00 -30.91
N ALA F 50 15.62 -18.36 -29.76
CA ALA F 50 16.85 -17.67 -29.38
C ALA F 50 17.98 -18.68 -29.15
N ARG F 51 17.64 -19.77 -28.48
CA ARG F 51 18.58 -20.83 -28.20
C ARG F 51 19.23 -21.34 -29.47
N ASN F 52 18.47 -21.33 -30.55
CA ASN F 52 18.95 -21.88 -31.81
C ASN F 52 19.42 -20.83 -32.78
N GLY F 53 19.55 -19.60 -32.35
CA GLY F 53 20.20 -18.60 -33.18
C GLY F 53 19.36 -17.97 -34.28
N PHE F 54 18.05 -18.01 -34.13
CA PHE F 54 17.20 -17.37 -35.12
C PHE F 54 16.93 -15.94 -34.71
N GLY F 55 17.52 -15.56 -33.59
CA GLY F 55 17.50 -14.17 -33.16
C GLY F 55 16.12 -13.59 -33.20
N PRO F 56 15.24 -14.09 -32.33
CA PRO F 56 13.84 -13.70 -32.34
C PRO F 56 13.57 -12.30 -31.81
N GLU F 57 12.36 -11.83 -32.10
CA GLU F 57 11.94 -10.54 -31.66
C GLU F 57 10.49 -10.67 -31.22
N ARG F 58 10.07 -9.84 -30.29
CA ARG F 58 8.70 -9.89 -29.86
C ARG F 58 7.95 -8.74 -30.44
N VAL F 59 6.96 -9.11 -31.26
CA VAL F 59 6.08 -8.17 -31.90
C VAL F 59 4.72 -8.36 -31.33
N GLY F 60 4.23 -7.37 -30.59
CA GLY F 60 2.89 -7.46 -30.03
C GLY F 60 2.38 -6.14 -29.50
N VAL F 61 1.07 -6.04 -29.34
CA VAL F 61 0.46 -4.86 -28.74
C VAL F 61 0.57 -4.83 -27.23
N PHE F 62 0.61 -6.01 -26.63
CA PHE F 62 0.66 -6.19 -25.19
C PHE F 62 1.89 -6.97 -24.85
N ASP F 63 2.43 -6.77 -23.66
CA ASP F 63 3.66 -7.44 -23.31
C ASP F 63 3.46 -8.89 -22.90
N ASP F 64 2.21 -9.34 -22.71
CA ASP F 64 1.97 -10.75 -22.44
C ASP F 64 1.23 -11.46 -23.57
N ARG F 65 0.92 -10.72 -24.62
CA ARG F 65 0.33 -11.30 -25.81
C ARG F 65 1.00 -10.72 -27.00
N PHE F 66 1.87 -11.49 -27.63
CA PHE F 66 2.75 -10.95 -28.64
C PHE F 66 3.14 -12.01 -29.61
N ASN F 67 3.68 -11.61 -30.75
CA ASN F 67 4.14 -12.58 -31.70
C ASN F 67 5.66 -12.68 -31.64
N VAL F 68 6.18 -13.81 -32.08
CA VAL F 68 7.61 -14.00 -32.12
C VAL F 68 8.06 -14.17 -33.57
N VAL F 69 8.96 -13.29 -33.99
CA VAL F 69 9.49 -13.30 -35.34
C VAL F 69 10.99 -13.43 -35.28
N GLY F 70 11.50 -14.43 -35.94
CA GLY F 70 12.93 -14.65 -35.96
C GLY F 70 13.19 -15.09 -37.37
N ARG F 71 14.44 -15.17 -37.79
CA ARG F 71 14.67 -15.56 -39.16
C ARG F 71 16.01 -16.26 -39.38
N LEU F 72 16.02 -17.15 -40.36
CA LEU F 72 17.23 -17.85 -40.76
C LEU F 72 17.83 -17.15 -41.98
N ARG F 73 18.79 -16.28 -41.71
CA ARG F 73 19.37 -15.42 -42.71
C ARG F 73 19.99 -16.21 -43.86
N GLY F 74 19.94 -15.64 -45.04
CA GLY F 74 20.43 -16.30 -46.24
C GLY F 74 21.55 -15.48 -46.85
N THR F 75 22.26 -16.10 -47.79
CA THR F 75 23.44 -15.49 -48.40
C THR F 75 23.14 -14.17 -49.10
N GLY F 76 22.00 -14.08 -49.78
CA GLY F 76 21.60 -12.84 -50.42
C GLY F 76 21.02 -12.99 -51.82
N GLY F 77 20.22 -12.01 -52.23
CA GLY F 77 19.66 -11.97 -53.56
C GLY F 77 18.75 -13.11 -53.95
N GLY F 78 17.92 -13.55 -53.01
CA GLY F 78 16.97 -14.61 -53.26
C GLY F 78 15.62 -14.27 -52.65
N ALA F 79 14.58 -14.99 -53.05
CA ALA F 79 13.26 -14.78 -52.48
C ALA F 79 13.29 -15.25 -51.05
N SER F 80 12.49 -14.60 -50.20
CA SER F 80 12.43 -14.94 -48.79
C SER F 80 11.10 -15.62 -48.49
N LEU F 81 11.13 -16.65 -47.66
CA LEU F 81 9.92 -17.42 -47.37
C LEU F 81 9.52 -17.37 -45.90
N SER F 82 8.23 -17.18 -45.67
CA SER F 82 7.74 -17.03 -44.33
C SER F 82 6.98 -18.28 -43.92
N PHE F 83 7.24 -18.73 -42.71
CA PHE F 83 6.59 -19.89 -42.11
C PHE F 83 5.75 -19.39 -40.96
N ASN F 84 4.49 -19.79 -40.89
CA ASN F 84 3.65 -19.22 -39.88
C ASN F 84 2.77 -20.26 -39.17
N SER F 85 2.57 -20.05 -37.87
CA SER F 85 1.74 -20.90 -37.05
C SER F 85 1.30 -20.06 -35.88
N HIS F 86 0.26 -20.46 -35.16
CA HIS F 86 -0.22 -19.63 -34.07
C HIS F 86 0.03 -20.24 -32.72
N LEU F 87 0.25 -19.38 -31.72
CA LEU F 87 0.55 -19.77 -30.35
C LEU F 87 -0.65 -20.28 -29.55
N ASP F 88 -1.80 -19.62 -29.72
CA ASP F 88 -2.99 -19.95 -28.95
C ASP F 88 -3.64 -21.28 -29.35
N THR F 89 -4.49 -21.78 -28.44
CA THR F 89 -5.25 -23.02 -28.56
C THR F 89 -6.70 -22.70 -28.31
N ILE F 90 -7.61 -23.59 -28.68
CA ILE F 90 -9.02 -23.26 -28.60
C ILE F 90 -9.60 -23.18 -27.19
N MET F 91 -9.41 -24.22 -26.38
CA MET F 91 -10.13 -24.31 -25.10
C MET F 91 -9.29 -23.88 -23.93
N ALA F 92 -9.89 -23.01 -23.13
CA ALA F 92 -9.29 -22.57 -21.89
C ALA F 92 -9.43 -23.71 -20.92
N ARG F 93 -8.78 -23.64 -19.77
CA ARG F 93 -8.85 -24.74 -18.81
C ARG F 93 -10.24 -24.90 -18.26
N GLU F 94 -10.92 -23.79 -18.03
CA GLU F 94 -12.30 -23.88 -17.61
C GLU F 94 -13.19 -23.16 -18.59
N ASP F 95 -13.72 -23.94 -19.53
CA ASP F 95 -14.63 -23.47 -20.56
C ASP F 95 -15.91 -24.28 -20.45
N THR F 96 -16.51 -24.25 -19.27
CA THR F 96 -17.67 -25.06 -18.94
C THR F 96 -18.92 -24.61 -19.70
N ALA F 97 -18.83 -23.42 -20.27
CA ALA F 97 -19.90 -22.80 -21.04
C ALA F 97 -20.14 -23.47 -22.39
N ARG F 98 -19.10 -24.03 -22.97
CA ARG F 98 -19.19 -24.55 -24.32
C ARG F 98 -19.00 -26.05 -24.42
N PHE F 99 -18.34 -26.63 -23.44
CA PHE F 99 -18.05 -28.06 -23.50
C PHE F 99 -18.73 -28.84 -22.37
N ALA F 100 -19.32 -29.97 -22.71
CA ALA F 100 -20.02 -30.78 -21.75
C ALA F 100 -19.06 -31.33 -20.72
N ASP F 101 -17.93 -31.85 -21.18
CA ASP F 101 -16.90 -32.27 -20.25
C ASP F 101 -15.73 -31.36 -20.50
N ALA F 102 -15.63 -30.32 -19.69
CA ALA F 102 -14.66 -29.28 -19.94
C ALA F 102 -13.32 -29.71 -19.37
N ASN F 103 -13.29 -30.92 -18.84
CA ASN F 103 -12.13 -31.42 -18.16
C ASN F 103 -11.38 -32.54 -18.85
N ASP F 104 -11.80 -32.89 -20.06
CA ASP F 104 -11.16 -33.99 -20.76
C ASP F 104 -9.67 -33.71 -20.85
N ARG F 105 -8.85 -34.74 -20.68
CA ARG F 105 -7.42 -34.56 -20.68
C ARG F 105 -7.01 -33.97 -22.02
N ILE F 106 -7.75 -34.33 -23.04
CA ILE F 106 -7.43 -33.96 -24.41
C ILE F 106 -7.47 -32.46 -24.65
N TYR F 107 -8.43 -31.77 -24.07
CA TYR F 107 -8.56 -30.35 -24.31
C TYR F 107 -7.36 -29.54 -23.80
N HIS F 108 -6.70 -29.99 -22.74
CA HIS F 108 -5.64 -29.16 -22.16
C HIS F 108 -4.25 -29.74 -22.02
N GLU F 109 -3.97 -30.93 -22.57
CA GLU F 109 -2.60 -31.42 -22.49
C GLU F 109 -2.15 -32.15 -23.74
N ALA F 110 -0.88 -32.53 -23.76
CA ALA F 110 -0.36 -33.25 -24.90
C ALA F 110 0.56 -34.35 -24.44
N TRP F 111 0.53 -35.48 -25.15
CA TRP F 111 1.31 -36.63 -24.73
C TRP F 111 1.59 -37.58 -25.89
N HIS F 112 2.70 -38.30 -25.78
CA HIS F 112 3.12 -39.28 -26.78
C HIS F 112 2.71 -40.69 -26.37
N GLU F 113 1.54 -41.15 -26.82
CA GLU F 113 1.01 -42.43 -26.36
C GLU F 113 1.27 -43.62 -27.26
N GLU F 114 1.85 -43.35 -28.40
CA GLU F 114 2.03 -44.37 -29.43
C GLU F 114 2.51 -43.52 -30.57
N GLY F 115 2.92 -44.11 -31.70
CA GLY F 115 3.37 -43.34 -32.83
C GLY F 115 2.59 -42.07 -33.16
N ARG F 116 1.62 -41.72 -32.30
CA ARG F 116 0.84 -40.50 -32.43
C ARG F 116 0.88 -39.62 -31.19
N ILE F 117 0.69 -38.32 -31.41
CA ILE F 117 0.70 -37.34 -30.34
C ILE F 117 -0.72 -36.82 -30.15
N TYR F 118 -1.15 -36.76 -28.90
CA TYR F 118 -2.53 -36.41 -28.58
C TYR F 118 -2.61 -35.00 -28.02
N GLY F 119 -3.71 -34.32 -28.32
CA GLY F 119 -3.99 -33.05 -27.68
C GLY F 119 -4.52 -32.03 -28.64
N TYR F 120 -5.67 -31.44 -28.34
CA TYR F 120 -6.24 -30.42 -29.19
C TYR F 120 -5.23 -29.28 -29.36
N SER F 121 -4.40 -29.09 -28.36
CA SER F 121 -3.43 -28.02 -28.41
C SER F 121 -2.26 -28.40 -29.32
N VAL F 122 -2.16 -29.66 -29.70
CA VAL F 122 -1.09 -30.07 -30.60
C VAL F 122 -1.59 -30.02 -32.03
N VAL F 123 -2.82 -30.48 -32.24
CA VAL F 123 -3.44 -30.38 -33.56
C VAL F 123 -3.63 -28.94 -33.95
N ASN F 124 -3.99 -28.12 -32.96
CA ASN F 124 -4.24 -26.70 -33.19
C ASN F 124 -3.67 -25.88 -32.03
N CYS F 125 -2.44 -25.41 -32.18
CA CYS F 125 -1.67 -25.70 -33.38
C CYS F 125 -0.17 -25.80 -33.13
N LYS F 126 0.26 -26.66 -32.22
CA LYS F 126 1.68 -26.68 -31.95
C LYS F 126 2.36 -27.82 -32.68
N GLY F 127 1.57 -28.71 -33.23
CA GLY F 127 2.15 -29.81 -33.97
C GLY F 127 2.82 -29.27 -35.21
N PRO F 128 2.09 -28.49 -36.01
CA PRO F 128 2.65 -27.89 -37.20
C PRO F 128 3.75 -26.91 -36.85
N MET F 129 3.56 -26.11 -35.81
CA MET F 129 4.56 -25.14 -35.46
C MET F 129 5.82 -25.88 -35.12
N ALA F 130 5.65 -27.03 -34.49
CA ALA F 130 6.79 -27.83 -34.12
C ALA F 130 7.48 -28.30 -35.38
N CYS F 131 6.69 -28.56 -36.40
CA CYS F 131 7.24 -29.12 -37.62
C CYS F 131 8.24 -28.21 -38.29
N TRP F 132 7.82 -26.98 -38.58
CA TRP F 132 8.71 -26.07 -39.29
C TRP F 132 9.74 -25.41 -38.42
N LEU F 133 9.48 -25.31 -37.14
CA LEU F 133 10.49 -24.84 -36.22
C LEU F 133 11.68 -25.78 -36.36
N ILE F 134 11.38 -27.07 -36.37
CA ILE F 134 12.40 -28.10 -36.53
C ILE F 134 13.04 -28.04 -37.90
N ALA F 135 12.22 -27.81 -38.93
CA ALA F 135 12.72 -27.75 -40.28
C ALA F 135 13.75 -26.67 -40.39
N ALA F 136 13.49 -25.54 -39.73
CA ALA F 136 14.45 -24.46 -39.76
C ALA F 136 15.73 -24.91 -39.10
N LYS F 137 15.59 -25.69 -38.03
CA LYS F 137 16.75 -26.18 -37.31
C LYS F 137 17.57 -27.07 -38.21
N ALA F 138 16.87 -27.91 -38.99
CA ALA F 138 17.57 -28.83 -39.86
C ALA F 138 18.39 -28.10 -40.90
N LEU F 139 17.80 -27.08 -41.52
CA LEU F 139 18.51 -26.36 -42.56
C LEU F 139 19.73 -25.69 -41.99
N LYS F 140 19.57 -25.01 -40.87
CA LYS F 140 20.67 -24.27 -40.29
C LYS F 140 21.76 -25.27 -39.91
N GLU F 141 21.35 -26.31 -39.20
CA GLU F 141 22.28 -27.31 -38.72
C GLU F 141 22.92 -28.13 -39.83
N ALA F 142 22.27 -28.22 -40.98
CA ALA F 142 22.85 -28.97 -42.10
C ALA F 142 23.56 -28.03 -43.06
N GLY F 143 23.64 -26.77 -42.68
CA GLY F 143 24.28 -25.73 -43.48
C GLY F 143 23.80 -25.69 -44.93
N ALA F 144 22.51 -25.88 -45.13
CA ALA F 144 21.94 -25.87 -46.47
C ALA F 144 22.11 -24.49 -47.09
N ALA F 145 22.12 -24.42 -48.40
CA ALA F 145 22.35 -23.16 -49.08
C ALA F 145 21.06 -22.47 -49.50
N LEU F 146 20.87 -21.27 -48.98
CA LEU F 146 19.72 -20.46 -49.33
C LEU F 146 20.20 -19.07 -49.67
N LYS F 147 19.64 -18.47 -50.71
CA LYS F 147 20.02 -17.11 -51.04
C LYS F 147 19.11 -16.16 -50.31
N GLY F 148 17.97 -16.66 -49.85
CA GLY F 148 16.97 -15.81 -49.22
C GLY F 148 16.67 -16.18 -47.79
N ASP F 149 16.13 -15.23 -47.04
CA ASP F 149 15.85 -15.47 -45.64
C ASP F 149 14.66 -16.39 -45.45
N VAL F 150 14.67 -17.10 -44.34
CA VAL F 150 13.52 -17.87 -43.93
C VAL F 150 13.02 -17.14 -42.71
N VAL F 151 11.76 -16.73 -42.74
CA VAL F 151 11.23 -15.95 -41.65
C VAL F 151 10.35 -16.83 -40.84
N LEU F 152 10.60 -16.83 -39.54
CA LEU F 152 9.86 -17.67 -38.63
C LEU F 152 8.92 -16.82 -37.82
N THR F 153 7.65 -16.90 -38.20
CA THR F 153 6.64 -16.12 -37.53
C THR F 153 5.66 -16.98 -36.71
N ALA F 154 5.71 -16.82 -35.40
CA ALA F 154 4.76 -17.46 -34.51
C ALA F 154 3.87 -16.40 -33.89
N VAL F 155 2.55 -16.50 -34.12
CA VAL F 155 1.65 -15.42 -33.77
C VAL F 155 0.61 -15.78 -32.73
N CYS F 156 -0.06 -14.76 -32.22
CA CYS F 156 -1.09 -14.93 -31.24
C CYS F 156 -2.42 -14.54 -31.85
N GLY F 157 -3.51 -14.76 -31.14
CA GLY F 157 -4.79 -14.26 -31.60
C GLY F 157 -5.21 -14.77 -32.95
N GLU F 158 -4.86 -16.02 -33.26
CA GLU F 158 -5.30 -16.62 -34.50
C GLU F 158 -6.77 -16.98 -34.44
N ILE F 159 -7.18 -17.53 -33.30
CA ILE F 159 -8.53 -18.08 -33.14
C ILE F 159 -9.58 -16.98 -33.10
N ASP F 160 -10.81 -17.31 -33.51
CA ASP F 160 -11.83 -16.28 -33.74
C ASP F 160 -12.52 -15.81 -32.47
N CYS F 161 -11.75 -15.31 -31.52
CA CYS F 161 -12.33 -14.72 -30.34
C CYS F 161 -12.46 -13.26 -30.68
N GLU F 162 -13.62 -12.65 -30.48
CA GLU F 162 -13.70 -11.24 -30.81
C GLU F 162 -14.38 -10.45 -29.71
N PRO F 163 -13.88 -9.26 -29.42
CA PRO F 163 -14.51 -8.46 -28.38
C PRO F 163 -15.88 -8.03 -28.83
N VAL F 164 -16.82 -8.02 -27.89
CA VAL F 164 -18.18 -7.57 -28.16
C VAL F 164 -18.85 -7.03 -26.92
N ASP F 165 -19.74 -6.07 -27.11
CA ASP F 165 -20.52 -5.52 -26.00
C ASP F 165 -19.60 -5.05 -24.88
N GLU F 166 -19.72 -5.68 -23.72
CA GLU F 166 -18.96 -5.33 -22.54
C GLU F 166 -17.67 -6.09 -22.48
N PHE F 167 -17.41 -6.94 -23.45
CA PHE F 167 -16.17 -7.69 -23.46
C PHE F 167 -15.24 -7.03 -24.48
N GLN F 168 -14.38 -6.17 -23.98
CA GLN F 168 -13.51 -5.38 -24.81
C GLN F 168 -12.14 -5.47 -24.25
N GLY F 169 -11.15 -5.14 -25.07
CA GLY F 169 -9.85 -4.96 -24.48
C GLY F 169 -8.93 -6.14 -24.55
N HIS F 170 -7.91 -6.07 -23.73
CA HIS F 170 -6.79 -6.98 -23.74
C HIS F 170 -7.21 -8.44 -23.78
N ASP F 171 -8.17 -8.83 -22.97
CA ASP F 171 -8.54 -10.24 -22.87
C ASP F 171 -9.27 -10.84 -24.05
N TYR F 172 -10.05 -10.02 -24.76
CA TYR F 172 -10.93 -10.53 -25.79
C TYR F 172 -10.43 -10.34 -27.23
N LEU F 173 -9.46 -9.46 -27.42
CA LEU F 173 -8.86 -9.22 -28.71
C LEU F 173 -8.19 -10.48 -29.23
N ALA F 174 -8.12 -10.65 -30.55
CA ALA F 174 -7.46 -11.82 -31.08
C ALA F 174 -6.65 -11.54 -32.31
N GLU F 175 -7.30 -11.50 -33.46
CA GLU F 175 -6.56 -11.49 -34.72
C GLU F 175 -6.16 -10.06 -35.11
N ASP F 176 -6.72 -9.07 -34.43
CA ASP F 176 -6.38 -7.71 -34.73
C ASP F 176 -4.94 -7.50 -34.27
N ILE F 177 -4.57 -8.14 -33.17
CA ILE F 177 -3.23 -8.05 -32.61
C ILE F 177 -2.40 -9.25 -33.03
N GLY F 178 -2.98 -10.07 -33.88
CA GLY F 178 -2.37 -11.32 -34.25
C GLY F 178 -1.38 -11.20 -35.37
N ALA F 179 -1.46 -12.10 -36.33
CA ALA F 179 -0.50 -12.14 -37.44
C ALA F 179 -0.50 -10.87 -38.24
N ARG F 180 -1.66 -10.28 -38.49
CA ARG F 180 -1.67 -9.07 -39.30
C ARG F 180 -0.85 -7.98 -38.66
N TYR F 181 -0.75 -8.00 -37.34
CA TYR F 181 0.08 -7.04 -36.66
C TYR F 181 1.52 -7.38 -36.97
N ALA F 182 1.88 -8.64 -36.89
CA ALA F 182 3.27 -9.03 -37.07
C ALA F 182 3.74 -8.62 -38.44
N ILE F 183 2.91 -8.88 -39.44
CA ILE F 183 3.27 -8.51 -40.80
C ILE F 183 3.32 -7.01 -40.93
N SER F 184 2.29 -6.30 -40.51
CA SER F 184 2.29 -4.87 -40.77
C SER F 184 3.49 -4.20 -40.10
N HIS F 185 4.18 -4.94 -39.25
CA HIS F 185 5.30 -4.41 -38.50
C HIS F 185 6.54 -5.20 -38.72
N GLY F 186 6.78 -5.55 -39.99
CA GLY F 186 8.05 -6.09 -40.42
C GLY F 186 8.21 -7.56 -40.76
N ALA F 187 7.25 -8.39 -40.39
CA ALA F 187 7.40 -9.79 -40.72
C ALA F 187 6.97 -10.03 -42.16
N ILE F 188 7.66 -9.38 -43.10
CA ILE F 188 7.29 -9.51 -44.52
C ILE F 188 8.25 -10.41 -45.29
N SER F 189 7.69 -11.13 -46.25
CA SER F 189 8.47 -12.01 -47.09
C SER F 189 7.92 -12.00 -48.50
N ASP F 190 8.61 -12.68 -49.40
CA ASP F 190 8.12 -12.71 -50.76
C ASP F 190 6.90 -13.63 -50.79
N TYR F 191 7.01 -14.76 -50.11
CA TYR F 191 5.92 -15.73 -50.00
C TYR F 191 5.77 -16.21 -48.56
N ALA F 192 4.62 -16.78 -48.24
CA ALA F 192 4.39 -17.31 -46.89
C ALA F 192 3.55 -18.57 -46.89
N LEU F 193 3.99 -19.52 -46.08
CA LEU F 193 3.30 -20.80 -45.91
C LEU F 193 2.76 -20.95 -44.50
N VAL F 194 1.44 -21.00 -44.37
CA VAL F 194 0.80 -21.14 -43.09
C VAL F 194 0.62 -22.61 -42.74
N ALA F 195 1.28 -23.07 -41.69
CA ALA F 195 1.29 -24.48 -41.34
C ALA F 195 0.18 -24.84 -40.36
N GLU F 196 -0.82 -25.56 -40.86
CA GLU F 196 -1.93 -26.01 -40.05
C GLU F 196 -2.37 -27.33 -40.63
N ALA F 197 -3.26 -28.04 -39.95
CA ALA F 197 -3.63 -29.36 -40.41
C ALA F 197 -4.62 -29.27 -41.55
N THR F 198 -4.15 -29.64 -42.74
CA THR F 198 -4.98 -29.65 -43.95
C THR F 198 -5.06 -31.03 -44.55
N ASN F 199 -4.40 -31.99 -43.91
CA ASN F 199 -4.36 -33.36 -44.41
C ASN F 199 -3.45 -33.49 -45.61
N PHE F 200 -2.36 -32.74 -45.60
CA PHE F 200 -1.38 -32.81 -46.68
C PHE F 200 -1.98 -32.40 -48.02
N LYS F 201 -2.95 -31.50 -47.98
CA LYS F 201 -3.57 -30.95 -49.17
C LYS F 201 -3.40 -29.46 -49.06
N PRO F 202 -2.89 -28.81 -50.11
CA PRO F 202 -2.68 -27.38 -49.91
C PRO F 202 -3.86 -26.59 -50.44
N ALA F 203 -4.19 -25.51 -49.76
CA ALA F 203 -5.27 -24.63 -50.19
C ALA F 203 -4.82 -23.21 -50.06
N TRP F 204 -5.10 -22.41 -51.08
CA TRP F 204 -4.79 -20.99 -51.04
C TRP F 204 -6.02 -20.11 -51.12
N VAL F 205 -7.15 -20.58 -50.63
CA VAL F 205 -8.28 -19.70 -50.44
C VAL F 205 -8.87 -19.96 -49.07
N GLU F 206 -9.38 -18.91 -48.43
CA GLU F 206 -10.02 -19.02 -47.13
C GLU F 206 -11.17 -18.06 -47.14
N ALA F 207 -12.05 -18.17 -46.15
CA ALA F 207 -13.29 -17.41 -46.17
C ALA F 207 -13.27 -16.21 -45.25
N GLY F 208 -14.12 -15.24 -45.55
CA GLY F 208 -14.23 -14.09 -44.69
C GLY F 208 -15.16 -14.48 -43.55
N LYS F 209 -15.72 -13.49 -42.86
CA LYS F 209 -16.74 -13.74 -41.86
C LYS F 209 -17.41 -12.43 -41.50
N VAL F 210 -18.62 -12.50 -40.97
CA VAL F 210 -19.24 -11.32 -40.39
C VAL F 210 -20.02 -11.81 -39.17
N PHE F 211 -19.95 -11.10 -38.05
CA PHE F 211 -20.65 -11.54 -36.87
C PHE F 211 -21.82 -10.64 -36.58
N LEU F 212 -22.98 -11.23 -36.38
CA LEU F 212 -24.14 -10.42 -36.15
C LEU F 212 -24.69 -10.68 -34.78
N LYS F 213 -25.07 -9.59 -34.12
CA LYS F 213 -25.75 -9.63 -32.85
C LYS F 213 -27.19 -9.32 -33.11
N VAL F 214 -28.01 -10.36 -33.12
CA VAL F 214 -29.42 -10.18 -33.38
C VAL F 214 -30.16 -10.07 -32.06
N THR F 215 -30.70 -8.90 -31.80
CA THR F 215 -31.42 -8.65 -30.57
C THR F 215 -32.90 -8.46 -30.83
N VAL F 216 -33.76 -9.26 -30.21
CA VAL F 216 -35.17 -9.09 -30.50
C VAL F 216 -35.91 -8.52 -29.33
N PHE F 217 -36.80 -7.59 -29.63
CA PHE F 217 -37.52 -6.83 -28.63
C PHE F 217 -38.93 -7.36 -28.51
N ALA F 218 -39.42 -7.36 -27.27
CA ALA F 218 -40.75 -7.80 -26.90
C ALA F 218 -41.16 -6.92 -25.76
N GLY F 219 -42.13 -7.36 -24.98
CA GLY F 219 -42.45 -6.67 -23.76
C GLY F 219 -43.94 -6.53 -23.61
N PRO F 220 -44.38 -5.81 -22.59
CA PRO F 220 -43.60 -5.21 -21.52
C PRO F 220 -43.30 -6.19 -20.38
N SER F 221 -42.27 -5.89 -19.59
CA SER F 221 -41.88 -6.74 -18.49
C SER F 221 -43.05 -6.90 -17.53
N ARG F 222 -43.18 -8.09 -16.97
CA ARG F 222 -44.17 -8.32 -15.94
C ARG F 222 -43.63 -9.25 -14.87
N TYR F 223 -44.05 -9.00 -13.64
CA TYR F 223 -43.70 -9.85 -12.53
C TYR F 223 -44.39 -11.16 -12.85
N THR F 224 -43.77 -12.29 -12.56
CA THR F 224 -44.30 -13.57 -13.05
C THR F 224 -45.79 -13.81 -12.75
N PRO F 225 -46.23 -13.45 -11.57
CA PRO F 225 -47.64 -13.63 -11.24
C PRO F 225 -48.61 -12.84 -12.10
N TYR F 226 -48.11 -11.93 -12.93
CA TYR F 226 -48.97 -11.12 -13.77
C TYR F 226 -48.77 -11.45 -15.24
N VAL F 227 -47.95 -12.45 -15.54
CA VAL F 227 -47.66 -12.76 -16.94
C VAL F 227 -48.91 -13.24 -17.60
N PRO F 228 -49.17 -12.77 -18.81
CA PRO F 228 -50.43 -13.10 -19.48
C PRO F 228 -50.36 -14.38 -20.28
N ARG F 229 -51.23 -15.33 -20.00
CA ARG F 229 -51.33 -16.51 -20.86
C ARG F 229 -52.77 -16.92 -21.02
N PRO F 230 -53.08 -17.60 -22.13
CA PRO F 230 -52.13 -18.01 -23.16
C PRO F 230 -51.90 -16.94 -24.21
N VAL F 231 -50.72 -16.96 -24.82
CA VAL F 231 -50.40 -16.06 -25.91
C VAL F 231 -49.59 -16.83 -26.95
N ALA F 232 -49.71 -16.46 -28.22
CA ALA F 232 -48.94 -17.11 -29.27
C ALA F 232 -47.46 -16.84 -29.05
N ALA F 233 -46.60 -17.74 -29.54
CA ALA F 233 -45.18 -17.60 -29.30
C ALA F 233 -44.70 -16.28 -29.86
N LEU F 234 -45.02 -16.05 -31.12
CA LEU F 234 -44.55 -14.88 -31.82
C LEU F 234 -45.06 -13.59 -31.20
N ASP F 235 -46.10 -13.69 -30.38
CA ASP F 235 -46.68 -12.51 -29.76
C ASP F 235 -46.30 -12.40 -28.30
N SER F 236 -45.43 -13.30 -27.83
CA SER F 236 -45.07 -13.37 -26.42
C SER F 236 -44.44 -12.10 -25.91
N PRO F 237 -44.64 -11.82 -24.62
CA PRO F 237 -44.02 -10.62 -24.07
C PRO F 237 -42.60 -10.96 -23.69
N ASN F 238 -42.39 -12.24 -23.41
CA ASN F 238 -41.09 -12.74 -23.02
C ASN F 238 -40.24 -12.82 -24.27
N ALA F 239 -39.16 -12.05 -24.27
CA ALA F 239 -38.36 -11.97 -25.46
C ALA F 239 -37.64 -13.28 -25.74
N ILE F 240 -37.52 -14.15 -24.74
CA ILE F 240 -36.88 -15.43 -24.98
C ILE F 240 -37.78 -16.29 -25.87
N VAL F 241 -39.09 -16.10 -25.76
CA VAL F 241 -39.99 -16.92 -26.53
C VAL F 241 -39.97 -16.57 -28.01
N ARG F 242 -40.02 -15.28 -28.34
CA ARG F 242 -39.96 -14.87 -29.73
C ARG F 242 -38.63 -15.31 -30.34
N MET F 243 -37.57 -15.25 -29.53
CA MET F 243 -36.26 -15.66 -29.98
C MET F 243 -36.23 -17.14 -30.33
N ALA F 244 -37.03 -17.94 -29.64
CA ALA F 244 -37.10 -19.36 -29.89
C ALA F 244 -37.60 -19.59 -31.29
N LYS F 245 -38.59 -18.81 -31.69
CA LYS F 245 -39.12 -18.89 -33.04
C LYS F 245 -38.13 -18.35 -34.07
N LEU F 246 -37.50 -17.24 -33.74
CA LEU F 246 -36.53 -16.61 -34.63
C LEU F 246 -35.29 -17.45 -34.80
N VAL F 247 -34.98 -18.28 -33.81
CA VAL F 247 -33.84 -19.14 -33.96
C VAL F 247 -34.12 -20.21 -35.01
N GLU F 248 -35.33 -20.76 -35.03
CA GLU F 248 -35.63 -21.82 -35.98
C GLU F 248 -35.73 -21.28 -37.41
N ALA F 249 -36.23 -20.07 -37.57
CA ALA F 249 -36.25 -19.47 -38.89
C ALA F 249 -34.83 -19.32 -39.40
N LEU F 250 -33.94 -18.79 -38.56
CA LEU F 250 -32.56 -18.54 -38.97
C LEU F 250 -31.80 -19.82 -39.25
N GLU F 251 -32.19 -20.90 -38.59
CA GLU F 251 -31.56 -22.19 -38.81
C GLU F 251 -31.89 -22.72 -40.20
N GLU F 252 -33.09 -22.43 -40.68
CA GLU F 252 -33.49 -22.86 -42.01
C GLU F 252 -32.80 -21.98 -43.05
N TRP F 253 -32.68 -20.68 -42.75
CA TRP F 253 -31.93 -19.76 -43.61
C TRP F 253 -30.47 -20.18 -43.69
N ALA F 254 -29.93 -20.66 -42.58
CA ALA F 254 -28.55 -21.11 -42.50
C ALA F 254 -28.28 -22.33 -43.38
N ASP F 255 -29.25 -23.24 -43.46
CA ASP F 255 -29.10 -24.45 -44.27
C ASP F 255 -28.95 -24.08 -45.74
N ASN F 256 -29.73 -23.10 -46.17
CA ASN F 256 -29.71 -22.59 -47.54
C ASN F 256 -28.55 -21.69 -47.86
N TYR F 257 -28.10 -20.91 -46.88
CA TYR F 257 -27.03 -19.97 -47.13
C TYR F 257 -25.80 -20.66 -47.69
N GLU F 258 -25.41 -21.78 -47.11
CA GLU F 258 -24.20 -22.44 -47.57
C GLU F 258 -24.36 -22.96 -48.98
N LYS F 259 -25.55 -23.47 -49.29
CA LYS F 259 -25.77 -23.98 -50.64
C LYS F 259 -25.72 -22.85 -51.66
N ARG F 260 -26.41 -21.76 -51.39
CA ARG F 260 -26.46 -20.66 -52.34
C ARG F 260 -25.10 -20.04 -52.58
N TYR F 261 -24.29 -19.91 -51.52
CA TYR F 261 -23.05 -19.17 -51.61
C TYR F 261 -21.82 -20.01 -51.76
N THR F 262 -21.97 -21.31 -51.99
CA THR F 262 -20.79 -22.10 -52.28
C THR F 262 -20.17 -21.55 -53.55
N ARG F 263 -18.85 -21.37 -53.56
CA ARG F 263 -18.16 -20.85 -54.73
C ARG F 263 -16.91 -21.66 -54.94
N GLU F 264 -16.58 -21.94 -56.20
CA GLU F 264 -15.37 -22.71 -56.50
C GLU F 264 -14.25 -21.78 -56.90
N TYR F 265 -13.07 -21.97 -56.33
CA TYR F 265 -11.93 -21.11 -56.59
C TYR F 265 -10.74 -21.95 -56.96
N GLY F 266 -9.68 -21.32 -57.45
CA GLY F 266 -8.51 -22.09 -57.81
C GLY F 266 -7.93 -22.77 -56.60
N GLY F 267 -7.83 -22.00 -55.52
CA GLY F 267 -7.31 -22.44 -54.23
C GLY F 267 -8.17 -23.49 -53.55
N GLY F 268 -9.47 -23.43 -53.79
CA GLY F 268 -10.38 -24.44 -53.26
C GLY F 268 -11.83 -24.17 -53.55
N THR F 269 -12.71 -24.93 -52.92
CA THR F 269 -14.13 -24.70 -53.05
C THR F 269 -14.67 -24.21 -51.73
N VAL F 270 -15.25 -23.02 -51.73
CA VAL F 270 -15.62 -22.38 -50.49
C VAL F 270 -17.05 -22.65 -50.15
N VAL F 271 -17.24 -23.39 -49.08
CA VAL F 271 -18.56 -23.62 -48.55
C VAL F 271 -18.73 -22.85 -47.24
N PRO F 272 -19.43 -21.72 -47.31
CA PRO F 272 -19.55 -20.83 -46.17
C PRO F 272 -20.71 -21.21 -45.28
N LYS F 273 -20.42 -21.63 -44.05
CA LYS F 273 -21.47 -22.06 -43.15
C LYS F 273 -21.94 -20.98 -42.18
N VAL F 274 -23.05 -21.26 -41.50
CA VAL F 274 -23.60 -20.37 -40.49
C VAL F 274 -23.77 -21.12 -39.17
N ALA F 275 -23.66 -20.40 -38.05
CA ALA F 275 -23.85 -21.01 -36.74
C ALA F 275 -24.31 -19.99 -35.70
N ILE F 276 -25.13 -20.40 -34.74
CA ILE F 276 -25.48 -19.49 -33.67
C ILE F 276 -24.65 -19.82 -32.45
N GLY F 277 -23.55 -19.11 -32.24
CA GLY F 277 -22.59 -19.41 -31.19
C GLY F 277 -22.97 -19.12 -29.75
N ALA F 278 -23.85 -18.15 -29.55
CA ALA F 278 -24.24 -17.82 -28.19
C ALA F 278 -25.58 -17.13 -28.11
N ILE F 279 -26.23 -17.29 -26.99
CA ILE F 279 -27.49 -16.62 -26.76
C ILE F 279 -27.50 -16.19 -25.33
N ARG F 280 -28.23 -15.13 -25.09
CA ARG F 280 -28.38 -14.68 -23.76
C ARG F 280 -29.45 -13.65 -23.71
N GLY F 281 -30.39 -13.84 -22.78
CA GLY F 281 -31.45 -12.89 -22.54
C GLY F 281 -31.70 -12.91 -21.05
N GLY F 282 -31.82 -11.73 -20.46
CA GLY F 282 -31.99 -11.65 -19.03
C GLY F 282 -30.81 -12.21 -18.28
N VAL F 283 -30.88 -12.10 -16.96
CA VAL F 283 -29.83 -12.56 -16.07
C VAL F 283 -30.29 -13.59 -15.04
N PRO F 284 -29.47 -14.62 -14.84
CA PRO F 284 -29.72 -15.79 -14.01
C PRO F 284 -29.93 -15.48 -12.54
N TYR F 285 -29.62 -14.26 -12.11
CA TYR F 285 -29.70 -13.93 -10.69
C TYR F 285 -30.83 -12.94 -10.39
N LYS F 286 -31.67 -12.66 -11.39
CA LYS F 286 -32.92 -11.93 -11.22
C LYS F 286 -33.89 -12.38 -12.28
N ILE F 287 -34.52 -13.52 -12.05
CA ILE F 287 -35.38 -14.12 -13.05
C ILE F 287 -36.85 -13.86 -12.83
N TYR F 288 -37.21 -13.17 -11.76
CA TYR F 288 -38.62 -12.95 -11.44
C TYR F 288 -39.33 -12.12 -12.49
N ARG F 289 -38.58 -11.41 -13.32
CA ARG F 289 -39.18 -10.68 -14.43
C ARG F 289 -38.62 -11.17 -15.75
N PHE F 290 -39.45 -11.63 -16.67
CA PHE F 290 -38.89 -12.07 -17.93
C PHE F 290 -38.32 -10.86 -18.63
N PRO F 291 -37.43 -11.09 -19.59
CA PRO F 291 -36.71 -9.98 -20.15
C PRO F 291 -37.43 -9.42 -21.35
N GLU F 292 -37.34 -8.12 -21.59
CA GLU F 292 -37.99 -7.50 -22.73
C GLU F 292 -37.14 -7.61 -23.98
N LEU F 293 -35.99 -8.25 -23.89
CA LEU F 293 -35.14 -8.36 -25.07
C LEU F 293 -34.17 -9.52 -24.91
N CYS F 294 -33.87 -10.18 -26.02
CA CYS F 294 -32.95 -11.31 -26.01
C CYS F 294 -31.99 -11.24 -27.19
N SER F 295 -30.77 -11.73 -27.01
CA SER F 295 -29.78 -11.62 -28.06
C SER F 295 -29.14 -12.92 -28.47
N ILE F 296 -28.77 -13.01 -29.74
CA ILE F 296 -27.99 -14.15 -30.16
C ILE F 296 -26.81 -13.63 -30.95
N TYR F 297 -25.73 -14.39 -30.93
CA TYR F 297 -24.55 -13.96 -31.62
C TYR F 297 -24.24 -14.99 -32.68
N MET F 298 -24.26 -14.58 -33.94
CA MET F 298 -24.14 -15.52 -35.04
C MET F 298 -22.85 -15.33 -35.75
N ASP F 299 -22.27 -16.45 -36.16
CA ASP F 299 -21.03 -16.48 -36.89
C ASP F 299 -21.33 -16.88 -38.32
N ILE F 300 -21.24 -15.92 -39.22
CA ILE F 300 -21.50 -16.17 -40.63
C ILE F 300 -20.26 -16.04 -41.47
N ARG F 301 -19.87 -17.11 -42.13
CA ARG F 301 -18.71 -17.10 -42.99
C ARG F 301 -19.06 -16.53 -44.34
N LEU F 302 -18.06 -15.95 -44.99
CA LEU F 302 -18.25 -15.31 -46.27
C LEU F 302 -17.26 -15.86 -47.28
N ASN F 303 -17.69 -16.08 -48.53
CA ASN F 303 -16.69 -16.42 -49.53
C ASN F 303 -16.05 -15.10 -49.86
N PRO F 304 -14.89 -15.13 -50.50
CA PRO F 304 -14.17 -13.88 -50.72
C PRO F 304 -14.98 -12.87 -51.48
N ASP F 305 -16.05 -13.28 -52.12
CA ASP F 305 -16.76 -12.33 -52.95
C ASP F 305 -18.08 -11.88 -52.39
N THR F 306 -18.38 -12.21 -51.13
CA THR F 306 -19.65 -11.76 -50.57
C THR F 306 -19.47 -10.48 -49.76
N ASN F 307 -20.42 -9.57 -49.90
CA ASN F 307 -20.39 -8.32 -49.17
C ASN F 307 -21.12 -8.44 -47.86
N PRO F 308 -20.47 -8.09 -46.75
CA PRO F 308 -21.10 -8.34 -45.47
C PRO F 308 -22.38 -7.55 -45.34
N LEU F 309 -22.50 -6.45 -46.06
CA LEU F 309 -23.73 -5.68 -45.99
C LEU F 309 -24.94 -6.43 -46.54
N VAL F 310 -24.70 -7.29 -47.52
CA VAL F 310 -25.77 -8.10 -48.10
C VAL F 310 -26.32 -9.09 -47.10
N VAL F 311 -25.42 -9.88 -46.51
CA VAL F 311 -25.83 -10.91 -45.57
C VAL F 311 -26.60 -10.32 -44.40
N GLN F 312 -26.26 -9.11 -43.97
CA GLN F 312 -27.04 -8.50 -42.92
C GLN F 312 -28.48 -8.26 -43.33
N ARG F 313 -28.65 -7.74 -44.54
CA ARG F 313 -29.97 -7.43 -45.06
C ARG F 313 -30.78 -8.71 -45.24
N GLU F 314 -30.08 -9.82 -45.52
CA GLU F 314 -30.72 -11.11 -45.65
C GLU F 314 -31.34 -11.51 -44.34
N VAL F 315 -30.54 -11.46 -43.27
CA VAL F 315 -30.98 -11.81 -41.93
C VAL F 315 -31.98 -10.82 -41.37
N GLU F 316 -31.82 -9.55 -41.72
CA GLU F 316 -32.78 -8.54 -41.33
C GLU F 316 -34.11 -8.94 -41.91
N ALA F 317 -34.04 -9.51 -43.10
CA ALA F 317 -35.21 -9.95 -43.83
C ALA F 317 -35.88 -11.13 -43.14
N VAL F 318 -35.07 -12.09 -42.70
CA VAL F 318 -35.59 -13.27 -42.04
C VAL F 318 -36.38 -12.86 -40.82
N VAL F 319 -35.93 -11.78 -40.19
CA VAL F 319 -36.62 -11.24 -39.04
C VAL F 319 -37.92 -10.57 -39.43
N SER F 320 -37.88 -9.80 -40.52
CA SER F 320 -39.05 -9.06 -40.97
C SER F 320 -40.18 -9.96 -41.44
N LYS F 321 -39.82 -11.11 -42.00
CA LYS F 321 -40.81 -12.07 -42.47
C LYS F 321 -41.66 -12.65 -41.32
N LEU F 322 -41.13 -12.62 -40.09
CA LEU F 322 -41.85 -13.16 -38.93
C LEU F 322 -42.57 -12.04 -38.26
N GLY F 323 -42.40 -10.85 -38.81
CA GLY F 323 -43.08 -9.68 -38.28
C GLY F 323 -42.47 -9.28 -36.95
N LEU F 324 -41.25 -9.74 -36.73
CA LEU F 324 -40.56 -9.44 -35.50
C LEU F 324 -39.86 -8.10 -35.65
N LYS F 325 -39.66 -7.44 -34.52
CA LYS F 325 -38.89 -6.22 -34.49
C LYS F 325 -37.61 -6.57 -33.81
N ALA F 326 -36.49 -6.32 -34.46
CA ALA F 326 -35.21 -6.70 -33.87
C ALA F 326 -34.13 -5.79 -34.37
N GLU F 327 -32.98 -5.87 -33.73
CA GLU F 327 -31.85 -5.06 -34.15
C GLU F 327 -30.75 -5.98 -34.63
N VAL F 328 -30.47 -5.95 -35.92
CA VAL F 328 -29.37 -6.75 -36.45
C VAL F 328 -28.16 -5.85 -36.64
N LYS F 329 -27.11 -6.07 -35.86
CA LYS F 329 -25.93 -5.26 -35.96
C LYS F 329 -24.70 -6.15 -36.00
N PRO F 330 -23.80 -5.89 -36.94
CA PRO F 330 -22.60 -6.67 -37.11
C PRO F 330 -21.51 -6.12 -36.22
N PHE F 331 -20.79 -6.98 -35.52
CA PHE F 331 -19.74 -6.52 -34.63
C PHE F 331 -18.39 -7.09 -35.02
N LEU F 332 -18.32 -7.80 -36.14
CA LEU F 332 -17.06 -8.24 -36.72
C LEU F 332 -17.18 -8.43 -38.20
N PHE F 333 -16.18 -7.98 -38.94
CA PHE F 333 -16.13 -8.15 -40.37
C PHE F 333 -14.70 -8.35 -40.80
N ARG F 334 -14.44 -9.45 -41.48
CA ARG F 334 -13.11 -9.71 -41.99
C ARG F 334 -13.32 -10.23 -43.39
N ARG F 335 -12.30 -10.13 -44.22
CA ARG F 335 -12.44 -10.51 -45.61
C ARG F 335 -11.64 -11.77 -45.87
N GLY F 336 -12.14 -12.60 -46.80
CA GLY F 336 -11.44 -13.81 -47.18
C GLY F 336 -10.80 -13.56 -48.51
N TYR F 337 -9.66 -14.20 -48.78
CA TYR F 337 -8.90 -13.92 -49.99
C TYR F 337 -8.53 -15.17 -50.74
N GLU F 338 -8.36 -15.04 -52.06
CA GLU F 338 -7.71 -16.09 -52.80
C GLU F 338 -6.33 -15.59 -53.21
N ALA F 339 -5.35 -16.47 -53.11
CA ALA F 339 -3.98 -16.10 -53.37
C ALA F 339 -3.81 -15.73 -54.83
N GLN F 340 -3.00 -14.69 -55.08
CA GLN F 340 -2.65 -14.30 -56.43
C GLN F 340 -1.15 -14.38 -56.57
N GLY F 341 -0.66 -14.99 -57.64
CA GLY F 341 0.78 -15.09 -57.80
C GLY F 341 1.35 -16.21 -56.97
N ILE F 342 0.49 -17.17 -56.71
CA ILE F 342 0.80 -18.30 -55.86
C ILE F 342 1.72 -19.34 -56.50
N GLU F 343 1.92 -19.25 -57.81
CA GLU F 343 2.50 -20.37 -58.55
C GLU F 343 3.85 -20.84 -58.01
N PRO F 344 4.77 -19.91 -57.75
CA PRO F 344 6.10 -20.27 -57.26
C PRO F 344 6.10 -21.09 -55.97
N LEU F 345 5.25 -20.72 -55.01
CA LEU F 345 5.12 -21.48 -53.78
C LEU F 345 4.37 -22.79 -54.01
N GLN F 346 3.33 -22.74 -54.82
CA GLN F 346 2.51 -23.90 -55.12
C GLN F 346 3.33 -24.99 -55.74
N ASN F 347 4.14 -24.60 -56.70
CA ASN F 347 5.05 -25.53 -57.35
C ASN F 347 6.14 -26.01 -56.41
N ALA F 348 6.75 -25.07 -55.70
CA ALA F 348 7.85 -25.39 -54.78
C ALA F 348 7.32 -26.38 -53.76
N LEU F 349 6.10 -26.13 -53.30
CA LEU F 349 5.44 -27.04 -52.39
C LEU F 349 5.15 -28.37 -53.05
N GLU F 350 4.66 -28.30 -54.26
CA GLU F 350 4.22 -29.50 -54.95
C GLU F 350 5.36 -30.47 -55.20
N VAL F 351 6.50 -29.95 -55.60
CA VAL F 351 7.63 -30.81 -55.87
C VAL F 351 8.05 -31.56 -54.61
N ALA F 352 8.11 -30.85 -53.49
CA ALA F 352 8.52 -31.45 -52.24
C ALA F 352 7.54 -32.51 -51.82
N HIS F 353 6.26 -32.20 -51.99
CA HIS F 353 5.20 -33.10 -51.60
C HIS F 353 5.30 -34.43 -52.33
N ARG F 354 5.50 -34.37 -53.63
CA ARG F 354 5.56 -35.56 -54.46
C ARG F 354 6.74 -36.42 -54.03
N GLU F 355 7.82 -35.77 -53.66
CA GLU F 355 9.02 -36.49 -53.29
C GLU F 355 8.86 -37.22 -51.97
N VAL F 356 8.19 -36.58 -51.02
CA VAL F 356 8.03 -37.09 -49.66
C VAL F 356 6.75 -37.89 -49.45
N VAL F 357 5.63 -37.27 -49.76
CA VAL F 357 4.34 -37.95 -49.67
C VAL F 357 4.19 -39.06 -50.71
N GLY F 358 4.70 -38.80 -51.91
CA GLY F 358 4.78 -39.81 -52.96
C GLY F 358 3.75 -39.79 -54.06
N ARG F 359 2.83 -38.83 -54.03
CA ARG F 359 1.78 -38.73 -55.04
C ARG F 359 1.40 -37.27 -55.23
N PRO F 360 0.68 -36.94 -56.30
CA PRO F 360 0.33 -35.52 -56.46
C PRO F 360 -0.58 -35.02 -55.35
N THR F 361 -0.61 -33.71 -55.14
CA THR F 361 -1.49 -33.13 -54.16
C THR F 361 -2.91 -33.04 -54.69
N GLU F 362 -3.89 -33.18 -53.81
CA GLU F 362 -5.30 -33.09 -54.18
C GLU F 362 -5.99 -31.89 -53.55
N ARG F 363 -7.15 -31.53 -54.10
CA ARG F 363 -7.92 -30.39 -53.66
C ARG F 363 -8.27 -30.55 -52.19
N PRO F 364 -8.19 -29.48 -51.40
CA PRO F 364 -8.45 -29.59 -49.97
C PRO F 364 -9.94 -29.78 -49.65
N GLY F 365 -10.29 -30.20 -48.44
CA GLY F 365 -11.70 -30.37 -48.12
C GLY F 365 -12.32 -29.02 -47.99
N SER F 366 -13.60 -28.89 -48.27
CA SER F 366 -14.21 -27.57 -48.28
C SER F 366 -14.09 -26.85 -46.94
N PRO F 367 -14.11 -27.59 -45.83
CA PRO F 367 -14.04 -26.84 -44.59
C PRO F 367 -12.75 -26.08 -44.49
N GLU F 368 -11.66 -26.72 -44.89
CA GLU F 368 -10.34 -26.13 -44.76
C GLU F 368 -10.18 -24.91 -45.64
N CYS F 369 -11.05 -24.75 -46.62
CA CYS F 369 -11.02 -23.54 -47.43
C CYS F 369 -12.11 -22.62 -47.02
N SER F 370 -12.85 -22.95 -45.98
CA SER F 370 -14.01 -22.14 -45.64
C SER F 370 -13.93 -21.60 -44.23
N MET F 371 -12.71 -21.36 -43.78
CA MET F 371 -12.49 -20.96 -42.41
C MET F 371 -11.68 -19.69 -42.31
N TRP F 372 -11.12 -19.38 -41.15
CA TRP F 372 -10.17 -18.31 -41.06
C TRP F 372 -8.80 -18.90 -40.80
N ARG F 373 -7.84 -18.58 -41.65
CA ARG F 373 -6.46 -19.00 -41.44
C ARG F 373 -5.60 -17.77 -41.71
N ASP F 374 -4.41 -17.73 -41.14
CA ASP F 374 -3.68 -16.49 -41.21
C ASP F 374 -3.11 -16.29 -42.60
N THR F 375 -3.62 -17.02 -43.59
CA THR F 375 -3.21 -16.75 -44.96
C THR F 375 -3.88 -15.49 -45.41
N ASN F 376 -5.09 -15.24 -44.92
CA ASN F 376 -5.80 -14.04 -45.35
C ASN F 376 -5.05 -12.73 -45.11
N PRO F 377 -4.36 -12.60 -43.96
CA PRO F 377 -3.55 -11.43 -43.67
C PRO F 377 -2.37 -11.26 -44.62
N TYR F 378 -1.68 -12.36 -44.96
CA TYR F 378 -0.57 -12.30 -45.90
C TYR F 378 -1.06 -11.91 -47.29
N ASN F 379 -2.12 -12.55 -47.73
CA ASN F 379 -2.68 -12.27 -49.03
C ASN F 379 -3.22 -10.85 -49.07
N GLU F 380 -3.80 -10.40 -47.97
CA GLU F 380 -4.39 -9.08 -47.93
C GLU F 380 -3.34 -8.06 -48.26
N LEU F 381 -2.11 -8.36 -47.83
CA LEU F 381 -1.00 -7.44 -47.97
C LEU F 381 -0.06 -7.87 -49.09
N GLY F 382 -0.56 -8.67 -49.99
CA GLY F 382 0.21 -8.99 -51.18
C GLY F 382 1.32 -9.98 -50.98
N ILE F 383 1.28 -10.77 -49.93
CA ILE F 383 2.24 -11.84 -49.84
C ILE F 383 1.52 -13.12 -50.12
N PRO F 384 1.74 -13.71 -51.30
CA PRO F 384 1.03 -14.93 -51.67
C PRO F 384 1.17 -15.99 -50.61
N SER F 385 0.05 -16.55 -50.15
CA SER F 385 0.13 -17.54 -49.11
C SER F 385 -0.85 -18.68 -49.23
N LEU F 386 -0.38 -19.87 -48.87
CA LEU F 386 -1.21 -21.05 -48.88
C LEU F 386 -0.90 -21.84 -47.63
N THR F 387 -1.79 -22.74 -47.27
CA THR F 387 -1.67 -23.47 -46.02
C THR F 387 -1.53 -24.95 -46.27
N TYR F 388 -0.56 -25.56 -45.60
CA TYR F 388 -0.31 -26.98 -45.78
C TYR F 388 0.35 -27.58 -44.58
N GLY F 389 -0.21 -28.69 -44.11
CA GLY F 389 0.30 -29.39 -42.96
C GLY F 389 -0.33 -30.76 -42.87
N CYS F 390 0.16 -31.57 -41.94
CA CYS F 390 -0.32 -32.94 -41.80
C CYS F 390 -1.55 -33.04 -40.96
N GLY F 391 -2.19 -34.19 -41.00
CA GLY F 391 -3.32 -34.47 -40.13
C GLY F 391 -4.62 -33.86 -40.58
N GLY F 392 -5.67 -34.07 -39.78
CA GLY F 392 -6.98 -33.56 -40.09
C GLY F 392 -7.41 -32.48 -39.12
N GLY F 393 -8.23 -31.57 -39.61
CA GLY F 393 -8.56 -30.36 -38.87
C GLY F 393 -9.13 -30.54 -37.49
N ALA F 394 -8.70 -29.68 -36.58
CA ALA F 394 -9.16 -29.70 -35.18
C ALA F 394 -10.65 -29.38 -35.10
N GLY F 395 -11.13 -28.54 -36.00
CA GLY F 395 -12.54 -28.23 -36.03
C GLY F 395 -13.38 -29.45 -36.34
N GLY F 396 -12.73 -30.51 -36.83
CA GLY F 396 -13.39 -31.71 -37.27
C GLY F 396 -14.17 -32.51 -36.24
N GLY F 397 -13.55 -32.86 -35.12
CA GLY F 397 -12.18 -32.48 -34.84
C GLY F 397 -11.28 -33.64 -34.51
N ASN F 398 -10.12 -33.68 -35.16
CA ASN F 398 -9.12 -34.70 -34.92
C ASN F 398 -8.49 -34.40 -33.57
N THR F 399 -7.92 -35.43 -32.95
CA THR F 399 -7.39 -35.28 -31.61
C THR F 399 -5.94 -35.73 -31.52
N TYR F 400 -5.35 -36.08 -32.65
CA TYR F 400 -3.97 -36.54 -32.65
C TYR F 400 -3.24 -36.39 -33.99
N PHE F 401 -1.92 -36.54 -33.92
CA PHE F 401 -1.06 -36.45 -35.08
C PHE F 401 -0.20 -37.71 -35.10
N LEU F 402 0.22 -38.14 -36.28
CA LEU F 402 1.08 -39.32 -36.37
C LEU F 402 2.51 -38.86 -36.51
N VAL F 403 3.39 -39.32 -35.62
CA VAL F 403 4.74 -38.79 -35.60
C VAL F 403 5.39 -38.92 -36.97
N ASP F 404 4.98 -39.93 -37.73
CA ASP F 404 5.51 -40.09 -39.06
C ASP F 404 5.08 -38.97 -40.00
N ASP F 405 3.79 -38.64 -39.99
CA ASP F 405 3.25 -37.59 -40.84
C ASP F 405 3.89 -36.24 -40.53
N MET F 406 4.06 -35.97 -39.23
CA MET F 406 4.68 -34.74 -38.78
C MET F 406 6.11 -34.64 -39.28
N LEU F 407 6.81 -35.77 -39.27
CA LEU F 407 8.17 -35.81 -39.79
C LEU F 407 8.17 -35.57 -41.29
N LYS F 408 7.16 -36.09 -41.98
CA LYS F 408 7.06 -35.86 -43.40
C LYS F 408 6.85 -34.38 -43.65
N ALA F 409 5.90 -33.80 -42.92
CA ALA F 409 5.55 -32.41 -43.09
C ALA F 409 6.78 -31.54 -42.89
N ALA F 410 7.65 -31.93 -41.96
CA ALA F 410 8.90 -31.21 -41.75
C ALA F 410 9.84 -31.34 -42.93
N LYS F 411 9.79 -32.48 -43.58
CA LYS F 411 10.63 -32.70 -44.73
C LYS F 411 10.15 -31.81 -45.88
N VAL F 412 8.83 -31.75 -46.06
CA VAL F 412 8.26 -30.92 -47.11
C VAL F 412 8.55 -29.45 -46.91
N TYR F 413 8.42 -28.97 -45.67
CA TYR F 413 8.70 -27.58 -45.36
C TYR F 413 10.12 -27.26 -45.72
N ALA F 414 11.04 -28.13 -45.31
CA ALA F 414 12.45 -27.92 -45.53
C ALA F 414 12.74 -27.84 -47.02
N MET F 415 12.20 -28.80 -47.75
CA MET F 415 12.41 -28.89 -49.19
C MET F 415 11.81 -27.72 -49.93
N THR F 416 10.66 -27.26 -49.47
CA THR F 416 10.03 -26.08 -50.04
C THR F 416 10.92 -24.86 -49.93
N ALA F 417 11.52 -24.72 -48.77
CA ALA F 417 12.42 -23.62 -48.51
C ALA F 417 13.66 -23.67 -49.39
N MET F 418 14.21 -24.86 -49.53
CA MET F 418 15.42 -25.04 -50.32
C MET F 418 15.17 -24.68 -51.77
N ASP F 419 13.98 -25.02 -52.25
CA ASP F 419 13.58 -24.71 -53.62
C ASP F 419 13.34 -23.21 -53.74
N LEU F 420 12.36 -22.75 -53.00
CA LEU F 420 11.85 -21.40 -53.15
C LEU F 420 12.86 -20.31 -52.81
N CYS F 421 13.64 -20.51 -51.76
CA CYS F 421 14.57 -19.49 -51.33
C CYS F 421 15.74 -19.26 -52.27
N ASN F 422 15.89 -20.14 -53.25
CA ASN F 422 17.00 -20.00 -54.17
C ASN F 422 16.53 -19.54 -55.54
N ARG F 423 15.36 -18.91 -55.57
CA ARG F 423 14.85 -18.34 -56.79
C ARG F 423 14.96 -16.83 -56.60
N THR F 424 15.26 -16.10 -57.66
CA THR F 424 15.38 -14.65 -57.54
C THR F 424 14.07 -14.02 -58.01
N PRO F 425 13.58 -13.04 -57.26
CA PRO F 425 12.25 -12.47 -57.50
C PRO F 425 12.24 -11.47 -58.64
N ASP G 6 -29.66 -58.08 -2.31
CA ASP G 6 -28.84 -56.87 -2.38
C ASP G 6 -28.12 -56.52 -1.10
N VAL G 7 -28.84 -56.60 0.01
CA VAL G 7 -28.38 -56.02 1.26
C VAL G 7 -27.08 -56.66 1.69
N ALA G 8 -26.95 -57.96 1.43
CA ALA G 8 -25.74 -58.69 1.80
C ALA G 8 -24.51 -58.21 1.03
N LYS G 9 -24.72 -57.70 -0.18
CA LYS G 9 -23.58 -57.22 -0.97
C LYS G 9 -22.99 -55.98 -0.32
N VAL G 10 -23.85 -55.02 0.00
CA VAL G 10 -23.41 -53.75 0.55
C VAL G 10 -22.81 -53.94 1.94
N MET G 11 -23.39 -54.83 2.72
CA MET G 11 -22.90 -55.09 4.08
C MET G 11 -21.46 -55.60 4.11
N LYS G 12 -21.15 -56.59 3.26
CA LYS G 12 -19.79 -57.11 3.20
C LYS G 12 -18.86 -56.00 2.75
N THR G 13 -19.37 -55.15 1.86
CA THR G 13 -18.59 -54.03 1.36
C THR G 13 -18.23 -53.05 2.47
N LEU G 14 -19.18 -52.77 3.37
CA LEU G 14 -18.92 -51.84 4.48
C LEU G 14 -17.81 -52.35 5.40
N ASP G 15 -17.75 -53.66 5.61
CA ASP G 15 -16.63 -54.22 6.37
C ASP G 15 -15.34 -53.98 5.60
N GLY G 16 -15.47 -53.78 4.29
CA GLY G 16 -14.35 -53.46 3.42
C GLY G 16 -13.72 -52.12 3.74
N MET G 17 -14.52 -51.21 4.29
CA MET G 17 -14.07 -49.85 4.55
C MET G 17 -14.08 -49.42 6.03
N ARG G 18 -13.91 -50.35 6.97
CA ARG G 18 -13.90 -49.96 8.38
C ARG G 18 -12.76 -48.99 8.70
N GLU G 19 -11.56 -49.23 8.16
CA GLU G 19 -10.44 -48.32 8.40
C GLU G 19 -10.72 -46.95 7.80
N GLY G 20 -11.23 -46.98 6.57
CA GLY G 20 -11.56 -45.75 5.89
C GLY G 20 -12.59 -45.02 6.71
N LEU G 21 -13.45 -45.82 7.35
CA LEU G 21 -14.45 -45.26 8.23
C LEU G 21 -13.73 -44.55 9.38
N ILE G 22 -12.74 -45.21 9.98
CA ILE G 22 -12.00 -44.60 11.08
C ILE G 22 -11.18 -43.43 10.54
N GLN G 23 -10.55 -43.63 9.40
CA GLN G 23 -9.65 -42.62 8.86
C GLN G 23 -10.41 -41.32 8.61
N THR G 24 -11.54 -41.42 7.93
CA THR G 24 -12.30 -40.24 7.58
C THR G 24 -12.77 -39.51 8.85
N ALA G 25 -13.09 -40.27 9.88
CA ALA G 25 -13.54 -39.67 11.12
C ALA G 25 -12.43 -38.88 11.79
N VAL G 26 -11.25 -39.49 11.92
CA VAL G 26 -10.15 -38.83 12.60
C VAL G 26 -9.62 -37.65 11.76
N GLU G 27 -9.47 -37.86 10.47
CA GLU G 27 -8.98 -36.83 9.56
C GLU G 27 -9.88 -35.61 9.67
N LEU G 28 -11.17 -35.88 9.72
CA LEU G 28 -12.17 -34.85 9.82
C LEU G 28 -12.20 -34.25 11.21
N GLY G 29 -12.12 -35.12 12.22
CA GLY G 29 -12.20 -34.69 13.61
C GLY G 29 -11.06 -33.80 14.01
N SER G 30 -9.90 -34.05 13.41
CA SER G 30 -8.71 -33.30 13.70
C SER G 30 -8.78 -31.86 13.19
N ILE G 31 -9.50 -31.63 12.11
CA ILE G 31 -9.61 -30.30 11.55
C ILE G 31 -10.28 -29.34 12.51
N GLU G 32 -9.68 -28.18 12.71
CA GLU G 32 -10.20 -27.23 13.66
C GLU G 32 -11.36 -26.58 12.97
N ALA G 33 -12.57 -26.82 13.48
CA ALA G 33 -13.74 -26.33 12.78
C ALA G 33 -14.85 -25.85 13.69
N PRO G 34 -14.55 -24.97 14.62
CA PRO G 34 -15.60 -24.36 15.43
C PRO G 34 -16.55 -23.55 14.57
N THR G 35 -17.73 -23.24 15.08
CA THR G 35 -18.67 -22.43 14.32
C THR G 35 -18.02 -21.10 13.99
N GLY G 36 -18.04 -20.75 12.72
CA GLY G 36 -17.38 -19.53 12.28
C GLY G 36 -16.12 -19.81 11.50
N ARG G 37 -15.62 -21.03 11.61
CA ARG G 37 -14.40 -21.46 10.93
C ARG G 37 -14.55 -22.84 10.29
N GLU G 38 -15.78 -23.15 9.88
CA GLU G 38 -16.10 -24.45 9.33
C GLU G 38 -15.46 -24.63 7.97
N GLY G 39 -14.92 -23.56 7.42
CA GLY G 39 -14.48 -23.53 6.04
C GLY G 39 -13.48 -24.61 5.72
N ALA G 40 -12.56 -24.82 6.65
CA ALA G 40 -11.51 -25.78 6.44
C ALA G 40 -12.09 -27.18 6.28
N ALA G 41 -13.10 -27.48 7.08
CA ALA G 41 -13.67 -28.81 7.03
C ALA G 41 -14.50 -29.02 5.79
N GLY G 42 -15.21 -27.98 5.37
CA GLY G 42 -16.10 -28.10 4.23
C GLY G 42 -15.30 -28.43 3.00
N ASP G 43 -14.17 -27.77 2.88
CA ASP G 43 -13.24 -28.01 1.80
C ASP G 43 -12.80 -29.46 1.85
N TYR G 44 -12.64 -29.99 3.05
CA TYR G 44 -12.23 -31.38 3.21
C TYR G 44 -13.30 -32.29 2.68
N VAL G 45 -14.54 -31.98 3.04
CA VAL G 45 -15.70 -32.77 2.63
C VAL G 45 -15.97 -32.62 1.16
N TYR G 46 -15.75 -31.42 0.65
CA TYR G 46 -15.97 -31.19 -0.75
C TYR G 46 -15.04 -32.07 -1.53
N GLU G 47 -13.78 -32.09 -1.15
CA GLU G 47 -12.82 -32.89 -1.87
C GLU G 47 -13.10 -34.36 -1.69
N TRP G 48 -13.45 -34.76 -0.48
CA TRP G 48 -13.76 -36.15 -0.23
C TRP G 48 -14.88 -36.52 -1.14
N MET G 49 -15.86 -35.64 -1.23
CA MET G 49 -17.04 -35.90 -2.02
C MET G 49 -16.74 -35.96 -3.52
N ALA G 50 -15.88 -35.08 -3.99
CA ALA G 50 -15.53 -35.03 -5.41
C ALA G 50 -14.70 -36.24 -5.83
N ARG G 51 -13.74 -36.56 -4.98
CA ARG G 51 -12.82 -37.66 -5.18
C ARG G 51 -13.58 -38.96 -5.41
N ASN G 52 -14.76 -39.05 -4.81
CA ASN G 52 -15.56 -40.27 -4.90
C ASN G 52 -16.71 -40.20 -5.88
N GLY G 53 -16.77 -39.14 -6.68
CA GLY G 53 -17.75 -39.09 -7.75
C GLY G 53 -19.16 -38.66 -7.39
N PHE G 54 -19.32 -37.97 -6.27
CA PHE G 54 -20.62 -37.45 -5.85
C PHE G 54 -20.90 -36.03 -6.34
N GLY G 55 -19.94 -35.46 -7.06
CA GLY G 55 -20.13 -34.18 -7.72
C GLY G 55 -20.74 -33.11 -6.84
N PRO G 56 -20.00 -32.71 -5.81
CA PRO G 56 -20.49 -31.78 -4.80
C PRO G 56 -20.58 -30.37 -5.30
N GLU G 57 -21.26 -29.54 -4.53
CA GLU G 57 -21.44 -28.14 -4.86
C GLU G 57 -21.30 -27.36 -3.58
N ARG G 58 -20.90 -26.10 -3.65
CA ARG G 58 -20.84 -25.32 -2.42
C ARG G 58 -22.02 -24.39 -2.35
N VAL G 59 -22.83 -24.60 -1.33
CA VAL G 59 -23.96 -23.75 -1.08
C VAL G 59 -23.73 -23.02 0.20
N GLY G 60 -23.52 -21.72 0.11
CA GLY G 60 -23.29 -20.90 1.28
C GLY G 60 -23.39 -19.41 1.05
N VAL G 61 -23.57 -18.69 2.14
CA VAL G 61 -23.58 -17.22 2.13
C VAL G 61 -22.22 -16.58 2.02
N PHE G 62 -21.22 -17.24 2.56
CA PHE G 62 -19.88 -16.73 2.59
C PHE G 62 -19.00 -17.72 1.87
N ASP G 63 -17.88 -17.28 1.35
CA ASP G 63 -17.02 -18.20 0.61
C ASP G 63 -16.14 -19.05 1.50
N ASP G 64 -16.08 -18.76 2.81
CA ASP G 64 -15.36 -19.64 3.74
C ASP G 64 -16.31 -20.30 4.70
N ARG G 65 -17.61 -20.05 4.54
CA ARG G 65 -18.60 -20.73 5.34
C ARG G 65 -19.73 -21.14 4.44
N PHE G 66 -19.78 -22.42 4.15
CA PHE G 66 -20.66 -22.88 3.12
C PHE G 66 -21.04 -24.30 3.41
N ASN G 67 -22.10 -24.77 2.79
CA ASN G 67 -22.50 -26.14 2.95
C ASN G 67 -22.13 -26.86 1.69
N VAL G 68 -21.88 -28.15 1.80
CA VAL G 68 -21.49 -28.93 0.67
C VAL G 68 -22.58 -29.94 0.38
N VAL G 69 -23.11 -29.88 -0.83
CA VAL G 69 -24.17 -30.78 -1.23
C VAL G 69 -23.74 -31.54 -2.44
N GLY G 70 -23.88 -32.85 -2.37
CA GLY G 70 -23.54 -33.71 -3.48
C GLY G 70 -24.60 -34.78 -3.51
N ARG G 71 -24.64 -35.57 -4.56
CA ARG G 71 -25.67 -36.59 -4.57
C ARG G 71 -25.32 -37.82 -5.37
N LEU G 72 -25.84 -38.96 -4.91
CA LEU G 72 -25.66 -40.24 -5.58
C LEU G 72 -26.85 -40.54 -6.45
N ARG G 73 -26.70 -40.23 -7.74
CA ARG G 73 -27.80 -40.32 -8.68
C ARG G 73 -28.38 -41.72 -8.79
N GLY G 74 -29.68 -41.79 -9.05
CA GLY G 74 -30.39 -43.03 -9.13
C GLY G 74 -31.05 -43.22 -10.48
N THR G 75 -31.48 -44.44 -10.75
CA THR G 75 -32.02 -44.83 -12.05
C THR G 75 -33.25 -44.03 -12.48
N GLY G 76 -34.13 -43.71 -11.52
CA GLY G 76 -35.26 -42.86 -11.83
C GLY G 76 -36.58 -43.30 -11.23
N GLY G 77 -37.47 -42.34 -11.02
CA GLY G 77 -38.80 -42.63 -10.48
C GLY G 77 -38.83 -43.24 -9.10
N GLY G 78 -37.99 -42.73 -8.21
CA GLY G 78 -37.95 -43.20 -6.85
C GLY G 78 -37.89 -42.03 -5.89
N ALA G 79 -38.13 -42.29 -4.62
CA ALA G 79 -38.06 -41.26 -3.59
C ALA G 79 -36.62 -40.81 -3.40
N SER G 80 -36.41 -39.58 -2.98
CA SER G 80 -35.05 -39.12 -2.73
C SER G 80 -34.88 -39.03 -1.23
N LEU G 81 -33.73 -39.47 -0.74
CA LEU G 81 -33.44 -39.45 0.68
C LEU G 81 -32.24 -38.59 0.92
N SER G 82 -32.31 -37.74 1.93
CA SER G 82 -31.23 -36.82 2.20
C SER G 82 -30.53 -37.24 3.46
N PHE G 83 -29.20 -37.23 3.45
CA PHE G 83 -28.39 -37.57 4.59
C PHE G 83 -27.72 -36.27 5.01
N ASN G 84 -27.79 -35.95 6.30
CA ASN G 84 -27.32 -34.65 6.73
C ASN G 84 -26.50 -34.68 8.02
N SER G 85 -25.50 -33.82 8.08
CA SER G 85 -24.66 -33.66 9.26
C SER G 85 -24.01 -32.29 9.23
N HIS G 86 -23.48 -31.82 10.35
CA HIS G 86 -22.93 -30.47 10.35
C HIS G 86 -21.41 -30.48 10.45
N LEU G 87 -20.80 -29.48 9.80
CA LEU G 87 -19.35 -29.31 9.76
C LEU G 87 -18.74 -28.77 11.04
N ASP G 88 -19.39 -27.79 11.64
CA ASP G 88 -18.83 -27.13 12.79
C ASP G 88 -18.81 -28.02 14.04
N THR G 89 -17.96 -27.62 14.98
CA THR G 89 -17.78 -28.31 16.24
C THR G 89 -17.97 -27.27 17.33
N ILE G 90 -18.15 -27.73 18.56
CA ILE G 90 -18.52 -26.85 19.67
C ILE G 90 -17.46 -25.88 20.17
N MET G 91 -16.26 -26.38 20.44
CA MET G 91 -15.26 -25.58 21.12
C MET G 91 -14.24 -24.97 20.19
N ALA G 92 -14.06 -23.66 20.33
CA ALA G 92 -13.03 -22.98 19.59
C ALA G 92 -11.73 -23.38 20.28
N ARG G 93 -10.59 -23.09 19.67
CA ARG G 93 -9.33 -23.52 20.25
C ARG G 93 -9.04 -22.81 21.56
N GLU G 94 -9.39 -21.53 21.63
CA GLU G 94 -9.27 -20.78 22.86
C GLU G 94 -10.64 -20.25 23.23
N ASP G 95 -11.32 -21.01 24.08
CA ASP G 95 -12.64 -20.66 24.57
C ASP G 95 -12.54 -20.60 26.08
N THR G 96 -11.64 -19.74 26.54
CA THR G 96 -11.30 -19.66 27.96
C THR G 96 -12.43 -19.11 28.83
N ALA G 97 -13.42 -18.49 28.18
CA ALA G 97 -14.58 -17.90 28.84
C ALA G 97 -15.57 -18.93 29.37
N ARG G 98 -15.65 -20.09 28.72
CA ARG G 98 -16.69 -21.06 29.04
C ARG G 98 -16.20 -22.34 29.67
N PHE G 99 -14.93 -22.67 29.47
CA PHE G 99 -14.43 -23.90 30.04
C PHE G 99 -13.30 -23.61 31.01
N ALA G 100 -13.33 -24.28 32.17
CA ALA G 100 -12.32 -24.08 33.18
C ALA G 100 -10.97 -24.51 32.63
N ASP G 101 -10.96 -25.63 31.91
CA ASP G 101 -9.75 -26.05 31.20
C ASP G 101 -10.03 -26.03 29.72
N ALA G 102 -9.65 -24.94 29.07
CA ALA G 102 -10.00 -24.78 27.67
C ALA G 102 -8.96 -25.51 26.84
N ASN G 103 -8.04 -26.19 27.52
CA ASN G 103 -6.93 -26.85 26.86
C ASN G 103 -6.95 -28.38 26.85
N ASP G 104 -8.03 -28.99 27.31
CA ASP G 104 -8.09 -30.45 27.28
C ASP G 104 -7.94 -30.95 25.85
N ARG G 105 -7.22 -32.06 25.66
CA ARG G 105 -6.96 -32.60 24.34
C ARG G 105 -8.27 -32.95 23.63
N ILE G 106 -9.25 -33.31 24.43
CA ILE G 106 -10.52 -33.80 23.93
C ILE G 106 -11.24 -32.74 23.12
N TYR G 107 -11.22 -31.49 23.58
CA TYR G 107 -11.98 -30.43 22.93
C TYR G 107 -11.56 -30.13 21.50
N HIS G 108 -10.28 -30.33 21.17
CA HIS G 108 -9.83 -29.92 19.85
C HIS G 108 -9.18 -31.00 18.99
N GLU G 109 -9.20 -32.26 19.40
CA GLU G 109 -8.64 -33.30 18.52
C GLU G 109 -9.41 -34.61 18.52
N ALA G 110 -9.00 -35.53 17.63
CA ALA G 110 -9.63 -36.83 17.51
C ALA G 110 -8.58 -37.91 17.26
N TRP G 111 -8.77 -39.07 17.86
CA TRP G 111 -7.78 -40.14 17.78
C TRP G 111 -8.36 -41.51 18.04
N HIS G 112 -7.71 -42.53 17.49
CA HIS G 112 -8.11 -43.92 17.66
C HIS G 112 -7.29 -44.63 18.75
N GLU G 113 -7.80 -44.62 19.99
CA GLU G 113 -7.04 -45.13 21.14
C GLU G 113 -7.34 -46.56 21.54
N GLU G 114 -8.30 -47.15 20.85
CA GLU G 114 -8.85 -48.46 21.20
C GLU G 114 -10.06 -48.56 20.30
N GLY G 115 -10.76 -49.69 20.30
CA GLY G 115 -11.96 -49.79 19.48
C GLY G 115 -12.94 -48.61 19.62
N ARG G 116 -12.48 -47.50 20.21
CA ARG G 116 -13.27 -46.28 20.26
C ARG G 116 -12.49 -45.08 19.72
N ILE G 117 -13.23 -44.11 19.18
CA ILE G 117 -12.65 -42.90 18.64
C ILE G 117 -13.05 -41.76 19.55
N TYR G 118 -12.07 -40.94 19.94
CA TYR G 118 -12.25 -39.87 20.92
C TYR G 118 -12.28 -38.49 20.28
N GLY G 119 -13.06 -37.58 20.85
CA GLY G 119 -13.02 -36.18 20.47
C GLY G 119 -14.40 -35.57 20.42
N TYR G 120 -14.62 -34.45 21.12
CA TYR G 120 -15.92 -33.79 21.10
C TYR G 120 -16.28 -33.44 19.66
N SER G 121 -15.26 -33.28 18.84
CA SER G 121 -15.44 -32.98 17.43
C SER G 121 -15.83 -34.23 16.65
N VAL G 122 -15.72 -35.40 17.28
CA VAL G 122 -16.11 -36.63 16.63
C VAL G 122 -17.54 -36.98 16.98
N VAL G 123 -17.88 -36.82 18.25
CA VAL G 123 -19.23 -37.03 18.72
C VAL G 123 -20.14 -36.02 18.09
N ASN G 124 -19.64 -34.81 17.94
CA ASN G 124 -20.42 -33.72 17.41
C ASN G 124 -19.57 -32.89 16.49
N CYS G 125 -19.60 -33.19 15.19
CA CYS G 125 -20.40 -34.31 14.68
C CYS G 125 -19.76 -34.95 13.46
N LYS G 126 -18.50 -35.35 13.56
CA LYS G 126 -17.87 -35.90 12.38
C LYS G 126 -17.91 -37.40 12.43
N GLY G 127 -18.26 -37.92 13.58
CA GLY G 127 -18.39 -39.35 13.71
C GLY G 127 -19.56 -39.80 12.85
N PRO G 128 -20.71 -39.13 13.00
CA PRO G 128 -21.85 -39.50 12.17
C PRO G 128 -21.61 -39.20 10.70
N MET G 129 -21.03 -38.04 10.43
CA MET G 129 -20.83 -37.61 9.06
C MET G 129 -19.95 -38.62 8.36
N ALA G 130 -19.03 -39.19 9.12
CA ALA G 130 -18.16 -40.19 8.55
C ALA G 130 -18.99 -41.39 8.17
N CYS G 131 -19.99 -41.70 8.99
CA CYS G 131 -20.79 -42.89 8.80
C CYS G 131 -21.58 -42.89 7.51
N TRP G 132 -22.38 -41.86 7.27
CA TRP G 132 -23.17 -41.87 6.05
C TRP G 132 -22.37 -41.46 4.84
N LEU G 133 -21.29 -40.73 5.05
CA LEU G 133 -20.38 -40.43 3.96
C LEU G 133 -19.88 -41.76 3.42
N ILE G 134 -19.48 -42.63 4.34
CA ILE G 134 -19.00 -43.96 3.99
C ILE G 134 -20.10 -44.82 3.41
N ALA G 135 -21.28 -44.68 3.98
CA ALA G 135 -22.42 -45.45 3.55
C ALA G 135 -22.72 -45.16 2.10
N ALA G 136 -22.55 -43.89 1.72
CA ALA G 136 -22.75 -43.49 0.35
C ALA G 136 -21.72 -44.15 -0.56
N LYS G 137 -20.50 -44.26 -0.05
CA LYS G 137 -19.40 -44.86 -0.79
C LYS G 137 -19.69 -46.33 -1.05
N ALA G 138 -20.21 -47.02 -0.03
CA ALA G 138 -20.50 -48.44 -0.16
C ALA G 138 -21.56 -48.69 -1.24
N LEU G 139 -22.64 -47.92 -1.22
CA LEU G 139 -23.71 -48.08 -2.19
C LEU G 139 -23.20 -47.86 -3.60
N LYS G 140 -22.41 -46.80 -3.76
CA LYS G 140 -21.89 -46.49 -5.07
C LYS G 140 -20.95 -47.61 -5.53
N GLU G 141 -19.99 -47.96 -4.67
CA GLU G 141 -18.99 -48.95 -5.02
C GLU G 141 -19.55 -50.35 -5.17
N ALA G 142 -20.65 -50.64 -4.49
CA ALA G 142 -21.25 -51.98 -4.57
C ALA G 142 -22.36 -51.99 -5.61
N GLY G 143 -22.48 -50.86 -6.31
CA GLY G 143 -23.43 -50.69 -7.40
C GLY G 143 -24.87 -51.06 -7.11
N ALA G 144 -25.36 -50.71 -5.93
CA ALA G 144 -26.74 -51.03 -5.56
C ALA G 144 -27.73 -50.29 -6.47
N ALA G 145 -28.91 -50.86 -6.62
CA ALA G 145 -29.90 -50.24 -7.49
C ALA G 145 -30.88 -49.42 -6.70
N LEU G 146 -30.93 -48.13 -7.02
CA LEU G 146 -31.86 -47.21 -6.38
C LEU G 146 -32.59 -46.44 -7.45
N LYS G 147 -33.87 -46.21 -7.25
CA LYS G 147 -34.61 -45.47 -8.24
C LYS G 147 -34.48 -44.00 -7.90
N GLY G 148 -34.08 -43.71 -6.67
CA GLY G 148 -34.04 -42.34 -6.22
C GLY G 148 -32.68 -41.83 -5.84
N ASP G 149 -32.53 -40.52 -5.86
CA ASP G 149 -31.26 -39.92 -5.53
C ASP G 149 -31.03 -40.01 -4.04
N VAL G 150 -29.77 -40.08 -3.66
CA VAL G 150 -29.38 -39.97 -2.28
C VAL G 150 -28.68 -38.64 -2.22
N VAL G 151 -29.13 -37.75 -1.37
CA VAL G 151 -28.57 -36.43 -1.34
C VAL G 151 -27.68 -36.38 -0.15
N LEU G 152 -26.44 -35.92 -0.35
CA LEU G 152 -25.48 -35.83 0.73
C LEU G 152 -25.31 -34.38 1.09
N THR G 153 -25.88 -33.99 2.23
CA THR G 153 -25.81 -32.62 2.66
C THR G 153 -24.91 -32.45 3.85
N ALA G 154 -23.82 -31.70 3.70
CA ALA G 154 -22.98 -31.36 4.84
C ALA G 154 -23.08 -29.87 5.09
N VAL G 155 -23.55 -29.48 6.26
CA VAL G 155 -23.87 -28.09 6.48
C VAL G 155 -22.99 -27.43 7.53
N CYS G 156 -23.09 -26.12 7.59
CA CYS G 156 -22.36 -25.35 8.55
C CYS G 156 -23.36 -24.70 9.50
N GLY G 157 -22.87 -24.04 10.55
CA GLY G 157 -23.73 -23.25 11.41
C GLY G 157 -24.87 -24.04 12.05
N GLU G 158 -24.60 -25.28 12.42
CA GLU G 158 -25.58 -26.10 13.10
C GLU G 158 -25.77 -25.68 14.56
N ILE G 159 -24.65 -25.43 15.22
CA ILE G 159 -24.62 -25.16 16.65
C ILE G 159 -25.29 -23.84 16.99
N ASP G 160 -25.78 -23.70 18.21
CA ASP G 160 -26.60 -22.54 18.51
C ASP G 160 -25.81 -21.26 18.84
N CYS G 161 -24.97 -20.82 17.92
CA CYS G 161 -24.26 -19.57 18.11
C CYS G 161 -25.10 -18.51 17.44
N GLU G 162 -25.36 -17.40 18.10
CA GLU G 162 -26.19 -16.40 17.47
C GLU G 162 -25.61 -15.02 17.62
N PRO G 163 -25.72 -14.19 16.58
CA PRO G 163 -25.26 -12.82 16.70
C PRO G 163 -26.14 -12.04 17.63
N VAL G 164 -25.53 -11.16 18.42
CA VAL G 164 -26.25 -10.26 19.31
C VAL G 164 -25.51 -8.97 19.58
N ASP G 165 -26.24 -7.90 19.83
CA ASP G 165 -25.62 -6.64 20.22
C ASP G 165 -24.58 -6.22 19.21
N GLU G 166 -23.34 -6.13 19.67
CA GLU G 166 -22.22 -5.69 18.87
C GLU G 166 -21.57 -6.87 18.16
N PHE G 167 -22.12 -8.07 18.32
CA PHE G 167 -21.56 -9.23 17.64
C PHE G 167 -22.43 -9.61 16.45
N GLN G 168 -22.02 -9.14 15.28
CA GLN G 168 -22.83 -9.33 14.11
C GLN G 168 -22.01 -9.81 12.94
N GLY G 169 -22.67 -10.39 11.96
CA GLY G 169 -21.98 -10.58 10.73
C GLY G 169 -21.39 -11.94 10.62
N HIS G 170 -20.44 -12.03 9.70
CA HIS G 170 -19.84 -13.25 9.26
C HIS G 170 -19.42 -14.18 10.40
N ASP G 171 -18.74 -13.66 11.41
CA ASP G 171 -18.18 -14.53 12.44
C ASP G 171 -19.19 -15.17 13.38
N TYR G 172 -20.32 -14.52 13.63
CA TYR G 172 -21.26 -14.98 14.62
C TYR G 172 -22.49 -15.70 14.13
N LEU G 173 -22.80 -15.55 12.86
CA LEU G 173 -23.94 -16.19 12.27
C LEU G 173 -23.77 -17.69 12.40
N ALA G 174 -24.87 -18.45 12.44
CA ALA G 174 -24.78 -19.90 12.50
C ALA G 174 -25.82 -20.59 11.63
N GLU G 175 -27.04 -20.72 12.14
CA GLU G 175 -28.01 -21.60 11.50
C GLU G 175 -28.77 -20.92 10.39
N ASP G 176 -28.72 -19.60 10.36
CA ASP G 176 -29.42 -18.88 9.35
C ASP G 176 -28.78 -19.19 8.03
N ILE G 177 -27.46 -19.39 8.05
CA ILE G 177 -26.70 -19.71 6.86
C ILE G 177 -26.42 -21.21 6.77
N GLY G 178 -27.04 -21.96 7.66
CA GLY G 178 -26.79 -23.38 7.75
C GLY G 178 -27.60 -24.26 6.82
N ALA G 179 -28.12 -25.35 7.38
CA ALA G 179 -28.87 -26.33 6.60
C ALA G 179 -30.09 -25.71 5.97
N ARG G 180 -30.78 -24.85 6.69
CA ARG G 180 -31.96 -24.26 6.11
C ARG G 180 -31.61 -23.49 4.85
N TYR G 181 -30.38 -23.00 4.77
CA TYR G 181 -29.98 -22.31 3.57
C TYR G 181 -29.83 -23.31 2.45
N ALA G 182 -29.17 -24.42 2.74
CA ALA G 182 -28.90 -25.39 1.69
C ALA G 182 -30.19 -25.89 1.14
N ILE G 183 -31.16 -26.12 2.01
CA ILE G 183 -32.42 -26.64 1.52
C ILE G 183 -33.11 -25.64 0.63
N SER G 184 -33.28 -24.41 1.10
CA SER G 184 -34.01 -23.43 0.31
C SER G 184 -33.33 -23.14 -1.00
N HIS G 185 -32.15 -23.70 -1.19
CA HIS G 185 -31.38 -23.45 -2.40
C HIS G 185 -30.98 -24.73 -3.09
N GLY G 186 -31.92 -25.67 -3.13
CA GLY G 186 -31.78 -26.88 -3.93
C GLY G 186 -31.51 -28.22 -3.26
N ALA G 187 -31.11 -28.21 -2.00
CA ALA G 187 -30.86 -29.49 -1.36
C ALA G 187 -32.15 -30.09 -0.87
N ILE G 188 -33.09 -30.35 -1.78
CA ILE G 188 -34.40 -30.86 -1.40
C ILE G 188 -34.54 -32.33 -1.72
N SER G 189 -35.23 -33.03 -0.82
CA SER G 189 -35.49 -34.43 -1.02
C SER G 189 -36.88 -34.77 -0.50
N ASP G 190 -37.32 -36.01 -0.72
CA ASP G 190 -38.63 -36.43 -0.25
C ASP G 190 -38.60 -36.63 1.27
N TYR G 191 -37.54 -37.25 1.76
CA TYR G 191 -37.34 -37.45 3.20
C TYR G 191 -35.90 -37.10 3.56
N ALA G 192 -35.62 -36.88 4.83
CA ALA G 192 -34.25 -36.59 5.25
C ALA G 192 -33.94 -37.19 6.60
N LEU G 193 -32.77 -37.80 6.68
CA LEU G 193 -32.31 -38.41 7.91
C LEU G 193 -31.09 -37.68 8.42
N VAL G 194 -31.26 -37.04 9.58
CA VAL G 194 -30.19 -36.27 10.19
C VAL G 194 -29.42 -37.20 11.10
N ALA G 195 -28.13 -37.38 10.79
CA ALA G 195 -27.26 -38.31 11.48
C ALA G 195 -26.49 -37.61 12.57
N GLU G 196 -26.85 -37.89 13.82
CA GLU G 196 -26.21 -37.33 14.98
C GLU G 196 -26.32 -38.42 16.05
N ALA G 197 -25.65 -38.25 17.18
CA ALA G 197 -25.67 -39.29 18.19
C ALA G 197 -26.96 -39.22 18.99
N THR G 198 -27.81 -40.23 18.82
CA THR G 198 -29.04 -40.33 19.58
C THR G 198 -29.07 -41.61 20.36
N ASN G 199 -28.00 -42.38 20.26
CA ASN G 199 -27.91 -43.66 20.96
C ASN G 199 -28.78 -44.73 20.31
N PHE G 200 -28.80 -44.73 18.98
CA PHE G 200 -29.55 -45.70 18.21
C PHE G 200 -31.04 -45.64 18.48
N LYS G 201 -31.51 -44.46 18.83
CA LYS G 201 -32.91 -44.23 19.08
C LYS G 201 -33.31 -43.10 18.17
N PRO G 202 -34.38 -43.27 17.42
CA PRO G 202 -34.71 -42.21 16.48
C PRO G 202 -35.74 -41.29 17.06
N ALA G 203 -35.66 -40.00 16.74
CA ALA G 203 -36.65 -39.05 17.20
C ALA G 203 -37.07 -38.13 16.08
N TRP G 204 -38.36 -37.85 15.96
CA TRP G 204 -38.83 -36.91 14.98
C TRP G 204 -39.51 -35.71 15.61
N VAL G 205 -39.09 -35.33 16.80
CA VAL G 205 -39.49 -34.04 17.32
C VAL G 205 -38.28 -33.37 17.93
N GLU G 206 -38.22 -32.05 17.84
CA GLU G 206 -37.13 -31.30 18.46
C GLU G 206 -37.71 -30.01 18.94
N ALA G 207 -36.98 -29.27 19.75
CA ALA G 207 -37.55 -28.08 20.35
C ALA G 207 -37.07 -26.82 19.69
N GLY G 208 -37.88 -25.78 19.82
CA GLY G 208 -37.54 -24.48 19.31
C GLY G 208 -36.69 -23.80 20.36
N LYS G 209 -36.56 -22.49 20.28
CA LYS G 209 -35.83 -21.76 21.31
C LYS G 209 -36.14 -20.29 21.22
N VAL G 210 -35.98 -19.58 22.31
CA VAL G 210 -36.06 -18.13 22.27
C VAL G 210 -34.97 -17.63 23.18
N PHE G 211 -34.23 -16.62 22.74
CA PHE G 211 -33.15 -16.10 23.51
C PHE G 211 -33.53 -14.75 24.04
N LEU G 212 -33.38 -14.57 25.34
CA LEU G 212 -33.74 -13.32 25.93
C LEU G 212 -32.56 -12.64 26.56
N LYS G 213 -32.49 -11.34 26.33
CA LYS G 213 -31.55 -10.47 26.95
C LYS G 213 -32.25 -9.68 28.03
N VAL G 214 -32.08 -10.08 29.28
CA VAL G 214 -32.74 -9.39 30.35
C VAL G 214 -31.78 -8.33 30.87
N THR G 215 -32.11 -7.07 30.66
CA THR G 215 -31.26 -5.99 31.10
C THR G 215 -31.94 -5.24 32.21
N VAL G 216 -31.30 -5.13 33.36
CA VAL G 216 -31.90 -4.47 34.50
C VAL G 216 -31.22 -3.16 34.87
N PHE G 217 -32.04 -2.17 35.16
CA PHE G 217 -31.59 -0.81 35.40
C PHE G 217 -31.65 -0.46 36.85
N ALA G 218 -30.62 0.25 37.28
CA ALA G 218 -30.48 0.78 38.63
C ALA G 218 -29.76 2.09 38.46
N GLY G 219 -29.22 2.61 39.54
CA GLY G 219 -28.42 3.81 39.43
C GLY G 219 -28.80 4.69 40.57
N PRO G 220 -28.29 5.92 40.58
CA PRO G 220 -27.36 6.48 39.61
C PRO G 220 -25.90 6.12 39.91
N SER G 221 -25.06 6.19 38.89
CA SER G 221 -23.65 5.81 39.01
C SER G 221 -22.96 6.71 40.01
N ARG G 222 -22.04 6.14 40.79
CA ARG G 222 -21.26 6.89 41.75
C ARG G 222 -19.83 6.38 41.80
N TYR G 223 -18.91 7.30 42.02
CA TYR G 223 -17.51 6.97 42.17
C TYR G 223 -17.42 6.19 43.46
N THR G 224 -16.61 5.15 43.52
CA THR G 224 -16.65 4.23 44.65
C THR G 224 -16.61 4.90 46.00
N PRO G 225 -15.85 5.97 46.13
CA PRO G 225 -15.83 6.63 47.44
C PRO G 225 -17.16 7.26 47.83
N TYR G 226 -18.11 7.35 46.92
CA TYR G 226 -19.39 7.97 47.21
C TYR G 226 -20.53 6.94 47.20
N VAL G 227 -20.21 5.67 47.07
CA VAL G 227 -21.27 4.70 46.97
C VAL G 227 -21.97 4.66 48.31
N PRO G 228 -23.31 4.63 48.30
CA PRO G 228 -24.07 4.65 49.54
C PRO G 228 -24.33 3.28 50.08
N ARG G 229 -23.94 3.04 51.33
CA ARG G 229 -24.25 1.80 52.04
C ARG G 229 -24.62 2.14 53.48
N PRO G 230 -25.38 1.26 54.14
CA PRO G 230 -25.87 -0.02 53.61
C PRO G 230 -27.18 0.18 52.88
N VAL G 231 -27.44 -0.62 51.86
CA VAL G 231 -28.68 -0.54 51.10
C VAL G 231 -29.21 -1.93 50.76
N ALA G 232 -30.52 -2.06 50.63
CA ALA G 232 -31.12 -3.33 50.31
C ALA G 232 -30.72 -3.76 48.92
N ALA G 233 -30.59 -5.06 48.72
CA ALA G 233 -30.05 -5.56 47.46
C ALA G 233 -30.92 -5.10 46.33
N LEU G 234 -32.21 -5.35 46.43
CA LEU G 234 -33.10 -5.03 45.35
C LEU G 234 -33.12 -3.52 45.15
N ASP G 235 -32.58 -2.79 46.11
CA ASP G 235 -32.56 -1.35 45.97
C ASP G 235 -31.20 -0.77 45.64
N SER G 236 -30.22 -1.65 45.41
CA SER G 236 -28.85 -1.21 45.20
C SER G 236 -28.78 -0.31 44.00
N PRO G 237 -27.79 0.59 43.99
CA PRO G 237 -27.60 1.45 42.83
C PRO G 237 -26.79 0.67 41.82
N ASN G 238 -26.01 -0.29 42.31
CA ASN G 238 -25.23 -1.12 41.43
C ASN G 238 -26.12 -2.14 40.75
N ALA G 239 -26.14 -2.07 39.43
CA ALA G 239 -27.00 -2.91 38.67
C ALA G 239 -26.57 -4.36 38.76
N ILE G 240 -25.31 -4.62 39.11
CA ILE G 240 -24.90 -6.00 39.22
C ILE G 240 -25.61 -6.63 40.39
N VAL G 241 -25.89 -5.84 41.42
CA VAL G 241 -26.50 -6.38 42.62
C VAL G 241 -27.96 -6.75 42.41
N ARG G 242 -28.72 -5.87 41.78
CA ARG G 242 -30.09 -6.23 41.49
C ARG G 242 -30.11 -7.47 40.62
N MET G 243 -29.17 -7.56 39.72
CA MET G 243 -29.12 -8.71 38.84
C MET G 243 -28.87 -9.97 39.65
N ALA G 244 -28.15 -9.83 40.75
CA ALA G 244 -27.86 -10.98 41.58
C ALA G 244 -29.14 -11.56 42.13
N LYS G 245 -30.05 -10.70 42.57
CA LYS G 245 -31.35 -11.14 43.08
C LYS G 245 -32.19 -11.70 41.95
N LEU G 246 -32.19 -11.03 40.81
CA LEU G 246 -33.03 -11.43 39.69
C LEU G 246 -32.61 -12.75 39.11
N VAL G 247 -31.33 -13.07 39.23
CA VAL G 247 -30.88 -14.34 38.70
C VAL G 247 -31.49 -15.47 39.49
N GLU G 248 -31.55 -15.32 40.81
CA GLU G 248 -32.06 -16.41 41.63
C GLU G 248 -33.56 -16.58 41.42
N ALA G 249 -34.27 -15.48 41.21
CA ALA G 249 -35.69 -15.58 40.91
C ALA G 249 -35.88 -16.34 39.61
N LEU G 250 -35.13 -15.98 38.58
CA LEU G 250 -35.29 -16.61 37.28
C LEU G 250 -34.88 -18.07 37.31
N GLU G 251 -33.94 -18.43 38.16
CA GLU G 251 -33.52 -19.83 38.21
C GLU G 251 -34.65 -20.70 38.75
N GLU G 252 -35.43 -20.18 39.69
CA GLU G 252 -36.55 -20.94 40.23
C GLU G 252 -37.70 -20.99 39.21
N TRP G 253 -37.93 -19.90 38.51
CA TRP G 253 -38.90 -19.92 37.44
C TRP G 253 -38.51 -20.96 36.40
N ALA G 254 -37.21 -21.09 36.16
CA ALA G 254 -36.70 -22.06 35.21
C ALA G 254 -36.95 -23.51 35.65
N ASP G 255 -36.86 -23.79 36.95
CA ASP G 255 -37.05 -25.15 37.46
C ASP G 255 -38.45 -25.65 37.14
N ASN G 256 -39.41 -24.76 37.31
CA ASN G 256 -40.80 -25.04 37.03
C ASN G 256 -41.13 -24.99 35.55
N TYR G 257 -40.45 -24.12 34.82
CA TYR G 257 -40.75 -23.97 33.42
C TYR G 257 -40.67 -25.33 32.74
N GLU G 258 -39.65 -26.13 33.02
CA GLU G 258 -39.53 -27.39 32.31
C GLU G 258 -40.66 -28.33 32.67
N LYS G 259 -41.05 -28.32 33.93
CA LYS G 259 -42.13 -29.20 34.31
C LYS G 259 -43.40 -28.78 33.62
N ARG G 260 -43.75 -27.50 33.67
CA ARG G 260 -45.02 -27.08 33.10
C ARG G 260 -45.12 -27.29 31.59
N TYR G 261 -44.04 -27.10 30.87
CA TYR G 261 -44.11 -27.14 29.42
C TYR G 261 -43.60 -28.44 28.84
N THR G 262 -43.36 -29.44 29.68
CA THR G 262 -43.06 -30.75 29.14
C THR G 262 -44.27 -31.26 28.39
N ARG G 263 -44.06 -31.75 27.18
CA ARG G 263 -45.13 -32.25 26.34
C ARG G 263 -44.71 -33.51 25.65
N GLU G 264 -45.61 -34.47 25.54
CA GLU G 264 -45.28 -35.72 24.87
C GLU G 264 -45.77 -35.69 23.43
N TYR G 265 -44.91 -36.11 22.51
CA TYR G 265 -45.20 -36.09 21.09
C TYR G 265 -44.99 -37.49 20.55
N GLY G 266 -45.45 -37.75 19.35
CA GLY G 266 -45.26 -39.08 18.79
C GLY G 266 -43.78 -39.34 18.67
N GLY G 267 -43.06 -38.33 18.18
CA GLY G 267 -41.62 -38.36 17.98
C GLY G 267 -40.76 -38.45 19.23
N GLY G 268 -41.26 -37.94 20.34
CA GLY G 268 -40.56 -38.07 21.60
C GLY G 268 -41.29 -37.30 22.66
N THR G 269 -40.64 -37.14 23.82
CA THR G 269 -41.20 -36.31 24.87
C THR G 269 -40.31 -35.10 25.00
N VAL G 270 -40.89 -33.92 24.84
CA VAL G 270 -40.11 -32.69 24.84
C VAL G 270 -40.10 -32.07 26.21
N VAL G 271 -38.94 -32.09 26.83
CA VAL G 271 -38.75 -31.41 28.10
C VAL G 271 -37.91 -30.18 27.88
N PRO G 272 -38.55 -29.02 27.81
CA PRO G 272 -37.85 -27.81 27.41
C PRO G 272 -37.18 -27.11 28.57
N LYS G 273 -35.85 -27.03 28.57
CA LYS G 273 -35.10 -26.43 29.66
C LYS G 273 -34.71 -24.96 29.48
N VAL G 274 -34.27 -24.32 30.58
CA VAL G 274 -33.80 -22.94 30.59
C VAL G 274 -32.39 -22.82 31.21
N ALA G 275 -31.61 -21.85 30.76
CA ALA G 275 -30.27 -21.63 31.26
C ALA G 275 -29.87 -20.17 31.12
N ILE G 276 -29.02 -19.65 32.00
CA ILE G 276 -28.47 -18.32 31.81
C ILE G 276 -27.06 -18.44 31.24
N GLY G 277 -26.96 -18.33 29.93
CA GLY G 277 -25.72 -18.57 29.22
C GLY G 277 -24.63 -17.53 29.42
N ALA G 278 -25.02 -16.30 29.68
CA ALA G 278 -24.02 -15.26 29.83
C ALA G 278 -24.47 -14.07 30.61
N ILE G 279 -23.52 -13.40 31.22
CA ILE G 279 -23.81 -12.23 32.00
C ILE G 279 -22.70 -11.25 31.77
N ARG G 280 -23.03 -9.98 31.83
CA ARG G 280 -22.00 -8.99 31.70
C ARG G 280 -22.57 -7.65 32.09
N GLY G 281 -21.87 -6.96 32.98
CA GLY G 281 -22.24 -5.63 33.40
C GLY G 281 -20.98 -4.84 33.63
N GLY G 282 -20.94 -3.59 33.15
CA GLY G 282 -19.74 -2.78 33.25
C GLY G 282 -18.61 -3.40 32.47
N VAL G 283 -17.47 -2.71 32.44
CA VAL G 283 -16.30 -3.23 31.74
C VAL G 283 -15.10 -3.37 32.68
N PRO G 284 -14.39 -4.49 32.54
CA PRO G 284 -13.30 -4.92 33.41
C PRO G 284 -12.14 -3.93 33.43
N TYR G 285 -12.16 -2.96 32.53
CA TYR G 285 -11.04 -2.05 32.41
C TYR G 285 -11.42 -0.64 32.87
N LYS G 286 -12.63 -0.44 33.40
CA LYS G 286 -12.98 0.81 34.07
C LYS G 286 -14.00 0.53 35.16
N ILE G 287 -13.52 0.02 36.28
CA ILE G 287 -14.42 -0.44 37.30
C ILE G 287 -14.61 0.56 38.42
N TYR G 288 -13.97 1.72 38.34
CA TYR G 288 -14.08 2.69 39.42
C TYR G 288 -15.50 3.17 39.61
N ARG G 289 -16.32 3.00 38.59
CA ARG G 289 -17.72 3.35 38.70
C ARG G 289 -18.58 2.13 38.45
N PHE G 290 -19.42 1.74 39.41
CA PHE G 290 -20.27 0.58 39.19
C PHE G 290 -21.27 0.95 38.13
N PRO G 291 -21.89 -0.06 37.48
CA PRO G 291 -22.69 0.22 36.30
C PRO G 291 -24.15 0.46 36.62
N GLU G 292 -24.81 1.34 35.87
CA GLU G 292 -26.23 1.63 36.04
C GLU G 292 -27.11 0.62 35.32
N LEU G 293 -26.48 -0.40 34.72
CA LEU G 293 -27.21 -1.44 34.03
C LEU G 293 -26.37 -2.70 33.90
N CYS G 294 -27.03 -3.85 34.03
CA CYS G 294 -26.38 -5.14 33.90
C CYS G 294 -27.24 -6.05 33.04
N SER G 295 -26.63 -6.96 32.26
CA SER G 295 -27.42 -7.80 31.37
C SER G 295 -27.16 -9.30 31.49
N ILE G 296 -28.18 -10.10 31.26
CA ILE G 296 -27.93 -11.53 31.16
C ILE G 296 -28.65 -12.05 29.92
N TYR G 297 -28.10 -13.11 29.37
CA TYR G 297 -28.64 -13.68 28.17
C TYR G 297 -29.11 -15.08 28.45
N MET G 298 -30.40 -15.35 28.21
CA MET G 298 -30.98 -16.64 28.59
C MET G 298 -31.29 -17.49 27.40
N ASP G 299 -31.09 -18.78 27.54
CA ASP G 299 -31.40 -19.74 26.51
C ASP G 299 -32.61 -20.54 27.00
N ILE G 300 -33.75 -20.26 26.40
CA ILE G 300 -35.00 -20.90 26.72
C ILE G 300 -35.50 -21.76 25.60
N ARG G 301 -35.58 -23.05 25.84
CA ARG G 301 -36.09 -23.94 24.82
C ARG G 301 -37.60 -23.94 24.81
N LEU G 302 -38.16 -24.24 23.64
CA LEU G 302 -39.61 -24.22 23.45
C LEU G 302 -40.09 -25.56 22.92
N ASN G 303 -41.23 -26.05 23.43
CA ASN G 303 -41.80 -27.22 22.78
C ASN G 303 -42.44 -26.70 21.52
N PRO G 304 -42.74 -27.58 20.59
CA PRO G 304 -43.26 -27.14 19.32
C PRO G 304 -44.53 -26.31 19.44
N ASP G 305 -45.18 -26.32 20.59
CA ASP G 305 -46.44 -25.58 20.67
C ASP G 305 -46.42 -24.32 21.50
N THR G 306 -45.26 -23.88 21.96
CA THR G 306 -45.23 -22.66 22.76
C THR G 306 -44.85 -21.43 21.95
N ASN G 307 -45.58 -20.36 22.17
CA ASN G 307 -45.38 -19.09 21.48
C ASN G 307 -44.39 -18.23 22.20
N PRO G 308 -43.37 -17.76 21.49
CA PRO G 308 -42.29 -17.09 22.21
C PRO G 308 -42.77 -15.87 22.95
N LEU G 309 -43.85 -15.27 22.48
CA LEU G 309 -44.35 -14.08 23.14
C LEU G 309 -44.84 -14.39 24.52
N VAL G 310 -45.33 -15.60 24.72
CA VAL G 310 -45.81 -16.02 26.04
C VAL G 310 -44.69 -16.06 27.06
N VAL G 311 -43.61 -16.76 26.70
CA VAL G 311 -42.46 -16.94 27.55
C VAL G 311 -41.80 -15.61 27.94
N GLN G 312 -41.75 -14.66 27.03
CA GLN G 312 -41.25 -13.33 27.36
C GLN G 312 -42.13 -12.68 28.39
N ARG G 313 -43.44 -12.82 28.21
CA ARG G 313 -44.37 -12.22 29.16
C ARG G 313 -44.24 -12.90 30.53
N GLU G 314 -43.89 -14.19 30.53
CA GLU G 314 -43.69 -14.90 31.76
C GLU G 314 -42.49 -14.30 32.47
N VAL G 315 -41.37 -14.20 31.77
CA VAL G 315 -40.15 -13.66 32.36
C VAL G 315 -40.27 -12.20 32.70
N GLU G 316 -41.00 -11.46 31.87
CA GLU G 316 -41.24 -10.06 32.15
C GLU G 316 -41.92 -9.98 33.50
N ALA G 317 -42.76 -10.98 33.77
CA ALA G 317 -43.52 -11.06 35.02
C ALA G 317 -42.62 -11.29 36.24
N VAL G 318 -41.64 -12.17 36.08
CA VAL G 318 -40.71 -12.53 37.14
C VAL G 318 -40.00 -11.29 37.63
N VAL G 319 -39.71 -10.40 36.71
CA VAL G 319 -39.07 -9.17 37.06
C VAL G 319 -40.02 -8.28 37.83
N SER G 320 -41.26 -8.22 37.37
CA SER G 320 -42.21 -7.32 38.00
C SER G 320 -42.50 -7.68 39.44
N LYS G 321 -42.43 -8.97 39.76
CA LYS G 321 -42.63 -9.43 41.13
C LYS G 321 -41.57 -8.95 42.11
N LEU G 322 -40.38 -8.61 41.60
CA LEU G 322 -39.28 -8.14 42.45
C LEU G 322 -39.31 -6.64 42.44
N GLY G 323 -40.19 -6.06 41.65
CA GLY G 323 -40.33 -4.62 41.62
C GLY G 323 -39.17 -3.97 40.91
N LEU G 324 -38.52 -4.76 40.07
CA LEU G 324 -37.37 -4.30 39.31
C LEU G 324 -37.82 -3.68 37.98
N LYS G 325 -37.02 -2.76 37.45
CA LYS G 325 -37.29 -2.24 36.14
C LYS G 325 -36.22 -2.79 35.23
N ALA G 326 -36.63 -3.45 34.17
CA ALA G 326 -35.69 -4.12 33.30
C ALA G 326 -36.25 -4.16 31.90
N GLU G 327 -35.40 -4.54 30.95
CA GLU G 327 -35.82 -4.66 29.57
C GLU G 327 -35.66 -6.11 29.15
N VAL G 328 -36.77 -6.79 28.92
CA VAL G 328 -36.70 -8.16 28.48
C VAL G 328 -36.89 -8.10 27.00
N LYS G 329 -35.85 -8.41 26.25
CA LYS G 329 -35.95 -8.35 24.81
C LYS G 329 -35.36 -9.60 24.20
N PRO G 330 -36.10 -10.19 23.27
CA PRO G 330 -35.76 -11.44 22.60
C PRO G 330 -34.89 -11.17 21.40
N PHE G 331 -33.81 -11.90 21.24
CA PHE G 331 -32.95 -11.68 20.10
C PHE G 331 -32.75 -12.93 19.27
N LEU G 332 -33.48 -13.98 19.57
CA LEU G 332 -33.49 -15.17 18.72
C LEU G 332 -34.79 -15.92 18.90
N PHE G 333 -35.37 -16.39 17.81
CA PHE G 333 -36.61 -17.15 17.83
C PHE G 333 -36.58 -18.18 16.74
N ARG G 334 -36.73 -19.44 17.08
CA ARG G 334 -36.74 -20.50 16.10
C ARG G 334 -37.85 -21.43 16.51
N ARG G 335 -38.36 -22.22 15.58
CA ARG G 335 -39.45 -23.09 15.91
C ARG G 335 -39.04 -24.54 15.88
N GLY G 336 -39.61 -25.34 16.76
CA GLY G 336 -39.33 -26.75 16.80
C GLY G 336 -40.48 -27.47 16.16
N TYR G 337 -40.20 -28.61 15.54
CA TYR G 337 -41.23 -29.31 14.79
C TYR G 337 -41.31 -30.78 15.14
N GLU G 338 -42.48 -31.36 14.91
CA GLU G 338 -42.65 -32.79 14.89
C GLU G 338 -42.85 -33.22 13.45
N ALA G 339 -42.24 -34.34 13.06
CA ALA G 339 -42.31 -34.78 11.69
C ALA G 339 -43.73 -35.16 11.31
N GLN G 340 -44.14 -34.84 10.10
CA GLN G 340 -45.42 -35.27 9.61
C GLN G 340 -45.23 -36.10 8.37
N GLY G 341 -45.89 -37.24 8.31
CA GLY G 341 -45.77 -38.08 7.14
C GLY G 341 -44.50 -38.84 7.29
N ILE G 342 -44.09 -39.01 8.54
CA ILE G 342 -42.82 -39.61 8.83
C ILE G 342 -42.81 -41.10 8.57
N GLU G 343 -43.96 -41.70 8.33
CA GLU G 343 -44.09 -43.15 8.37
C GLU G 343 -43.11 -43.87 7.45
N PRO G 344 -43.00 -43.42 6.19
CA PRO G 344 -42.12 -44.13 5.27
C PRO G 344 -40.67 -44.20 5.73
N LEU G 345 -40.11 -43.10 6.21
CA LEU G 345 -38.74 -43.11 6.71
C LEU G 345 -38.63 -43.91 7.99
N GLN G 346 -39.61 -43.74 8.86
CA GLN G 346 -39.61 -44.41 10.14
C GLN G 346 -39.60 -45.90 9.94
N ASN G 347 -40.44 -46.34 9.02
CA ASN G 347 -40.54 -47.75 8.72
C ASN G 347 -39.26 -48.25 8.10
N ALA G 348 -38.71 -47.50 7.15
CA ALA G 348 -37.49 -47.87 6.45
C ALA G 348 -36.35 -48.03 7.43
N LEU G 349 -36.31 -47.10 8.38
CA LEU G 349 -35.30 -47.11 9.42
C LEU G 349 -35.40 -48.31 10.34
N GLU G 350 -36.62 -48.60 10.77
CA GLU G 350 -36.86 -49.63 11.74
C GLU G 350 -36.45 -50.98 11.19
N VAL G 351 -36.74 -51.24 9.93
CA VAL G 351 -36.37 -52.51 9.35
C VAL G 351 -34.87 -52.72 9.41
N ALA G 352 -34.11 -51.70 9.05
CA ALA G 352 -32.67 -51.82 9.06
C ALA G 352 -32.15 -51.96 10.47
N HIS G 353 -32.70 -51.16 11.37
CA HIS G 353 -32.25 -51.13 12.77
C HIS G 353 -32.37 -52.51 13.38
N ARG G 354 -33.53 -53.14 13.18
CA ARG G 354 -33.81 -54.46 13.71
C ARG G 354 -32.83 -55.47 13.15
N GLU G 355 -32.50 -55.30 11.88
CA GLU G 355 -31.62 -56.24 11.22
C GLU G 355 -30.18 -56.13 11.70
N VAL G 356 -29.72 -54.91 11.97
CA VAL G 356 -28.34 -54.65 12.37
C VAL G 356 -28.12 -54.64 13.87
N VAL G 357 -28.88 -53.82 14.58
CA VAL G 357 -28.80 -53.75 16.04
C VAL G 357 -29.34 -55.02 16.71
N GLY G 358 -30.41 -55.58 16.14
CA GLY G 358 -30.99 -56.83 16.59
C GLY G 358 -32.26 -56.80 17.42
N ARG G 359 -32.82 -55.62 17.67
CA ARG G 359 -34.00 -55.48 18.51
C ARG G 359 -34.83 -54.28 18.06
N PRO G 360 -36.06 -54.13 18.58
CA PRO G 360 -36.85 -52.96 18.18
C PRO G 360 -36.25 -51.65 18.68
N THR G 361 -36.58 -50.55 18.02
CA THR G 361 -36.11 -49.23 18.42
C THR G 361 -36.90 -48.71 19.61
N GLU G 362 -36.26 -47.95 20.51
CA GLU G 362 -36.95 -47.37 21.66
C GLU G 362 -37.02 -45.84 21.63
N ARG G 363 -37.91 -45.29 22.45
CA ARG G 363 -38.12 -43.85 22.54
C ARG G 363 -36.83 -43.19 22.96
N PRO G 364 -36.50 -42.04 22.36
CA PRO G 364 -35.23 -41.39 22.69
C PRO G 364 -35.31 -40.75 24.07
N GLY G 365 -34.19 -40.39 24.67
CA GLY G 365 -34.24 -39.73 25.96
C GLY G 365 -34.73 -38.32 25.69
N SER G 366 -35.38 -37.70 26.66
CA SER G 366 -36.01 -36.42 26.39
C SER G 366 -35.04 -35.33 25.91
N PRO G 367 -33.79 -35.35 26.37
CA PRO G 367 -32.92 -34.27 25.92
C PRO G 367 -32.73 -34.25 24.41
N GLU G 368 -32.59 -35.42 23.81
CA GLU G 368 -32.35 -35.50 22.37
C GLU G 368 -33.57 -35.03 21.59
N CYS G 369 -34.71 -34.93 22.26
CA CYS G 369 -35.91 -34.39 21.63
C CYS G 369 -36.20 -32.99 22.08
N SER G 370 -35.31 -32.41 22.87
CA SER G 370 -35.62 -31.11 23.45
C SER G 370 -34.56 -30.12 23.09
N MET G 371 -33.92 -30.34 21.95
CA MET G 371 -32.82 -29.50 21.52
C MET G 371 -33.05 -28.98 20.12
N TRP G 372 -32.00 -28.47 19.51
CA TRP G 372 -32.06 -28.09 18.12
C TRP G 372 -31.20 -29.05 17.32
N ARG G 373 -31.78 -29.64 16.29
CA ARG G 373 -31.06 -30.48 15.35
C ARG G 373 -31.57 -30.02 14.03
N ASP G 374 -30.83 -30.27 12.95
CA ASP G 374 -31.26 -29.68 11.69
C ASP G 374 -32.45 -30.40 11.11
N THR G 375 -33.22 -31.13 11.91
CA THR G 375 -34.45 -31.72 11.40
C THR G 375 -35.54 -30.66 11.31
N ASN G 376 -35.50 -29.68 12.20
CA ASN G 376 -36.53 -28.65 12.19
C ASN G 376 -36.59 -27.90 10.85
N PRO G 377 -35.43 -27.61 10.25
CA PRO G 377 -35.40 -26.96 8.94
C PRO G 377 -36.05 -27.82 7.87
N TYR G 378 -35.77 -29.12 7.86
CA TYR G 378 -36.40 -29.99 6.88
C TYR G 378 -37.92 -30.06 7.08
N ASN G 379 -38.32 -30.28 8.31
CA ASN G 379 -39.72 -30.38 8.62
C ASN G 379 -40.40 -29.05 8.35
N GLU G 380 -39.73 -27.97 8.65
CA GLU G 380 -40.31 -26.65 8.47
C GLU G 380 -40.72 -26.48 7.04
N LEU G 381 -39.92 -27.09 6.16
CA LEU G 381 -40.11 -26.97 4.72
C LEU G 381 -40.73 -28.21 4.09
N GLY G 382 -41.34 -29.06 4.91
CA GLY G 382 -42.10 -30.17 4.39
C GLY G 382 -41.35 -31.38 3.92
N ILE G 383 -40.12 -31.56 4.37
CA ILE G 383 -39.42 -32.81 4.13
C ILE G 383 -39.38 -33.59 5.43
N PRO G 384 -40.18 -34.66 5.56
CA PRO G 384 -40.24 -35.38 6.82
C PRO G 384 -38.86 -35.79 7.27
N SER G 385 -38.49 -35.45 8.49
CA SER G 385 -37.16 -35.75 8.96
C SER G 385 -37.09 -36.17 10.41
N LEU G 386 -36.18 -37.10 10.69
CA LEU G 386 -35.94 -37.61 12.03
C LEU G 386 -34.45 -37.79 12.20
N THR G 387 -34.03 -37.93 13.45
CA THR G 387 -32.60 -37.99 13.77
C THR G 387 -32.23 -39.32 14.37
N TYR G 388 -31.16 -39.92 13.87
CA TYR G 388 -30.74 -41.22 14.36
C TYR G 388 -29.26 -41.46 14.08
N GLY G 389 -28.54 -41.88 15.11
CA GLY G 389 -27.13 -42.18 15.01
C GLY G 389 -26.66 -42.88 16.27
N CYS G 390 -25.43 -43.37 16.25
CA CYS G 390 -24.89 -44.08 17.41
C CYS G 390 -24.33 -43.15 18.44
N GLY G 391 -24.01 -43.70 19.60
CA GLY G 391 -23.35 -42.97 20.66
C GLY G 391 -24.28 -42.13 21.50
N GLY G 392 -23.73 -41.43 22.49
CA GLY G 392 -24.53 -40.62 23.38
C GLY G 392 -24.24 -39.15 23.17
N GLY G 393 -25.26 -38.33 23.39
CA GLY G 393 -25.22 -36.93 23.02
C GLY G 393 -24.03 -36.17 23.57
N ALA G 394 -23.48 -35.30 22.73
CA ALA G 394 -22.33 -34.49 23.10
C ALA G 394 -22.64 -33.57 24.26
N GLY G 395 -23.87 -33.08 24.32
CA GLY G 395 -24.30 -32.22 25.41
C GLY G 395 -24.28 -32.88 26.77
N GLY G 396 -24.16 -34.22 26.78
CA GLY G 396 -24.23 -35.00 28.00
C GLY G 396 -23.17 -34.85 29.08
N GLY G 397 -21.88 -34.92 28.74
CA GLY G 397 -21.46 -35.14 27.37
C GLY G 397 -20.52 -36.32 27.15
N ASN G 398 -20.84 -37.11 26.13
CA ASN G 398 -20.01 -38.25 25.74
C ASN G 398 -18.75 -37.70 25.11
N THR G 399 -17.70 -38.50 25.10
CA THR G 399 -16.42 -38.02 24.58
C THR G 399 -15.84 -38.99 23.56
N TYR G 400 -16.58 -40.05 23.25
CA TYR G 400 -16.07 -41.05 22.32
C TYR G 400 -17.16 -41.88 21.65
N PHE G 401 -16.77 -42.58 20.60
CA PHE G 401 -17.67 -43.43 19.85
C PHE G 401 -17.02 -44.79 19.76
N LEU G 402 -17.81 -45.84 19.59
CA LEU G 402 -17.27 -47.18 19.42
C LEU G 402 -17.25 -47.55 17.95
N VAL G 403 -16.10 -47.92 17.42
CA VAL G 403 -15.98 -48.16 15.98
C VAL G 403 -17.01 -49.17 15.49
N ASP G 404 -17.36 -50.11 16.35
CA ASP G 404 -18.35 -51.12 16.01
C ASP G 404 -19.71 -50.48 15.79
N ASP G 405 -20.12 -49.62 16.73
CA ASP G 405 -21.39 -48.93 16.64
C ASP G 405 -21.44 -48.07 15.39
N MET G 406 -20.35 -47.36 15.14
CA MET G 406 -20.26 -46.52 13.97
C MET G 406 -20.38 -47.36 12.71
N LEU G 407 -19.76 -48.53 12.72
CA LEU G 407 -19.86 -49.39 11.56
C LEU G 407 -21.29 -49.81 11.37
N LYS G 408 -21.98 -50.04 12.49
CA LYS G 408 -23.37 -50.42 12.45
C LYS G 408 -24.21 -49.30 11.87
N ALA G 409 -24.04 -48.11 12.40
CA ALA G 409 -24.83 -46.97 11.99
C ALA G 409 -24.70 -46.75 10.48
N ALA G 410 -23.53 -47.04 9.95
CA ALA G 410 -23.31 -46.96 8.51
C ALA G 410 -24.12 -48.01 7.79
N LYS G 411 -24.29 -49.17 8.43
CA LYS G 411 -25.08 -50.23 7.84
C LYS G 411 -26.55 -49.84 7.83
N VAL G 412 -27.02 -49.30 8.95
CA VAL G 412 -28.41 -48.88 9.07
C VAL G 412 -28.74 -47.77 8.08
N TYR G 413 -27.85 -46.80 7.92
CA TYR G 413 -28.06 -45.72 6.98
C TYR G 413 -28.20 -46.29 5.58
N ALA G 414 -27.26 -47.17 5.23
CA ALA G 414 -27.21 -47.74 3.90
C ALA G 414 -28.47 -48.51 3.59
N MET G 415 -28.87 -49.35 4.53
CA MET G 415 -30.04 -50.19 4.35
C MET G 415 -31.29 -49.34 4.19
N THR G 416 -31.36 -48.27 4.96
CA THR G 416 -32.46 -47.34 4.85
C THR G 416 -32.54 -46.77 3.46
N ALA G 417 -31.39 -46.44 2.93
CA ALA G 417 -31.35 -45.89 1.60
C ALA G 417 -31.90 -46.88 0.60
N MET G 418 -31.48 -48.13 0.71
CA MET G 418 -31.90 -49.15 -0.24
C MET G 418 -33.39 -49.40 -0.22
N ASP G 419 -33.96 -49.34 0.96
CA ASP G 419 -35.39 -49.54 1.15
C ASP G 419 -36.20 -48.42 0.53
N LEU G 420 -35.99 -47.24 1.10
CA LEU G 420 -36.78 -46.06 0.79
C LEU G 420 -36.60 -45.54 -0.61
N CYS G 421 -35.38 -45.58 -1.12
CA CYS G 421 -35.10 -45.03 -2.44
C CYS G 421 -35.74 -45.83 -3.55
N ASN G 422 -36.27 -47.00 -3.22
CA ASN G 422 -36.91 -47.84 -4.20
C ASN G 422 -38.41 -47.87 -4.02
N ARG G 423 -38.92 -46.85 -3.32
CA ARG G 423 -40.34 -46.69 -3.14
C ARG G 423 -40.68 -45.51 -4.00
N THR G 424 -41.83 -45.54 -4.66
CA THR G 424 -42.21 -44.44 -5.53
C THR G 424 -43.18 -43.56 -4.76
N PRO G 425 -42.99 -42.25 -4.81
CA PRO G 425 -43.81 -41.37 -3.98
C PRO G 425 -45.20 -41.12 -4.57
N ASP H 6 24.78 54.54 -23.68
CA ASP H 6 24.18 53.31 -23.15
C ASP H 6 24.03 53.26 -21.64
N VAL H 7 25.07 53.64 -20.91
CA VAL H 7 25.11 53.37 -19.49
C VAL H 7 23.97 54.09 -18.78
N ALA H 8 23.69 55.31 -19.21
CA ALA H 8 22.61 56.09 -18.62
C ALA H 8 21.23 55.49 -18.93
N LYS H 9 21.13 54.78 -20.04
CA LYS H 9 19.85 54.18 -20.41
C LYS H 9 19.51 53.14 -19.34
N VAL H 10 20.47 52.29 -19.04
CA VAL H 10 20.27 51.23 -18.06
C VAL H 10 20.11 51.78 -16.65
N MET H 11 20.86 52.82 -16.30
CA MET H 11 20.75 53.39 -14.95
C MET H 11 19.34 53.84 -14.67
N LYS H 12 18.78 54.58 -15.62
CA LYS H 12 17.42 55.08 -15.47
C LYS H 12 16.45 53.91 -15.41
N THR H 13 16.74 52.87 -16.17
CA THR H 13 15.90 51.69 -16.21
C THR H 13 15.81 51.01 -14.86
N LEU H 14 16.94 50.95 -14.16
CA LEU H 14 16.97 50.29 -12.88
C LEU H 14 16.05 51.00 -11.90
N ASP H 15 16.02 52.33 -11.94
CA ASP H 15 15.12 53.07 -11.07
C ASP H 15 13.66 52.73 -11.39
N GLY H 16 13.43 52.29 -12.62
CA GLY H 16 12.11 51.84 -13.03
C GLY H 16 11.71 50.60 -12.27
N MET H 17 12.71 49.84 -11.81
CA MET H 17 12.45 48.56 -11.17
C MET H 17 12.87 48.55 -9.71
N ARG H 18 12.84 49.71 -9.07
CA ARG H 18 13.19 49.85 -7.67
C ARG H 18 12.27 48.98 -6.80
N GLU H 19 10.98 49.01 -7.08
CA GLU H 19 10.01 48.18 -6.35
C GLU H 19 10.23 46.69 -6.64
N GLY H 20 10.47 46.39 -7.91
CA GLY H 20 10.73 45.03 -8.32
C GLY H 20 11.97 44.50 -7.63
N LEU H 21 12.92 45.39 -7.40
CA LEU H 21 14.12 44.99 -6.70
C LEU H 21 13.75 44.54 -5.31
N ILE H 22 12.93 45.35 -4.62
CA ILE H 22 12.52 45.01 -3.25
C ILE H 22 11.66 43.76 -3.23
N GLN H 23 10.73 43.67 -4.16
CA GLN H 23 9.80 42.56 -4.15
C GLN H 23 10.52 41.23 -4.33
N THR H 24 11.40 41.14 -5.31
CA THR H 24 12.10 39.89 -5.58
C THR H 24 12.95 39.49 -4.38
N ALA H 25 13.48 40.49 -3.69
CA ALA H 25 14.29 40.23 -2.52
C ALA H 25 13.45 39.65 -1.39
N VAL H 26 12.33 40.29 -1.08
CA VAL H 26 11.52 39.79 0.01
C VAL H 26 10.88 38.47 -0.36
N GLU H 27 10.36 38.40 -1.56
CA GLU H 27 9.72 37.20 -2.04
C GLU H 27 10.67 36.03 -1.95
N LEU H 28 11.91 36.28 -2.33
CA LEU H 28 12.92 35.24 -2.29
C LEU H 28 13.28 34.94 -0.85
N GLY H 29 13.47 36.01 -0.08
CA GLY H 29 13.89 35.89 1.32
C GLY H 29 12.92 35.15 2.20
N SER H 30 11.62 35.25 1.89
CA SER H 30 10.61 34.58 2.69
C SER H 30 10.64 33.07 2.56
N ILE H 31 11.09 32.55 1.43
CA ILE H 31 11.12 31.10 1.24
C ILE H 31 12.05 30.42 2.22
N GLU H 32 11.60 29.32 2.79
CA GLU H 32 12.43 28.65 3.77
C GLU H 32 13.43 27.88 2.97
N ALA H 33 14.71 28.25 3.10
CA ALA H 33 15.71 27.62 2.27
C ALA H 33 17.03 27.33 2.97
N PRO H 34 16.98 26.68 4.14
CA PRO H 34 18.23 26.28 4.77
C PRO H 34 18.97 25.29 3.91
N THR H 35 20.27 25.14 4.10
CA THR H 35 21.00 24.14 3.36
C THR H 35 20.38 22.80 3.64
N GLY H 36 20.07 22.05 2.59
CA GLY H 36 19.37 20.80 2.74
C GLY H 36 17.96 20.90 2.23
N ARG H 37 17.50 22.13 2.05
CA ARG H 37 16.17 22.42 1.55
C ARG H 37 16.10 23.59 0.56
N GLU H 38 17.17 23.80 -0.21
CA GLU H 38 17.25 24.94 -1.12
C GLU H 38 16.28 24.82 -2.29
N GLY H 39 15.64 23.68 -2.42
CA GLY H 39 14.83 23.38 -3.59
C GLY H 39 13.71 24.34 -3.86
N ALA H 40 12.97 24.72 -2.84
CA ALA H 40 11.84 25.59 -3.08
C ALA H 40 12.31 26.92 -3.65
N ALA H 41 13.45 27.41 -3.16
CA ALA H 41 13.99 28.69 -3.60
C ALA H 41 14.57 28.58 -4.99
N GLY H 42 15.15 27.43 -5.30
CA GLY H 42 15.73 27.21 -6.60
C GLY H 42 14.60 27.23 -7.61
N ASP H 43 13.49 26.60 -7.26
CA ASP H 43 12.30 26.59 -8.10
C ASP H 43 11.80 28.00 -8.35
N TYR H 44 11.84 28.84 -7.33
CA TYR H 44 11.38 30.21 -7.50
C TYR H 44 12.24 30.96 -8.47
N VAL H 45 13.55 30.83 -8.35
CA VAL H 45 14.46 31.54 -9.24
C VAL H 45 14.35 31.05 -10.64
N TYR H 46 14.11 29.76 -10.79
CA TYR H 46 13.97 29.17 -12.09
C TYR H 46 12.80 29.80 -12.82
N GLU H 47 11.68 29.97 -12.14
CA GLU H 47 10.53 30.54 -12.82
C GLU H 47 10.78 31.99 -13.12
N TRP H 48 11.38 32.68 -12.17
CA TRP H 48 11.71 34.07 -12.39
C TRP H 48 12.61 34.19 -13.59
N MET H 49 13.58 33.30 -13.67
CA MET H 49 14.52 33.31 -14.78
C MET H 49 13.81 32.95 -16.09
N ALA H 50 12.89 31.98 -16.03
CA ALA H 50 12.17 31.58 -17.23
C ALA H 50 11.19 32.67 -17.67
N ARG H 51 10.48 33.22 -16.70
CA ARG H 51 9.51 34.29 -16.90
C ARG H 51 10.14 35.50 -17.60
N ASN H 52 11.44 35.70 -17.40
CA ASN H 52 12.11 36.84 -17.99
C ASN H 52 12.94 36.51 -19.21
N GLY H 53 12.82 35.29 -19.72
CA GLY H 53 13.45 35.02 -20.99
C GLY H 53 14.92 34.73 -20.92
N PHE H 54 15.39 34.32 -19.76
CA PHE H 54 16.78 33.95 -19.60
C PHE H 54 16.98 32.45 -19.82
N GLY H 55 15.88 31.74 -20.04
CA GLY H 55 15.91 30.34 -20.41
C GLY H 55 16.79 29.45 -19.57
N PRO H 56 16.40 29.25 -18.31
CA PRO H 56 17.20 28.53 -17.33
C PRO H 56 17.23 27.04 -17.50
N GLU H 57 18.15 26.42 -16.77
CA GLU H 57 18.35 24.97 -16.74
C GLU H 57 18.59 24.52 -15.30
N ARG H 58 18.22 23.29 -14.97
CA ARG H 58 18.51 22.80 -13.63
C ARG H 58 19.67 21.85 -13.64
N VAL H 59 20.72 22.27 -12.96
CA VAL H 59 21.91 21.49 -12.83
C VAL H 59 22.00 21.09 -11.38
N GLY H 60 21.85 19.81 -11.10
CA GLY H 60 21.95 19.34 -9.73
C GLY H 60 22.16 17.85 -9.64
N VAL H 61 22.66 17.42 -8.50
CA VAL H 61 22.83 16.01 -8.22
C VAL H 61 21.48 15.39 -7.83
N PHE H 62 20.65 16.20 -7.20
CA PHE H 62 19.38 15.76 -6.67
C PHE H 62 18.28 16.58 -7.29
N ASP H 63 17.09 16.03 -7.39
CA ASP H 63 16.01 16.72 -8.05
C ASP H 63 15.39 17.82 -7.20
N ASP H 64 15.72 17.83 -5.90
CA ASP H 64 15.26 18.89 -4.98
C ASP H 64 16.38 19.77 -4.46
N ARG H 65 17.60 19.49 -4.88
CA ARG H 65 18.72 20.36 -4.55
C ARG H 65 19.56 20.52 -5.79
N PHE H 66 19.45 21.70 -6.41
CA PHE H 66 19.99 21.88 -7.72
C PHE H 66 20.36 23.33 -7.91
N ASN H 67 21.18 23.61 -8.93
CA ASN H 67 21.55 24.98 -9.25
C ASN H 67 20.78 25.43 -10.48
N VAL H 68 20.63 26.73 -10.61
CA VAL H 68 19.90 27.24 -11.74
C VAL H 68 20.81 28.08 -12.61
N VAL H 69 20.93 27.70 -13.88
CA VAL H 69 21.80 28.44 -14.77
C VAL H 69 21.04 28.95 -15.94
N GLY H 70 21.15 30.24 -16.17
CA GLY H 70 20.49 30.86 -17.29
C GLY H 70 21.45 31.89 -17.80
N ARG H 71 21.19 32.44 -18.97
CA ARG H 71 22.12 33.42 -19.50
C ARG H 71 21.47 34.42 -20.44
N LEU H 72 22.05 35.61 -20.47
CA LEU H 72 21.66 36.68 -21.37
C LEU H 72 22.61 36.72 -22.57
N ARG H 73 22.18 36.11 -23.67
CA ARG H 73 23.00 35.97 -24.86
C ARG H 73 23.45 37.32 -25.43
N GLY H 74 24.65 37.32 -26.00
CA GLY H 74 25.26 38.52 -26.54
C GLY H 74 25.54 38.36 -28.02
N THR H 75 25.81 39.47 -28.68
CA THR H 75 25.96 39.52 -30.13
C THR H 75 27.07 38.58 -30.64
N GLY H 76 28.16 38.48 -29.89
CA GLY H 76 29.23 37.55 -30.21
C GLY H 76 30.60 38.17 -30.03
N GLY H 77 31.59 37.32 -29.77
CA GLY H 77 32.98 37.73 -29.69
C GLY H 77 33.44 38.73 -28.65
N GLY H 78 32.93 38.59 -27.42
CA GLY H 78 33.32 39.45 -26.32
C GLY H 78 33.53 38.52 -25.14
N ALA H 79 34.13 39.01 -24.07
CA ALA H 79 34.31 38.20 -22.89
C ALA H 79 32.97 37.93 -22.23
N SER H 80 32.83 36.78 -21.58
CA SER H 80 31.57 36.46 -20.90
C SER H 80 31.81 36.54 -19.41
N LEU H 81 30.84 37.12 -18.71
CA LEU H 81 30.91 37.35 -17.27
C LEU H 81 29.84 36.58 -16.58
N SER H 82 30.20 35.94 -15.49
CA SER H 82 29.27 35.10 -14.79
C SER H 82 28.86 35.80 -13.52
N PHE H 83 27.56 35.76 -13.21
CA PHE H 83 27.05 36.35 -11.99
C PHE H 83 26.61 35.22 -11.07
N ASN H 84 27.04 35.26 -9.82
CA ASN H 84 26.76 34.14 -8.95
C ASN H 84 26.32 34.53 -7.54
N SER H 85 25.37 33.77 -7.03
CA SER H 85 24.88 33.88 -5.65
C SER H 85 24.25 32.56 -5.28
N HIS H 86 24.07 32.31 -4.00
CA HIS H 86 23.55 31.01 -3.56
C HIS H 86 22.14 31.08 -3.01
N LEU H 87 21.43 29.98 -3.23
CA LEU H 87 20.03 29.81 -2.84
C LEU H 87 19.82 29.56 -1.35
N ASP H 88 20.68 28.73 -0.75
CA ASP H 88 20.52 28.35 0.64
C ASP H 88 20.77 29.47 1.64
N THR H 89 20.27 29.28 2.85
CA THR H 89 20.38 30.25 3.92
C THR H 89 20.95 29.58 5.16
N ILE H 90 21.42 30.35 6.13
CA ILE H 90 22.14 29.76 7.26
C ILE H 90 21.29 28.94 8.23
N MET H 91 20.18 29.50 8.71
CA MET H 91 19.43 28.87 9.80
C MET H 91 18.20 28.11 9.34
N ALA H 92 18.08 26.88 9.83
CA ALA H 92 16.89 26.09 9.57
C ALA H 92 15.79 26.64 10.46
N ARG H 93 14.55 26.23 10.26
CA ARG H 93 13.47 26.76 11.09
C ARG H 93 13.63 26.35 12.54
N GLU H 94 14.08 25.13 12.73
CA GLU H 94 14.38 24.69 14.07
C GLU H 94 15.82 24.28 14.16
N ASP H 95 16.63 25.25 14.60
CA ASP H 95 18.05 25.06 14.83
C ASP H 95 18.32 25.45 16.26
N THR H 96 17.62 24.76 17.14
CA THR H 96 17.65 25.02 18.57
C THR H 96 18.99 24.59 19.14
N ALA H 97 19.72 23.82 18.36
CA ALA H 97 21.03 23.30 18.75
C ALA H 97 22.11 24.36 18.82
N ARG H 98 21.98 25.40 18.01
CA ARG H 98 23.04 26.39 17.86
C ARG H 98 22.67 27.79 18.33
N PHE H 99 21.38 28.08 18.38
CA PHE H 99 20.95 29.42 18.73
C PHE H 99 20.11 29.46 20.01
N ALA H 100 20.40 30.41 20.89
CA ALA H 100 19.69 30.55 22.15
C ALA H 100 18.24 30.90 21.89
N ASP H 101 18.00 31.80 20.95
CA ASP H 101 16.62 32.08 20.54
C ASP H 101 16.51 31.67 19.09
N ALA H 102 16.08 30.45 18.84
CA ALA H 102 16.10 29.96 17.47
C ALA H 102 14.84 30.40 16.76
N ASN H 103 14.04 31.20 17.44
CA ASN H 103 12.76 31.61 16.91
C ASN H 103 12.63 33.08 16.53
N ASP H 104 13.72 33.83 16.60
CA ASP H 104 13.68 35.24 16.25
C ASP H 104 13.14 35.37 14.82
N ARG H 105 12.32 36.39 14.57
CA ARG H 105 11.73 36.58 13.26
C ARG H 105 12.82 36.76 12.20
N ILE H 106 13.95 37.32 12.63
CA ILE H 106 15.05 37.69 11.75
C ILE H 106 15.69 36.49 11.05
N TYR H 107 15.80 35.38 11.77
CA TYR H 107 16.45 34.20 11.24
C TYR H 107 15.69 33.59 10.05
N HIS H 108 14.37 33.67 10.05
CA HIS H 108 13.59 32.98 9.02
C HIS H 108 12.66 33.81 8.14
N GLU H 109 12.71 35.14 8.21
CA GLU H 109 11.87 35.93 7.31
C GLU H 109 12.58 37.14 6.74
N ALA H 110 11.88 37.84 5.84
CA ALA H 110 12.39 39.06 5.24
C ALA H 110 11.25 40.05 5.08
N TRP H 111 11.53 41.34 5.29
CA TRP H 111 10.48 42.34 5.21
C TRP H 111 11.05 43.74 4.97
N HIS H 112 10.25 44.61 4.36
CA HIS H 112 10.60 46.01 4.11
C HIS H 112 9.97 46.95 5.15
N GLU H 113 10.71 47.26 6.21
CA GLU H 113 10.18 48.02 7.34
C GLU H 113 10.45 49.51 7.28
N GLU H 114 11.22 49.91 6.28
CA GLU H 114 11.72 51.27 6.16
C GLU H 114 12.73 51.12 5.04
N GLY H 115 13.32 52.21 4.55
CA GLY H 115 14.31 52.10 3.50
C GLY H 115 15.35 50.97 3.59
N ARG H 116 15.12 50.00 4.47
CA ARG H 116 15.96 48.82 4.56
C ARG H 116 15.18 47.52 4.48
N ILE H 117 15.89 46.47 4.08
CA ILE H 117 15.31 45.14 3.99
C ILE H 117 15.92 44.28 5.08
N TYR H 118 15.07 43.57 5.80
CA TYR H 118 15.47 42.79 6.96
C TYR H 118 15.46 41.31 6.66
N GLY H 119 16.39 40.58 7.23
CA GLY H 119 16.37 39.13 7.17
C GLY H 119 17.73 38.52 6.95
N TYR H 120 18.14 37.60 7.80
CA TYR H 120 19.41 36.94 7.64
C TYR H 120 19.44 36.23 6.30
N SER H 121 18.27 35.82 5.85
CA SER H 121 18.17 35.11 4.61
C SER H 121 18.27 36.10 3.45
N VAL H 122 18.21 37.39 3.75
CA VAL H 122 18.34 38.37 2.70
C VAL H 122 19.79 38.79 2.56
N VAL H 123 20.45 39.00 3.69
CA VAL H 123 21.87 39.30 3.67
C VAL H 123 22.64 38.12 3.13
N ASN H 124 22.17 36.93 3.43
CA ASN H 124 22.82 35.73 2.98
C ASN H 124 21.77 34.74 2.57
N CYS H 125 21.44 34.70 1.28
CA CYS H 125 22.02 35.64 0.33
C CYS H 125 21.08 35.97 -0.83
N LYS H 126 19.91 36.48 -0.55
CA LYS H 126 18.99 36.75 -1.64
C LYS H 126 19.01 38.21 -1.98
N GLY H 127 19.59 39.01 -1.12
CA GLY H 127 19.64 40.43 -1.39
C GLY H 127 20.56 40.65 -2.57
N PRO H 128 21.77 40.11 -2.51
CA PRO H 128 22.67 40.24 -3.64
C PRO H 128 22.12 39.52 -4.87
N MET H 129 21.56 38.33 -4.71
CA MET H 129 21.05 37.61 -5.86
C MET H 129 19.95 38.41 -6.51
N ALA H 130 19.17 39.11 -5.70
CA ALA H 130 18.10 39.92 -6.24
C ALA H 130 18.72 41.06 -7.02
N CYS H 131 19.86 41.55 -6.56
CA CYS H 131 20.49 42.70 -7.18
C CYS H 131 20.88 42.38 -8.61
N TRP H 132 21.62 41.31 -8.83
CA TRP H 132 22.02 41.02 -10.19
C TRP H 132 20.92 40.36 -11.02
N LEU H 133 20.00 39.68 -10.37
CA LEU H 133 18.86 39.11 -11.06
C LEU H 133 18.16 40.26 -11.72
N ILE H 134 18.04 41.36 -10.99
CA ILE H 134 17.44 42.55 -11.58
C ILE H 134 18.30 43.20 -12.64
N ALA H 135 19.61 43.28 -12.44
CA ALA H 135 20.48 43.95 -13.42
C ALA H 135 20.41 43.27 -14.78
N ALA H 136 20.32 41.95 -14.79
CA ALA H 136 20.17 41.25 -16.05
C ALA H 136 18.86 41.70 -16.64
N LYS H 137 17.87 41.92 -15.79
CA LYS H 137 16.57 42.37 -16.25
C LYS H 137 16.73 43.76 -16.88
N ALA H 138 17.47 44.63 -16.21
CA ALA H 138 17.64 45.97 -16.70
C ALA H 138 18.34 45.96 -18.05
N LEU H 139 19.40 45.18 -18.18
CA LEU H 139 20.14 45.13 -19.44
C LEU H 139 19.27 44.61 -20.56
N LYS H 140 18.58 43.50 -20.33
CA LYS H 140 17.76 42.89 -21.37
C LYS H 140 16.67 43.86 -21.78
N GLU H 141 15.99 44.41 -20.79
CA GLU H 141 14.87 45.30 -21.05
C GLU H 141 15.29 46.61 -21.70
N ALA H 142 16.53 47.02 -21.47
CA ALA H 142 17.02 48.27 -22.07
C ALA H 142 17.77 47.99 -23.36
N GLY H 143 17.72 46.73 -23.77
CA GLY H 143 18.35 46.28 -25.01
C GLY H 143 19.80 46.72 -25.13
N ALA H 144 20.54 46.65 -24.03
CA ALA H 144 21.94 47.05 -24.01
C ALA H 144 22.76 46.21 -24.97
N ALA H 145 23.88 46.76 -25.43
CA ALA H 145 24.70 46.05 -26.39
C ALA H 145 25.85 45.36 -25.70
N LEU H 146 25.88 44.03 -25.81
CA LEU H 146 26.96 43.24 -25.25
C LEU H 146 27.41 42.22 -26.28
N LYS H 147 28.71 42.03 -26.42
CA LYS H 147 29.19 41.06 -27.37
C LYS H 147 29.29 39.70 -26.72
N GLY H 148 29.29 39.69 -25.40
CA GLY H 148 29.50 38.45 -24.69
C GLY H 148 28.32 38.08 -23.84
N ASP H 149 28.24 36.80 -23.52
CA ASP H 149 27.15 36.31 -22.71
C ASP H 149 27.32 36.73 -21.27
N VAL H 150 26.21 36.87 -20.58
CA VAL H 150 26.21 37.06 -19.16
C VAL H 150 25.61 35.77 -18.65
N VAL H 151 26.30 35.09 -17.75
CA VAL H 151 25.79 33.83 -17.28
C VAL H 151 25.18 34.06 -15.90
N LEU H 152 23.97 33.58 -15.70
CA LEU H 152 23.32 33.79 -14.42
C LEU H 152 23.33 32.49 -13.65
N THR H 153 24.20 32.41 -12.66
CA THR H 153 24.31 31.21 -11.87
C THR H 153 23.85 31.41 -10.46
N ALA H 154 22.78 30.69 -10.12
CA ALA H 154 22.25 30.65 -8.76
C ALA H 154 22.51 29.26 -8.25
N VAL H 155 23.27 29.15 -7.16
CA VAL H 155 23.75 27.84 -6.74
C VAL H 155 23.20 27.42 -5.40
N CYS H 156 23.40 26.18 -5.06
CA CYS H 156 22.95 25.68 -3.78
C CYS H 156 24.15 25.25 -2.96
N GLY H 157 23.93 24.93 -1.69
CA GLY H 157 24.98 24.32 -0.91
C GLY H 157 26.23 25.15 -0.87
N GLU H 158 26.05 26.46 -0.80
CA GLU H 158 27.18 27.37 -0.69
C GLU H 158 27.78 27.27 0.69
N ILE H 159 26.90 27.19 1.67
CA ILE H 159 27.26 27.21 3.08
C ILE H 159 28.00 25.94 3.55
N ASP H 160 28.83 26.07 4.59
CA ASP H 160 29.76 25.00 5.02
C ASP H 160 29.16 23.90 5.88
N CYS H 161 28.13 23.25 5.38
CA CYS H 161 27.55 22.11 6.08
C CYS H 161 28.27 20.94 5.48
N GLU H 162 28.80 20.02 6.26
CA GLU H 162 29.46 18.90 5.62
C GLU H 162 29.08 17.58 6.24
N PRO H 163 28.90 16.56 5.42
CA PRO H 163 28.59 15.30 6.07
C PRO H 163 29.76 14.83 6.88
N VAL H 164 29.43 14.19 8.01
CA VAL H 164 30.42 13.59 8.87
C VAL H 164 29.83 12.43 9.63
N ASP H 165 30.65 11.44 9.93
CA ASP H 165 30.25 10.30 10.74
C ASP H 165 28.98 9.67 10.17
N GLU H 166 27.90 9.69 10.93
CA GLU H 166 26.66 9.05 10.51
C GLU H 166 25.76 9.96 9.71
N PHE H 167 26.20 11.17 9.44
CA PHE H 167 25.39 12.08 8.65
C PHE H 167 25.95 12.16 7.24
N GLN H 168 25.41 11.35 6.33
CA GLN H 168 25.96 11.28 4.97
C GLN H 168 24.86 11.42 3.97
N GLY H 169 25.15 11.76 2.74
CA GLY H 169 24.10 11.66 1.74
C GLY H 169 23.37 12.95 1.50
N HIS H 170 22.20 12.82 0.90
CA HIS H 170 21.40 13.92 0.39
C HIS H 170 21.20 15.06 1.36
N ASP H 171 20.85 14.76 2.61
CA ASP H 171 20.53 15.83 3.54
C ASP H 171 21.69 16.67 4.03
N TYR H 172 22.90 16.10 4.06
CA TYR H 172 24.06 16.80 4.64
C TYR H 172 25.07 17.41 3.65
N LEU H 173 25.03 17.00 2.39
CA LEU H 173 25.92 17.54 1.37
C LEU H 173 25.72 19.04 1.22
N ALA H 174 26.75 19.76 0.80
CA ALA H 174 26.60 21.20 0.61
C ALA H 174 27.37 21.73 -0.59
N GLU H 175 28.66 21.97 -0.43
CA GLU H 175 29.42 22.69 -1.45
C GLU H 175 29.91 21.75 -2.52
N ASP H 176 29.84 20.46 -2.26
CA ASP H 176 30.26 19.48 -3.24
C ASP H 176 29.27 19.42 -4.40
N ILE H 177 27.99 19.63 -4.11
CA ILE H 177 26.94 19.64 -5.12
C ILE H 177 26.57 21.06 -5.51
N GLY H 178 27.37 22.01 -5.04
CA GLY H 178 27.10 23.41 -5.22
C GLY H 178 27.57 24.01 -6.52
N ALA H 179 28.19 25.18 -6.43
CA ALA H 179 28.65 25.88 -7.61
C ALA H 179 29.70 25.09 -8.37
N ARG H 180 30.60 24.44 -7.67
CA ARG H 180 31.64 23.74 -8.39
C ARG H 180 31.01 22.72 -9.29
N TYR H 181 29.83 22.24 -8.92
CA TYR H 181 29.14 21.29 -9.79
C TYR H 181 28.62 22.01 -11.02
N ALA H 182 28.01 23.16 -10.84
CA ALA H 182 27.41 23.88 -11.96
C ALA H 182 28.49 24.25 -12.95
N ILE H 183 29.60 24.71 -12.44
CA ILE H 183 30.67 25.10 -13.33
C ILE H 183 31.12 23.85 -14.05
N SER H 184 31.45 22.79 -13.32
CA SER H 184 32.04 21.63 -13.97
C SER H 184 31.12 21.05 -15.00
N HIS H 185 29.89 21.53 -15.03
CA HIS H 185 28.89 20.99 -15.93
C HIS H 185 28.31 22.08 -16.77
N GLY H 186 29.16 22.97 -17.22
CA GLY H 186 28.81 23.94 -18.24
C GLY H 186 28.63 25.40 -17.91
N ALA H 187 28.52 25.74 -16.63
CA ALA H 187 28.32 27.14 -16.30
C ALA H 187 29.63 27.89 -16.29
N ILE H 188 30.31 27.92 -17.43
CA ILE H 188 31.61 28.58 -17.52
C ILE H 188 31.54 29.90 -18.27
N SER H 189 32.38 30.83 -17.88
CA SER H 189 32.51 32.11 -18.54
C SER H 189 33.97 32.52 -18.48
N ASP H 190 34.28 33.67 -19.05
CA ASP H 190 35.64 34.18 -19.04
C ASP H 190 35.99 34.68 -17.66
N TYR H 191 35.06 35.41 -17.05
CA TYR H 191 35.23 35.92 -15.68
C TYR H 191 33.97 35.66 -14.87
N ALA H 192 34.10 35.75 -13.55
CA ALA H 192 32.95 35.55 -12.69
C ALA H 192 32.98 36.46 -11.49
N LEU H 193 31.84 37.09 -11.21
CA LEU H 193 31.71 37.98 -10.06
C LEU H 193 30.71 37.39 -9.07
N VAL H 194 31.19 36.98 -7.92
CA VAL H 194 30.33 36.38 -6.92
C VAL H 194 29.75 37.46 -6.03
N ALA H 195 28.42 37.61 -6.05
CA ALA H 195 27.75 38.70 -5.36
C ALA H 195 27.35 38.35 -3.93
N GLU H 196 28.04 38.95 -2.97
CA GLU H 196 27.80 38.75 -1.56
C GLU H 196 28.16 40.05 -0.86
N ALA H 197 27.87 40.18 0.42
CA ALA H 197 28.12 41.45 1.11
C ALA H 197 29.57 41.63 1.48
N THR H 198 30.23 42.58 0.83
CA THR H 198 31.61 42.93 1.15
C THR H 198 31.72 44.39 1.56
N ASN H 199 30.59 45.08 1.62
CA ASN H 199 30.59 46.47 2.02
C ASN H 199 31.18 47.33 0.92
N PHE H 200 30.89 46.93 -0.31
CA PHE H 200 31.33 47.62 -1.51
C PHE H 200 32.85 47.63 -1.62
N LYS H 201 33.47 46.59 -1.10
CA LYS H 201 34.91 46.44 -1.20
C LYS H 201 35.13 45.10 -1.85
N PRO H 202 35.93 45.04 -2.91
CA PRO H 202 36.03 43.79 -3.63
C PRO H 202 37.20 42.97 -3.13
N ALA H 203 37.05 41.65 -3.16
CA ALA H 203 38.11 40.77 -2.75
C ALA H 203 38.29 39.64 -3.74
N TRP H 204 39.53 39.34 -4.10
CA TRP H 204 39.78 38.19 -4.96
C TRP H 204 40.66 37.14 -4.28
N VAL H 205 40.60 37.06 -2.96
CA VAL H 205 41.17 35.92 -2.28
C VAL H 205 40.25 35.45 -1.20
N GLU H 206 40.21 34.14 -0.98
CA GLU H 206 39.40 33.55 0.08
C GLU H 206 40.17 32.38 0.66
N ALA H 207 39.72 31.86 1.78
CA ALA H 207 40.50 30.86 2.48
C ALA H 207 39.97 29.46 2.26
N GLY H 208 40.86 28.49 2.41
CA GLY H 208 40.49 27.10 2.29
C GLY H 208 39.96 26.75 3.66
N LYS H 209 39.91 25.46 3.98
CA LYS H 209 39.53 25.06 5.32
C LYS H 209 39.90 23.62 5.52
N VAL H 210 40.05 23.19 6.75
CA VAL H 210 40.19 21.78 7.03
C VAL H 210 39.42 21.54 8.32
N PHE H 211 38.64 20.47 8.36
CA PHE H 211 37.83 20.13 9.52
C PHE H 211 38.41 18.91 10.18
N LEU H 212 38.64 18.99 11.48
CA LEU H 212 39.22 17.88 12.17
C LEU H 212 38.25 17.38 13.21
N LYS H 213 38.15 16.06 13.33
CA LYS H 213 37.37 15.44 14.37
C LYS H 213 38.30 14.95 15.43
N VAL H 214 38.41 15.67 16.52
CA VAL H 214 39.35 15.28 17.55
C VAL H 214 38.65 14.44 18.58
N THR H 215 39.04 13.18 18.63
CA THR H 215 38.47 12.23 19.56
C THR H 215 39.50 11.84 20.59
N VAL H 216 39.16 11.97 21.86
CA VAL H 216 40.13 11.65 22.90
C VAL H 216 39.73 10.41 23.67
N PHE H 217 40.70 9.57 23.98
CA PHE H 217 40.47 8.28 24.60
C PHE H 217 40.84 8.35 26.08
N ALA H 218 40.01 7.71 26.90
CA ALA H 218 40.22 7.62 28.33
C ALA H 218 39.63 6.31 28.79
N GLY H 219 39.38 6.17 30.08
CA GLY H 219 38.67 5.02 30.59
C GLY H 219 39.37 4.52 31.82
N PRO H 220 38.92 3.38 32.36
CA PRO H 220 37.75 2.64 31.87
C PRO H 220 36.39 3.12 32.40
N SER H 221 35.33 2.86 31.63
CA SER H 221 33.99 3.27 32.01
C SER H 221 33.64 2.51 33.28
N ARG H 222 32.87 3.15 34.15
CA ARG H 222 32.45 2.54 35.39
C ARG H 222 31.00 2.96 35.71
N TYR H 223 30.24 2.06 36.32
CA TYR H 223 28.88 2.41 36.72
C TYR H 223 29.08 3.50 37.74
N THR H 224 28.23 4.52 37.71
CA THR H 224 28.48 5.71 38.53
C THR H 224 28.80 5.43 39.99
N PRO H 225 28.17 4.43 40.59
CA PRO H 225 28.48 4.12 41.98
C PRO H 225 29.91 3.65 42.20
N TYR H 226 30.64 3.36 41.14
CA TYR H 226 31.99 2.85 41.31
C TYR H 226 33.04 3.84 40.80
N VAL H 227 32.62 5.04 40.41
CA VAL H 227 33.56 6.00 39.83
C VAL H 227 34.57 6.40 40.86
N PRO H 228 35.85 6.38 40.48
CA PRO H 228 36.91 6.66 41.42
C PRO H 228 37.20 8.12 41.50
N ARG H 229 37.14 8.66 42.71
CA ARG H 229 37.55 10.03 42.94
C ARG H 229 38.25 10.14 44.27
N PRO H 230 39.08 11.19 44.43
CA PRO H 230 39.29 12.21 43.40
C PRO H 230 40.38 11.82 42.44
N VAL H 231 40.30 12.30 41.20
CA VAL H 231 41.35 12.06 40.23
C VAL H 231 41.59 13.35 39.48
N ALA H 232 42.84 13.57 39.06
CA ALA H 232 43.22 14.77 38.34
C ALA H 232 42.46 14.86 37.05
N ALA H 233 42.19 16.07 36.56
CA ALA H 233 41.35 16.18 35.38
C ALA H 233 41.98 15.42 34.22
N LEU H 234 43.23 15.71 33.92
CA LEU H 234 43.91 15.11 32.79
C LEU H 234 44.08 13.61 32.92
N ASP H 235 43.88 13.07 34.11
CA ASP H 235 43.97 11.62 34.27
C ASP H 235 42.61 11.00 34.42
N SER H 236 41.56 11.80 34.24
CA SER H 236 40.21 11.29 34.47
C SER H 236 39.97 10.11 33.57
N PRO H 237 39.09 9.21 34.00
CA PRO H 237 38.68 8.02 33.26
C PRO H 237 37.60 8.43 32.29
N ASN H 238 36.92 9.50 32.69
CA ASN H 238 35.87 10.10 31.91
C ASN H 238 36.46 10.97 30.83
N ALA H 239 36.19 10.60 29.59
CA ALA H 239 36.77 11.29 28.47
C ALA H 239 36.20 12.68 28.31
N ILE H 240 35.04 12.96 28.90
CA ILE H 240 34.53 14.31 28.78
C ILE H 240 35.42 15.23 29.56
N VAL H 241 36.01 14.68 30.61
CA VAL H 241 36.84 15.49 31.51
C VAL H 241 38.17 15.85 30.88
N ARG H 242 38.84 14.86 30.31
CA ARG H 242 40.08 15.14 29.62
C ARG H 242 39.80 16.09 28.48
N MET H 243 38.69 15.91 27.78
CA MET H 243 38.39 16.78 26.67
C MET H 243 38.26 18.21 27.12
N ALA H 244 37.79 18.41 28.33
CA ALA H 244 37.63 19.77 28.83
C ALA H 244 38.98 20.43 28.89
N LYS H 245 39.98 19.67 29.33
CA LYS H 245 41.35 20.18 29.39
C LYS H 245 41.88 20.42 28.00
N LEU H 246 41.62 19.49 27.10
CA LEU H 246 42.11 19.60 25.73
C LEU H 246 41.48 20.78 25.03
N VAL H 247 40.25 21.09 25.38
CA VAL H 247 39.58 22.21 24.75
C VAL H 247 40.25 23.52 25.09
N GLU H 248 40.72 23.68 26.31
CA GLU H 248 41.34 24.94 26.71
C GLU H 248 42.71 25.13 26.03
N ALA H 249 43.44 24.05 25.84
CA ALA H 249 44.72 24.10 25.14
C ALA H 249 44.56 24.53 23.69
N LEU H 250 43.57 23.95 23.04
CA LEU H 250 43.30 24.22 21.64
C LEU H 250 42.79 25.64 21.46
N GLU H 251 42.14 26.17 22.48
CA GLU H 251 41.65 27.53 22.41
C GLU H 251 42.79 28.50 22.36
N GLU H 252 43.86 28.20 23.10
CA GLU H 252 45.03 29.06 23.09
C GLU H 252 45.82 28.86 21.80
N TRP H 253 45.93 27.62 21.36
CA TRP H 253 46.61 27.32 20.10
C TRP H 253 45.92 28.08 18.98
N ALA H 254 44.61 28.13 19.08
CA ALA H 254 43.78 28.85 18.12
C ALA H 254 44.06 30.34 18.13
N ASP H 255 44.33 30.88 19.31
CA ASP H 255 44.58 32.31 19.45
C ASP H 255 45.82 32.69 18.68
N ASN H 256 46.84 31.85 18.77
CA ASN H 256 48.09 32.08 18.05
C ASN H 256 48.04 31.74 16.58
N TYR H 257 47.23 30.73 16.25
CA TYR H 257 47.14 30.25 14.88
C TYR H 257 46.81 31.36 13.91
N GLU H 258 45.84 32.19 14.26
CA GLU H 258 45.45 33.21 13.33
C GLU H 258 46.57 34.20 13.16
N LYS H 259 47.29 34.48 14.24
CA LYS H 259 48.40 35.40 14.16
C LYS H 259 49.53 34.82 13.32
N ARG H 260 49.93 33.59 13.60
CA ARG H 260 51.04 33.02 12.87
C ARG H 260 50.78 32.89 11.40
N TYR H 261 49.54 32.61 11.04
CA TYR H 261 49.25 32.33 9.66
C TYR H 261 48.62 33.47 8.88
N THR H 262 48.56 34.67 9.45
CA THR H 262 48.11 35.77 8.63
C THR H 262 49.07 36.00 7.46
N ARG H 263 48.50 36.16 6.28
CA ARG H 263 49.25 36.34 5.06
C ARG H 263 48.59 37.42 4.22
N GLU H 264 49.39 38.28 3.61
CA GLU H 264 48.87 39.36 2.79
C GLU H 264 48.90 38.97 1.33
N TYR H 265 47.79 39.21 0.64
CA TYR H 265 47.63 38.83 -0.76
C TYR H 265 47.17 40.02 -1.57
N GLY H 266 47.19 39.91 -2.88
CA GLY H 266 46.70 40.97 -3.71
C GLY H 266 45.22 41.14 -3.43
N GLY H 267 44.52 40.01 -3.35
CA GLY H 267 43.09 39.95 -3.10
C GLY H 267 42.62 40.43 -1.75
N GLY H 268 43.45 40.25 -0.74
CA GLY H 268 43.12 40.77 0.56
C GLY H 268 44.17 40.30 1.53
N THR H 269 43.91 40.50 2.82
CA THR H 269 44.78 40.00 3.86
C THR H 269 44.00 38.89 4.51
N VAL H 270 44.56 37.69 4.49
CA VAL H 270 43.85 36.51 4.94
C VAL H 270 44.20 36.23 6.37
N VAL H 271 43.21 36.34 7.23
CA VAL H 271 43.35 36.02 8.64
C VAL H 271 42.64 34.70 8.93
N PRO H 272 43.37 33.60 9.06
CA PRO H 272 42.65 32.34 9.18
C PRO H 272 42.27 31.96 10.62
N LYS H 273 40.97 31.95 10.95
CA LYS H 273 40.55 31.64 12.31
C LYS H 273 40.17 30.19 12.59
N VAL H 274 40.07 29.85 13.88
CA VAL H 274 39.67 28.51 14.32
C VAL H 274 38.49 28.54 15.31
N ALA H 275 37.65 27.52 15.26
CA ALA H 275 36.50 27.43 16.15
C ALA H 275 36.16 25.98 16.39
N ILE H 276 35.67 25.67 17.58
CA ILE H 276 35.24 24.32 17.88
C ILE H 276 33.74 24.30 17.68
N GLY H 277 33.33 23.80 16.53
CA GLY H 277 31.96 23.86 16.08
C GLY H 277 30.95 22.99 16.78
N ALA H 278 31.40 21.85 17.27
CA ALA H 278 30.50 20.95 17.95
C ALA H 278 31.25 20.02 18.88
N ILE H 279 30.58 19.51 19.89
CA ILE H 279 31.17 18.56 20.81
C ILE H 279 30.15 17.51 21.11
N ARG H 280 30.61 16.29 21.38
CA ARG H 280 29.68 15.27 21.78
C ARG H 280 30.38 14.03 22.30
N GLY H 281 29.95 13.57 23.46
CA GLY H 281 30.48 12.35 24.06
C GLY H 281 29.38 11.62 24.80
N GLY H 282 29.33 10.30 24.65
CA GLY H 282 28.26 9.55 25.27
C GLY H 282 26.93 9.94 24.70
N VAL H 283 25.87 9.31 25.20
CA VAL H 283 24.53 9.61 24.73
C VAL H 283 23.64 10.04 25.87
N PRO H 284 22.83 11.06 25.62
CA PRO H 284 22.00 11.70 26.63
C PRO H 284 20.98 10.77 27.26
N TYR H 285 20.78 9.59 26.70
CA TYR H 285 19.73 8.71 27.16
C TYR H 285 20.26 7.45 27.84
N LYS H 286 21.56 7.38 28.03
CA LYS H 286 22.16 6.35 28.89
C LYS H 286 23.43 6.87 29.52
N ILE H 287 23.22 7.68 30.55
CA ILE H 287 24.27 8.41 31.20
C ILE H 287 24.72 7.73 32.48
N TYR H 288 24.15 6.57 32.81
CA TYR H 288 24.53 5.88 34.03
C TYR H 288 26.00 5.46 34.01
N ARG H 289 26.53 5.35 32.81
CA ARG H 289 27.93 5.05 32.64
C ARG H 289 28.60 6.17 31.88
N PHE H 290 29.63 6.80 32.45
CA PHE H 290 30.30 7.87 31.73
C PHE H 290 31.04 7.22 30.56
N PRO H 291 31.42 8.04 29.57
CA PRO H 291 31.93 7.53 28.30
C PRO H 291 33.43 7.46 28.28
N GLU H 292 33.97 6.48 27.58
CA GLU H 292 35.41 6.29 27.46
C GLU H 292 36.03 7.13 26.37
N LEU H 293 35.23 7.89 25.67
CA LEU H 293 35.77 8.73 24.63
C LEU H 293 34.80 9.83 24.29
N CYS H 294 35.36 10.99 24.00
CA CYS H 294 34.58 12.17 23.69
C CYS H 294 35.14 12.88 22.46
N SER H 295 34.29 13.49 21.64
CA SER H 295 34.77 14.10 20.41
C SER H 295 34.38 15.55 20.20
N ILE H 296 35.25 16.26 19.49
CA ILE H 296 34.97 17.63 19.08
C ILE H 296 35.25 17.79 17.62
N TYR H 297 34.56 18.72 17.03
CA TYR H 297 34.69 18.96 15.61
C TYR H 297 35.19 20.36 15.42
N MET H 298 36.36 20.50 14.81
CA MET H 298 36.99 21.81 14.72
C MET H 298 36.97 22.32 13.33
N ASP H 299 36.76 23.62 13.20
CA ASP H 299 36.77 24.28 11.92
C ASP H 299 37.97 25.19 11.89
N ILE H 300 38.95 24.81 11.08
CA ILE H 300 40.18 25.55 10.91
C ILE H 300 40.30 26.13 9.52
N ARG H 301 40.36 27.45 9.38
CA ARG H 301 40.52 28.03 8.06
C ARG H 301 41.96 27.94 7.66
N LEU H 302 42.20 27.96 6.36
CA LEU H 302 43.55 27.84 5.82
C LEU H 302 43.77 29.03 4.90
N ASN H 303 44.95 29.65 4.92
CA ASN H 303 45.21 30.66 3.89
C ASN H 303 45.58 29.89 2.64
N PRO H 304 45.56 30.54 1.48
CA PRO H 304 45.74 29.77 0.25
C PRO H 304 47.03 28.99 0.19
N ASP H 305 47.99 29.28 1.06
CA ASP H 305 49.27 28.60 0.97
C ASP H 305 49.56 27.58 2.04
N THR H 306 48.59 27.24 2.89
CA THR H 306 48.84 26.23 3.94
C THR H 306 48.34 24.85 3.61
N ASN H 307 49.17 23.86 3.85
CA ASN H 307 48.80 22.48 3.62
C ASN H 307 48.18 21.88 4.85
N PRO H 308 46.98 21.29 4.71
CA PRO H 308 46.22 20.86 5.87
C PRO H 308 46.92 19.83 6.72
N LEU H 309 47.81 19.04 6.10
CA LEU H 309 48.52 18.02 6.85
C LEU H 309 49.40 18.67 7.89
N VAL H 310 49.85 19.89 7.63
CA VAL H 310 50.60 20.59 8.64
C VAL H 310 49.76 20.84 9.85
N VAL H 311 48.60 21.43 9.60
CA VAL H 311 47.69 21.82 10.67
C VAL H 311 47.29 20.61 11.44
N GLN H 312 47.11 19.48 10.77
CA GLN H 312 46.73 18.30 11.48
C GLN H 312 47.82 17.99 12.47
N ARG H 313 49.07 18.07 12.02
CA ARG H 313 50.19 17.78 12.89
C ARG H 313 50.29 18.77 14.03
N GLU H 314 49.88 20.00 13.78
CA GLU H 314 49.88 21.02 14.79
C GLU H 314 48.91 20.68 15.89
N VAL H 315 47.68 20.37 15.52
CA VAL H 315 46.68 20.00 16.50
C VAL H 315 47.04 18.66 17.14
N GLU H 316 47.66 17.78 16.36
CA GLU H 316 48.13 16.53 16.92
C GLU H 316 49.14 16.85 18.02
N ALA H 317 49.93 17.90 17.84
CA ALA H 317 50.96 18.29 18.81
C ALA H 317 50.38 18.79 20.09
N VAL H 318 49.31 19.60 19.97
CA VAL H 318 48.69 20.17 21.14
C VAL H 318 48.26 19.05 22.04
N VAL H 319 47.78 17.98 21.43
CA VAL H 319 47.36 16.78 22.17
C VAL H 319 48.51 16.05 22.82
N SER H 320 49.60 15.89 22.09
CA SER H 320 50.75 15.18 22.61
C SER H 320 51.40 15.91 23.77
N LYS H 321 51.32 17.23 23.76
CA LYS H 321 51.88 18.02 24.83
C LYS H 321 51.16 17.77 26.15
N LEU H 322 49.91 17.35 26.09
CA LEU H 322 49.13 17.15 27.32
C LEU H 322 49.24 15.71 27.76
N GLY H 323 49.97 14.92 26.99
CA GLY H 323 50.18 13.53 27.33
C GLY H 323 48.91 12.75 27.15
N LEU H 324 48.00 13.31 26.36
CA LEU H 324 46.70 12.70 26.08
C LEU H 324 46.88 11.78 24.90
N LYS H 325 46.00 10.79 24.80
CA LYS H 325 45.97 9.94 23.63
C LYS H 325 44.70 10.36 22.92
N ALA H 326 44.79 10.68 21.64
CA ALA H 326 43.61 11.11 20.94
C ALA H 326 43.76 10.73 19.50
N GLU H 327 42.68 10.83 18.75
CA GLU H 327 42.70 10.56 17.32
C GLU H 327 42.28 11.82 16.62
N VAL H 328 43.20 12.44 15.90
CA VAL H 328 42.88 13.61 15.11
C VAL H 328 42.67 13.15 13.70
N LYS H 329 41.43 13.22 13.22
CA LYS H 329 41.15 12.79 11.88
C LYS H 329 40.36 13.88 11.21
N PRO H 330 40.77 14.24 10.00
CA PRO H 330 40.21 15.28 9.14
C PRO H 330 39.10 14.71 8.30
N PHE H 331 37.98 15.39 8.24
CA PHE H 331 36.87 14.92 7.44
C PHE H 331 36.40 15.94 6.43
N LEU H 332 37.13 17.04 6.29
CA LEU H 332 36.88 18.01 5.24
C LEU H 332 38.15 18.80 4.88
N PHE H 333 38.35 19.00 3.58
CA PHE H 333 39.50 19.76 3.09
C PHE H 333 39.15 20.50 1.82
N ARG H 334 39.31 21.80 1.83
CA ARG H 334 39.07 22.61 0.65
C ARG H 334 40.20 23.60 0.57
N ARG H 335 40.46 24.11 -0.63
CA ARG H 335 41.56 25.03 -0.88
C ARG H 335 41.06 26.43 -1.19
N GLY H 336 41.81 27.42 -0.77
CA GLY H 336 41.47 28.80 -1.04
C GLY H 336 42.38 29.27 -2.15
N TYR H 337 41.90 30.23 -2.92
CA TYR H 337 42.66 30.69 -4.06
C TYR H 337 42.73 32.20 -4.13
N GLU H 338 43.79 32.71 -4.75
CA GLU H 338 43.80 34.11 -5.10
C GLU H 338 43.59 34.17 -6.59
N ALA H 339 42.83 35.15 -7.04
CA ALA H 339 42.51 35.23 -8.44
C ALA H 339 43.78 35.51 -9.25
N GLN H 340 43.89 34.91 -10.42
CA GLN H 340 44.99 35.23 -11.31
C GLN H 340 44.41 35.75 -12.61
N GLY H 341 44.94 36.85 -13.10
CA GLY H 341 44.42 37.36 -14.34
C GLY H 341 43.12 38.09 -14.06
N ILE H 342 43.01 38.58 -12.85
CA ILE H 342 41.79 39.22 -12.41
C ILE H 342 41.57 40.59 -12.98
N GLU H 343 42.61 41.17 -13.55
CA GLU H 343 42.64 42.62 -13.79
C GLU H 343 41.48 43.18 -14.60
N PRO H 344 41.10 42.52 -15.69
CA PRO H 344 40.03 43.07 -16.51
C PRO H 344 38.76 43.28 -15.71
N LEU H 345 38.39 42.30 -14.89
CA LEU H 345 37.21 42.40 -14.06
C LEU H 345 37.40 43.42 -12.94
N GLN H 346 38.60 43.44 -12.37
CA GLN H 346 38.92 44.34 -11.28
C GLN H 346 38.74 45.75 -11.77
N ASN H 347 39.31 46.00 -12.94
CA ASN H 347 39.25 47.29 -13.58
C ASN H 347 37.84 47.63 -14.01
N ALA H 348 37.18 46.67 -14.64
CA ALA H 348 35.82 46.91 -15.13
C ALA H 348 34.97 47.27 -13.94
N LEU H 349 35.16 46.51 -12.86
CA LEU H 349 34.43 46.74 -11.62
C LEU H 349 34.75 48.08 -11.00
N GLU H 350 36.03 48.43 -10.99
CA GLU H 350 36.43 49.65 -10.36
C GLU H 350 35.82 50.87 -11.01
N VAL H 351 35.80 50.90 -12.34
CA VAL H 351 35.24 52.05 -13.03
C VAL H 351 33.79 52.30 -12.68
N ALA H 352 33.01 51.23 -12.65
CA ALA H 352 31.61 51.37 -12.30
C ALA H 352 31.49 51.84 -10.86
N HIS H 353 32.30 51.27 -9.98
CA HIS H 353 32.21 51.59 -8.56
C HIS H 353 32.45 53.08 -8.37
N ARG H 354 33.49 53.60 -8.99
CA ARG H 354 33.81 55.01 -8.83
C ARG H 354 32.70 55.88 -9.35
N GLU H 355 32.05 55.42 -10.42
CA GLU H 355 31.01 56.23 -11.00
C GLU H 355 29.78 56.30 -10.14
N VAL H 356 29.42 55.18 -9.52
CA VAL H 356 28.18 55.09 -8.74
C VAL H 356 28.36 55.35 -7.26
N VAL H 357 29.25 54.61 -6.62
CA VAL H 357 29.51 54.82 -5.20
C VAL H 357 30.19 56.19 -4.99
N GLY H 358 31.06 56.58 -5.92
CA GLY H 358 31.64 57.91 -5.91
C GLY H 358 33.05 58.07 -5.39
N ARG H 359 33.70 56.98 -5.01
CA ARG H 359 35.07 57.04 -4.49
C ARG H 359 35.76 55.74 -4.88
N PRO H 360 37.09 55.65 -4.71
CA PRO H 360 37.82 54.43 -5.05
C PRO H 360 37.47 53.24 -4.18
N THR H 361 37.81 52.04 -4.65
CA THR H 361 37.63 50.85 -3.84
C THR H 361 38.75 50.77 -2.81
N GLU H 362 38.40 50.27 -1.62
CA GLU H 362 39.36 50.06 -0.55
C GLU H 362 39.53 48.58 -0.25
N ARG H 363 40.58 48.24 0.44
CA ARG H 363 40.87 46.85 0.78
C ARG H 363 39.73 46.23 1.57
N PRO H 364 39.37 44.99 1.24
CA PRO H 364 38.26 44.39 1.94
C PRO H 364 38.70 44.05 3.35
N GLY H 365 37.76 43.80 4.26
CA GLY H 365 38.10 43.45 5.61
C GLY H 365 38.63 42.04 5.58
N SER H 366 39.50 41.71 6.51
CA SER H 366 40.13 40.40 6.51
C SER H 366 39.12 39.27 6.66
N PRO H 367 38.01 39.49 7.39
CA PRO H 367 37.05 38.40 7.50
C PRO H 367 36.48 38.02 6.14
N GLU H 368 36.21 38.99 5.29
CA GLU H 368 35.68 38.72 3.96
C GLU H 368 36.70 38.05 3.02
N CYS H 369 37.98 38.08 3.39
CA CYS H 369 39.00 37.39 2.60
C CYS H 369 39.42 36.07 3.19
N SER H 370 38.82 35.70 4.31
CA SER H 370 39.31 34.57 5.06
C SER H 370 38.26 33.53 5.30
N MET H 371 37.31 33.45 4.38
CA MET H 371 36.17 32.59 4.55
C MET H 371 36.03 31.69 3.35
N TRP H 372 34.87 31.08 3.18
CA TRP H 372 34.61 30.40 1.92
C TRP H 372 33.54 31.13 1.16
N ARG H 373 33.84 31.44 -0.10
CA ARG H 373 32.87 32.04 -1.00
C ARG H 373 33.04 31.29 -2.29
N ASP H 374 32.05 31.35 -3.17
CA ASP H 374 32.14 30.51 -4.35
C ASP H 374 33.10 31.06 -5.38
N THR H 375 33.97 31.98 -4.98
CA THR H 375 35.00 32.42 -5.89
C THR H 375 36.04 31.35 -5.98
N ASN H 376 36.24 30.62 -4.91
CA ASN H 376 37.25 29.59 -4.93
C ASN H 376 37.05 28.51 -6.00
N PRO H 377 35.82 28.07 -6.24
CA PRO H 377 35.60 27.10 -7.32
C PRO H 377 35.93 27.66 -8.70
N TYR H 378 35.54 28.90 -8.97
CA TYR H 378 35.81 29.50 -10.26
C TYR H 378 37.32 29.59 -10.47
N ASN H 379 37.99 30.14 -9.48
CA ASN H 379 39.41 30.33 -9.57
C ASN H 379 40.07 28.96 -9.65
N GLU H 380 39.52 27.99 -8.96
CA GLU H 380 40.08 26.65 -9.02
C GLU H 380 40.07 26.18 -10.45
N LEU H 381 39.06 26.61 -11.21
CA LEU H 381 38.89 26.18 -12.59
C LEU H 381 39.25 27.24 -13.61
N GLY H 382 40.04 28.20 -13.20
CA GLY H 382 40.57 29.13 -14.17
C GLY H 382 39.60 30.18 -14.63
N ILE H 383 38.56 30.44 -13.86
CA ILE H 383 37.73 31.59 -14.17
C ILE H 383 38.07 32.67 -13.14
N PRO H 384 38.78 33.72 -13.57
CA PRO H 384 39.18 34.75 -12.65
C PRO H 384 37.95 35.26 -11.97
N SER H 385 37.93 35.23 -10.65
CA SER H 385 36.73 35.61 -9.92
C SER H 385 37.00 36.38 -8.65
N LEU H 386 36.13 37.34 -8.38
CA LEU H 386 36.20 38.16 -7.20
C LEU H 386 34.81 38.37 -6.66
N THR H 387 34.72 38.82 -5.43
CA THR H 387 33.44 38.95 -4.77
C THR H 387 33.19 40.39 -4.39
N TYR H 388 31.98 40.87 -4.66
CA TYR H 388 31.62 42.24 -4.35
C TYR H 388 30.11 42.42 -4.25
N GLY H 389 29.65 43.07 -3.20
CA GLY H 389 28.23 43.30 -3.02
C GLY H 389 28.01 44.32 -1.92
N CYS H 390 26.76 44.74 -1.72
CA CYS H 390 26.48 45.76 -0.71
C CYS H 390 26.34 45.16 0.68
N GLY H 391 26.28 46.02 1.68
CA GLY H 391 26.01 45.58 3.04
C GLY H 391 27.21 45.03 3.79
N GLY H 392 26.99 44.62 5.03
CA GLY H 392 28.06 44.09 5.85
C GLY H 392 27.78 42.62 6.08
N GLY H 393 28.84 41.83 6.26
CA GLY H 393 28.73 40.37 6.29
C GLY H 393 27.79 39.77 7.32
N ALA H 394 27.03 38.75 6.90
CA ALA H 394 26.05 38.08 7.76
C ALA H 394 26.73 37.39 8.92
N GLY H 395 27.95 36.90 8.70
CA GLY H 395 28.73 36.29 9.74
C GLY H 395 29.05 37.33 10.80
N GLY H 396 28.84 38.59 10.46
CA GLY H 396 29.19 39.72 11.31
C GLY H 396 28.52 39.91 12.65
N GLY H 397 27.19 39.90 12.71
CA GLY H 397 26.37 39.68 11.54
C GLY H 397 25.34 40.77 11.33
N ASN H 398 25.30 41.26 10.10
CA ASN H 398 24.35 42.28 9.68
C ASN H 398 22.99 41.63 9.58
N THR H 399 21.93 42.42 9.68
CA THR H 399 20.59 41.87 9.65
C THR H 399 19.74 42.59 8.62
N TYR H 400 20.34 43.52 7.88
CA TYR H 400 19.59 44.28 6.89
C TYR H 400 20.42 44.88 5.77
N PHE H 401 19.71 45.31 4.73
CA PHE H 401 20.31 45.94 3.59
C PHE H 401 19.56 47.23 3.36
N LEU H 402 20.23 48.20 2.79
CA LEU H 402 19.60 49.46 2.51
C LEU H 402 19.18 49.44 1.05
N VAL H 403 17.90 49.69 0.78
CA VAL H 403 17.43 49.56 -0.57
C VAL H 403 18.25 50.44 -1.51
N ASP H 404 18.73 51.55 -0.98
CA ASP H 404 19.58 52.46 -1.74
C ASP H 404 20.91 51.79 -2.09
N ASP H 405 21.53 51.13 -1.12
CA ASP H 405 22.77 50.42 -1.35
C ASP H 405 22.53 49.29 -2.34
N MET H 406 21.44 48.57 -2.14
CA MET H 406 21.09 47.46 -3.00
C MET H 406 20.89 47.94 -4.41
N LEU H 407 20.29 49.11 -4.56
CA LEU H 407 20.09 49.66 -5.90
C LEU H 407 21.40 50.03 -6.57
N LYS H 408 22.34 50.56 -5.80
CA LYS H 408 23.62 50.94 -6.35
C LYS H 408 24.32 49.69 -6.86
N ALA H 409 24.36 48.67 -6.02
CA ALA H 409 25.05 47.45 -6.37
C ALA H 409 24.49 46.87 -7.66
N ALA H 410 23.18 47.02 -7.87
CA ALA H 410 22.63 46.52 -9.11
C ALA H 410 23.20 47.33 -10.26
N LYS H 411 23.41 48.63 -10.03
CA LYS H 411 23.92 49.47 -11.09
C LYS H 411 25.34 49.06 -11.39
N VAL H 412 26.13 48.87 -10.34
CA VAL H 412 27.52 48.47 -10.50
C VAL H 412 27.58 47.14 -11.21
N TYR H 413 26.69 46.22 -10.87
CA TYR H 413 26.69 44.95 -11.58
C TYR H 413 26.44 45.25 -13.05
N ALA H 414 25.48 46.12 -13.32
CA ALA H 414 25.14 46.43 -14.69
C ALA H 414 26.28 47.06 -15.47
N MET H 415 26.83 48.13 -14.92
CA MET H 415 27.84 48.89 -15.63
C MET H 415 29.06 48.02 -15.88
N THR H 416 29.42 47.20 -14.92
CA THR H 416 30.52 46.28 -15.07
C THR H 416 30.29 45.32 -16.22
N ALA H 417 29.08 44.81 -16.33
CA ALA H 417 28.77 43.89 -17.41
C ALA H 417 28.94 44.55 -18.77
N MET H 418 28.48 45.79 -18.88
CA MET H 418 28.55 46.51 -20.15
C MET H 418 30.00 46.76 -20.56
N ASP H 419 30.83 47.10 -19.59
CA ASP H 419 32.23 47.34 -19.83
C ASP H 419 32.88 46.05 -20.25
N LEU H 420 32.93 45.10 -19.33
CA LEU H 420 33.69 43.89 -19.52
C LEU H 420 33.20 43.05 -20.67
N CYS H 421 31.90 42.93 -20.84
CA CYS H 421 31.35 42.09 -21.90
C CYS H 421 31.59 42.64 -23.28
N ASN H 422 32.07 43.88 -23.35
CA ASN H 422 32.33 44.48 -24.62
C ASN H 422 33.83 44.60 -24.89
N ARG H 423 34.60 43.77 -24.18
CA ARG H 423 36.04 43.68 -24.35
C ARG H 423 36.32 42.33 -24.98
N THR H 424 37.35 42.24 -25.81
CA THR H 424 37.63 40.97 -26.48
C THR H 424 38.74 40.19 -25.78
N PRO H 425 38.49 38.90 -25.50
CA PRO H 425 39.45 38.10 -24.75
C PRO H 425 40.60 37.59 -25.63
C01 6R6 I . -12.73 9.84 39.35
C02 6R6 I . -11.55 10.39 39.84
C03 6R6 I . -11.59 11.56 40.55
C04 6R6 I . -12.80 12.21 40.79
C05 6R6 I . -13.98 11.66 40.30
C06 6R6 I . -13.93 10.48 39.58
N07 6R6 I . -15.13 9.89 39.05
O08 6R6 I . -15.07 9.40 38.00
O09 6R6 I . -16.35 9.89 39.76
C10 6R6 I . -12.86 13.51 41.58
O11 6R6 I . -11.79 14.16 41.74
O12 6R6 I . -13.96 13.94 42.05
N13 6R6 I . -10.34 12.11 41.03
C01 6R6 J . 38.18 4.99 -19.25
C02 6R6 J . 38.87 5.53 -18.18
C03 6R6 J . 40.10 5.03 -17.83
C04 6R6 J . 40.65 4.00 -18.60
C05 6R6 J . 39.96 3.46 -19.66
C06 6R6 J . 38.72 3.96 -20.01
N07 6R6 J . 38.03 3.38 -21.15
O08 6R6 J . 36.94 3.73 -21.40
O09 6R6 J . 38.62 2.41 -21.97
C10 6R6 J . 42.01 3.41 -18.29
O11 6R6 J . 42.48 3.56 -17.12
O12 6R6 J . 42.63 2.78 -19.19
N13 6R6 J . 40.84 5.57 -16.70
C01 6R6 K . 23.18 -1.07 36.28
C02 6R6 K . 22.22 -1.49 37.20
C03 6R6 K . 22.49 -2.53 38.08
C04 6R6 K . 23.74 -3.12 38.03
C05 6R6 K . 24.69 -2.72 37.12
C06 6R6 K . 24.42 -1.69 36.24
N07 6R6 K . 25.44 -1.27 35.30
O08 6R6 K . 25.15 -0.61 34.40
O09 6R6 K . 26.79 -1.66 35.49
C10 6R6 K . 24.13 -4.27 38.97
O11 6R6 K . 25.35 -4.44 39.27
O12 6R6 K . 23.22 -5.02 39.41
N13 6R6 K . 21.47 -2.96 39.04
C01 6R6 L . -0.23 13.75 -40.73
C02 6R6 L . -1.22 12.94 -41.26
C03 6R6 L . -2.18 13.49 -42.10
C04 6R6 L . -2.14 14.84 -42.38
C05 6R6 L . -1.16 15.65 -41.84
C06 6R6 L . -0.20 15.11 -41.02
N07 6R6 L . 0.79 16.03 -40.49
O08 6R6 L . 1.36 15.78 -39.48
O09 6R6 L . 1.06 17.22 -41.18
C10 6R6 L . -3.16 15.52 -43.29
O11 6R6 L . -2.85 16.58 -43.90
O12 6R6 L . -4.30 14.99 -43.41
N13 6R6 L . -3.22 12.63 -42.65
C01 6R6 M . -41.49 -7.97 -6.87
C02 6R6 M . -41.90 -8.34 -5.59
C03 6R6 M . -43.11 -7.91 -5.12
C04 6R6 M . -43.94 -7.13 -5.93
C05 6R6 M . -43.54 -6.77 -7.20
C06 6R6 M . -42.31 -7.19 -7.67
N07 6R6 M . -41.91 -6.80 -9.01
O08 6R6 M . -40.79 -6.91 -9.32
O09 6R6 M . -42.84 -6.28 -9.91
C10 6R6 M . -45.28 -6.66 -5.44
O11 6R6 M . -45.55 -6.81 -4.23
O12 6R6 M . -46.10 -6.12 -6.25
N13 6R6 M . -43.55 -8.28 -3.79
C01 6R6 N . -10.37 -22.42 -35.03
C02 6R6 N . -9.48 -21.85 -35.93
C03 6R6 N . -8.77 -22.64 -36.81
C04 6R6 N . -8.96 -24.01 -36.78
C05 6R6 N . -9.84 -24.59 -35.90
C06 6R6 N . -10.55 -23.80 -35.02
N07 6R6 N . -11.47 -24.47 -34.11
O08 6R6 N . -11.87 -23.94 -33.15
O09 6R6 N . -11.90 -25.78 -34.41
C10 6R6 N . -8.20 -24.93 -37.72
O11 6R6 N . -7.14 -24.51 -38.22
O12 6R6 N . -8.65 -26.07 -37.99
N13 6R6 N . -7.84 -22.04 -37.74
C01 6R6 O . -25.01 -28.33 20.40
C02 6R6 O . -25.80 -28.74 19.34
C03 6R6 O . -26.00 -30.09 19.09
C04 6R6 O . -25.40 -31.02 19.92
C05 6R6 O . -24.62 -30.60 20.97
C06 6R6 O . -24.41 -29.26 21.21
N07 6R6 O . -23.57 -28.90 22.33
O08 6R6 O . -23.11 -27.83 22.38
O09 6R6 O . -23.30 -29.81 23.36
C10 6R6 O . -25.58 -32.52 19.71
O11 6R6 O . -25.66 -32.95 18.52
O12 6R6 O . -25.64 -33.29 20.69
N13 6R6 O . -26.82 -30.50 17.98
C01 6R6 P . 28.38 31.29 5.88
C02 6R6 P . 28.98 31.35 4.64
C03 6R6 P . 29.17 32.59 4.04
C04 6R6 P . 28.75 33.74 4.68
C05 6R6 P . 28.15 33.67 5.91
C06 6R6 P . 27.96 32.45 6.51
N07 6R6 P . 27.33 32.39 7.82
O08 6R6 P . 26.71 31.44 8.11
O09 6R6 P . 27.44 33.47 8.73
C10 6R6 P . 28.95 35.08 4.02
O11 6R6 P . 29.15 36.11 4.71
O12 6R6 P . 28.88 35.14 2.76
N13 6R6 P . 29.79 32.68 2.73
#